data_8ZYK
#
_entry.id   8ZYK
#
_cell.length_a   136.829
_cell.length_b   167.321
_cell.length_c   206.841
_cell.angle_alpha   90.000
_cell.angle_beta   90.000
_cell.angle_gamma   90.000
#
_symmetry.space_group_name_H-M   'P 21 21 21'
#
loop_
_entity.id
_entity.type
_entity.pdbx_description
1 polymer Hemagglutinin
2 polymer Hemagglutinin
3 branched beta-D-mannopyranose-(1-4)-2-acetamido-2-deoxy-beta-D-glucopyranose-(1-4)-2-acetamido-2-deoxy-beta-D-glucopyranose
4 branched 2-acetamido-2-deoxy-beta-D-glucopyranose-(1-4)-2-acetamido-2-deoxy-beta-D-glucopyranose
5 branched alpha-D-mannopyranose-(1-3)-[alpha-D-mannopyranose-(1-6)]beta-D-mannopyranose-(1-4)-2-acetamido-2-deoxy-beta-D-glucopyranose-(1-4)-2-acetamido-2-deoxy-beta-D-glucopyranose
6 branched alpha-D-mannopyranose-(1-6)-beta-D-mannopyranose-(1-4)-2-acetamido-2-deoxy-beta-D-glucopyranose-(1-4)-2-acetamido-2-deoxy-beta-D-glucopyranose
7 branched alpha-D-mannopyranose-(1-3)-beta-D-mannopyranose-(1-4)-2-acetamido-2-deoxy-beta-D-glucopyranose-(1-4)-2-acetamido-2-deoxy-beta-D-glucopyranose
8 non-polymer 2-acetamido-2-deoxy-beta-D-glucopyranose
#
loop_
_entity_poly.entity_id
_entity_poly.type
_entity_poly.pdbx_seq_one_letter_code
_entity_poly.pdbx_strand_id
1 'polypeptide(L)'
;LQQNLPGKDSSTATLCLGHHSVPNGTIVKTITDDQIEVTNATELVQNSSTGKICNNPHKVLDGRDCTLIDAMLGDPHCDV
FQDEKWDLFVERSSAFSNCYPYDVPDYASLRSLIASSGTLDFITESFTWAGVSQNGGSSACKRGPANGFFSRLNWLTKSG
SSYPLLNVTMPNNYNFDKLYIWGVHHPSTNQEQTNLYVQASGRVTVSTRRSQQTIVPNIGSRPWVRGQSSRISIYWTIVK
PGDVLVINSNGNLIAPRGFFKIRTGRSSIMRSDAPIETCISECITPNGSIPNDKPFQNVNKITYGACPKYVKQNTLKLAT
GMRNVPEKQTR
;
A,B,C,D,E,F
2 'polypeptide(L)'
;GLFGAIAGFIENGWEGMIDGWYGFRHQNSEGTGQAADLKSTQAAIDQINGKLNRVIEKTNEKFHQIEKEFSEVEGRIQDL
EKYVEDTKVDLWSYNAELLVALENQHTIDLTDSEMNKLFEKTRRQLRENAEDMGNGCFKIYHKCDNACIESIRNGTYDHD
IYRDEALNNRFQIRGVE
;
R,S,T,U,V,W
#
loop_
_chem_comp.id
_chem_comp.type
_chem_comp.name
_chem_comp.formula
BMA D-saccharide, beta linking beta-D-mannopyranose 'C6 H12 O6'
MAN D-saccharide, alpha linking alpha-D-mannopyranose 'C6 H12 O6'
NAG D-saccharide, beta linking 2-acetamido-2-deoxy-beta-D-glucopyranose 'C8 H15 N O6'
#
# COMPACT_ATOMS: atom_id res chain seq x y z
N SER A 10 -36.45 -51.17 -36.33
CA SER A 10 -35.35 -51.04 -37.28
C SER A 10 -35.79 -50.28 -38.52
N SER A 11 -35.09 -50.52 -39.64
CA SER A 11 -35.32 -49.84 -40.91
C SER A 11 -35.10 -48.34 -40.82
N THR A 12 -34.41 -47.89 -39.77
CA THR A 12 -34.15 -46.47 -39.55
C THR A 12 -32.77 -46.31 -38.93
N ALA A 13 -32.42 -45.06 -38.63
CA ALA A 13 -31.20 -44.72 -37.93
C ALA A 13 -31.37 -43.34 -37.33
N THR A 14 -30.49 -43.01 -36.40
CA THR A 14 -30.50 -41.71 -35.74
C THR A 14 -29.10 -41.12 -35.76
N LEU A 15 -28.98 -39.88 -36.24
CA LEU A 15 -27.72 -39.16 -36.30
C LEU A 15 -27.86 -37.85 -35.53
N CYS A 16 -26.95 -37.64 -34.58
CA CYS A 16 -27.01 -36.47 -33.71
C CYS A 16 -25.74 -35.65 -33.85
N LEU A 17 -25.88 -34.34 -33.73
CA LEU A 17 -24.75 -33.40 -33.82
C LEU A 17 -24.63 -32.65 -32.50
N GLY A 18 -23.40 -32.52 -32.01
CA GLY A 18 -23.18 -31.90 -30.74
C GLY A 18 -21.78 -31.32 -30.62
N HIS A 19 -21.45 -30.88 -29.40
CA HIS A 19 -20.20 -30.21 -29.12
C HIS A 19 -19.66 -30.74 -27.79
N HIS A 20 -18.36 -30.55 -27.59
CA HIS A 20 -17.72 -31.09 -26.39
C HIS A 20 -18.12 -30.27 -25.16
N SER A 21 -18.00 -30.91 -24.01
CA SER A 21 -18.12 -30.24 -22.72
C SER A 21 -16.95 -30.67 -21.84
N VAL A 22 -16.60 -29.82 -20.89
CA VAL A 22 -15.53 -30.11 -19.95
C VAL A 22 -16.13 -30.20 -18.55
N PRO A 23 -15.58 -31.03 -17.66
CA PRO A 23 -16.14 -31.14 -16.31
C PRO A 23 -15.99 -29.88 -15.47
N ASN A 24 -15.35 -28.84 -16.00
CA ASN A 24 -15.01 -27.66 -15.22
C ASN A 24 -14.76 -26.51 -16.19
N GLY A 25 -15.47 -25.39 -16.00
CA GLY A 25 -15.34 -24.25 -16.87
C GLY A 25 -14.68 -23.05 -16.18
N THR A 26 -14.43 -22.02 -16.98
CA THR A 26 -13.98 -20.72 -16.49
C THR A 26 -15.13 -19.74 -16.60
N ILE A 27 -15.19 -18.81 -15.64
CA ILE A 27 -16.12 -17.69 -15.72
C ILE A 27 -15.43 -16.53 -16.42
N VAL A 28 -16.01 -16.09 -17.54
CA VAL A 28 -15.51 -14.95 -18.28
C VAL A 28 -16.60 -13.90 -18.33
N LYS A 29 -16.34 -12.77 -18.97
CA LYS A 29 -17.28 -11.67 -19.05
C LYS A 29 -17.53 -11.30 -20.49
N THR A 30 -18.80 -11.07 -20.82
CA THR A 30 -19.22 -10.70 -22.17
C THR A 30 -19.95 -9.37 -22.12
N ILE A 31 -20.52 -8.98 -23.27
CA ILE A 31 -21.27 -7.73 -23.32
C ILE A 31 -22.64 -7.89 -22.68
N THR A 32 -23.33 -8.98 -23.01
CA THR A 32 -24.69 -9.18 -22.50
C THR A 32 -24.70 -9.66 -21.06
N ASP A 33 -23.74 -10.50 -20.68
CA ASP A 33 -23.69 -11.08 -19.34
C ASP A 33 -22.39 -10.70 -18.64
N ASP A 34 -22.34 -10.98 -17.35
CA ASP A 34 -21.16 -10.75 -16.53
C ASP A 34 -20.56 -12.04 -15.98
N GLN A 35 -21.31 -13.14 -15.97
CA GLN A 35 -20.84 -14.42 -15.44
C GLN A 35 -21.33 -15.52 -16.38
N ILE A 36 -20.48 -15.91 -17.34
CA ILE A 36 -20.79 -16.97 -18.28
C ILE A 36 -19.62 -17.94 -18.32
N GLU A 37 -19.93 -19.23 -18.41
CA GLU A 37 -18.93 -20.29 -18.33
C GLU A 37 -18.52 -20.74 -19.72
N VAL A 38 -17.20 -20.87 -19.94
CA VAL A 38 -16.65 -21.32 -21.20
C VAL A 38 -15.67 -22.46 -20.93
N THR A 39 -15.41 -23.26 -21.97
CA THR A 39 -14.58 -24.44 -21.82
C THR A 39 -13.14 -24.09 -21.47
N ASN A 40 -12.57 -23.13 -22.20
CA ASN A 40 -11.17 -22.73 -22.04
C ASN A 40 -11.07 -21.21 -22.01
N ALA A 41 -10.11 -20.71 -21.24
CA ALA A 41 -9.87 -19.27 -21.18
C ALA A 41 -8.45 -19.05 -20.67
N THR A 42 -7.92 -17.86 -20.96
CA THR A 42 -6.57 -17.49 -20.54
C THR A 42 -6.57 -16.10 -19.93
N GLU A 43 -5.57 -15.87 -19.07
CA GLU A 43 -5.44 -14.61 -18.36
C GLU A 43 -4.67 -13.60 -19.21
N LEU A 44 -5.16 -12.36 -19.22
CA LEU A 44 -4.54 -11.28 -19.98
C LEU A 44 -3.81 -10.27 -19.11
N VAL A 45 -3.92 -10.35 -17.79
CA VAL A 45 -3.33 -9.37 -16.89
C VAL A 45 -2.26 -10.06 -16.06
N GLN A 46 -1.02 -9.56 -16.14
CA GLN A 46 0.09 -10.05 -15.34
C GLN A 46 0.09 -9.31 -14.02
N ASN A 47 -0.16 -10.03 -12.93
CA ASN A 47 -0.29 -9.42 -11.60
C ASN A 47 0.81 -9.87 -10.64
N SER A 48 1.92 -10.38 -11.16
CA SER A 48 2.99 -10.87 -10.30
C SER A 48 4.34 -10.45 -10.87
N SER A 49 5.30 -10.29 -9.97
CA SER A 49 6.68 -9.98 -10.33
C SER A 49 7.61 -11.01 -9.70
N THR A 50 8.76 -11.21 -10.34
CA THR A 50 9.73 -12.18 -9.84
C THR A 50 10.58 -11.63 -8.70
N GLY A 51 10.44 -10.36 -8.36
CA GLY A 51 11.21 -9.75 -7.29
C GLY A 51 12.69 -9.56 -7.58
N LYS A 52 13.21 -10.20 -8.63
CA LYS A 52 14.61 -10.07 -9.02
C LYS A 52 14.67 -9.22 -10.28
N ILE A 53 15.42 -8.13 -10.23
CA ILE A 53 15.66 -7.33 -11.43
C ILE A 53 16.71 -8.03 -12.27
N CYS A 54 16.33 -8.40 -13.50
CA CYS A 54 17.24 -9.09 -14.40
C CYS A 54 18.26 -8.11 -14.98
N ASN A 55 19.50 -8.55 -15.07
CA ASN A 55 20.59 -7.74 -15.59
C ASN A 55 20.74 -7.84 -17.11
N ASN A 56 19.84 -8.55 -17.78
CA ASN A 56 19.86 -8.69 -19.22
C ASN A 56 18.45 -8.49 -19.76
N PRO A 57 18.30 -7.97 -20.99
CA PRO A 57 19.40 -7.51 -21.85
C PRO A 57 19.81 -6.07 -21.59
N HIS A 58 19.10 -5.39 -20.68
CA HIS A 58 19.42 -4.03 -20.33
C HIS A 58 20.62 -3.98 -19.38
N LYS A 59 21.45 -2.96 -19.54
CA LYS A 59 22.61 -2.76 -18.68
C LYS A 59 22.16 -2.00 -17.44
N VAL A 60 21.97 -2.72 -16.34
CA VAL A 60 21.48 -2.16 -15.09
C VAL A 60 22.67 -1.84 -14.20
N LEU A 61 22.71 -0.61 -13.68
CA LEU A 61 23.74 -0.17 -12.76
C LEU A 61 23.11 0.13 -11.41
N ASP A 62 23.64 -0.50 -10.37
CA ASP A 62 23.14 -0.32 -9.00
C ASP A 62 24.03 0.70 -8.28
N GLY A 63 23.46 1.85 -7.97
CA GLY A 63 24.14 2.80 -7.10
C GLY A 63 23.79 2.51 -5.65
N ARG A 64 24.66 1.76 -4.97
CA ARG A 64 24.34 1.19 -3.66
C ARG A 64 23.93 2.25 -2.65
N ASP A 65 24.86 3.12 -2.29
CA ASP A 65 24.61 4.19 -1.33
C ASP A 65 24.69 5.57 -1.96
N CYS A 66 24.63 5.64 -3.29
CA CYS A 66 24.86 6.87 -4.03
C CYS A 66 23.67 7.20 -4.92
N THR A 67 23.29 8.47 -4.91
CA THR A 67 22.36 8.99 -5.89
C THR A 67 23.10 9.39 -7.16
N LEU A 68 22.35 9.56 -8.24
CA LEU A 68 22.97 9.87 -9.53
C LEU A 68 23.68 11.21 -9.50
N ILE A 69 23.09 12.21 -8.84
CA ILE A 69 23.72 13.51 -8.74
C ILE A 69 25.02 13.42 -7.94
N ASP A 70 24.99 12.68 -6.82
CA ASP A 70 26.19 12.53 -5.99
C ASP A 70 27.30 11.81 -6.75
N ALA A 71 26.93 10.77 -7.50
CA ALA A 71 27.92 10.10 -8.35
C ALA A 71 28.45 11.05 -9.42
N MET A 72 27.56 11.85 -10.02
CA MET A 72 27.99 12.85 -10.99
C MET A 72 28.90 13.89 -10.35
N LEU A 73 28.55 14.36 -9.16
CA LEU A 73 29.32 15.42 -8.52
C LEU A 73 30.71 14.95 -8.13
N GLY A 74 30.82 13.74 -7.58
CA GLY A 74 32.11 13.26 -7.14
C GLY A 74 32.24 13.11 -5.63
N ASP A 75 31.18 12.65 -4.99
CA ASP A 75 31.24 12.33 -3.56
C ASP A 75 32.32 11.27 -3.34
N PRO A 76 33.17 11.43 -2.33
CA PRO A 76 34.29 10.49 -2.15
C PRO A 76 33.85 9.04 -2.02
N HIS A 77 32.72 8.77 -1.36
CA HIS A 77 32.21 7.41 -1.27
C HIS A 77 31.44 7.01 -2.53
N CYS A 78 31.30 7.91 -3.49
CA CYS A 78 30.73 7.61 -4.80
C CYS A 78 31.79 7.61 -5.89
N ASP A 79 33.08 7.58 -5.53
CA ASP A 79 34.15 7.65 -6.51
C ASP A 79 34.20 6.42 -7.41
N VAL A 80 33.65 5.29 -6.97
CA VAL A 80 33.66 4.08 -7.78
C VAL A 80 32.76 4.18 -9.00
N PHE A 81 31.98 5.26 -9.11
CA PHE A 81 31.05 5.45 -10.22
C PHE A 81 31.58 6.40 -11.27
N GLN A 82 32.89 6.69 -11.26
CA GLN A 82 33.45 7.59 -12.25
C GLN A 82 33.45 6.96 -13.64
N ASP A 83 33.08 7.76 -14.63
CA ASP A 83 33.06 7.34 -16.04
C ASP A 83 32.22 6.07 -16.24
N GLU A 84 31.07 6.03 -15.58
CA GLU A 84 30.17 4.88 -15.70
C GLU A 84 29.13 5.12 -16.78
N LYS A 85 28.59 4.01 -17.28
CA LYS A 85 27.50 4.04 -18.26
C LYS A 85 26.45 3.03 -17.84
N TRP A 86 25.21 3.27 -18.28
CA TRP A 86 24.10 2.43 -17.86
C TRP A 86 22.97 2.54 -18.86
N ASP A 87 22.11 1.52 -18.87
CA ASP A 87 20.81 1.62 -19.51
C ASP A 87 19.72 2.03 -18.52
N LEU A 88 19.80 1.51 -17.29
CA LEU A 88 18.88 1.87 -16.22
C LEU A 88 19.67 2.03 -14.93
N PHE A 89 19.68 3.24 -14.38
CA PHE A 89 20.29 3.49 -13.08
C PHE A 89 19.28 3.23 -11.98
N VAL A 90 19.71 2.52 -10.94
CA VAL A 90 18.85 2.14 -9.83
C VAL A 90 19.29 2.91 -8.60
N GLU A 91 18.37 3.67 -8.01
CA GLU A 91 18.63 4.44 -6.81
C GLU A 91 17.99 3.71 -5.62
N ARG A 92 18.81 3.39 -4.63
CA ARG A 92 18.33 2.70 -3.44
C ARG A 92 17.86 3.72 -2.40
N SER A 93 16.88 3.30 -1.60
CA SER A 93 16.33 4.18 -0.57
C SER A 93 17.32 4.47 0.55
N SER A 94 18.42 3.72 0.65
CA SER A 94 19.43 3.92 1.67
C SER A 94 20.55 4.85 1.22
N ALA A 95 20.42 5.46 0.05
CA ALA A 95 21.45 6.37 -0.44
C ALA A 95 21.55 7.60 0.44
N PHE A 96 22.76 8.10 0.62
CA PHE A 96 23.03 9.26 1.45
C PHE A 96 24.13 10.10 0.83
N SER A 97 24.33 11.29 1.39
CA SER A 97 25.38 12.21 0.98
C SER A 97 26.39 12.36 2.10
N ASN A 98 27.67 12.41 1.74
CA ASN A 98 28.75 12.45 2.73
C ASN A 98 29.82 13.46 2.33
N CYS A 99 29.40 14.62 1.84
CA CYS A 99 30.34 15.66 1.41
C CYS A 99 29.76 17.00 1.83
N TYR A 100 30.30 18.08 1.26
CA TYR A 100 29.88 19.42 1.62
C TYR A 100 28.39 19.59 1.36
N PRO A 101 27.63 20.16 2.30
CA PRO A 101 26.18 20.33 2.07
C PRO A 101 25.91 21.20 0.86
N TYR A 102 24.88 20.83 0.10
CA TYR A 102 24.59 21.49 -1.15
C TYR A 102 23.11 21.36 -1.47
N ASP A 103 22.65 22.24 -2.37
CA ASP A 103 21.30 22.14 -2.93
C ASP A 103 21.39 22.42 -4.43
N VAL A 104 20.50 21.80 -5.18
CA VAL A 104 20.45 21.93 -6.63
C VAL A 104 19.13 22.58 -7.01
N PRO A 105 19.14 23.88 -7.33
CA PRO A 105 17.93 24.51 -7.88
C PRO A 105 17.51 23.79 -9.16
N ASP A 106 16.21 23.49 -9.27
CA ASP A 106 15.67 22.65 -10.32
C ASP A 106 16.38 21.30 -10.33
N TYR A 107 16.33 20.62 -9.18
CA TYR A 107 17.06 19.37 -9.00
C TYR A 107 16.57 18.29 -9.95
N ALA A 108 15.25 18.18 -10.13
CA ALA A 108 14.69 17.07 -10.90
C ALA A 108 15.12 17.12 -12.36
N SER A 109 15.20 18.32 -12.94
CA SER A 109 15.56 18.44 -14.35
C SER A 109 17.00 18.00 -14.59
N LEU A 110 17.94 18.40 -13.72
CA LEU A 110 19.31 17.95 -13.87
C LEU A 110 19.42 16.44 -13.69
N ARG A 111 18.69 15.89 -12.72
CA ARG A 111 18.64 14.44 -12.55
C ARG A 111 18.07 13.76 -13.80
N SER A 112 17.09 14.40 -14.44
CA SER A 112 16.46 13.81 -15.62
C SER A 112 17.44 13.76 -16.80
N LEU A 113 18.11 14.88 -17.08
CA LEU A 113 18.97 14.92 -18.27
C LEU A 113 20.22 14.08 -18.09
N ILE A 114 20.74 13.97 -16.86
CA ILE A 114 21.86 13.07 -16.60
C ILE A 114 21.45 11.62 -16.82
N ALA A 115 20.29 11.25 -16.29
CA ALA A 115 19.81 9.87 -16.43
C ALA A 115 19.57 9.51 -17.89
N SER A 116 18.94 10.42 -18.65
CA SER A 116 18.69 10.15 -20.06
C SER A 116 19.97 10.20 -20.89
N SER A 117 20.99 10.93 -20.45
CA SER A 117 22.27 10.92 -21.16
C SER A 117 22.92 9.55 -21.12
N GLY A 118 22.73 8.81 -20.03
CA GLY A 118 23.18 7.43 -19.95
C GLY A 118 24.64 7.23 -19.68
N THR A 119 25.41 8.29 -19.44
CA THR A 119 26.83 8.16 -19.23
C THR A 119 27.31 9.24 -18.27
N LEU A 120 28.44 8.96 -17.63
CA LEU A 120 29.11 9.92 -16.77
C LEU A 120 30.51 10.22 -17.29
N ASP A 121 30.69 10.11 -18.61
CA ASP A 121 31.99 10.29 -19.23
C ASP A 121 32.47 11.73 -19.05
N PHE A 122 33.55 11.91 -18.32
CA PHE A 122 34.07 13.22 -17.97
C PHE A 122 35.42 13.44 -18.63
N ILE A 123 35.63 14.66 -19.13
CA ILE A 123 36.88 15.05 -19.80
C ILE A 123 37.42 16.29 -19.08
N THR A 124 38.66 16.19 -18.60
CA THR A 124 39.28 17.29 -17.87
C THR A 124 39.87 18.30 -18.86
N GLU A 125 39.61 19.58 -18.61
CA GLU A 125 40.13 20.66 -19.44
C GLU A 125 41.08 21.53 -18.61
N SER A 126 41.98 22.20 -19.32
CA SER A 126 43.05 22.98 -18.67
C SER A 126 42.58 24.41 -18.47
N PHE A 127 41.92 24.65 -17.34
CA PHE A 127 41.54 26.00 -16.94
C PHE A 127 42.70 26.71 -16.28
N THR A 128 42.78 28.02 -16.48
CA THR A 128 43.83 28.85 -15.90
C THR A 128 43.17 29.87 -14.97
N TRP A 129 43.38 29.70 -13.67
CA TRP A 129 42.85 30.60 -12.65
C TRP A 129 44.03 31.36 -12.06
N ALA A 130 44.26 32.58 -12.57
CA ALA A 130 45.41 33.37 -12.18
C ALA A 130 45.09 34.18 -10.91
N GLY A 131 45.99 34.12 -9.94
CA GLY A 131 45.88 34.92 -8.74
C GLY A 131 45.06 34.32 -7.62
N VAL A 132 44.62 33.07 -7.74
CA VAL A 132 43.83 32.43 -6.71
C VAL A 132 44.39 31.04 -6.43
N SER A 133 44.20 30.58 -5.20
CA SER A 133 44.59 29.24 -4.80
C SER A 133 43.45 28.27 -5.03
N GLN A 134 43.80 27.05 -5.46
CA GLN A 134 42.83 26.06 -5.91
C GLN A 134 42.77 24.88 -4.96
N ASN A 135 41.95 23.89 -5.34
CA ASN A 135 41.86 22.60 -4.66
C ASN A 135 41.47 22.76 -3.19
N GLY A 136 40.41 23.54 -2.94
CA GLY A 136 39.91 23.68 -1.61
C GLY A 136 39.29 22.40 -1.07
N GLY A 137 39.23 22.30 0.25
CA GLY A 137 38.68 21.13 0.90
C GLY A 137 38.11 21.49 2.25
N SER A 138 37.41 20.53 2.84
CA SER A 138 36.76 20.74 4.13
C SER A 138 36.73 19.44 4.92
N SER A 139 36.56 19.58 6.23
CA SER A 139 36.43 18.41 7.10
C SER A 139 35.13 17.67 6.86
N ALA A 140 34.11 18.33 6.30
CA ALA A 140 32.83 17.69 6.03
C ALA A 140 32.92 16.65 4.91
N CYS A 141 34.00 16.67 4.13
CA CYS A 141 34.15 15.81 2.97
C CYS A 141 35.54 15.18 3.03
N LYS A 142 35.64 14.04 3.71
CA LYS A 142 36.93 13.40 3.94
C LYS A 142 37.26 12.42 2.82
N ARG A 143 38.50 12.48 2.35
CA ARG A 143 39.05 11.53 1.39
C ARG A 143 40.19 10.82 2.10
N GLY A 144 39.87 9.76 2.83
CA GLY A 144 40.82 9.12 3.70
C GLY A 144 40.94 9.87 5.01
N PRO A 145 42.18 10.08 5.47
CA PRO A 145 42.40 10.83 6.71
C PRO A 145 42.53 12.33 6.52
N ALA A 146 42.45 12.84 5.30
CA ALA A 146 42.65 14.25 5.02
C ALA A 146 41.37 14.89 4.51
N ASN A 147 41.28 16.21 4.68
CA ASN A 147 40.16 16.97 4.17
C ASN A 147 40.13 16.91 2.64
N GLY A 148 38.93 16.79 2.08
CA GLY A 148 38.78 16.73 0.64
C GLY A 148 37.61 17.52 0.13
N PHE A 149 37.19 17.24 -1.09
CA PHE A 149 36.10 17.98 -1.74
C PHE A 149 35.55 17.12 -2.86
N PHE A 150 34.44 17.59 -3.43
CA PHE A 150 33.90 16.97 -4.63
C PHE A 150 34.95 16.93 -5.73
N SER A 151 35.13 15.77 -6.35
CA SER A 151 35.87 15.73 -7.59
C SER A 151 35.08 16.46 -8.67
N ARG A 152 35.69 16.64 -9.84
CA ARG A 152 35.07 17.40 -10.93
C ARG A 152 34.66 18.80 -10.50
N LEU A 153 35.22 19.29 -9.39
CA LEU A 153 34.86 20.59 -8.83
C LEU A 153 36.07 21.17 -8.15
N ASN A 154 36.31 22.46 -8.37
CA ASN A 154 37.49 23.15 -7.85
C ASN A 154 37.03 24.30 -6.97
N TRP A 155 37.43 24.28 -5.71
CA TRP A 155 37.11 25.34 -4.76
C TRP A 155 38.23 26.37 -4.80
N LEU A 156 37.92 27.56 -5.31
CA LEU A 156 38.90 28.63 -5.45
C LEU A 156 38.74 29.64 -4.32
N THR A 157 39.84 29.98 -3.67
CA THR A 157 39.87 30.96 -2.61
C THR A 157 40.98 31.97 -2.87
N LYS A 158 41.11 32.94 -1.97
CA LYS A 158 42.10 34.00 -2.15
C LYS A 158 43.52 33.46 -2.05
N SER A 159 44.45 34.14 -2.72
CA SER A 159 45.87 33.82 -2.67
C SER A 159 46.57 34.96 -1.96
N GLY A 160 47.05 34.71 -0.75
CA GLY A 160 47.67 35.76 0.03
C GLY A 160 46.64 36.66 0.67
N SER A 161 46.48 37.87 0.12
CA SER A 161 45.48 38.80 0.62
C SER A 161 44.70 39.47 -0.52
N SER A 162 44.66 38.87 -1.70
CA SER A 162 43.96 39.45 -2.84
C SER A 162 43.16 38.37 -3.56
N TYR A 163 42.01 38.77 -4.10
CA TYR A 163 41.18 37.89 -4.92
C TYR A 163 40.87 38.63 -6.22
N PRO A 164 41.59 38.33 -7.29
CA PRO A 164 41.40 39.07 -8.54
C PRO A 164 40.10 38.68 -9.24
N LEU A 165 39.69 39.54 -10.16
CA LEU A 165 38.59 39.22 -11.06
C LEU A 165 39.03 38.11 -12.02
N LEU A 166 38.17 37.12 -12.21
CA LEU A 166 38.45 36.00 -13.10
C LEU A 166 37.70 36.19 -14.41
N ASN A 167 38.40 35.98 -15.52
CA ASN A 167 37.83 36.11 -16.86
C ASN A 167 38.51 35.06 -17.75
N VAL A 168 37.87 33.90 -17.86
CA VAL A 168 38.43 32.77 -18.59
C VAL A 168 37.42 32.30 -19.62
N THR A 169 37.93 31.65 -20.66
CA THR A 169 37.12 31.21 -21.79
C THR A 169 37.52 29.79 -22.20
N MET A 170 36.58 29.09 -22.81
CA MET A 170 36.81 27.74 -23.32
C MET A 170 35.88 27.46 -24.50
N PRO A 171 36.42 27.39 -25.71
CA PRO A 171 35.57 27.14 -26.88
C PRO A 171 35.25 25.66 -27.04
N ASN A 172 34.17 25.40 -27.79
CA ASN A 172 33.73 24.05 -28.10
C ASN A 172 34.13 23.75 -29.55
N ASN A 173 35.31 23.16 -29.72
CA ASN A 173 35.83 22.82 -31.04
C ASN A 173 35.47 21.41 -31.46
N TYR A 174 34.68 20.69 -30.67
CA TYR A 174 34.22 19.36 -31.02
C TYR A 174 32.92 19.46 -31.81
N ASN A 175 32.33 18.30 -32.12
CA ASN A 175 31.06 18.24 -32.82
C ASN A 175 29.93 17.68 -31.95
N PHE A 176 30.13 17.62 -30.64
CA PHE A 176 29.11 17.16 -29.71
C PHE A 176 28.96 18.17 -28.58
N ASP A 177 27.78 18.15 -27.95
CA ASP A 177 27.49 19.10 -26.89
C ASP A 177 28.32 18.79 -25.64
N LYS A 178 28.62 19.85 -24.89
CA LYS A 178 29.33 19.74 -23.62
C LYS A 178 28.38 20.09 -22.48
N LEU A 179 28.58 19.44 -21.34
CA LEU A 179 27.80 19.72 -20.13
C LEU A 179 28.76 20.14 -19.02
N TYR A 180 28.59 21.37 -18.54
CA TYR A 180 29.45 21.95 -17.52
C TYR A 180 28.67 22.06 -16.21
N ILE A 181 29.29 21.61 -15.12
CA ILE A 181 28.69 21.65 -13.79
C ILE A 181 29.55 22.57 -12.92
N TRP A 182 28.95 23.64 -12.41
CA TRP A 182 29.65 24.61 -11.57
C TRP A 182 28.80 24.89 -10.32
N GLY A 183 29.31 25.76 -9.46
CA GLY A 183 28.63 26.03 -8.20
C GLY A 183 28.98 27.39 -7.63
N VAL A 184 28.14 27.83 -6.69
CA VAL A 184 28.30 29.10 -6.00
C VAL A 184 28.27 28.84 -4.50
N HIS A 185 29.18 29.46 -3.76
CA HIS A 185 29.32 29.25 -2.32
C HIS A 185 28.56 30.31 -1.56
N HIS A 186 27.78 29.88 -0.56
CA HIS A 186 27.05 30.79 0.32
C HIS A 186 27.69 30.76 1.71
N PRO A 187 28.46 31.78 2.09
CA PRO A 187 29.03 31.80 3.44
C PRO A 187 27.96 32.05 4.49
N SER A 188 28.32 31.73 5.74
CA SER A 188 27.38 31.87 6.86
C SER A 188 27.49 33.22 7.54
N THR A 189 28.65 33.87 7.49
CA THR A 189 28.84 35.17 8.12
C THR A 189 29.60 36.08 7.17
N ASN A 190 29.47 37.40 7.41
CA ASN A 190 30.24 38.37 6.63
C ASN A 190 31.73 38.18 6.86
N GLN A 191 32.14 37.87 8.09
CA GLN A 191 33.56 37.70 8.39
C GLN A 191 34.12 36.50 7.65
N GLU A 192 33.34 35.43 7.51
CA GLU A 192 33.80 34.27 6.75
C GLU A 192 33.86 34.58 5.26
N GLN A 193 32.90 35.38 4.75
CA GLN A 193 32.93 35.76 3.34
C GLN A 193 34.18 36.56 3.01
N THR A 194 34.50 37.56 3.85
CA THR A 194 35.70 38.36 3.60
C THR A 194 36.98 37.57 3.85
N ASN A 195 36.90 36.55 4.72
CA ASN A 195 38.10 35.76 5.03
C ASN A 195 38.51 34.89 3.85
N LEU A 196 37.54 34.29 3.17
CA LEU A 196 37.86 33.42 2.03
C LEU A 196 38.07 34.21 0.76
N TYR A 197 37.29 35.27 0.55
CA TYR A 197 37.39 36.12 -0.62
C TYR A 197 37.43 37.57 -0.16
N VAL A 198 38.38 38.34 -0.68
CA VAL A 198 38.61 39.69 -0.17
C VAL A 198 37.36 40.55 -0.34
N GLN A 199 36.67 40.41 -1.46
CA GLN A 199 35.48 41.21 -1.73
C GLN A 199 34.36 40.85 -0.76
N ALA A 200 33.58 41.85 -0.37
CA ALA A 200 32.52 41.68 0.62
C ALA A 200 31.23 41.11 0.04
N SER A 201 31.14 40.98 -1.29
CA SER A 201 29.95 40.41 -1.91
C SER A 201 30.36 39.85 -3.27
N GLY A 202 30.31 38.52 -3.41
CA GLY A 202 30.75 37.86 -4.63
C GLY A 202 29.72 37.92 -5.74
N ARG A 203 30.12 37.35 -6.88
CA ARG A 203 29.26 37.31 -8.06
C ARG A 203 29.86 36.31 -9.04
N VAL A 204 29.01 35.44 -9.58
CA VAL A 204 29.41 34.43 -10.55
C VAL A 204 28.56 34.61 -11.80
N THR A 205 29.21 34.76 -12.95
CA THR A 205 28.53 34.87 -14.24
C THR A 205 29.11 33.82 -15.18
N VAL A 206 28.25 32.90 -15.63
CA VAL A 206 28.62 31.88 -16.61
C VAL A 206 27.68 32.04 -17.80
N SER A 207 28.26 32.23 -18.98
CA SER A 207 27.47 32.58 -20.15
C SER A 207 28.05 31.91 -21.39
N THR A 208 27.20 31.79 -22.40
CA THR A 208 27.58 31.39 -23.75
C THR A 208 27.12 32.47 -24.72
N ARG A 209 27.26 32.20 -26.03
CA ARG A 209 26.84 33.19 -27.02
C ARG A 209 25.34 33.37 -27.09
N ARG A 210 24.56 32.48 -26.48
CA ARG A 210 23.10 32.56 -26.55
C ARG A 210 22.43 32.46 -25.19
N SER A 211 23.18 32.42 -24.09
CA SER A 211 22.59 32.28 -22.77
C SER A 211 23.53 32.87 -21.73
N GLN A 212 22.98 33.13 -20.54
CA GLN A 212 23.74 33.67 -19.44
C GLN A 212 23.09 33.27 -18.13
N GLN A 213 23.91 33.12 -17.08
CA GLN A 213 23.43 32.88 -15.72
C GLN A 213 24.33 33.62 -14.76
N THR A 214 23.72 34.44 -13.89
CA THR A 214 24.45 35.17 -12.86
C THR A 214 23.83 34.89 -11.51
N ILE A 215 24.67 34.59 -10.53
CA ILE A 215 24.24 34.30 -9.16
C ILE A 215 24.98 35.22 -8.22
N VAL A 216 24.24 35.89 -7.33
CA VAL A 216 24.82 36.69 -6.26
C VAL A 216 24.68 35.90 -4.96
N PRO A 217 25.77 35.47 -4.33
CA PRO A 217 25.66 34.65 -3.13
C PRO A 217 24.97 35.41 -2.00
N ASN A 218 24.55 34.64 -0.99
CA ASN A 218 23.75 35.19 0.09
C ASN A 218 24.27 34.67 1.42
N ILE A 219 24.58 35.59 2.32
CA ILE A 219 25.25 35.29 3.59
C ILE A 219 24.22 35.01 4.65
N GLY A 220 24.46 33.98 5.46
CA GLY A 220 23.57 33.64 6.55
C GLY A 220 23.74 32.21 7.04
N SER A 221 23.45 32.00 8.32
CA SER A 221 23.61 30.67 8.90
C SER A 221 22.56 29.71 8.37
N ARG A 222 22.95 28.45 8.27
CA ARG A 222 22.10 27.36 7.83
C ARG A 222 22.37 26.15 8.73
N PRO A 223 21.46 25.17 8.74
CA PRO A 223 21.58 24.07 9.71
C PRO A 223 22.90 23.32 9.61
N TRP A 224 23.38 22.88 10.78
CA TRP A 224 24.57 22.06 10.92
C TRP A 224 24.46 20.78 10.09
N VAL A 225 25.29 20.65 9.05
CA VAL A 225 25.38 19.45 8.25
C VAL A 225 26.87 19.10 8.14
N ARG A 226 27.30 18.10 8.90
CA ARG A 226 28.70 17.66 8.92
C ARG A 226 29.64 18.82 9.24
N GLY A 227 29.26 19.64 10.22
CA GLY A 227 30.11 20.71 10.70
C GLY A 227 30.06 22.00 9.92
N GLN A 228 29.18 22.10 8.92
CA GLN A 228 29.13 23.27 8.05
C GLN A 228 27.78 23.96 8.17
N SER A 229 27.82 25.26 8.44
CA SER A 229 26.64 26.11 8.38
C SER A 229 26.50 26.81 7.04
N SER A 230 27.41 26.56 6.11
CA SER A 230 27.39 27.12 4.76
C SER A 230 26.73 26.14 3.80
N ARG A 231 26.48 26.62 2.58
CA ARG A 231 25.87 25.81 1.54
C ARG A 231 26.52 26.11 0.20
N ILE A 232 26.28 25.21 -0.75
CA ILE A 232 26.74 25.34 -2.13
C ILE A 232 25.56 25.09 -3.06
N SER A 233 25.38 25.97 -4.04
CA SER A 233 24.30 25.84 -5.01
C SER A 233 24.88 25.36 -6.34
N ILE A 234 24.27 24.31 -6.90
CA ILE A 234 24.78 23.66 -8.10
C ILE A 234 23.96 24.10 -9.30
N TYR A 235 24.64 24.51 -10.38
CA TYR A 235 24.02 24.91 -11.62
C TYR A 235 24.69 24.18 -12.77
N TRP A 236 24.13 24.33 -13.97
CA TRP A 236 24.69 23.67 -15.14
C TRP A 236 24.50 24.54 -16.37
N THR A 237 25.40 24.39 -17.33
CA THR A 237 25.35 25.10 -18.60
C THR A 237 25.73 24.14 -19.71
N ILE A 238 25.20 24.38 -20.91
CA ILE A 238 25.43 23.51 -22.06
C ILE A 238 25.94 24.37 -23.22
N VAL A 239 27.03 23.93 -23.84
CA VAL A 239 27.67 24.65 -24.93
C VAL A 239 27.51 23.84 -26.21
N LYS A 240 26.89 24.44 -27.22
CA LYS A 240 26.74 23.79 -28.51
C LYS A 240 28.06 23.82 -29.28
N PRO A 241 28.24 22.93 -30.25
CA PRO A 241 29.44 22.99 -31.09
C PRO A 241 29.52 24.31 -31.82
N GLY A 242 30.74 24.84 -31.93
CA GLY A 242 30.96 26.15 -32.49
C GLY A 242 30.65 27.30 -31.55
N ASP A 243 30.22 27.01 -30.33
CA ASP A 243 29.95 28.02 -29.32
C ASP A 243 31.11 28.05 -28.31
N VAL A 244 31.07 29.05 -27.44
CA VAL A 244 32.15 29.29 -26.49
C VAL A 244 31.55 29.47 -25.10
N LEU A 245 32.37 29.19 -24.09
CA LEU A 245 31.98 29.35 -22.69
C LEU A 245 32.86 30.40 -22.04
N VAL A 246 32.24 31.34 -21.34
CA VAL A 246 32.94 32.40 -20.62
C VAL A 246 32.49 32.39 -19.17
N ILE A 247 33.44 32.43 -18.25
CA ILE A 247 33.17 32.45 -16.81
C ILE A 247 33.82 33.70 -16.22
N ASN A 248 33.01 34.56 -15.63
CA ASN A 248 33.47 35.79 -14.99
C ASN A 248 32.97 35.80 -13.56
N SER A 249 33.90 35.80 -12.61
CA SER A 249 33.54 35.70 -11.20
C SER A 249 34.36 36.69 -10.36
N ASN A 250 33.67 37.34 -9.42
CA ASN A 250 34.29 38.20 -8.42
C ASN A 250 34.62 37.45 -7.14
N GLY A 251 34.21 36.20 -7.02
CA GLY A 251 34.39 35.43 -5.80
C GLY A 251 33.26 34.45 -5.62
N ASN A 252 33.43 33.58 -4.62
CA ASN A 252 32.45 32.57 -4.24
C ASN A 252 32.21 31.54 -5.34
N LEU A 253 33.13 31.42 -6.30
CA LEU A 253 32.95 30.53 -7.44
C LEU A 253 33.47 29.13 -7.12
N ILE A 254 32.62 28.13 -7.38
CA ILE A 254 33.01 26.73 -7.33
C ILE A 254 33.17 26.31 -8.78
N ALA A 255 34.39 26.41 -9.28
CA ALA A 255 34.67 26.26 -10.70
C ALA A 255 34.59 24.80 -11.14
N PRO A 256 34.28 24.57 -12.41
CA PRO A 256 34.31 23.21 -12.95
C PRO A 256 35.72 22.80 -13.36
N ARG A 257 35.95 21.49 -13.36
CA ARG A 257 37.21 20.92 -13.80
C ARG A 257 37.17 20.42 -15.24
N GLY A 258 36.02 20.54 -15.90
CA GLY A 258 35.88 20.02 -17.25
C GLY A 258 34.43 19.95 -17.65
N PHE A 259 34.14 19.08 -18.61
CA PHE A 259 32.79 18.92 -19.13
C PHE A 259 32.41 17.45 -19.16
N PHE A 260 31.10 17.20 -19.13
CA PHE A 260 30.53 15.88 -19.33
C PHE A 260 30.12 15.71 -20.79
N LYS A 261 30.43 14.55 -21.35
CA LYS A 261 29.98 14.22 -22.70
C LYS A 261 28.53 13.77 -22.63
N ILE A 262 27.64 14.48 -23.32
CA ILE A 262 26.20 14.27 -23.23
C ILE A 262 25.74 13.59 -24.51
N ARG A 263 25.07 12.45 -24.36
CA ARG A 263 24.62 11.63 -25.47
C ARG A 263 23.10 11.59 -25.52
N THR A 264 22.59 11.04 -26.62
CA THR A 264 21.16 10.88 -26.83
C THR A 264 20.85 9.39 -26.94
N GLY A 265 20.01 8.88 -26.07
CA GLY A 265 19.73 7.46 -26.07
C GLY A 265 18.49 7.14 -25.25
N ARG A 266 18.29 5.84 -25.03
CA ARG A 266 17.12 5.31 -24.35
C ARG A 266 17.41 4.96 -22.89
N SER A 267 18.26 5.72 -22.23
CA SER A 267 18.61 5.47 -20.83
C SER A 267 17.65 6.21 -19.90
N SER A 268 17.51 5.68 -18.69
CA SER A 268 16.59 6.24 -17.70
C SER A 268 17.08 5.90 -16.31
N ILE A 269 16.31 6.31 -15.31
CA ILE A 269 16.60 6.03 -13.91
C ILE A 269 15.33 5.51 -13.24
N MET A 270 15.50 4.70 -12.21
CA MET A 270 14.38 4.10 -11.50
C MET A 270 14.73 3.95 -10.03
N ARG A 271 13.75 4.20 -9.17
CA ARG A 271 13.91 4.03 -7.73
C ARG A 271 13.32 2.68 -7.31
N SER A 272 14.17 1.78 -6.83
CA SER A 272 13.72 0.47 -6.40
C SER A 272 14.67 -0.07 -5.34
N ASP A 273 14.17 -1.03 -4.57
CA ASP A 273 14.96 -1.73 -3.56
C ASP A 273 15.04 -3.22 -3.83
N ALA A 274 14.63 -3.67 -5.02
CA ALA A 274 14.72 -5.08 -5.37
C ALA A 274 16.16 -5.45 -5.70
N PRO A 275 16.59 -6.66 -5.36
CA PRO A 275 17.94 -7.10 -5.71
C PRO A 275 18.06 -7.38 -7.21
N ILE A 276 19.30 -7.47 -7.67
CA ILE A 276 19.62 -7.75 -9.06
C ILE A 276 20.24 -9.14 -9.13
N GLU A 277 19.72 -9.96 -10.03
CA GLU A 277 20.19 -11.33 -10.25
C GLU A 277 20.66 -11.50 -11.69
N THR A 278 21.19 -12.69 -11.99
CA THR A 278 21.58 -13.04 -13.35
C THR A 278 20.41 -13.76 -14.00
N CYS A 279 19.70 -13.05 -14.87
CA CYS A 279 18.54 -13.56 -15.58
C CYS A 279 18.23 -12.62 -16.73
N ILE A 280 17.30 -13.04 -17.58
CA ILE A 280 16.95 -12.29 -18.79
C ILE A 280 15.48 -11.88 -18.68
N SER A 281 15.24 -10.57 -18.78
CA SER A 281 13.88 -10.04 -18.80
C SER A 281 13.89 -8.70 -19.50
N GLU A 282 12.98 -8.51 -20.45
CA GLU A 282 12.94 -7.27 -21.22
C GLU A 282 12.22 -6.15 -20.49
N CYS A 283 11.46 -6.46 -19.44
CA CYS A 283 10.66 -5.47 -18.72
C CYS A 283 11.15 -5.38 -17.27
N ILE A 284 11.34 -4.16 -16.80
CA ILE A 284 11.80 -3.89 -15.44
C ILE A 284 10.81 -2.95 -14.77
N THR A 285 10.41 -3.30 -13.55
CA THR A 285 9.58 -2.48 -12.68
C THR A 285 10.25 -2.38 -11.33
N PRO A 286 9.91 -1.37 -10.53
CA PRO A 286 10.50 -1.29 -9.18
C PRO A 286 10.27 -2.53 -8.33
N ASN A 287 9.14 -3.22 -8.52
CA ASN A 287 8.93 -4.48 -7.82
C ASN A 287 9.84 -5.59 -8.33
N GLY A 288 10.36 -5.45 -9.55
CA GLY A 288 11.19 -6.45 -10.17
C GLY A 288 10.90 -6.54 -11.64
N SER A 289 11.33 -7.64 -12.26
CA SER A 289 11.13 -7.89 -13.67
C SER A 289 9.90 -8.75 -13.89
N ILE A 290 9.10 -8.39 -14.87
CA ILE A 290 7.86 -9.11 -15.16
C ILE A 290 7.89 -9.64 -16.60
N PRO A 291 7.38 -10.85 -16.85
CA PRO A 291 7.28 -11.33 -18.23
C PRO A 291 6.28 -10.51 -19.02
N ASN A 292 6.53 -10.39 -20.32
CA ASN A 292 5.71 -9.58 -21.21
C ASN A 292 4.89 -10.42 -22.19
N ASP A 293 4.59 -11.66 -21.82
CA ASP A 293 3.79 -12.53 -22.68
C ASP A 293 2.31 -12.16 -22.68
N LYS A 294 1.91 -11.12 -21.96
CA LYS A 294 0.52 -10.71 -21.83
C LYS A 294 0.40 -9.23 -22.19
N PRO A 295 -0.77 -8.82 -22.71
CA PRO A 295 -0.88 -7.43 -23.17
C PRO A 295 -0.98 -6.42 -22.04
N PHE A 296 -1.42 -6.82 -20.86
CA PHE A 296 -1.66 -5.89 -19.77
C PHE A 296 -0.98 -6.40 -18.50
N GLN A 297 -0.72 -5.48 -17.58
CA GLN A 297 -0.10 -5.84 -16.31
C GLN A 297 -0.62 -4.93 -15.21
N ASN A 298 -0.57 -5.45 -13.97
CA ASN A 298 -1.12 -4.77 -12.80
C ASN A 298 -0.08 -4.64 -11.69
N VAL A 299 1.21 -4.75 -12.01
CA VAL A 299 2.24 -4.75 -10.98
C VAL A 299 2.61 -3.33 -10.58
N ASN A 300 2.94 -2.49 -11.56
CA ASN A 300 3.40 -1.13 -11.29
C ASN A 300 3.18 -0.29 -12.53
N LYS A 301 2.89 0.99 -12.30
CA LYS A 301 2.76 1.95 -13.40
C LYS A 301 4.10 2.53 -13.84
N ILE A 302 5.18 2.25 -13.12
CA ILE A 302 6.53 2.62 -13.54
C ILE A 302 7.16 1.41 -14.18
N THR A 303 7.53 1.53 -15.45
CA THR A 303 8.10 0.42 -16.20
C THR A 303 9.28 0.91 -17.04
N TYR A 304 10.07 -0.04 -17.51
CA TYR A 304 11.18 0.26 -18.41
C TYR A 304 11.37 -0.91 -19.37
N GLY A 305 11.29 -0.64 -20.66
CA GLY A 305 11.49 -1.64 -21.68
C GLY A 305 10.20 -2.10 -22.33
N ALA A 306 10.29 -3.24 -23.01
CA ALA A 306 9.12 -3.85 -23.64
C ALA A 306 8.22 -4.42 -22.55
N CYS A 307 7.17 -3.67 -22.21
CA CYS A 307 6.35 -4.00 -21.06
C CYS A 307 4.87 -4.02 -21.43
N PRO A 308 4.08 -4.82 -20.73
CA PRO A 308 2.63 -4.73 -20.88
C PRO A 308 2.13 -3.39 -20.34
N LYS A 309 1.01 -2.94 -20.90
CA LYS A 309 0.41 -1.68 -20.47
C LYS A 309 -0.20 -1.83 -19.08
N TYR A 310 -0.12 -0.77 -18.28
CA TYR A 310 -0.66 -0.79 -16.93
C TYR A 310 -2.17 -0.61 -16.97
N VAL A 311 -2.88 -1.44 -16.21
CA VAL A 311 -4.33 -1.35 -16.05
C VAL A 311 -4.66 -1.51 -14.57
N LYS A 312 -5.88 -1.10 -14.22
CA LYS A 312 -6.32 -1.20 -12.82
C LYS A 312 -6.82 -2.58 -12.48
N GLN A 313 -7.39 -3.30 -13.45
CA GLN A 313 -7.97 -4.61 -13.19
C GLN A 313 -6.88 -5.63 -12.88
N ASN A 314 -7.15 -6.48 -11.89
CA ASN A 314 -6.23 -7.53 -11.50
C ASN A 314 -6.43 -8.82 -12.30
N THR A 315 -7.50 -8.92 -13.09
CA THR A 315 -7.74 -10.10 -13.88
C THR A 315 -8.67 -9.75 -15.04
N LEU A 316 -8.37 -10.31 -16.22
CA LEU A 316 -9.23 -10.14 -17.40
C LEU A 316 -9.11 -11.42 -18.22
N LYS A 317 -10.16 -12.24 -18.15
CA LYS A 317 -10.16 -13.55 -18.81
C LYS A 317 -10.69 -13.41 -20.24
N LEU A 318 -9.93 -13.94 -21.20
CA LEU A 318 -10.32 -13.94 -22.59
C LEU A 318 -10.71 -15.36 -22.99
N ALA A 319 -11.93 -15.52 -23.50
CA ALA A 319 -12.45 -16.83 -23.83
C ALA A 319 -11.69 -17.44 -25.00
N THR A 320 -11.42 -18.75 -24.91
CA THR A 320 -10.78 -19.50 -25.98
C THR A 320 -11.54 -20.80 -26.25
N GLY A 321 -12.86 -20.80 -26.00
CA GLY A 321 -13.67 -21.98 -26.24
C GLY A 321 -15.14 -21.61 -26.18
N MET A 322 -15.97 -22.57 -26.56
CA MET A 322 -17.41 -22.34 -26.58
C MET A 322 -17.94 -22.25 -25.15
N ARG A 323 -19.23 -21.95 -25.04
CA ARG A 323 -19.89 -21.95 -23.73
C ARG A 323 -19.97 -23.37 -23.19
N ASN A 324 -19.75 -23.50 -21.87
CA ASN A 324 -19.78 -24.81 -21.22
C ASN A 324 -21.21 -25.12 -20.79
N VAL A 325 -21.77 -26.19 -21.36
CA VAL A 325 -23.13 -26.60 -21.12
C VAL A 325 -23.10 -28.04 -20.60
N PRO A 326 -23.67 -28.33 -19.43
CA PRO A 326 -23.53 -29.63 -18.76
C PRO A 326 -24.61 -30.64 -19.13
N LEU B 2 -26.23 -16.39 -30.39
CA LEU B 2 -26.97 -15.55 -31.33
C LEU B 2 -27.54 -16.37 -32.48
N PHE B 3 -27.12 -17.62 -32.58
CA PHE B 3 -27.56 -18.49 -33.65
C PHE B 3 -28.37 -19.69 -33.17
N GLY B 4 -28.44 -19.92 -31.86
CA GLY B 4 -29.37 -20.87 -31.29
C GLY B 4 -28.85 -22.28 -31.10
N ALA B 5 -27.60 -22.56 -31.44
CA ALA B 5 -27.11 -23.94 -31.39
C ALA B 5 -26.72 -24.35 -29.97
N ILE B 6 -25.67 -23.73 -29.43
CA ILE B 6 -25.25 -24.02 -28.06
C ILE B 6 -26.09 -23.19 -27.11
N ALA B 7 -26.58 -23.83 -26.04
CA ALA B 7 -27.60 -23.26 -25.17
C ALA B 7 -28.83 -22.88 -26.01
N GLY B 8 -29.44 -23.91 -26.59
CA GLY B 8 -30.46 -23.74 -27.60
C GLY B 8 -31.04 -25.07 -28.05
N PHE B 9 -31.22 -25.25 -29.36
CA PHE B 9 -31.80 -26.51 -29.85
C PHE B 9 -30.83 -27.70 -29.76
N ILE B 10 -29.67 -27.59 -29.10
CA ILE B 10 -28.79 -28.74 -28.87
C ILE B 10 -28.89 -29.25 -27.43
N GLU B 11 -29.46 -28.46 -26.52
CA GLU B 11 -29.77 -28.86 -25.16
C GLU B 11 -28.51 -28.95 -24.30
N ASN B 12 -27.65 -29.92 -24.60
CA ASN B 12 -26.55 -30.30 -23.71
C ASN B 12 -25.25 -30.37 -24.49
N GLY B 13 -24.16 -30.49 -23.74
CA GLY B 13 -22.83 -30.70 -24.32
C GLY B 13 -22.31 -32.07 -23.94
N TRP B 14 -21.64 -32.72 -24.87
CA TRP B 14 -21.13 -34.08 -24.65
C TRP B 14 -19.81 -33.98 -23.91
N GLU B 15 -19.85 -34.10 -22.59
CA GLU B 15 -18.63 -34.18 -21.78
C GLU B 15 -18.07 -35.58 -21.95
N GLY B 16 -17.02 -35.71 -22.77
CA GLY B 16 -16.49 -37.01 -23.12
C GLY B 16 -15.97 -37.08 -24.55
N MET B 17 -16.21 -36.03 -25.33
CA MET B 17 -15.59 -35.89 -26.64
C MET B 17 -14.19 -35.30 -26.43
N ILE B 18 -13.20 -36.18 -26.31
CA ILE B 18 -11.82 -35.77 -26.12
C ILE B 18 -11.05 -35.68 -27.42
N ASP B 19 -11.69 -35.95 -28.55
CA ASP B 19 -11.02 -35.96 -29.85
C ASP B 19 -11.16 -34.64 -30.60
N GLY B 20 -12.30 -33.97 -30.49
CA GLY B 20 -12.51 -32.73 -31.20
C GLY B 20 -13.59 -31.90 -30.55
N TRP B 21 -13.75 -30.68 -31.08
CA TRP B 21 -14.74 -29.76 -30.52
C TRP B 21 -16.17 -30.12 -30.94
N TYR B 22 -16.34 -30.58 -32.17
CA TYR B 22 -17.65 -30.99 -32.67
C TYR B 22 -17.55 -32.39 -33.27
N GLY B 23 -18.69 -33.07 -33.30
CA GLY B 23 -18.69 -34.43 -33.83
C GLY B 23 -20.10 -34.97 -33.96
N PHE B 24 -20.16 -36.25 -34.33
CA PHE B 24 -21.42 -36.94 -34.56
C PHE B 24 -21.56 -38.12 -33.61
N ARG B 25 -22.80 -38.38 -33.19
CA ARG B 25 -23.15 -39.59 -32.46
C ARG B 25 -24.32 -40.26 -33.17
N HIS B 26 -24.18 -41.53 -33.49
CA HIS B 26 -25.17 -42.26 -34.27
C HIS B 26 -25.66 -43.48 -33.49
N GLN B 27 -26.95 -43.77 -33.62
CA GLN B 27 -27.56 -44.98 -33.09
C GLN B 27 -27.94 -45.88 -34.26
N ASN B 28 -27.41 -47.09 -34.27
CA ASN B 28 -27.52 -47.95 -35.43
C ASN B 28 -27.84 -49.38 -35.00
N SER B 29 -28.23 -50.20 -35.98
CA SER B 29 -28.48 -51.61 -35.71
C SER B 29 -27.21 -52.31 -35.23
N GLU B 30 -26.08 -52.01 -35.86
CA GLU B 30 -24.81 -52.59 -35.41
C GLU B 30 -24.45 -52.10 -34.01
N GLY B 31 -24.67 -50.82 -33.73
CA GLY B 31 -24.40 -50.29 -32.42
C GLY B 31 -24.19 -48.79 -32.47
N THR B 32 -24.05 -48.21 -31.28
CA THR B 32 -23.81 -46.78 -31.17
C THR B 32 -22.33 -46.47 -31.35
N GLY B 33 -22.05 -45.24 -31.81
CA GLY B 33 -20.68 -44.81 -32.02
C GLY B 33 -20.57 -43.31 -31.90
N GLN B 34 -19.33 -42.84 -31.90
CA GLN B 34 -19.04 -41.41 -31.76
C GLN B 34 -17.82 -41.08 -32.60
N ALA B 35 -17.85 -39.89 -33.22
CA ALA B 35 -16.74 -39.41 -34.03
C ALA B 35 -16.57 -37.92 -33.79
N ALA B 36 -15.56 -37.34 -34.44
CA ALA B 36 -15.27 -35.92 -34.33
C ALA B 36 -15.05 -35.33 -35.72
N ASP B 37 -15.47 -34.09 -35.89
CA ASP B 37 -15.31 -33.38 -37.15
C ASP B 37 -14.12 -32.44 -37.04
N LEU B 38 -13.09 -32.68 -37.86
CA LEU B 38 -11.88 -31.88 -37.80
C LEU B 38 -12.05 -30.51 -38.46
N LYS B 39 -12.88 -30.42 -39.52
CA LYS B 39 -12.98 -29.18 -40.28
C LYS B 39 -13.52 -28.04 -39.43
N SER B 40 -14.64 -28.27 -38.75
CA SER B 40 -15.24 -27.22 -37.93
C SER B 40 -14.39 -26.91 -36.71
N THR B 41 -13.80 -27.93 -36.08
CA THR B 41 -12.95 -27.72 -34.92
C THR B 41 -11.72 -26.91 -35.29
N GLN B 42 -11.06 -27.24 -36.41
CA GLN B 42 -9.90 -26.48 -36.83
C GLN B 42 -10.28 -25.09 -37.30
N ALA B 43 -11.47 -24.94 -37.88
CA ALA B 43 -11.94 -23.60 -38.27
C ALA B 43 -12.15 -22.72 -37.05
N ALA B 44 -12.78 -23.27 -36.00
CA ALA B 44 -12.94 -22.50 -34.77
C ALA B 44 -11.61 -22.23 -34.10
N ILE B 45 -10.72 -23.23 -34.07
CA ILE B 45 -9.41 -23.05 -33.45
C ILE B 45 -8.60 -21.99 -34.19
N ASP B 46 -8.67 -21.99 -35.52
CA ASP B 46 -7.99 -20.97 -36.30
C ASP B 46 -8.58 -19.58 -36.07
N GLN B 47 -9.81 -19.49 -35.58
CA GLN B 47 -10.42 -18.19 -35.30
C GLN B 47 -10.12 -17.71 -33.90
N ILE B 48 -10.18 -18.60 -32.90
CA ILE B 48 -9.77 -18.22 -31.54
C ILE B 48 -8.30 -17.83 -31.53
N ASN B 49 -7.45 -18.60 -32.22
CA ASN B 49 -6.12 -18.13 -32.55
C ASN B 49 -6.24 -17.00 -33.58
N GLY B 50 -5.23 -16.13 -33.61
CA GLY B 50 -5.33 -14.95 -34.43
C GLY B 50 -6.03 -13.84 -33.67
N LYS B 51 -7.25 -14.09 -33.21
CA LYS B 51 -7.83 -13.26 -32.16
C LYS B 51 -6.89 -13.17 -30.96
N LEU B 52 -6.36 -14.32 -30.55
CA LEU B 52 -5.38 -14.34 -29.47
C LEU B 52 -4.11 -13.61 -29.88
N ASN B 53 -3.65 -13.82 -31.12
CA ASN B 53 -2.37 -13.24 -31.54
C ASN B 53 -2.49 -11.74 -31.79
N ARG B 54 -3.64 -11.28 -32.32
CA ARG B 54 -3.82 -9.86 -32.52
C ARG B 54 -3.86 -9.11 -31.20
N VAL B 55 -4.31 -9.78 -30.14
CA VAL B 55 -4.35 -9.18 -28.81
C VAL B 55 -3.02 -9.34 -28.08
N ILE B 56 -2.32 -10.46 -28.30
CA ILE B 56 -1.12 -10.77 -27.53
C ILE B 56 0.15 -10.16 -28.08
N GLU B 57 0.10 -9.57 -29.28
CA GLU B 57 1.31 -9.06 -29.91
C GLU B 57 1.89 -7.89 -29.14
N LYS B 58 3.22 -7.87 -29.02
CA LYS B 58 3.90 -6.81 -28.28
C LYS B 58 3.74 -5.47 -28.98
N THR B 59 3.47 -4.43 -28.20
CA THR B 59 3.12 -3.16 -28.82
C THR B 59 3.96 -1.97 -28.36
N ASN B 60 4.29 -1.87 -27.07
CA ASN B 60 4.89 -0.67 -26.52
C ASN B 60 6.25 -0.96 -25.91
N GLU B 61 7.23 -0.10 -26.22
CA GLU B 61 8.58 -0.18 -25.68
C GLU B 61 8.97 1.24 -25.25
N LYS B 62 8.81 1.54 -23.97
CA LYS B 62 9.05 2.87 -23.44
C LYS B 62 10.24 2.84 -22.50
N PHE B 63 11.10 3.85 -22.60
CA PHE B 63 12.36 3.88 -21.85
C PHE B 63 12.42 5.01 -20.82
N HIS B 64 12.31 6.26 -21.26
CA HIS B 64 12.39 7.40 -20.35
C HIS B 64 11.07 8.16 -20.39
N GLN B 65 10.51 8.41 -19.21
CA GLN B 65 9.17 8.94 -19.09
C GLN B 65 9.18 9.99 -17.98
N ILE B 66 7.99 10.38 -17.53
CA ILE B 66 7.88 11.28 -16.39
C ILE B 66 7.94 10.48 -15.10
N GLU B 67 8.27 11.18 -14.01
CA GLU B 67 8.18 10.57 -12.69
C GLU B 67 6.72 10.33 -12.32
N LYS B 68 6.49 9.31 -11.50
CA LYS B 68 5.14 8.94 -11.11
C LYS B 68 4.96 8.79 -9.61
N GLU B 69 6.01 9.00 -8.82
CA GLU B 69 5.94 8.99 -7.36
C GLU B 69 6.78 10.14 -6.84
N PHE B 70 6.27 10.83 -5.81
CA PHE B 70 6.90 12.04 -5.32
C PHE B 70 7.02 12.02 -3.81
N SER B 71 8.13 12.55 -3.30
CA SER B 71 8.44 12.55 -1.88
C SER B 71 8.17 13.88 -1.20
N GLU B 72 7.92 14.94 -1.96
CA GLU B 72 7.66 16.26 -1.42
C GLU B 72 6.49 16.87 -2.20
N VAL B 73 5.61 17.59 -1.49
CA VAL B 73 4.52 18.28 -2.16
C VAL B 73 5.08 19.50 -2.88
N GLU B 74 4.64 19.70 -4.11
CA GLU B 74 5.23 20.75 -4.94
C GLU B 74 4.20 21.72 -5.51
N GLY B 75 3.04 21.22 -5.92
CA GLY B 75 2.02 22.09 -6.47
C GLY B 75 1.68 21.84 -7.93
N ARG B 76 1.86 22.88 -8.76
CA ARG B 76 1.29 22.87 -10.11
C ARG B 76 1.86 21.73 -10.97
N ILE B 77 3.19 21.63 -11.05
CA ILE B 77 3.80 20.67 -11.96
C ILE B 77 3.49 19.25 -11.53
N GLN B 78 3.55 18.98 -10.22
CA GLN B 78 3.22 17.65 -9.72
C GLN B 78 1.75 17.31 -9.97
N ASP B 79 0.87 18.29 -9.80
CA ASP B 79 -0.55 18.05 -10.07
C ASP B 79 -0.78 17.68 -11.53
N LEU B 80 -0.09 18.36 -12.45
CA LEU B 80 -0.19 18.01 -13.86
C LEU B 80 0.33 16.61 -14.13
N GLU B 81 1.48 16.26 -13.55
CA GLU B 81 2.06 14.94 -13.79
C GLU B 81 1.18 13.83 -13.25
N LYS B 82 0.57 14.04 -12.08
CA LYS B 82 -0.34 13.04 -11.53
C LYS B 82 -1.60 12.93 -12.37
N TYR B 83 -2.14 14.06 -12.84
CA TYR B 83 -3.35 14.03 -13.66
C TYR B 83 -3.10 13.30 -14.98
N VAL B 84 -1.94 13.53 -15.60
CA VAL B 84 -1.63 12.90 -16.88
C VAL B 84 -1.57 11.38 -16.72
N GLU B 85 -0.88 10.90 -15.68
CA GLU B 85 -0.78 9.46 -15.45
C GLU B 85 -2.13 8.86 -15.13
N ASP B 86 -2.93 9.55 -14.30
CA ASP B 86 -4.26 9.05 -13.98
C ASP B 86 -5.15 8.97 -15.22
N THR B 87 -5.09 9.99 -16.08
CA THR B 87 -5.88 9.98 -17.30
C THR B 87 -5.48 8.82 -18.22
N LYS B 88 -4.18 8.58 -18.35
CA LYS B 88 -3.69 7.50 -19.19
C LYS B 88 -4.16 6.14 -18.68
N VAL B 89 -4.02 5.90 -17.37
CA VAL B 89 -4.36 4.60 -16.80
C VAL B 89 -5.85 4.32 -16.94
N ASP B 90 -6.68 5.32 -16.69
CA ASP B 90 -8.13 5.13 -16.78
C ASP B 90 -8.56 4.81 -18.20
N LEU B 91 -7.93 5.47 -19.19
CA LEU B 91 -8.29 5.23 -20.59
C LEU B 91 -7.92 3.82 -21.04
N TRP B 92 -6.71 3.37 -20.69
CA TRP B 92 -6.29 2.03 -21.08
C TRP B 92 -7.11 0.96 -20.36
N SER B 93 -7.47 1.22 -19.10
CA SER B 93 -8.31 0.27 -18.36
C SER B 93 -9.66 0.10 -19.04
N TYR B 94 -10.25 1.20 -19.53
CA TYR B 94 -11.47 1.09 -20.31
C TYR B 94 -11.24 0.29 -21.58
N ASN B 95 -10.12 0.54 -22.26
CA ASN B 95 -9.82 -0.17 -23.50
C ASN B 95 -9.66 -1.68 -23.23
N ALA B 96 -9.00 -2.04 -22.14
CA ALA B 96 -8.83 -3.45 -21.80
C ALA B 96 -10.17 -4.10 -21.47
N GLU B 97 -11.04 -3.40 -20.74
CA GLU B 97 -12.33 -3.97 -20.37
C GLU B 97 -13.23 -4.14 -21.60
N LEU B 98 -13.31 -3.12 -22.44
CA LEU B 98 -14.17 -3.20 -23.62
C LEU B 98 -13.65 -4.26 -24.60
N LEU B 99 -12.33 -4.35 -24.76
CA LEU B 99 -11.76 -5.33 -25.67
C LEU B 99 -12.13 -6.75 -25.26
N VAL B 100 -12.01 -7.06 -23.96
CA VAL B 100 -12.31 -8.41 -23.48
C VAL B 100 -13.80 -8.72 -23.67
N ALA B 101 -14.67 -7.76 -23.36
CA ALA B 101 -16.10 -7.99 -23.50
C ALA B 101 -16.50 -8.22 -24.95
N LEU B 102 -15.89 -7.48 -25.88
CA LEU B 102 -16.25 -7.60 -27.29
C LEU B 102 -15.75 -8.91 -27.89
N GLU B 103 -14.49 -9.27 -27.60
CA GLU B 103 -13.93 -10.52 -28.13
C GLU B 103 -14.69 -11.73 -27.60
N ASN B 104 -15.01 -11.73 -26.31
CA ASN B 104 -15.70 -12.88 -25.73
C ASN B 104 -17.09 -13.06 -26.32
N GLN B 105 -17.78 -11.95 -26.59
CA GLN B 105 -19.09 -12.04 -27.24
C GLN B 105 -18.98 -12.64 -28.63
N HIS B 106 -17.97 -12.22 -29.39
CA HIS B 106 -17.80 -12.78 -30.74
C HIS B 106 -17.34 -14.23 -30.70
N THR B 107 -16.58 -14.61 -29.68
CA THR B 107 -16.14 -16.00 -29.56
C THR B 107 -17.34 -16.93 -29.30
N ILE B 108 -18.27 -16.51 -28.45
CA ILE B 108 -19.48 -17.29 -28.23
C ILE B 108 -20.29 -17.38 -29.53
N ASP B 109 -20.40 -16.27 -30.24
CA ASP B 109 -21.23 -16.24 -31.44
C ASP B 109 -20.65 -17.10 -32.56
N LEU B 110 -19.33 -17.04 -32.76
CA LEU B 110 -18.74 -17.80 -33.87
C LEU B 110 -18.80 -19.30 -33.61
N THR B 111 -18.81 -19.72 -32.34
CA THR B 111 -18.92 -21.14 -32.05
C THR B 111 -20.33 -21.66 -32.29
N ASP B 112 -21.35 -20.82 -32.09
CA ASP B 112 -22.70 -21.17 -32.54
C ASP B 112 -22.75 -21.30 -34.06
N SER B 113 -22.10 -20.37 -34.77
CA SER B 113 -22.16 -20.36 -36.23
C SER B 113 -21.60 -21.65 -36.80
N GLU B 114 -20.41 -22.06 -36.34
CA GLU B 114 -19.77 -23.25 -36.88
C GLU B 114 -20.61 -24.49 -36.59
N MET B 115 -21.27 -24.53 -35.43
CA MET B 115 -22.16 -25.65 -35.13
C MET B 115 -23.42 -25.61 -35.98
N ASN B 116 -24.06 -24.43 -36.09
CA ASN B 116 -25.26 -24.31 -36.91
C ASN B 116 -24.95 -24.56 -38.38
N LYS B 117 -23.74 -24.21 -38.82
CA LYS B 117 -23.37 -24.44 -40.22
C LYS B 117 -23.17 -25.92 -40.50
N LEU B 118 -22.66 -26.67 -39.52
CA LEU B 118 -22.54 -28.12 -39.69
C LEU B 118 -23.92 -28.78 -39.71
N PHE B 119 -24.83 -28.35 -38.85
CA PHE B 119 -26.18 -28.89 -38.84
C PHE B 119 -26.90 -28.59 -40.15
N GLU B 120 -26.80 -27.35 -40.64
CA GLU B 120 -27.48 -26.99 -41.88
C GLU B 120 -26.85 -27.69 -43.07
N LYS B 121 -25.54 -27.93 -43.05
CA LYS B 121 -24.91 -28.67 -44.13
C LYS B 121 -25.42 -30.11 -44.18
N THR B 122 -25.56 -30.74 -43.01
CA THR B 122 -26.06 -32.12 -42.98
C THR B 122 -27.51 -32.19 -43.46
N ARG B 123 -28.35 -31.23 -43.06
CA ARG B 123 -29.75 -31.25 -43.48
C ARG B 123 -29.88 -31.06 -44.98
N ARG B 124 -29.05 -30.19 -45.57
CA ARG B 124 -29.04 -30.02 -47.01
C ARG B 124 -28.44 -31.23 -47.72
N GLN B 125 -27.60 -31.99 -47.04
CA GLN B 125 -27.00 -33.18 -47.65
C GLN B 125 -27.99 -34.34 -47.69
N LEU B 126 -28.68 -34.59 -46.56
CA LEU B 126 -29.77 -35.56 -46.51
C LEU B 126 -31.06 -34.83 -46.87
N ARG B 127 -31.27 -34.64 -48.18
CA ARG B 127 -32.34 -33.77 -48.68
C ARG B 127 -33.71 -34.22 -48.21
N GLU B 128 -34.16 -35.38 -48.67
CA GLU B 128 -35.44 -35.93 -48.26
C GLU B 128 -35.31 -37.29 -47.62
N ASN B 129 -34.10 -37.84 -47.53
CA ASN B 129 -33.89 -39.14 -46.92
C ASN B 129 -34.07 -39.11 -45.41
N ALA B 130 -34.04 -37.92 -44.80
CA ALA B 130 -34.19 -37.77 -43.36
C ALA B 130 -34.91 -36.46 -43.09
N GLU B 131 -35.23 -36.22 -41.82
CA GLU B 131 -35.90 -34.98 -41.43
C GLU B 131 -35.58 -34.69 -39.98
N ASP B 132 -35.87 -33.45 -39.57
CA ASP B 132 -35.44 -32.92 -38.28
C ASP B 132 -36.15 -33.60 -37.12
N MET B 133 -35.62 -33.39 -35.93
CA MET B 133 -36.23 -33.87 -34.69
C MET B 133 -36.34 -32.80 -33.61
N GLY B 134 -35.62 -31.69 -33.70
CA GLY B 134 -35.74 -30.62 -32.73
C GLY B 134 -34.78 -30.67 -31.56
N ASN B 135 -33.77 -31.55 -31.61
CA ASN B 135 -32.78 -31.65 -30.55
C ASN B 135 -31.36 -31.68 -31.10
N GLY B 136 -31.17 -31.27 -32.36
CA GLY B 136 -29.89 -31.41 -33.01
C GLY B 136 -29.65 -32.75 -33.65
N CYS B 137 -30.63 -33.64 -33.64
CA CYS B 137 -30.50 -34.98 -34.20
C CYS B 137 -31.28 -35.08 -35.50
N PHE B 138 -31.07 -36.20 -36.21
CA PHE B 138 -31.73 -36.48 -37.47
C PHE B 138 -32.32 -37.88 -37.43
N LYS B 139 -33.59 -38.01 -37.80
CA LYS B 139 -34.21 -39.32 -37.99
C LYS B 139 -34.03 -39.74 -39.44
N ILE B 140 -33.08 -40.63 -39.69
CA ILE B 140 -32.84 -41.14 -41.03
C ILE B 140 -33.84 -42.26 -41.29
N TYR B 141 -34.56 -42.15 -42.41
CA TYR B 141 -35.67 -43.06 -42.72
C TYR B 141 -35.25 -44.22 -43.61
N HIS B 142 -34.01 -44.69 -43.48
CA HIS B 142 -33.56 -45.85 -44.23
C HIS B 142 -32.44 -46.54 -43.45
N LYS B 143 -32.12 -47.75 -43.86
CA LYS B 143 -31.06 -48.51 -43.20
C LYS B 143 -29.71 -47.89 -43.52
N CYS B 144 -28.94 -47.59 -42.47
CA CYS B 144 -27.67 -46.87 -42.61
C CYS B 144 -26.64 -47.55 -41.72
N ASP B 145 -25.75 -48.34 -42.32
CA ASP B 145 -24.76 -49.11 -41.58
C ASP B 145 -23.59 -48.22 -41.20
N ASN B 146 -22.51 -48.83 -40.69
CA ASN B 146 -21.35 -48.05 -40.27
C ASN B 146 -20.68 -47.34 -41.43
N ALA B 147 -20.52 -48.04 -42.56
CA ALA B 147 -19.96 -47.39 -43.75
C ALA B 147 -20.89 -46.30 -44.26
N CYS B 148 -22.20 -46.48 -44.08
CA CYS B 148 -23.16 -45.43 -44.44
C CYS B 148 -22.94 -44.17 -43.61
N ILE B 149 -22.75 -44.33 -42.30
CA ILE B 149 -22.53 -43.18 -41.44
C ILE B 149 -21.22 -42.47 -41.79
N GLU B 150 -20.15 -43.24 -42.01
CA GLU B 150 -18.87 -42.65 -42.37
C GLU B 150 -18.94 -41.87 -43.68
N SER B 151 -19.81 -42.31 -44.60
CA SER B 151 -20.02 -41.56 -45.84
C SER B 151 -20.70 -40.22 -45.57
N ILE B 152 -21.60 -40.17 -44.58
CA ILE B 152 -22.23 -38.90 -44.21
C ILE B 152 -21.20 -37.95 -43.59
N ARG B 153 -20.39 -38.47 -42.67
CA ARG B 153 -19.38 -37.65 -42.01
C ARG B 153 -18.33 -37.16 -43.00
N ASN B 154 -17.92 -38.02 -43.93
CA ASN B 154 -16.97 -37.59 -44.95
C ASN B 154 -17.56 -36.54 -45.88
N GLY B 155 -18.88 -36.57 -46.09
CA GLY B 155 -19.50 -35.74 -47.09
C GLY B 155 -19.68 -36.40 -48.44
N THR B 156 -19.45 -37.72 -48.52
CA THR B 156 -19.61 -38.47 -49.76
C THR B 156 -20.91 -39.26 -49.79
N TYR B 157 -21.92 -38.79 -49.08
CA TYR B 157 -23.23 -39.45 -49.03
C TYR B 157 -24.03 -39.16 -50.29
N ASP B 158 -24.63 -40.21 -50.86
CA ASP B 158 -25.49 -40.09 -52.03
C ASP B 158 -26.93 -40.36 -51.61
N HIS B 159 -27.82 -39.43 -51.94
CA HIS B 159 -29.21 -39.54 -51.50
C HIS B 159 -30.10 -40.30 -52.47
N ASP B 160 -29.66 -40.51 -53.71
CA ASP B 160 -30.50 -41.24 -54.67
C ASP B 160 -30.49 -42.75 -54.37
N ILE B 161 -29.42 -43.26 -53.78
CA ILE B 161 -29.34 -44.68 -53.46
C ILE B 161 -30.39 -45.09 -52.44
N TYR B 162 -30.89 -44.14 -51.65
CA TYR B 162 -31.91 -44.41 -50.65
C TYR B 162 -33.16 -43.55 -50.81
N ARG B 163 -33.32 -42.88 -51.95
CA ARG B 163 -34.40 -41.90 -52.10
C ARG B 163 -35.77 -42.57 -52.01
N ASP B 164 -36.00 -43.63 -52.81
CA ASP B 164 -37.30 -44.28 -52.81
C ASP B 164 -37.59 -44.96 -51.48
N GLU B 165 -36.59 -45.60 -50.89
CA GLU B 165 -36.80 -46.30 -49.61
C GLU B 165 -37.19 -45.32 -48.52
N ALA B 166 -36.51 -44.18 -48.44
CA ALA B 166 -36.79 -43.22 -47.37
C ALA B 166 -38.10 -42.48 -47.60
N LEU B 167 -38.42 -42.17 -48.86
CA LEU B 167 -39.65 -41.45 -49.16
C LEU B 167 -40.88 -42.28 -48.79
N ASN B 168 -40.85 -43.58 -49.08
CA ASN B 168 -41.96 -44.45 -48.71
C ASN B 168 -42.09 -44.56 -47.19
N ASN B 169 -40.96 -44.62 -46.48
CA ASN B 169 -41.01 -44.71 -45.02
C ASN B 169 -41.51 -43.42 -44.37
N ARG B 170 -41.37 -42.28 -45.06
CA ARG B 170 -41.79 -40.99 -44.54
C ARG B 170 -43.26 -40.69 -44.84
N PHE B 171 -43.72 -41.11 -46.02
CA PHE B 171 -45.06 -40.76 -46.50
C PHE B 171 -45.84 -42.02 -46.86
N GLN B 172 -46.95 -41.85 -47.56
CA GLN B 172 -47.71 -42.98 -48.06
C GLN B 172 -47.24 -43.40 -49.44
N SER C 10 -36.34 -32.73 -69.71
CA SER C 10 -36.15 -31.31 -69.51
C SER C 10 -37.41 -30.67 -68.94
N SER C 11 -38.12 -31.42 -68.10
CA SER C 11 -39.25 -30.90 -67.34
C SER C 11 -38.82 -30.29 -66.02
N THR C 12 -37.52 -30.08 -65.82
CA THR C 12 -36.97 -29.49 -64.62
C THR C 12 -36.21 -28.21 -64.98
N ALA C 13 -35.73 -27.52 -63.94
CA ALA C 13 -34.93 -26.32 -64.13
C ALA C 13 -34.00 -26.17 -62.94
N THR C 14 -32.90 -25.46 -63.17
CA THR C 14 -31.90 -25.19 -62.15
C THR C 14 -31.84 -23.69 -61.90
N LEU C 15 -31.84 -23.30 -60.62
CA LEU C 15 -31.72 -21.90 -60.23
C LEU C 15 -30.65 -21.78 -59.16
N CYS C 16 -29.60 -21.03 -59.47
CA CYS C 16 -28.46 -20.87 -58.57
C CYS C 16 -28.37 -19.43 -58.09
N LEU C 17 -27.89 -19.25 -56.86
CA LEU C 17 -27.66 -17.95 -56.27
C LEU C 17 -26.18 -17.79 -55.99
N GLY C 18 -25.68 -16.56 -56.18
CA GLY C 18 -24.26 -16.31 -56.01
C GLY C 18 -23.97 -14.85 -55.84
N HIS C 19 -22.67 -14.55 -55.72
CA HIS C 19 -22.18 -13.20 -55.51
C HIS C 19 -21.04 -12.94 -56.47
N HIS C 20 -20.73 -11.66 -56.68
CA HIS C 20 -19.71 -11.29 -57.64
C HIS C 20 -18.32 -11.60 -57.10
N SER C 21 -17.40 -11.86 -58.01
CA SER C 21 -15.98 -11.93 -57.73
C SER C 21 -15.26 -10.91 -58.60
N VAL C 22 -14.05 -10.54 -58.19
CA VAL C 22 -13.27 -9.59 -58.97
C VAL C 22 -11.92 -10.21 -59.28
N PRO C 23 -11.32 -9.90 -60.44
CA PRO C 23 -10.02 -10.51 -60.78
C PRO C 23 -8.91 -10.13 -59.82
N ASN C 24 -9.06 -9.02 -59.10
CA ASN C 24 -8.01 -8.52 -58.20
C ASN C 24 -8.67 -8.00 -56.93
N GLY C 25 -8.41 -8.66 -55.81
CA GLY C 25 -8.94 -8.23 -54.53
C GLY C 25 -7.97 -7.34 -53.78
N THR C 26 -8.29 -7.08 -52.52
CA THR C 26 -7.45 -6.28 -51.65
C THR C 26 -7.43 -6.92 -50.26
N ILE C 27 -6.26 -6.89 -49.63
CA ILE C 27 -6.05 -7.54 -48.34
C ILE C 27 -6.37 -6.56 -47.22
N VAL C 28 -7.19 -7.00 -46.26
CA VAL C 28 -7.59 -6.20 -45.12
C VAL C 28 -7.33 -6.99 -43.84
N LYS C 29 -7.58 -6.35 -42.70
CA LYS C 29 -7.36 -6.94 -41.39
C LYS C 29 -8.68 -7.02 -40.65
N THR C 30 -9.10 -8.24 -40.30
CA THR C 30 -10.28 -8.46 -39.48
C THR C 30 -9.85 -8.82 -38.06
N ILE C 31 -10.83 -9.21 -37.24
CA ILE C 31 -10.54 -9.60 -35.86
C ILE C 31 -10.07 -11.05 -35.80
N THR C 32 -10.75 -11.95 -36.51
CA THR C 32 -10.39 -13.36 -36.49
C THR C 32 -9.25 -13.71 -37.45
N ASP C 33 -8.89 -12.81 -38.36
CA ASP C 33 -7.85 -13.10 -39.34
C ASP C 33 -7.03 -11.83 -39.60
N ASP C 34 -5.80 -12.05 -40.06
CA ASP C 34 -4.87 -10.95 -40.33
C ASP C 34 -4.68 -10.68 -41.81
N GLN C 35 -4.90 -11.67 -42.69
CA GLN C 35 -4.75 -11.51 -44.13
C GLN C 35 -5.95 -12.15 -44.82
N ILE C 36 -6.97 -11.35 -45.09
CA ILE C 36 -8.17 -11.81 -45.78
C ILE C 36 -8.46 -10.85 -46.94
N GLU C 37 -8.89 -11.41 -48.06
CA GLU C 37 -9.05 -10.66 -49.30
C GLU C 37 -10.51 -10.27 -49.49
N VAL C 38 -10.73 -9.01 -49.85
CA VAL C 38 -12.07 -8.49 -50.14
C VAL C 38 -12.06 -7.86 -51.52
N THR C 39 -13.26 -7.71 -52.10
CA THR C 39 -13.38 -7.21 -53.46
C THR C 39 -12.88 -5.78 -53.57
N ASN C 40 -13.32 -4.90 -52.67
CA ASN C 40 -12.95 -3.50 -52.67
C ASN C 40 -12.56 -3.07 -51.26
N ALA C 41 -11.66 -2.10 -51.20
CA ALA C 41 -11.23 -1.54 -49.93
C ALA C 41 -10.74 -0.11 -50.15
N THR C 42 -10.69 0.66 -49.06
CA THR C 42 -10.27 2.05 -49.11
C THR C 42 -9.24 2.32 -48.02
N GLU C 43 -8.44 3.35 -48.25
CA GLU C 43 -7.33 3.70 -47.37
C GLU C 43 -7.76 4.78 -46.38
N LEU C 44 -7.50 4.55 -45.09
CA LEU C 44 -7.90 5.47 -44.04
C LEU C 44 -6.77 6.34 -43.52
N VAL C 45 -5.54 6.12 -43.97
CA VAL C 45 -4.37 6.84 -43.46
C VAL C 45 -3.73 7.60 -44.62
N GLN C 46 -3.53 8.90 -44.42
CA GLN C 46 -2.88 9.75 -45.41
C GLN C 46 -1.39 9.78 -45.10
N ASN C 47 -0.58 9.22 -46.01
CA ASN C 47 0.86 9.07 -45.78
C ASN C 47 1.71 9.84 -46.79
N SER C 48 1.16 10.90 -47.39
CA SER C 48 1.90 11.72 -48.33
C SER C 48 1.54 13.17 -48.13
N SER C 49 2.49 14.05 -48.46
CA SER C 49 2.28 15.49 -48.43
C SER C 49 2.70 16.08 -49.76
N THR C 50 2.00 17.13 -50.18
CA THR C 50 2.34 17.79 -51.43
C THR C 50 3.66 18.56 -51.33
N GLY C 51 4.04 18.97 -50.12
CA GLY C 51 5.21 19.78 -49.92
C GLY C 51 5.01 21.26 -50.14
N LYS C 52 3.87 21.66 -50.72
CA LYS C 52 3.55 23.06 -50.96
C LYS C 52 2.54 23.48 -49.91
N ILE C 53 2.93 24.40 -49.03
CA ILE C 53 2.00 24.92 -48.02
C ILE C 53 1.01 25.85 -48.73
N CYS C 54 -0.25 25.45 -48.79
CA CYS C 54 -1.27 26.28 -49.43
C CYS C 54 -1.50 27.55 -48.62
N ASN C 55 -1.64 28.66 -49.33
CA ASN C 55 -1.84 29.96 -48.69
C ASN C 55 -3.29 30.28 -48.41
N ASN C 56 -4.21 29.36 -48.69
CA ASN C 56 -5.63 29.52 -48.42
C ASN C 56 -6.17 28.25 -47.77
N PRO C 57 -7.20 28.38 -46.91
CA PRO C 57 -7.89 29.61 -46.54
C PRO C 57 -7.24 30.38 -45.39
N HIS C 58 -6.30 29.76 -44.69
CA HIS C 58 -5.64 30.43 -43.58
C HIS C 58 -4.67 31.49 -44.10
N LYS C 59 -4.41 32.49 -43.26
CA LYS C 59 -3.47 33.56 -43.59
C LYS C 59 -2.09 33.14 -43.08
N VAL C 60 -1.23 32.70 -43.99
CA VAL C 60 0.10 32.22 -43.66
C VAL C 60 1.10 33.36 -43.87
N LEU C 61 1.89 33.65 -42.85
CA LEU C 61 2.92 34.68 -42.91
C LEU C 61 4.28 34.03 -42.86
N ASP C 62 5.11 34.31 -43.85
CA ASP C 62 6.44 33.70 -43.98
C ASP C 62 7.48 34.65 -43.42
N GLY C 63 8.11 34.26 -42.32
CA GLY C 63 9.26 34.98 -41.82
C GLY C 63 10.54 34.46 -42.44
N ARG C 64 11.02 35.17 -43.46
CA ARG C 64 12.11 34.65 -44.29
C ARG C 64 13.35 34.37 -43.46
N ASP C 65 13.93 35.42 -42.87
CA ASP C 65 15.15 35.30 -42.07
C ASP C 65 14.95 35.75 -40.63
N CYS C 66 13.70 35.85 -40.19
CA CYS C 66 13.39 36.42 -38.88
C CYS C 66 12.56 35.45 -38.07
N THR C 67 12.81 35.42 -36.76
CA THR C 67 11.94 34.74 -35.82
C THR C 67 10.84 35.69 -35.36
N LEU C 68 9.88 35.15 -34.60
CA LEU C 68 8.77 35.97 -34.14
C LEU C 68 9.24 37.01 -33.12
N ILE C 69 10.13 36.61 -32.21
CA ILE C 69 10.63 37.55 -31.20
C ILE C 69 11.44 38.66 -31.86
N ASP C 70 12.28 38.31 -32.84
CA ASP C 70 13.06 39.33 -33.53
C ASP C 70 12.17 40.33 -34.24
N ALA C 71 11.13 39.85 -34.93
CA ALA C 71 10.18 40.75 -35.57
C ALA C 71 9.41 41.57 -34.55
N MET C 72 9.01 40.95 -33.44
CA MET C 72 8.35 41.69 -32.37
C MET C 72 9.28 42.75 -31.78
N LEU C 73 10.54 42.40 -31.56
CA LEU C 73 11.48 43.36 -30.97
C LEU C 73 11.74 44.53 -31.89
N GLY C 74 11.88 44.28 -33.19
CA GLY C 74 12.15 45.35 -34.13
C GLY C 74 13.55 45.32 -34.71
N ASP C 75 14.05 44.13 -35.00
CA ASP C 75 15.35 43.99 -35.64
C ASP C 75 15.33 44.75 -36.97
N PRO C 76 16.39 45.51 -37.29
CA PRO C 76 16.36 46.32 -38.52
C PRO C 76 16.11 45.52 -39.78
N HIS C 77 16.62 44.30 -39.87
CA HIS C 77 16.35 43.46 -41.02
C HIS C 77 15.01 42.72 -40.90
N CYS C 78 14.30 42.92 -39.80
CA CYS C 78 12.96 42.37 -39.60
C CYS C 78 11.90 43.47 -39.63
N ASP C 79 12.24 44.64 -40.17
CA ASP C 79 11.36 45.80 -40.08
C ASP C 79 10.14 45.68 -40.99
N VAL C 80 10.19 44.83 -42.01
CA VAL C 80 9.06 44.67 -42.91
C VAL C 80 7.88 43.98 -42.25
N PHE C 81 8.04 43.49 -41.02
CA PHE C 81 7.01 42.75 -40.31
C PHE C 81 6.26 43.60 -39.29
N GLN C 82 6.43 44.92 -39.33
CA GLN C 82 5.78 45.78 -38.37
C GLN C 82 4.26 45.78 -38.57
N ASP C 83 3.53 45.71 -37.47
CA ASP C 83 2.06 45.75 -37.47
C ASP C 83 1.45 44.65 -38.32
N GLU C 84 2.12 43.50 -38.40
CA GLU C 84 1.65 42.39 -39.20
C GLU C 84 0.70 41.51 -38.39
N LYS C 85 -0.11 40.75 -39.13
CA LYS C 85 -1.04 39.79 -38.54
C LYS C 85 -0.96 38.48 -39.31
N TRP C 86 -1.35 37.39 -38.65
CA TRP C 86 -1.16 36.08 -39.23
C TRP C 86 -2.15 35.11 -38.60
N ASP C 87 -2.55 34.10 -39.38
CA ASP C 87 -3.22 32.93 -38.83
C ASP C 87 -2.23 31.86 -38.43
N LEU C 88 -1.14 31.72 -39.18
CA LEU C 88 -0.06 30.80 -38.86
C LEU C 88 1.26 31.43 -39.25
N PHE C 89 2.14 31.62 -38.27
CA PHE C 89 3.48 32.14 -38.52
C PHE C 89 4.43 30.98 -38.78
N VAL C 90 5.21 31.09 -39.85
CA VAL C 90 6.14 30.04 -40.26
C VAL C 90 7.55 30.53 -40.01
N GLU C 91 8.29 29.82 -39.15
CA GLU C 91 9.65 30.17 -38.79
C GLU C 91 10.61 29.28 -39.56
N ARG C 92 11.44 29.89 -40.40
CA ARG C 92 12.41 29.15 -41.19
C ARG C 92 13.66 28.85 -40.38
N SER C 93 14.35 27.77 -40.75
CA SER C 93 15.57 27.37 -40.06
C SER C 93 16.77 28.22 -40.43
N SER C 94 16.64 29.09 -41.42
CA SER C 94 17.72 29.99 -41.81
C SER C 94 17.67 31.33 -41.09
N ALA C 95 16.73 31.51 -40.16
CA ALA C 95 16.58 32.77 -39.46
C ALA C 95 17.80 33.07 -38.58
N PHE C 96 18.13 34.36 -38.49
CA PHE C 96 19.27 34.82 -37.71
C PHE C 96 18.93 36.15 -37.05
N SER C 97 19.75 36.53 -36.08
CA SER C 97 19.63 37.81 -35.40
C SER C 97 20.80 38.70 -35.82
N ASN C 98 20.50 39.97 -36.07
CA ASN C 98 21.52 40.93 -36.50
C ASN C 98 21.35 42.25 -35.76
N CYS C 99 21.11 42.17 -34.46
CA CYS C 99 20.99 43.36 -33.60
C CYS C 99 21.75 43.08 -32.31
N TYR C 100 21.52 43.92 -31.31
CA TYR C 100 22.25 43.81 -30.06
C TYR C 100 22.01 42.44 -29.43
N PRO C 101 23.05 41.77 -28.93
CA PRO C 101 22.86 40.46 -28.31
C PRO C 101 21.91 40.55 -27.12
N TYR C 102 21.07 39.52 -26.98
CA TYR C 102 20.02 39.56 -25.98
C TYR C 102 19.65 38.13 -25.59
N ASP C 103 18.90 38.03 -24.49
CA ASP C 103 18.29 36.77 -24.08
C ASP C 103 16.96 37.09 -23.41
N VAL C 104 16.01 36.17 -23.53
CA VAL C 104 14.69 36.36 -22.93
C VAL C 104 14.46 35.28 -21.88
N PRO C 105 14.48 35.62 -20.60
CA PRO C 105 14.08 34.64 -19.57
C PRO C 105 12.67 34.15 -19.84
N ASP C 106 12.51 32.82 -19.86
CA ASP C 106 11.27 32.17 -20.26
C ASP C 106 10.89 32.58 -21.69
N TYR C 107 11.80 32.27 -22.62
CA TYR C 107 11.63 32.66 -24.01
C TYR C 107 10.42 31.98 -24.65
N ALA C 108 10.21 30.70 -24.31
CA ALA C 108 9.14 29.93 -24.96
C ALA C 108 7.76 30.49 -24.63
N SER C 109 7.54 30.91 -23.38
CA SER C 109 6.24 31.43 -22.99
C SER C 109 5.92 32.74 -23.72
N LEU C 110 6.92 33.62 -23.84
CA LEU C 110 6.70 34.87 -24.59
C LEU C 110 6.42 34.59 -26.06
N ARG C 111 7.16 33.64 -26.65
CA ARG C 111 6.92 33.28 -28.04
C ARG C 111 5.52 32.68 -28.23
N SER C 112 5.09 31.85 -27.29
CA SER C 112 3.79 31.20 -27.41
C SER C 112 2.64 32.21 -27.33
N LEU C 113 2.70 33.14 -26.38
CA LEU C 113 1.58 34.07 -26.21
C LEU C 113 1.53 35.10 -27.34
N ILE C 114 2.69 35.50 -27.87
CA ILE C 114 2.69 36.36 -29.04
C ILE C 114 2.07 35.64 -30.23
N ALA C 115 2.43 34.36 -30.42
CA ALA C 115 1.88 33.59 -31.52
C ALA C 115 0.37 33.42 -31.41
N SER C 116 -0.12 33.15 -30.19
CA SER C 116 -1.55 32.97 -30.00
C SER C 116 -2.31 34.29 -30.17
N SER C 117 -1.66 35.42 -29.88
CA SER C 117 -2.31 36.72 -30.08
C SER C 117 -2.57 36.96 -31.56
N GLY C 118 -1.64 36.56 -32.42
CA GLY C 118 -1.85 36.61 -33.86
C GLY C 118 -1.62 37.95 -34.50
N THR C 119 -1.10 38.94 -33.78
CA THR C 119 -0.89 40.26 -34.34
C THR C 119 0.34 40.91 -33.71
N LEU C 120 0.89 41.89 -34.42
CA LEU C 120 2.00 42.71 -33.93
C LEU C 120 1.61 44.18 -33.89
N ASP C 121 0.32 44.47 -33.78
CA ASP C 121 -0.16 45.84 -33.78
C ASP C 121 0.40 46.60 -32.59
N PHE C 122 1.13 47.68 -32.86
CA PHE C 122 1.82 48.45 -31.85
C PHE C 122 1.27 49.88 -31.83
N ILE C 123 1.07 50.41 -30.63
CA ILE C 123 0.59 51.77 -30.44
C ILE C 123 1.64 52.52 -29.63
N THR C 124 2.16 53.60 -30.19
CA THR C 124 3.18 54.40 -29.52
C THR C 124 2.54 55.28 -28.46
N GLU C 125 3.13 55.28 -27.26
CA GLU C 125 2.66 56.11 -26.16
C GLU C 125 3.74 57.13 -25.80
N SER C 126 3.30 58.29 -25.31
CA SER C 126 4.19 59.43 -25.08
C SER C 126 4.75 59.34 -23.66
N PHE C 127 5.82 58.58 -23.51
CA PHE C 127 6.56 58.55 -22.26
C PHE C 127 7.43 59.79 -22.13
N THR C 128 7.63 60.22 -20.88
CA THR C 128 8.46 61.38 -20.58
C THR C 128 9.60 60.96 -19.66
N TRP C 129 10.82 60.99 -20.19
CA TRP C 129 12.02 60.61 -19.45
C TRP C 129 12.84 61.87 -19.23
N ALA C 130 12.68 62.48 -18.05
CA ALA C 130 13.32 63.75 -17.73
C ALA C 130 14.74 63.52 -17.23
N GLY C 131 15.69 64.29 -17.76
CA GLY C 131 17.05 64.26 -17.29
C GLY C 131 17.93 63.18 -17.88
N VAL C 132 17.45 62.45 -18.88
CA VAL C 132 18.24 61.40 -19.52
C VAL C 132 18.12 61.55 -21.04
N SER C 133 19.16 61.09 -21.73
CA SER C 133 19.20 61.12 -23.18
C SER C 133 18.58 59.84 -23.75
N GLN C 134 17.88 59.97 -24.86
CA GLN C 134 17.10 58.88 -25.43
C GLN C 134 17.64 58.47 -26.79
N ASN C 135 17.05 57.41 -27.34
CA ASN C 135 17.31 56.92 -28.69
C ASN C 135 18.76 56.48 -28.86
N GLY C 136 19.21 55.61 -27.97
CA GLY C 136 20.55 55.06 -28.08
C GLY C 136 20.68 54.12 -29.25
N GLY C 137 21.91 53.94 -29.72
CA GLY C 137 22.19 53.04 -30.81
C GLY C 137 23.52 52.33 -30.59
N SER C 138 23.73 51.27 -31.35
CA SER C 138 24.94 50.48 -31.25
C SER C 138 25.44 50.13 -32.65
N SER C 139 26.75 49.93 -32.76
CA SER C 139 27.33 49.44 -34.01
C SER C 139 26.94 48.00 -34.29
N ALA C 140 26.51 47.26 -33.26
CA ALA C 140 26.07 45.88 -33.45
C ALA C 140 24.71 45.80 -34.12
N CYS C 141 23.96 46.90 -34.17
CA CYS C 141 22.61 46.93 -34.71
C CYS C 141 22.54 48.09 -35.70
N LYS C 142 22.92 47.84 -36.94
CA LYS C 142 23.01 48.88 -37.96
C LYS C 142 21.69 49.05 -38.69
N ARG C 143 21.27 50.30 -38.87
CA ARG C 143 20.15 50.66 -39.72
C ARG C 143 20.72 51.48 -40.86
N GLY C 144 21.19 50.79 -41.90
CA GLY C 144 21.86 51.43 -42.99
C GLY C 144 23.34 51.64 -42.72
N PRO C 145 23.81 52.88 -42.86
CA PRO C 145 25.25 53.15 -42.71
C PRO C 145 25.71 53.48 -41.30
N ALA C 146 24.80 53.79 -40.38
CA ALA C 146 25.19 54.23 -39.04
C ALA C 146 24.41 53.44 -38.00
N ASN C 147 24.77 53.69 -36.74
CA ASN C 147 24.28 52.87 -35.64
C ASN C 147 22.77 53.01 -35.46
N GLY C 148 22.16 51.95 -34.95
CA GLY C 148 20.75 51.93 -34.65
C GLY C 148 20.46 50.99 -33.50
N PHE C 149 19.17 50.80 -33.20
CA PHE C 149 18.75 49.93 -32.11
C PHE C 149 17.48 49.21 -32.52
N PHE C 150 17.00 48.36 -31.62
CA PHE C 150 15.67 47.78 -31.77
C PHE C 150 14.64 48.89 -31.85
N SER C 151 13.72 48.79 -32.82
CA SER C 151 12.53 49.61 -32.76
C SER C 151 11.69 49.18 -31.56
N ARG C 152 10.60 49.90 -31.31
CA ARG C 152 9.70 49.58 -30.19
C ARG C 152 10.43 49.54 -28.85
N LEU C 153 11.62 50.14 -28.79
CA LEU C 153 12.45 50.10 -27.60
C LEU C 153 13.29 51.37 -27.57
N ASN C 154 13.62 51.83 -26.36
CA ASN C 154 14.31 53.10 -26.17
C ASN C 154 15.46 52.89 -25.19
N TRP C 155 16.68 53.07 -25.68
CA TRP C 155 17.87 52.96 -24.84
C TRP C 155 18.14 54.32 -24.20
N LEU C 156 18.15 54.36 -22.87
CA LEU C 156 18.32 55.60 -22.12
C LEU C 156 19.68 55.61 -21.44
N THR C 157 20.39 56.71 -21.58
CA THR C 157 21.72 56.89 -20.99
C THR C 157 21.77 58.25 -20.28
N LYS C 158 22.91 58.53 -19.66
CA LYS C 158 23.06 59.74 -18.87
C LYS C 158 22.99 60.99 -19.75
N SER C 159 22.49 62.07 -19.16
CA SER C 159 22.43 63.39 -19.80
C SER C 159 23.42 64.29 -19.06
N GLY C 160 24.59 64.46 -19.64
CA GLY C 160 25.63 65.26 -19.02
C GLY C 160 26.48 64.45 -18.04
N SER C 161 26.27 64.69 -16.74
CA SER C 161 27.00 64.00 -15.68
C SER C 161 26.08 63.47 -14.59
N SER C 162 24.78 63.34 -14.87
CA SER C 162 23.82 62.89 -13.88
C SER C 162 22.76 62.04 -14.52
N TYR C 163 22.40 60.94 -13.86
CA TYR C 163 21.31 60.06 -14.28
C TYR C 163 20.24 60.07 -13.18
N PRO C 164 19.18 60.86 -13.33
CA PRO C 164 18.20 60.98 -12.24
C PRO C 164 17.32 59.76 -12.13
N LEU C 165 16.67 59.65 -10.97
CA LEU C 165 15.71 58.58 -10.73
C LEU C 165 14.46 58.81 -11.57
N LEU C 166 14.02 57.77 -12.27
CA LEU C 166 12.86 57.85 -13.16
C LEU C 166 11.64 57.28 -12.46
N ASN C 167 10.53 58.02 -12.51
CA ASN C 167 9.25 57.60 -11.92
C ASN C 167 8.15 58.06 -12.89
N VAL C 168 7.78 57.16 -13.81
CA VAL C 168 6.79 57.47 -14.83
C VAL C 168 5.60 56.54 -14.66
N THR C 169 4.44 56.99 -15.13
CA THR C 169 3.20 56.23 -14.99
C THR C 169 2.40 56.31 -16.28
N MET C 170 1.60 55.27 -16.52
CA MET C 170 0.79 55.17 -17.74
C MET C 170 -0.44 54.34 -17.42
N PRO C 171 -1.60 54.98 -17.27
CA PRO C 171 -2.82 54.22 -16.97
C PRO C 171 -3.38 53.54 -18.21
N ASN C 172 -4.19 52.52 -17.96
CA ASN C 172 -4.87 51.78 -19.02
C ASN C 172 -6.32 52.23 -19.03
N ASN C 173 -6.63 53.21 -19.88
CA ASN C 173 -7.98 53.76 -19.99
C ASN C 173 -8.78 53.10 -21.11
N TYR C 174 -8.24 52.08 -21.75
CA TYR C 174 -8.96 51.34 -22.77
C TYR C 174 -9.70 50.17 -22.14
N ASN C 175 -10.38 49.39 -22.98
CA ASN C 175 -11.14 48.22 -22.54
C ASN C 175 -10.48 46.91 -22.97
N PHE C 176 -9.21 46.96 -23.36
CA PHE C 176 -8.47 45.77 -23.77
C PHE C 176 -7.13 45.72 -23.06
N ASP C 177 -6.57 44.53 -22.96
CA ASP C 177 -5.30 44.34 -22.27
C ASP C 177 -4.15 44.92 -23.07
N LYS C 178 -3.15 45.42 -22.36
CA LYS C 178 -1.94 45.98 -22.94
C LYS C 178 -0.76 45.07 -22.64
N LEU C 179 0.11 44.88 -23.63
CA LEU C 179 1.36 44.14 -23.46
C LEU C 179 2.53 45.10 -23.64
N TYR C 180 3.39 45.17 -22.64
CA TYR C 180 4.55 46.05 -22.65
C TYR C 180 5.82 45.22 -22.68
N ILE C 181 6.77 45.61 -23.53
CA ILE C 181 8.06 44.94 -23.65
C ILE C 181 9.14 45.92 -23.21
N TRP C 182 9.89 45.55 -22.16
CA TRP C 182 10.98 46.37 -21.64
C TRP C 182 12.21 45.49 -21.45
N GLY C 183 13.32 46.14 -21.12
CA GLY C 183 14.58 45.42 -21.01
C GLY C 183 15.51 46.03 -19.99
N VAL C 184 16.52 45.24 -19.61
CA VAL C 184 17.57 45.66 -18.68
C VAL C 184 18.91 45.39 -19.35
N HIS C 185 19.82 46.36 -19.26
CA HIS C 185 21.13 46.26 -19.88
C HIS C 185 22.16 45.79 -18.86
N HIS C 186 22.95 44.79 -19.23
CA HIS C 186 23.99 44.24 -18.37
C HIS C 186 25.35 44.65 -18.92
N PRO C 187 26.03 45.63 -18.33
CA PRO C 187 27.36 46.01 -18.81
C PRO C 187 28.39 44.93 -18.52
N SER C 188 29.50 45.00 -19.23
CA SER C 188 30.58 44.02 -19.08
C SER C 188 31.61 44.44 -18.04
N THR C 189 31.76 45.73 -17.77
CA THR C 189 32.73 46.22 -16.79
C THR C 189 32.08 47.31 -15.96
N ASN C 190 32.63 47.51 -14.75
CA ASN C 190 32.10 48.54 -13.86
C ASN C 190 32.28 49.93 -14.44
N GLN C 191 33.27 50.12 -15.32
CA GLN C 191 33.46 51.43 -15.94
C GLN C 191 32.37 51.73 -16.95
N GLU C 192 31.97 50.73 -17.73
CA GLU C 192 30.90 50.93 -18.71
C GLU C 192 29.58 51.25 -18.04
N GLN C 193 29.36 50.71 -16.84
CA GLN C 193 28.15 51.03 -16.08
C GLN C 193 28.10 52.51 -15.72
N THR C 194 29.22 53.04 -15.22
CA THR C 194 29.25 54.44 -14.81
C THR C 194 29.27 55.38 -16.02
N ASN C 195 29.87 54.95 -17.13
CA ASN C 195 29.98 55.81 -18.30
C ASN C 195 28.62 56.10 -18.92
N LEU C 196 27.66 55.18 -18.76
CA LEU C 196 26.34 55.33 -19.35
C LEU C 196 25.24 55.69 -18.36
N TYR C 197 25.39 55.32 -17.09
CA TYR C 197 24.32 55.50 -16.11
C TYR C 197 24.78 56.14 -14.82
N VAL C 198 26.03 56.61 -14.75
CA VAL C 198 26.58 57.32 -13.59
C VAL C 198 26.60 56.42 -12.35
N GLN C 199 25.41 56.04 -11.87
CA GLN C 199 25.33 55.22 -10.67
C GLN C 199 26.00 53.87 -10.89
N ALA C 200 26.71 53.38 -9.87
CA ALA C 200 27.49 52.16 -9.98
C ALA C 200 26.66 50.89 -9.89
N SER C 201 25.41 50.98 -9.46
CA SER C 201 24.53 49.81 -9.37
C SER C 201 23.15 50.22 -9.85
N GLY C 202 22.77 49.76 -11.04
CA GLY C 202 21.46 50.07 -11.58
C GLY C 202 20.36 49.24 -10.96
N ARG C 203 19.13 49.60 -11.32
CA ARG C 203 17.94 48.91 -10.82
C ARG C 203 16.71 49.31 -11.62
N VAL C 204 15.92 48.33 -12.06
CA VAL C 204 14.72 48.56 -12.83
C VAL C 204 13.54 47.89 -12.15
N THR C 205 12.48 48.65 -11.89
CA THR C 205 11.25 48.12 -11.31
C THR C 205 10.08 48.48 -12.20
N VAL C 206 9.35 47.47 -12.67
CA VAL C 206 8.15 47.67 -13.46
C VAL C 206 7.03 46.90 -12.77
N SER C 207 5.93 47.59 -12.44
CA SER C 207 4.91 46.99 -11.60
C SER C 207 3.55 47.60 -11.92
N THR C 208 2.51 46.87 -11.53
CA THR C 208 1.13 47.34 -11.61
C THR C 208 0.45 47.18 -10.26
N ARG C 209 -0.87 47.35 -10.22
CA ARG C 209 -1.60 47.20 -8.96
C ARG C 209 -1.62 45.77 -8.45
N ARG C 210 -1.35 44.78 -9.32
CA ARG C 210 -1.45 43.39 -8.94
C ARG C 210 -0.19 42.57 -9.20
N SER C 211 0.86 43.16 -9.76
CA SER C 211 2.08 42.42 -10.06
C SER C 211 3.27 43.36 -9.99
N GLN C 212 4.45 42.78 -9.80
CA GLN C 212 5.68 43.55 -9.71
C GLN C 212 6.83 42.75 -10.30
N GLN C 213 7.83 43.48 -10.79
CA GLN C 213 9.08 42.90 -11.28
C GLN C 213 10.21 43.87 -11.01
N THR C 214 11.31 43.37 -10.46
CA THR C 214 12.51 44.17 -10.24
C THR C 214 13.73 43.35 -10.62
N ILE C 215 14.61 43.94 -11.44
CA ILE C 215 15.80 43.28 -11.95
C ILE C 215 17.02 44.11 -11.58
N VAL C 216 18.03 43.46 -11.01
CA VAL C 216 19.31 44.09 -10.69
C VAL C 216 20.32 43.68 -11.74
N PRO C 217 20.89 44.61 -12.50
CA PRO C 217 21.82 44.23 -13.57
C PRO C 217 23.08 43.59 -13.03
N ASN C 218 23.67 42.73 -13.86
CA ASN C 218 24.87 41.98 -13.51
C ASN C 218 26.01 42.43 -14.41
N ILE C 219 27.13 42.79 -13.81
CA ILE C 219 28.29 43.31 -14.53
C ILE C 219 29.32 42.19 -14.68
N GLY C 220 29.73 41.92 -15.92
CA GLY C 220 30.70 40.88 -16.19
C GLY C 220 30.88 40.61 -17.67
N SER C 221 32.05 40.09 -18.04
CA SER C 221 32.34 39.84 -19.44
C SER C 221 31.54 38.64 -19.96
N ARG C 222 31.12 38.73 -21.21
CA ARG C 222 30.32 37.73 -21.88
C ARG C 222 30.90 37.49 -23.27
N PRO C 223 30.50 36.40 -23.94
CA PRO C 223 31.01 36.15 -25.29
C PRO C 223 30.71 37.31 -26.23
N TRP C 224 31.65 37.57 -27.13
CA TRP C 224 31.63 38.76 -27.98
C TRP C 224 30.76 38.47 -29.20
N VAL C 225 29.56 39.04 -29.23
CA VAL C 225 28.61 38.87 -30.32
C VAL C 225 28.40 40.21 -31.00
N ARG C 226 28.77 40.29 -32.28
CA ARG C 226 28.68 41.51 -33.07
C ARG C 226 29.33 42.70 -32.35
N GLY C 227 30.48 42.45 -31.73
CA GLY C 227 31.25 43.53 -31.14
C GLY C 227 30.87 43.92 -29.73
N GLN C 228 29.95 43.19 -29.08
CA GLN C 228 29.46 43.57 -27.77
C GLN C 228 29.76 42.47 -26.75
N SER C 229 30.39 42.86 -25.65
CA SER C 229 30.59 41.98 -24.51
C SER C 229 29.46 42.08 -23.49
N SER C 230 28.46 42.91 -23.76
CA SER C 230 27.32 43.11 -22.87
C SER C 230 26.11 42.35 -23.40
N ARG C 231 25.04 42.34 -22.59
CA ARG C 231 23.81 41.65 -22.95
C ARG C 231 22.61 42.49 -22.52
N ILE C 232 21.45 42.13 -23.04
CA ILE C 232 20.18 42.76 -22.69
C ILE C 232 19.17 41.66 -22.41
N SER C 233 18.47 41.76 -21.28
CA SER C 233 17.45 40.80 -20.90
C SER C 233 16.08 41.40 -21.15
N ILE C 234 15.20 40.61 -21.77
CA ILE C 234 13.88 41.08 -22.20
C ILE C 234 12.83 40.58 -21.22
N TYR C 235 11.94 41.48 -20.79
CA TYR C 235 10.85 41.16 -19.88
C TYR C 235 9.56 41.78 -20.39
N TRP C 236 8.44 41.26 -19.92
CA TRP C 236 7.13 41.75 -20.35
C TRP C 236 6.19 41.85 -19.15
N THR C 237 5.23 42.78 -19.26
CA THR C 237 4.22 42.99 -18.25
C THR C 237 2.88 43.24 -18.94
N ILE C 238 1.80 42.79 -18.30
CA ILE C 238 0.46 42.93 -18.85
C ILE C 238 -0.38 43.77 -17.90
N VAL C 239 -1.04 44.79 -18.45
CA VAL C 239 -1.84 45.74 -17.67
C VAL C 239 -3.29 45.56 -18.08
N LYS C 240 -4.13 45.17 -17.11
CA LYS C 240 -5.55 45.00 -17.36
C LYS C 240 -6.23 46.35 -17.49
N PRO C 241 -7.43 46.40 -18.08
CA PRO C 241 -8.16 47.67 -18.15
C PRO C 241 -8.44 48.20 -16.75
N GLY C 242 -8.31 49.52 -16.60
CA GLY C 242 -8.44 50.15 -15.30
C GLY C 242 -7.21 50.07 -14.43
N ASP C 243 -6.21 49.29 -14.83
CA ASP C 243 -4.96 49.19 -14.10
C ASP C 243 -3.98 50.26 -14.61
N VAL C 244 -2.85 50.38 -13.92
CA VAL C 244 -1.85 51.39 -14.22
C VAL C 244 -0.46 50.77 -14.16
N LEU C 245 0.42 51.24 -15.03
CA LEU C 245 1.80 50.77 -15.11
C LEU C 245 2.73 51.84 -14.58
N VAL C 246 3.61 51.46 -13.66
CA VAL C 246 4.60 52.36 -13.08
C VAL C 246 5.99 51.77 -13.32
N ILE C 247 6.88 52.57 -13.89
CA ILE C 247 8.25 52.17 -14.13
C ILE C 247 9.16 53.05 -13.29
N ASN C 248 9.96 52.42 -12.43
CA ASN C 248 10.91 53.11 -11.57
C ASN C 248 12.30 52.54 -11.84
N SER C 249 13.23 53.40 -12.22
CA SER C 249 14.55 52.94 -12.66
C SER C 249 15.65 53.84 -12.14
N ASN C 250 16.64 53.22 -11.49
CA ASN C 250 17.88 53.91 -11.13
C ASN C 250 18.87 53.94 -12.29
N GLY C 251 18.66 53.13 -13.30
CA GLY C 251 19.56 53.08 -14.44
C GLY C 251 19.46 51.74 -15.13
N ASN C 252 20.21 51.63 -16.23
CA ASN C 252 20.28 50.39 -17.02
C ASN C 252 18.93 49.96 -17.56
N LEU C 253 18.07 50.92 -17.90
CA LEU C 253 16.71 50.63 -18.34
C LEU C 253 16.59 50.77 -19.85
N ILE C 254 16.03 49.76 -20.50
CA ILE C 254 15.65 49.81 -21.90
C ILE C 254 14.14 50.06 -21.93
N ALA C 255 13.76 51.31 -22.13
CA ALA C 255 12.37 51.71 -21.97
C ALA C 255 11.51 51.23 -23.13
N PRO C 256 10.24 50.92 -22.88
CA PRO C 256 9.31 50.63 -23.99
C PRO C 256 8.90 51.91 -24.69
N ARG C 257 8.48 51.75 -25.95
CA ARG C 257 7.95 52.85 -26.74
C ARG C 257 6.44 52.86 -26.81
N GLY C 258 5.77 51.92 -26.15
CA GLY C 258 4.32 51.78 -26.22
C GLY C 258 3.92 50.38 -25.81
N PHE C 259 2.79 49.93 -26.36
CA PHE C 259 2.22 48.64 -25.99
C PHE C 259 1.80 47.87 -27.23
N PHE C 260 1.74 46.55 -27.07
CA PHE C 260 1.22 45.65 -28.09
C PHE C 260 -0.23 45.32 -27.77
N LYS C 261 -1.10 45.44 -28.76
CA LYS C 261 -2.49 45.07 -28.60
C LYS C 261 -2.61 43.55 -28.68
N ILE C 262 -3.03 42.93 -27.58
CA ILE C 262 -3.08 41.48 -27.47
C ILE C 262 -4.51 41.00 -27.65
N ARG C 263 -4.72 40.08 -28.58
CA ARG C 263 -6.03 39.55 -28.91
C ARG C 263 -6.11 38.07 -28.56
N THR C 264 -7.34 37.57 -28.56
CA THR C 264 -7.62 36.15 -28.33
C THR C 264 -8.16 35.56 -29.63
N GLY C 265 -7.51 34.52 -30.13
CA GLY C 265 -7.89 33.93 -31.38
C GLY C 265 -7.31 32.55 -31.57
N ARG C 266 -7.41 32.07 -32.81
CA ARG C 266 -6.97 30.72 -33.18
C ARG C 266 -5.66 30.73 -33.95
N SER C 267 -4.75 31.64 -33.62
CA SER C 267 -3.47 31.73 -34.32
C SER C 267 -2.41 30.94 -33.58
N SER C 268 -1.34 30.59 -34.31
CA SER C 268 -0.27 29.77 -33.77
C SER C 268 0.99 30.01 -34.59
N ILE C 269 2.03 29.22 -34.29
CA ILE C 269 3.33 29.33 -34.96
C ILE C 269 3.82 27.92 -35.26
N MET C 270 4.51 27.79 -36.41
CA MET C 270 5.02 26.50 -36.85
C MET C 270 6.40 26.68 -37.44
N ARG C 271 7.25 25.68 -37.23
CA ARG C 271 8.60 25.65 -37.81
C ARG C 271 8.58 24.73 -39.03
N SER C 272 8.92 25.28 -40.19
CA SER C 272 8.91 24.50 -41.42
C SER C 272 9.85 25.14 -42.43
N ASP C 273 10.24 24.34 -43.42
CA ASP C 273 11.04 24.81 -44.54
C ASP C 273 10.35 24.57 -45.88
N ALA C 274 9.06 24.26 -45.86
CA ALA C 274 8.30 24.02 -47.08
C ALA C 274 7.94 25.34 -47.76
N PRO C 275 8.02 25.42 -49.09
CA PRO C 275 7.62 26.65 -49.78
C PRO C 275 6.11 26.85 -49.73
N ILE C 276 5.70 28.09 -49.92
CA ILE C 276 4.30 28.49 -49.92
C ILE C 276 3.86 28.74 -51.35
N GLU C 277 2.78 28.09 -51.76
CA GLU C 277 2.25 28.18 -53.11
C GLU C 277 0.83 28.71 -53.09
N THR C 278 0.24 28.85 -54.28
CA THR C 278 -1.14 29.32 -54.43
C THR C 278 -2.03 28.10 -54.64
N CYS C 279 -2.77 27.74 -53.60
CA CYS C 279 -3.67 26.59 -53.61
C CYS C 279 -4.53 26.67 -52.36
N ILE C 280 -5.45 25.71 -52.22
CA ILE C 280 -6.41 25.69 -51.11
C ILE C 280 -6.23 24.38 -50.36
N SER C 281 -5.98 24.48 -49.05
CA SER C 281 -5.91 23.31 -48.18
C SER C 281 -6.15 23.77 -46.75
N GLU C 282 -6.99 23.02 -46.02
CA GLU C 282 -7.37 23.39 -44.66
C GLU C 282 -6.42 22.85 -43.61
N CYS C 283 -5.49 21.98 -43.97
CA CYS C 283 -4.58 21.34 -43.02
C CYS C 283 -3.14 21.66 -43.40
N ILE C 284 -2.34 22.09 -42.43
CA ILE C 284 -0.96 22.48 -42.65
C ILE C 284 -0.07 21.70 -41.70
N THR C 285 0.99 21.11 -42.23
CA THR C 285 2.02 20.40 -41.49
C THR C 285 3.37 20.95 -41.89
N PRO C 286 4.40 20.76 -41.05
CA PRO C 286 5.75 21.21 -41.46
C PRO C 286 6.24 20.58 -42.75
N ASN C 287 5.72 19.40 -43.13
CA ASN C 287 6.05 18.80 -44.41
C ASN C 287 5.29 19.45 -45.57
N GLY C 288 4.23 20.21 -45.29
CA GLY C 288 3.41 20.84 -46.30
C GLY C 288 1.95 20.66 -45.95
N SER C 289 1.09 20.86 -46.95
CA SER C 289 -0.34 20.73 -46.79
C SER C 289 -0.80 19.34 -47.21
N ILE C 290 -1.79 18.81 -46.50
CA ILE C 290 -2.33 17.48 -46.80
C ILE C 290 -3.85 17.57 -46.89
N PRO C 291 -4.49 16.74 -47.72
CA PRO C 291 -5.96 16.69 -47.71
C PRO C 291 -6.47 16.04 -46.43
N ASN C 292 -7.71 16.35 -46.09
CA ASN C 292 -8.33 15.84 -44.87
C ASN C 292 -9.58 15.01 -45.17
N ASP C 293 -9.59 14.31 -46.31
CA ASP C 293 -10.72 13.43 -46.61
C ASP C 293 -10.69 12.18 -45.74
N LYS C 294 -9.49 11.78 -45.28
CA LYS C 294 -9.26 10.57 -44.48
C LYS C 294 -9.26 10.91 -42.99
N PRO C 295 -9.70 9.98 -42.14
CA PRO C 295 -9.75 10.27 -40.70
C PRO C 295 -8.39 10.32 -40.03
N PHE C 296 -7.39 9.60 -40.56
CA PHE C 296 -6.09 9.51 -39.95
C PHE C 296 -5.01 9.97 -40.93
N GLN C 297 -3.82 10.24 -40.40
CA GLN C 297 -2.69 10.65 -41.22
C GLN C 297 -1.39 10.25 -40.53
N ASN C 298 -0.36 10.01 -41.35
CA ASN C 298 0.92 9.52 -40.88
C ASN C 298 2.07 10.47 -41.21
N VAL C 299 1.77 11.70 -41.61
CA VAL C 299 2.82 12.61 -42.08
C VAL C 299 3.59 13.20 -40.91
N ASN C 300 2.89 13.97 -40.07
CA ASN C 300 3.52 14.61 -38.92
C ASN C 300 2.53 14.70 -37.79
N LYS C 301 3.04 14.69 -36.56
CA LYS C 301 2.19 14.89 -35.39
C LYS C 301 1.94 16.37 -35.11
N ILE C 302 2.63 17.27 -35.81
CA ILE C 302 2.42 18.70 -35.69
C ILE C 302 1.51 19.14 -36.82
N THR C 303 0.32 19.63 -36.48
CA THR C 303 -0.66 20.02 -37.48
C THR C 303 -1.32 21.34 -37.08
N TYR C 304 -1.92 22.00 -38.07
CA TYR C 304 -2.70 23.21 -37.85
C TYR C 304 -3.92 23.18 -38.76
N GLY C 305 -5.10 23.37 -38.17
CA GLY C 305 -6.33 23.42 -38.93
C GLY C 305 -7.23 22.22 -38.71
N ALA C 306 -8.08 21.92 -39.70
CA ALA C 306 -8.93 20.74 -39.67
C ALA C 306 -8.14 19.59 -40.26
N CYS C 307 -7.59 18.74 -39.39
CA CYS C 307 -6.62 17.74 -39.83
C CYS C 307 -7.02 16.35 -39.35
N PRO C 308 -6.64 15.32 -40.09
CA PRO C 308 -6.79 13.95 -39.59
C PRO C 308 -5.89 13.71 -38.38
N LYS C 309 -6.34 12.82 -37.51
CA LYS C 309 -5.59 12.51 -36.30
C LYS C 309 -4.33 11.72 -36.64
N TYR C 310 -3.24 12.00 -35.92
CA TYR C 310 -1.98 11.34 -36.18
C TYR C 310 -1.97 9.93 -35.59
N VAL C 311 -1.51 8.96 -36.38
CA VAL C 311 -1.38 7.58 -35.95
C VAL C 311 -0.01 7.08 -36.38
N LYS C 312 0.43 5.97 -35.76
CA LYS C 312 1.72 5.40 -36.08
C LYS C 312 1.68 4.54 -37.34
N GLN C 313 0.54 3.93 -37.63
CA GLN C 313 0.42 3.06 -38.80
C GLN C 313 0.51 3.87 -40.08
N ASN C 314 1.17 3.32 -41.09
CA ASN C 314 1.25 3.94 -42.40
C ASN C 314 0.12 3.50 -43.34
N THR C 315 -0.65 2.49 -42.96
CA THR C 315 -1.74 2.01 -43.80
C THR C 315 -2.82 1.38 -42.94
N LEU C 316 -4.07 1.64 -43.30
CA LEU C 316 -5.22 1.00 -42.66
C LEU C 316 -6.31 0.88 -43.70
N LYS C 317 -6.57 -0.35 -44.15
CA LYS C 317 -7.56 -0.60 -45.19
C LYS C 317 -8.90 -0.94 -44.57
N LEU C 318 -9.95 -0.27 -45.03
CA LEU C 318 -11.31 -0.51 -44.56
C LEU C 318 -12.08 -1.20 -45.68
N ALA C 319 -12.64 -2.37 -45.38
CA ALA C 319 -13.32 -3.18 -46.38
C ALA C 319 -14.58 -2.47 -46.87
N THR C 320 -14.76 -2.47 -48.20
CA THR C 320 -15.97 -1.93 -48.82
C THR C 320 -16.58 -2.94 -49.79
N GLY C 321 -16.48 -4.23 -49.46
CA GLY C 321 -17.04 -5.29 -50.27
C GLY C 321 -16.91 -6.61 -49.57
N MET C 322 -17.57 -7.62 -50.13
CA MET C 322 -17.53 -8.95 -49.54
C MET C 322 -16.15 -9.58 -49.72
N ARG C 323 -15.97 -10.73 -49.06
CA ARG C 323 -14.74 -11.49 -49.25
C ARG C 323 -14.65 -12.00 -50.68
N ASN C 324 -13.45 -11.95 -51.24
CA ASN C 324 -13.23 -12.31 -52.64
C ASN C 324 -12.92 -13.80 -52.73
N VAL C 325 -13.88 -14.57 -53.25
CA VAL C 325 -13.71 -16.01 -53.44
C VAL C 325 -13.68 -16.28 -54.95
N PRO C 326 -12.49 -16.37 -55.56
CA PRO C 326 -12.33 -16.48 -57.01
C PRO C 326 -12.39 -17.91 -57.54
N LEU D 2 -19.91 -15.66 -40.78
CA LEU D 2 -20.57 -16.18 -39.58
C LEU D 2 -21.91 -16.81 -39.92
N PHE D 3 -22.25 -16.81 -41.21
CA PHE D 3 -23.55 -17.31 -41.68
C PHE D 3 -23.40 -18.40 -42.72
N GLY D 4 -22.18 -18.88 -42.97
CA GLY D 4 -21.94 -19.73 -44.11
C GLY D 4 -21.84 -18.88 -45.36
N ALA D 5 -22.63 -19.22 -46.38
CA ALA D 5 -22.75 -18.43 -47.59
C ALA D 5 -21.40 -18.23 -48.28
N ILE D 6 -20.92 -16.98 -48.32
CA ILE D 6 -19.64 -16.69 -48.95
C ILE D 6 -18.54 -17.42 -48.19
N ALA D 7 -17.70 -18.14 -48.93
CA ALA D 7 -16.72 -19.07 -48.37
C ALA D 7 -17.42 -20.08 -47.46
N GLY D 8 -18.35 -20.83 -48.07
CA GLY D 8 -19.29 -21.64 -47.33
C GLY D 8 -20.09 -22.55 -48.24
N PHE D 9 -21.40 -22.65 -48.01
CA PHE D 9 -22.25 -23.47 -48.86
C PHE D 9 -22.40 -22.94 -50.28
N ILE D 10 -21.77 -21.82 -50.62
CA ILE D 10 -21.82 -21.28 -51.98
C ILE D 10 -20.61 -21.70 -52.81
N GLU D 11 -19.50 -22.11 -52.16
CA GLU D 11 -18.30 -22.63 -52.80
C GLU D 11 -17.46 -21.51 -53.40
N ASN D 12 -17.98 -20.85 -54.44
CA ASN D 12 -17.18 -19.96 -55.26
C ASN D 12 -17.98 -18.71 -55.59
N GLY D 13 -17.27 -17.66 -55.99
CA GLY D 13 -17.89 -16.40 -56.39
C GLY D 13 -17.75 -16.19 -57.89
N TRP D 14 -18.86 -15.74 -58.50
CA TRP D 14 -18.93 -15.56 -59.95
C TRP D 14 -18.12 -14.33 -60.34
N GLU D 15 -16.95 -14.55 -60.95
CA GLU D 15 -16.18 -13.46 -61.55
C GLU D 15 -16.76 -13.22 -62.93
N GLY D 16 -17.53 -12.14 -63.07
CA GLY D 16 -18.22 -11.87 -64.31
C GLY D 16 -19.58 -11.23 -64.13
N MET D 17 -20.07 -11.19 -62.89
CA MET D 17 -21.29 -10.45 -62.58
C MET D 17 -20.93 -8.98 -62.46
N ILE D 18 -20.92 -8.28 -63.61
CA ILE D 18 -20.63 -6.86 -63.63
C ILE D 18 -21.87 -6.00 -63.44
N ASP D 19 -23.04 -6.63 -63.25
CA ASP D 19 -24.29 -5.89 -63.10
C ASP D 19 -24.63 -5.58 -61.66
N GLY D 20 -24.22 -6.42 -60.72
CA GLY D 20 -24.55 -6.20 -59.33
C GLY D 20 -23.72 -7.06 -58.42
N TRP D 21 -24.03 -6.99 -57.13
CA TRP D 21 -23.30 -7.75 -56.12
C TRP D 21 -23.86 -9.16 -55.92
N TYR D 22 -25.18 -9.31 -55.95
CA TYR D 22 -25.82 -10.61 -55.85
C TYR D 22 -26.75 -10.79 -57.04
N GLY D 23 -26.97 -12.04 -57.43
CA GLY D 23 -27.79 -12.30 -58.59
C GLY D 23 -28.15 -13.77 -58.70
N PHE D 24 -28.85 -14.09 -59.78
CA PHE D 24 -29.32 -15.44 -60.05
C PHE D 24 -28.71 -15.95 -61.36
N ARG D 25 -28.50 -17.26 -61.41
CA ARG D 25 -28.11 -17.95 -62.63
C ARG D 25 -28.96 -19.20 -62.78
N HIS D 26 -29.49 -19.40 -63.99
CA HIS D 26 -30.45 -20.48 -64.22
C HIS D 26 -30.05 -21.30 -65.43
N GLN D 27 -30.31 -22.60 -65.35
CA GLN D 27 -30.20 -23.51 -66.49
C GLN D 27 -31.61 -23.92 -66.89
N ASN D 28 -31.99 -23.62 -68.14
CA ASN D 28 -33.36 -23.77 -68.59
C ASN D 28 -33.41 -24.51 -69.92
N SER D 29 -34.61 -25.01 -70.24
CA SER D 29 -34.82 -25.68 -71.52
C SER D 29 -34.63 -24.73 -72.69
N GLU D 30 -34.78 -23.42 -72.47
CA GLU D 30 -34.48 -22.44 -73.50
C GLU D 30 -33.00 -22.05 -73.52
N GLY D 31 -32.31 -22.24 -72.41
CA GLY D 31 -30.90 -21.91 -72.32
C GLY D 31 -30.55 -21.47 -70.91
N THR D 32 -29.30 -21.06 -70.75
CA THR D 32 -28.81 -20.55 -69.48
C THR D 32 -28.80 -19.02 -69.48
N GLY D 33 -28.85 -18.45 -68.27
CA GLY D 33 -28.90 -17.01 -68.14
C GLY D 33 -28.34 -16.55 -66.81
N GLN D 34 -28.13 -15.24 -66.73
CA GLN D 34 -27.59 -14.61 -65.52
C GLN D 34 -28.22 -13.25 -65.35
N ALA D 35 -28.66 -12.95 -64.14
CA ALA D 35 -29.23 -11.65 -63.81
C ALA D 35 -28.64 -11.17 -62.49
N ALA D 36 -29.05 -9.98 -62.07
CA ALA D 36 -28.59 -9.39 -60.82
C ALA D 36 -29.78 -8.97 -59.97
N ASP D 37 -29.58 -8.97 -58.66
CA ASP D 37 -30.59 -8.54 -57.71
C ASP D 37 -30.23 -7.15 -57.19
N LEU D 38 -31.15 -6.21 -57.32
CA LEU D 38 -30.89 -4.83 -56.93
C LEU D 38 -31.26 -4.54 -55.49
N LYS D 39 -32.22 -5.27 -54.92
CA LYS D 39 -32.59 -5.03 -53.53
C LYS D 39 -31.46 -5.37 -52.58
N SER D 40 -30.89 -6.57 -52.72
CA SER D 40 -29.81 -6.98 -51.82
C SER D 40 -28.54 -6.19 -52.09
N THR D 41 -28.23 -5.92 -53.36
CA THR D 41 -27.03 -5.17 -53.69
C THR D 41 -27.09 -3.76 -53.12
N GLN D 42 -28.22 -3.08 -53.25
CA GLN D 42 -28.34 -1.73 -52.71
C GLN D 42 -28.39 -1.74 -51.19
N ALA D 43 -28.99 -2.77 -50.60
CA ALA D 43 -29.02 -2.87 -49.14
C ALA D 43 -27.62 -2.99 -48.57
N ALA D 44 -26.75 -3.79 -49.20
CA ALA D 44 -25.38 -3.90 -48.75
C ALA D 44 -24.63 -2.59 -48.95
N ILE D 45 -24.74 -2.00 -50.15
CA ILE D 45 -24.03 -0.76 -50.45
C ILE D 45 -24.43 0.34 -49.49
N ASP D 46 -25.72 0.42 -49.15
CA ASP D 46 -26.17 1.40 -48.18
C ASP D 46 -25.65 1.12 -46.78
N GLN D 47 -25.16 -0.09 -46.52
CA GLN D 47 -24.61 -0.42 -45.22
C GLN D 47 -23.11 -0.21 -45.15
N ILE D 48 -22.38 -0.55 -46.22
CA ILE D 48 -20.97 -0.16 -46.31
C ILE D 48 -20.86 1.36 -46.32
N ASN D 49 -21.71 2.03 -47.09
CA ASN D 49 -21.88 3.46 -46.94
C ASN D 49 -22.58 3.76 -45.62
N GLY D 50 -22.38 4.97 -45.11
CA GLY D 50 -22.84 5.27 -43.76
C GLY D 50 -21.87 4.77 -42.72
N LYS D 51 -21.48 3.50 -42.81
CA LYS D 51 -20.26 3.04 -42.14
C LYS D 51 -19.08 3.89 -42.56
N LEU D 52 -18.91 4.08 -43.87
CA LEU D 52 -17.84 4.91 -44.39
C LEU D 52 -17.99 6.36 -43.93
N ASN D 53 -19.22 6.87 -43.91
CA ASN D 53 -19.44 8.28 -43.60
C ASN D 53 -19.25 8.56 -42.13
N ARG D 54 -19.69 7.66 -41.25
CA ARG D 54 -19.50 7.88 -39.82
C ARG D 54 -18.03 7.77 -39.42
N VAL D 55 -17.19 7.19 -40.29
CA VAL D 55 -15.75 7.15 -40.05
C VAL D 55 -15.05 8.32 -40.70
N ILE D 56 -15.47 8.69 -41.91
CA ILE D 56 -14.81 9.76 -42.67
C ILE D 56 -15.16 11.14 -42.13
N GLU D 57 -16.27 11.29 -41.40
CA GLU D 57 -16.76 12.60 -41.00
C GLU D 57 -15.69 13.43 -40.32
N LYS D 58 -15.56 14.68 -40.76
CA LYS D 58 -14.46 15.53 -40.32
C LYS D 58 -14.62 15.91 -38.85
N THR D 59 -13.51 15.84 -38.12
CA THR D 59 -13.39 16.30 -36.74
C THR D 59 -12.01 16.91 -36.58
N ASN D 60 -11.58 17.11 -35.34
CA ASN D 60 -10.19 17.44 -35.00
C ASN D 60 -9.73 18.72 -35.70
N GLU D 61 -10.36 19.83 -35.30
CA GLU D 61 -9.91 21.16 -35.69
C GLU D 61 -9.17 21.77 -34.50
N LYS D 62 -7.84 21.77 -34.58
CA LYS D 62 -6.98 22.28 -33.52
C LYS D 62 -6.05 23.35 -34.10
N PHE D 63 -5.88 24.43 -33.36
CA PHE D 63 -5.13 25.59 -33.86
C PHE D 63 -3.83 25.82 -33.10
N HIS D 64 -3.90 26.04 -31.79
CA HIS D 64 -2.70 26.24 -30.99
C HIS D 64 -2.56 25.10 -30.00
N GLN D 65 -1.36 24.54 -29.93
CA GLN D 65 -1.10 23.34 -29.14
C GLN D 65 0.25 23.52 -28.45
N ILE D 66 0.77 22.42 -27.92
CA ILE D 66 2.08 22.41 -27.29
C ILE D 66 3.15 22.20 -28.36
N GLU D 67 4.39 22.52 -28.02
CA GLU D 67 5.51 22.20 -28.87
C GLU D 67 5.81 20.70 -28.78
N LYS D 68 6.22 20.12 -29.91
CA LYS D 68 6.47 18.69 -29.97
C LYS D 68 7.86 18.33 -30.48
N GLU D 69 8.67 19.32 -30.86
CA GLU D 69 10.05 19.10 -31.26
C GLU D 69 10.93 20.14 -30.58
N PHE D 70 12.06 19.70 -30.04
CA PHE D 70 12.89 20.54 -29.19
C PHE D 70 14.35 20.46 -29.62
N SER D 71 15.05 21.58 -29.49
CA SER D 71 16.45 21.68 -29.85
C SER D 71 17.38 21.67 -28.64
N GLU D 72 16.87 21.94 -27.45
CA GLU D 72 17.67 22.03 -26.25
C GLU D 72 17.11 21.11 -25.18
N VAL D 73 17.98 20.39 -24.50
CA VAL D 73 17.55 19.52 -23.40
C VAL D 73 17.30 20.36 -22.17
N GLU D 74 16.12 20.21 -21.58
CA GLU D 74 15.68 21.09 -20.50
C GLU D 74 15.36 20.35 -19.21
N GLY D 75 14.74 19.18 -19.28
CA GLY D 75 14.47 18.42 -18.08
C GLY D 75 13.00 18.08 -17.83
N ARG D 76 12.44 18.65 -16.77
CA ARG D 76 11.13 18.22 -16.30
C ARG D 76 10.01 18.56 -17.28
N ILE D 77 9.97 19.81 -17.75
CA ILE D 77 8.86 20.25 -18.58
C ILE D 77 8.88 19.55 -19.94
N GLN D 78 10.07 19.45 -20.55
CA GLN D 78 10.16 18.77 -21.84
C GLN D 78 9.77 17.31 -21.75
N ASP D 79 10.20 16.63 -20.68
CA ASP D 79 9.79 15.25 -20.47
C ASP D 79 8.29 15.13 -20.35
N LEU D 80 7.65 16.08 -19.64
CA LEU D 80 6.21 16.08 -19.50
C LEU D 80 5.52 16.29 -20.85
N GLU D 81 6.02 17.22 -21.65
CA GLU D 81 5.41 17.49 -22.95
C GLU D 81 5.56 16.31 -23.90
N LYS D 82 6.69 15.59 -23.85
CA LYS D 82 6.87 14.43 -24.70
C LYS D 82 6.00 13.26 -24.25
N TYR D 83 5.90 13.05 -22.94
CA TYR D 83 5.08 11.96 -22.43
C TYR D 83 3.61 12.18 -22.73
N VAL D 84 3.15 13.43 -22.68
CA VAL D 84 1.76 13.74 -23.04
C VAL D 84 1.51 13.41 -24.50
N GLU D 85 2.42 13.83 -25.38
CA GLU D 85 2.24 13.57 -26.81
C GLU D 85 2.35 12.08 -27.12
N ASP D 86 3.31 11.38 -26.51
CA ASP D 86 3.47 9.95 -26.79
C ASP D 86 2.24 9.17 -26.34
N THR D 87 1.69 9.50 -25.17
CA THR D 87 0.50 8.81 -24.70
C THR D 87 -0.67 9.04 -25.63
N LYS D 88 -0.85 10.27 -26.11
CA LYS D 88 -1.93 10.58 -27.03
C LYS D 88 -1.82 9.79 -28.32
N VAL D 89 -0.61 9.72 -28.89
CA VAL D 89 -0.43 9.04 -30.17
C VAL D 89 -0.72 7.56 -30.05
N ASP D 90 -0.27 6.93 -28.97
CA ASP D 90 -0.50 5.49 -28.78
C ASP D 90 -1.98 5.18 -28.61
N LEU D 91 -2.70 6.00 -27.84
CA LEU D 91 -4.11 5.73 -27.59
C LEU D 91 -4.92 5.85 -28.88
N TRP D 92 -4.59 6.82 -29.73
CA TRP D 92 -5.30 6.97 -30.99
C TRP D 92 -4.93 5.87 -31.97
N SER D 93 -3.68 5.42 -31.96
CA SER D 93 -3.28 4.32 -32.82
C SER D 93 -4.02 3.05 -32.48
N TYR D 94 -4.20 2.77 -31.19
CA TYR D 94 -5.02 1.63 -30.78
C TYR D 94 -6.47 1.82 -31.20
N ASN D 95 -6.97 3.06 -31.10
CA ASN D 95 -8.34 3.34 -31.52
C ASN D 95 -8.52 3.13 -33.02
N ALA D 96 -7.49 3.43 -33.81
CA ALA D 96 -7.58 3.23 -35.25
C ALA D 96 -7.51 1.74 -35.61
N GLU D 97 -6.63 0.99 -34.94
CA GLU D 97 -6.50 -0.43 -35.23
C GLU D 97 -7.75 -1.21 -34.84
N LEU D 98 -8.29 -0.94 -33.65
CA LEU D 98 -9.47 -1.66 -33.20
C LEU D 98 -10.68 -1.33 -34.06
N LEU D 99 -10.80 -0.08 -34.49
CA LEU D 99 -11.92 0.32 -35.34
C LEU D 99 -11.88 -0.44 -36.67
N VAL D 100 -10.74 -0.47 -37.33
CA VAL D 100 -10.63 -1.11 -38.64
C VAL D 100 -10.94 -2.60 -38.53
N ALA D 101 -10.37 -3.27 -37.52
CA ALA D 101 -10.62 -4.70 -37.35
C ALA D 101 -12.08 -4.99 -37.05
N LEU D 102 -12.71 -4.16 -36.22
CA LEU D 102 -14.11 -4.39 -35.86
C LEU D 102 -15.03 -4.16 -37.06
N GLU D 103 -14.82 -3.06 -37.78
CA GLU D 103 -15.67 -2.76 -38.93
C GLU D 103 -15.50 -3.81 -40.03
N ASN D 104 -14.26 -4.25 -40.27
CA ASN D 104 -14.02 -5.21 -41.34
C ASN D 104 -14.70 -6.55 -41.06
N GLN D 105 -14.69 -7.00 -39.81
CA GLN D 105 -15.40 -8.22 -39.45
C GLN D 105 -16.89 -8.08 -39.68
N HIS D 106 -17.46 -6.93 -39.29
CA HIS D 106 -18.89 -6.72 -39.46
C HIS D 106 -19.26 -6.61 -40.94
N THR D 107 -18.36 -6.06 -41.77
CA THR D 107 -18.62 -6.01 -43.20
C THR D 107 -18.70 -7.40 -43.80
N ILE D 108 -17.80 -8.30 -43.38
CA ILE D 108 -17.85 -9.69 -43.85
C ILE D 108 -19.13 -10.36 -43.37
N ASP D 109 -19.51 -10.14 -42.11
CA ASP D 109 -20.67 -10.80 -41.54
C ASP D 109 -21.96 -10.38 -42.23
N LEU D 110 -22.11 -9.09 -42.53
CA LEU D 110 -23.34 -8.62 -43.14
C LEU D 110 -23.48 -9.11 -44.58
N THR D 111 -22.36 -9.15 -45.32
CA THR D 111 -22.42 -9.63 -46.70
C THR D 111 -22.83 -11.09 -46.76
N ASP D 112 -22.45 -11.89 -45.75
CA ASP D 112 -22.98 -13.24 -45.63
C ASP D 112 -24.49 -13.20 -45.37
N SER D 113 -24.94 -12.27 -44.54
CA SER D 113 -26.35 -12.21 -44.17
C SER D 113 -27.24 -11.93 -45.37
N GLU D 114 -26.85 -10.96 -46.21
CA GLU D 114 -27.70 -10.58 -47.33
C GLU D 114 -27.79 -11.68 -48.38
N MET D 115 -26.73 -12.47 -48.54
CA MET D 115 -26.82 -13.63 -49.42
C MET D 115 -27.67 -14.73 -48.82
N ASN D 116 -27.51 -14.99 -47.52
CA ASN D 116 -28.38 -15.96 -46.84
C ASN D 116 -29.83 -15.51 -46.88
N LYS D 117 -30.07 -14.20 -46.71
CA LYS D 117 -31.42 -13.68 -46.75
C LYS D 117 -32.06 -13.85 -48.13
N LEU D 118 -31.29 -13.57 -49.19
CA LEU D 118 -31.80 -13.79 -50.54
C LEU D 118 -32.05 -15.27 -50.78
N PHE D 119 -31.16 -16.13 -50.30
CA PHE D 119 -31.33 -17.57 -50.50
C PHE D 119 -32.59 -18.08 -49.83
N GLU D 120 -32.86 -17.62 -48.60
CA GLU D 120 -34.05 -18.09 -47.91
C GLU D 120 -35.32 -17.46 -48.47
N LYS D 121 -35.24 -16.24 -49.00
CA LYS D 121 -36.39 -15.64 -49.65
C LYS D 121 -36.79 -16.45 -50.88
N THR D 122 -35.82 -16.88 -51.67
CA THR D 122 -36.11 -17.74 -52.81
C THR D 122 -36.64 -19.09 -52.36
N ARG D 123 -36.10 -19.62 -51.25
CA ARG D 123 -36.57 -20.90 -50.74
C ARG D 123 -38.03 -20.84 -50.32
N ARG D 124 -38.42 -19.76 -49.65
CA ARG D 124 -39.81 -19.63 -49.20
C ARG D 124 -40.76 -19.34 -50.35
N GLN D 125 -40.27 -18.76 -51.45
CA GLN D 125 -41.10 -18.59 -52.64
C GLN D 125 -41.44 -19.93 -53.26
N LEU D 126 -40.42 -20.72 -53.56
CA LEU D 126 -40.60 -22.07 -54.12
C LEU D 126 -40.84 -23.02 -52.95
N ARG D 127 -42.09 -23.06 -52.49
CA ARG D 127 -42.43 -23.75 -51.25
C ARG D 127 -42.09 -25.23 -51.29
N GLU D 128 -42.81 -25.98 -52.13
CA GLU D 128 -42.59 -27.41 -52.32
C GLU D 128 -42.33 -27.74 -53.78
N ASN D 129 -42.13 -26.73 -54.62
CA ASN D 129 -41.90 -26.90 -56.04
C ASN D 129 -40.43 -27.11 -56.37
N ALA D 130 -39.55 -27.01 -55.38
CA ALA D 130 -38.12 -27.20 -55.57
C ALA D 130 -37.52 -27.60 -54.23
N GLU D 131 -36.30 -28.14 -54.28
CA GLU D 131 -35.60 -28.52 -53.07
C GLU D 131 -34.13 -28.14 -53.16
N ASP D 132 -33.51 -28.03 -51.99
CA ASP D 132 -32.19 -27.42 -51.83
C ASP D 132 -31.10 -28.44 -52.14
N MET D 133 -30.42 -28.25 -53.26
CA MET D 133 -29.14 -28.92 -53.49
C MET D 133 -28.07 -28.25 -52.65
N GLY D 134 -27.13 -29.04 -52.17
CA GLY D 134 -26.17 -28.53 -51.22
C GLY D 134 -25.08 -27.67 -51.82
N ASN D 135 -25.44 -26.73 -52.70
CA ASN D 135 -24.45 -25.83 -53.28
C ASN D 135 -24.96 -24.41 -53.45
N GLY D 136 -26.08 -24.03 -52.83
CA GLY D 136 -26.67 -22.74 -53.10
C GLY D 136 -27.50 -22.70 -54.37
N CYS D 137 -27.70 -23.84 -55.02
CA CYS D 137 -28.54 -23.95 -56.21
C CYS D 137 -29.84 -24.66 -55.86
N PHE D 138 -30.88 -24.31 -56.60
CA PHE D 138 -32.20 -24.91 -56.44
C PHE D 138 -32.55 -25.73 -57.67
N LYS D 139 -33.07 -26.93 -57.45
CA LYS D 139 -33.56 -27.78 -58.53
C LYS D 139 -35.09 -27.68 -58.56
N ILE D 140 -35.62 -26.95 -59.54
CA ILE D 140 -37.06 -26.77 -59.68
C ILE D 140 -37.62 -27.95 -60.46
N TYR D 141 -38.64 -28.59 -59.90
CA TYR D 141 -39.13 -29.87 -60.41
C TYR D 141 -40.27 -29.71 -61.41
N HIS D 142 -40.49 -28.50 -61.93
CA HIS D 142 -41.46 -28.28 -62.99
C HIS D 142 -40.80 -27.47 -64.10
N LYS D 143 -41.44 -27.47 -65.27
CA LYS D 143 -40.94 -26.71 -66.39
C LYS D 143 -41.09 -25.22 -66.09
N CYS D 144 -39.97 -24.49 -66.14
CA CYS D 144 -39.90 -23.10 -65.71
C CYS D 144 -39.20 -22.30 -66.80
N ASP D 145 -39.98 -21.67 -67.68
CA ASP D 145 -39.43 -20.94 -68.82
C ASP D 145 -38.86 -19.60 -68.36
N ASN D 146 -38.47 -18.75 -69.31
CA ASN D 146 -37.84 -17.48 -68.97
C ASN D 146 -38.79 -16.57 -68.20
N ALA D 147 -40.06 -16.52 -68.59
CA ALA D 147 -41.03 -15.75 -67.84
C ALA D 147 -41.20 -16.32 -66.43
N CYS D 148 -41.13 -17.65 -66.31
CA CYS D 148 -41.19 -18.28 -65.00
C CYS D 148 -40.01 -17.88 -64.13
N ILE D 149 -38.80 -17.87 -64.69
CA ILE D 149 -37.62 -17.45 -63.93
C ILE D 149 -37.71 -15.99 -63.54
N GLU D 150 -38.18 -15.13 -64.46
CA GLU D 150 -38.31 -13.72 -64.17
C GLU D 150 -39.30 -13.48 -63.02
N SER D 151 -40.38 -14.25 -62.98
CA SER D 151 -41.34 -14.12 -61.88
C SER D 151 -40.70 -14.46 -60.55
N ILE D 152 -39.82 -15.46 -60.53
CA ILE D 152 -39.12 -15.81 -59.30
C ILE D 152 -38.23 -14.66 -58.85
N ARG D 153 -37.51 -14.04 -59.79
CA ARG D 153 -36.60 -12.96 -59.44
C ARG D 153 -37.36 -11.71 -58.98
N ASN D 154 -38.52 -11.44 -59.58
CA ASN D 154 -39.32 -10.30 -59.17
C ASN D 154 -39.94 -10.51 -57.79
N GLY D 155 -40.28 -11.75 -57.45
CA GLY D 155 -41.01 -12.04 -56.24
C GLY D 155 -42.50 -12.26 -56.44
N THR D 156 -42.95 -12.43 -57.68
CA THR D 156 -44.36 -12.67 -57.98
C THR D 156 -44.63 -14.13 -58.35
N TYR D 157 -43.75 -15.04 -57.96
CA TYR D 157 -43.92 -16.45 -58.26
C TYR D 157 -45.11 -17.02 -57.50
N ASP D 158 -45.90 -17.86 -58.17
CA ASP D 158 -47.05 -18.52 -57.59
C ASP D 158 -46.79 -20.02 -57.57
N HIS D 159 -46.71 -20.60 -56.38
CA HIS D 159 -46.44 -22.04 -56.28
C HIS D 159 -47.67 -22.86 -56.65
N ASP D 160 -48.87 -22.31 -56.48
CA ASP D 160 -50.09 -23.06 -56.75
C ASP D 160 -50.21 -23.44 -58.22
N ILE D 161 -49.58 -22.67 -59.11
CA ILE D 161 -49.66 -22.97 -60.54
C ILE D 161 -48.98 -24.29 -60.85
N TYR D 162 -47.79 -24.53 -60.28
CA TYR D 162 -46.98 -25.69 -60.62
C TYR D 162 -46.84 -26.67 -59.45
N ARG D 163 -47.69 -26.55 -58.42
CA ARG D 163 -47.54 -27.39 -57.24
C ARG D 163 -47.73 -28.86 -57.58
N ASP D 164 -48.85 -29.19 -58.23
CA ASP D 164 -49.15 -30.60 -58.51
C ASP D 164 -48.23 -31.17 -59.58
N GLU D 165 -47.74 -30.33 -60.50
CA GLU D 165 -46.75 -30.80 -61.46
C GLU D 165 -45.43 -31.13 -60.78
N ALA D 166 -44.94 -30.21 -59.93
CA ALA D 166 -43.67 -30.43 -59.25
C ALA D 166 -43.76 -31.58 -58.25
N LEU D 167 -44.88 -31.69 -57.55
CA LEU D 167 -45.05 -32.78 -56.58
C LEU D 167 -45.02 -34.13 -57.27
N ASN D 168 -45.59 -34.22 -58.48
CA ASN D 168 -45.56 -35.47 -59.22
C ASN D 168 -44.14 -35.85 -59.60
N ASN D 169 -43.36 -34.89 -60.12
CA ASN D 169 -41.99 -35.19 -60.51
C ASN D 169 -41.08 -35.36 -59.31
N ARG D 170 -41.43 -34.75 -58.17
CA ARG D 170 -40.64 -34.94 -56.95
C ARG D 170 -40.82 -36.35 -56.40
N PHE D 171 -42.05 -36.71 -56.06
CA PHE D 171 -42.33 -37.99 -55.42
C PHE D 171 -42.87 -39.00 -56.42
N SER E 10 -62.38 -25.38 -41.47
CA SER E 10 -62.01 -25.32 -42.88
C SER E 10 -60.83 -26.23 -43.18
N SER E 11 -60.61 -27.20 -42.29
CA SER E 11 -59.61 -28.25 -42.43
C SER E 11 -58.18 -27.73 -42.28
N THR E 12 -58.01 -26.42 -42.19
CA THR E 12 -56.70 -25.81 -41.97
C THR E 12 -56.84 -24.66 -40.99
N ALA E 13 -55.73 -24.34 -40.34
CA ALA E 13 -55.63 -23.20 -39.44
C ALA E 13 -54.40 -22.38 -39.80
N THR E 14 -54.22 -21.25 -39.11
CA THR E 14 -53.09 -20.37 -39.38
C THR E 14 -52.48 -19.93 -38.06
N LEU E 15 -51.15 -20.01 -37.95
CA LEU E 15 -50.41 -19.59 -36.78
C LEU E 15 -49.36 -18.58 -37.23
N CYS E 16 -49.39 -17.38 -36.63
CA CYS E 16 -48.51 -16.29 -37.02
C CYS E 16 -47.61 -15.88 -35.85
N LEU E 17 -46.35 -15.65 -36.15
CA LEU E 17 -45.37 -15.19 -35.18
C LEU E 17 -44.97 -13.75 -35.49
N GLY E 18 -44.88 -12.93 -34.46
CA GLY E 18 -44.57 -11.53 -34.67
C GLY E 18 -44.01 -10.88 -33.42
N HIS E 19 -43.72 -9.59 -33.54
CA HIS E 19 -43.13 -8.79 -32.49
C HIS E 19 -43.96 -7.52 -32.29
N HIS E 20 -43.87 -6.95 -31.09
CA HIS E 20 -44.68 -5.78 -30.78
C HIS E 20 -44.14 -4.55 -31.50
N SER E 21 -45.03 -3.60 -31.72
CA SER E 21 -44.69 -2.26 -32.17
C SER E 21 -45.20 -1.25 -31.16
N VAL E 22 -44.78 0.00 -31.32
CA VAL E 22 -45.26 1.07 -30.45
C VAL E 22 -45.73 2.23 -31.31
N PRO E 23 -46.76 2.97 -30.88
CA PRO E 23 -47.21 4.13 -31.68
C PRO E 23 -46.18 5.23 -31.78
N ASN E 24 -45.19 5.26 -30.88
CA ASN E 24 -44.17 6.31 -30.86
C ASN E 24 -42.85 5.70 -30.47
N GLY E 25 -41.85 5.80 -31.35
CA GLY E 25 -40.53 5.29 -31.10
C GLY E 25 -39.51 6.37 -30.81
N THR E 26 -38.25 5.96 -30.79
CA THR E 26 -37.13 6.86 -30.56
C THR E 26 -36.03 6.56 -31.56
N ILE E 27 -35.27 7.59 -31.92
CA ILE E 27 -34.22 7.50 -32.93
C ILE E 27 -32.87 7.31 -32.23
N VAL E 28 -32.16 6.26 -32.61
CA VAL E 28 -30.82 5.99 -32.09
C VAL E 28 -29.83 5.95 -33.25
N LYS E 29 -28.56 5.75 -32.94
CA LYS E 29 -27.51 5.72 -33.95
C LYS E 29 -26.75 4.40 -33.86
N THR E 30 -26.73 3.65 -34.95
CA THR E 30 -26.02 2.39 -35.05
C THR E 30 -24.73 2.57 -35.85
N ILE E 31 -24.06 1.46 -36.15
CA ILE E 31 -22.84 1.52 -36.95
C ILE E 31 -23.17 1.67 -38.44
N THR E 32 -24.15 0.90 -38.93
CA THR E 32 -24.49 0.96 -40.35
C THR E 32 -25.38 2.16 -40.67
N ASP E 33 -26.35 2.46 -39.81
CA ASP E 33 -27.25 3.58 -40.03
C ASP E 33 -27.04 4.65 -38.97
N ASP E 34 -27.50 5.85 -39.28
CA ASP E 34 -27.42 6.99 -38.38
C ASP E 34 -28.77 7.33 -37.76
N GLN E 35 -29.85 7.20 -38.52
CA GLN E 35 -31.21 7.41 -38.03
C GLN E 35 -31.98 6.10 -38.19
N ILE E 36 -32.18 5.39 -37.08
CA ILE E 36 -32.99 4.18 -37.06
C ILE E 36 -33.87 4.20 -35.81
N GLU E 37 -35.14 3.87 -35.98
CA GLU E 37 -36.10 3.94 -34.88
C GLU E 37 -36.13 2.62 -34.12
N VAL E 38 -36.11 2.72 -32.79
CA VAL E 38 -36.25 1.55 -31.92
C VAL E 38 -37.43 1.79 -30.99
N THR E 39 -37.96 0.70 -30.45
CA THR E 39 -39.14 0.79 -29.59
C THR E 39 -38.87 1.61 -28.34
N ASN E 40 -37.72 1.41 -27.71
CA ASN E 40 -37.40 2.11 -26.47
C ASN E 40 -35.91 2.45 -26.46
N ALA E 41 -35.58 3.54 -25.77
CA ALA E 41 -34.20 3.98 -25.65
C ALA E 41 -34.04 4.75 -24.35
N THR E 42 -32.79 4.84 -23.89
CA THR E 42 -32.46 5.54 -22.66
C THR E 42 -31.30 6.50 -22.91
N GLU E 43 -31.36 7.66 -22.25
CA GLU E 43 -30.33 8.68 -22.41
C GLU E 43 -29.11 8.35 -21.55
N LEU E 44 -27.92 8.56 -22.12
CA LEU E 44 -26.67 8.25 -21.44
C LEU E 44 -25.88 9.47 -20.99
N VAL E 45 -26.28 10.67 -21.38
CA VAL E 45 -25.53 11.89 -21.09
C VAL E 45 -26.40 12.80 -20.23
N GLN E 46 -25.85 13.26 -19.11
CA GLN E 46 -26.54 14.17 -18.21
C GLN E 46 -26.18 15.60 -18.61
N ASN E 47 -27.17 16.36 -19.07
CA ASN E 47 -26.93 17.67 -19.66
C ASN E 47 -27.65 18.81 -18.93
N SER E 48 -28.03 18.60 -17.67
CA SER E 48 -28.69 19.62 -16.88
C SER E 48 -28.15 19.62 -15.46
N SER E 49 -28.09 20.81 -14.87
CA SER E 49 -27.62 20.98 -13.51
C SER E 49 -28.70 21.66 -12.69
N THR E 50 -28.88 21.19 -11.45
CA THR E 50 -29.88 21.79 -10.57
C THR E 50 -29.56 23.24 -10.25
N GLY E 51 -28.28 23.60 -10.25
CA GLY E 51 -27.84 24.92 -9.86
C GLY E 51 -27.62 25.09 -8.37
N LYS E 52 -28.06 24.13 -7.57
CA LYS E 52 -27.90 24.16 -6.12
C LYS E 52 -26.83 23.15 -5.74
N ILE E 53 -25.72 23.63 -5.17
CA ILE E 53 -24.64 22.75 -4.75
C ILE E 53 -25.06 22.07 -3.44
N CYS E 54 -25.24 20.75 -3.49
CA CYS E 54 -25.67 20.01 -2.32
C CYS E 54 -24.58 20.04 -1.25
N ASN E 55 -25.01 20.22 0.01
CA ASN E 55 -24.10 20.29 1.13
C ASN E 55 -23.76 18.92 1.72
N ASN E 56 -24.26 17.84 1.13
CA ASN E 56 -23.95 16.48 1.55
C ASN E 56 -23.67 15.65 0.31
N PRO E 57 -22.85 14.58 0.44
CA PRO E 57 -22.19 14.13 1.67
C PRO E 57 -20.83 14.78 1.90
N HIS E 58 -20.39 15.63 0.96
CA HIS E 58 -19.14 16.34 1.14
C HIS E 58 -19.33 17.56 2.03
N LYS E 59 -18.26 17.93 2.75
CA LYS E 59 -18.27 19.10 3.61
C LYS E 59 -17.85 20.29 2.76
N VAL E 60 -18.83 21.10 2.34
CA VAL E 60 -18.60 22.23 1.45
C VAL E 60 -18.47 23.48 2.30
N LEU E 61 -17.36 24.20 2.13
CA LEU E 61 -17.10 25.44 2.85
C LEU E 61 -17.21 26.60 1.87
N ASP E 62 -18.10 27.54 2.17
CA ASP E 62 -18.34 28.70 1.32
C ASP E 62 -17.51 29.87 1.84
N GLY E 63 -16.51 30.27 1.07
CA GLY E 63 -15.75 31.48 1.37
C GLY E 63 -16.38 32.66 0.66
N ARG E 64 -17.21 33.42 1.38
CA ARG E 64 -18.05 34.44 0.78
C ARG E 64 -17.25 35.53 0.09
N ASP E 65 -16.49 36.29 0.87
CA ASP E 65 -15.72 37.42 0.36
C ASP E 65 -14.22 37.20 0.49
N CYS E 66 -13.80 35.95 0.67
CA CYS E 66 -12.41 35.63 0.95
C CYS E 66 -11.90 34.56 0.01
N THR E 67 -10.65 34.70 -0.42
CA THR E 67 -9.95 33.64 -1.11
C THR E 67 -9.31 32.69 -0.10
N LEU E 68 -8.84 31.55 -0.59
CA LEU E 68 -8.18 30.60 0.30
C LEU E 68 -6.88 31.16 0.85
N ILE E 69 -6.12 31.87 0.01
CA ILE E 69 -4.84 32.44 0.45
C ILE E 69 -5.08 33.54 1.49
N ASP E 70 -6.06 34.41 1.25
CA ASP E 70 -6.36 35.46 2.21
C ASP E 70 -6.82 34.88 3.54
N ALA E 71 -7.64 33.83 3.51
CA ALA E 71 -8.07 33.19 4.74
C ALA E 71 -6.89 32.58 5.49
N MET E 72 -5.98 31.93 4.76
CA MET E 72 -4.80 31.36 5.39
C MET E 72 -3.92 32.45 5.99
N LEU E 73 -3.69 33.51 5.24
CA LEU E 73 -2.78 34.56 5.69
C LEU E 73 -3.28 35.24 6.95
N GLY E 74 -4.58 35.51 7.04
CA GLY E 74 -5.11 36.20 8.20
C GLY E 74 -5.65 37.58 7.91
N ASP E 75 -6.26 37.76 6.74
CA ASP E 75 -6.94 39.01 6.43
C ASP E 75 -8.01 39.26 7.49
N PRO E 76 -8.09 40.48 8.05
CA PRO E 76 -9.02 40.71 9.17
C PRO E 76 -10.48 40.39 8.85
N HIS E 77 -10.94 40.68 7.65
CA HIS E 77 -12.31 40.35 7.29
C HIS E 77 -12.48 38.88 6.92
N CYS E 78 -11.42 38.08 7.07
CA CYS E 78 -11.48 36.64 6.88
C CYS E 78 -11.23 35.89 8.18
N ASP E 79 -11.28 36.57 9.32
CA ASP E 79 -10.92 35.95 10.60
C ASP E 79 -11.85 34.82 10.99
N VAL E 80 -13.05 34.75 10.40
CA VAL E 80 -14.01 33.70 10.74
C VAL E 80 -13.58 32.34 10.23
N PHE E 81 -12.56 32.28 9.38
CA PHE E 81 -12.14 31.04 8.73
C PHE E 81 -10.96 30.38 9.45
N GLN E 82 -10.61 30.85 10.65
CA GLN E 82 -9.45 30.31 11.35
C GLN E 82 -9.68 28.87 11.77
N ASP E 83 -8.65 28.04 11.56
CA ASP E 83 -8.65 26.63 11.97
C ASP E 83 -9.79 25.84 11.34
N GLU E 84 -10.22 26.24 10.15
CA GLU E 84 -11.30 25.55 9.47
C GLU E 84 -10.79 24.29 8.76
N LYS E 85 -11.74 23.48 8.31
CA LYS E 85 -11.45 22.31 7.50
C LYS E 85 -12.58 22.11 6.52
N TRP E 86 -12.28 21.44 5.41
CA TRP E 86 -13.24 21.33 4.33
C TRP E 86 -12.90 20.14 3.45
N ASP E 87 -13.89 19.72 2.65
CA ASP E 87 -13.66 18.80 1.55
C ASP E 87 -13.60 19.51 0.21
N LEU E 88 -14.45 20.51 0.00
CA LEU E 88 -14.39 21.37 -1.17
C LEU E 88 -14.48 22.82 -0.71
N PHE E 89 -13.48 23.62 -1.09
CA PHE E 89 -13.47 25.05 -0.80
C PHE E 89 -14.01 25.78 -2.03
N VAL E 90 -15.03 26.60 -1.83
CA VAL E 90 -15.69 27.33 -2.92
C VAL E 90 -15.22 28.78 -2.87
N GLU E 91 -14.67 29.24 -3.98
CA GLU E 91 -14.18 30.61 -4.11
C GLU E 91 -15.16 31.40 -4.96
N ARG E 92 -15.80 32.40 -4.37
CA ARG E 92 -16.78 33.21 -5.07
C ARG E 92 -16.09 34.30 -5.87
N SER E 93 -16.73 34.71 -6.97
CA SER E 93 -16.16 35.74 -7.83
C SER E 93 -16.13 37.11 -7.17
N SER E 94 -16.89 37.30 -6.08
CA SER E 94 -17.01 38.59 -5.43
C SER E 94 -15.98 38.79 -4.31
N ALA E 95 -15.05 37.86 -4.14
CA ALA E 95 -14.06 37.98 -3.08
C ALA E 95 -13.10 39.13 -3.36
N PHE E 96 -12.49 39.64 -2.29
CA PHE E 96 -11.57 40.75 -2.38
C PHE E 96 -10.55 40.66 -1.24
N SER E 97 -9.51 41.47 -1.35
CA SER E 97 -8.46 41.56 -0.34
C SER E 97 -8.53 42.91 0.36
N ASN E 98 -8.37 42.91 1.69
CA ASN E 98 -8.48 44.13 2.49
C ASN E 98 -7.37 44.19 3.52
N CYS E 99 -6.15 43.90 3.12
CA CYS E 99 -4.99 44.01 4.00
C CYS E 99 -3.83 44.58 3.20
N TYR E 100 -2.62 44.46 3.74
CA TYR E 100 -1.45 45.02 3.07
C TYR E 100 -1.27 44.40 1.70
N PRO E 101 -1.03 45.19 0.65
CA PRO E 101 -0.88 44.62 -0.69
C PRO E 101 0.29 43.65 -0.75
N TYR E 102 0.11 42.56 -1.49
CA TYR E 102 1.09 41.48 -1.51
C TYR E 102 0.96 40.71 -2.82
N ASP E 103 2.00 39.95 -3.12
CA ASP E 103 2.00 39.01 -4.24
C ASP E 103 2.66 37.73 -3.78
N VAL E 104 2.25 36.61 -4.37
CA VAL E 104 2.77 35.30 -4.02
C VAL E 104 3.51 34.75 -5.24
N PRO E 105 4.85 34.69 -5.21
CA PRO E 105 5.57 33.96 -6.26
C PRO E 105 5.11 32.51 -6.29
N ASP E 106 4.76 32.04 -7.49
CA ASP E 106 4.14 30.73 -7.69
C ASP E 106 2.88 30.63 -6.84
N TYR E 107 1.93 31.53 -7.12
CA TYR E 107 0.69 31.60 -6.36
C TYR E 107 -0.13 30.33 -6.51
N ALA E 108 -0.19 29.77 -7.72
CA ALA E 108 -1.05 28.63 -7.99
C ALA E 108 -0.62 27.40 -7.18
N SER E 109 0.70 27.16 -7.07
CA SER E 109 1.17 26.00 -6.34
C SER E 109 0.83 26.10 -4.86
N LEU E 110 0.97 27.30 -4.27
CA LEU E 110 0.60 27.48 -2.87
C LEU E 110 -0.89 27.25 -2.66
N ARG E 111 -1.73 27.78 -3.56
CA ARG E 111 -3.16 27.56 -3.47
C ARG E 111 -3.51 26.08 -3.62
N SER E 112 -2.86 25.39 -4.55
CA SER E 112 -3.16 23.99 -4.80
C SER E 112 -2.83 23.11 -3.59
N LEU E 113 -1.65 23.32 -2.98
CA LEU E 113 -1.25 22.46 -1.88
C LEU E 113 -2.07 22.75 -0.62
N ILE E 114 -2.43 24.02 -0.40
CA ILE E 114 -3.33 24.34 0.71
C ILE E 114 -4.69 23.70 0.51
N ALA E 115 -5.22 23.80 -0.72
CA ALA E 115 -6.53 23.23 -1.00
C ALA E 115 -6.52 21.72 -0.82
N SER E 116 -5.46 21.04 -1.26
CA SER E 116 -5.37 19.59 -1.10
C SER E 116 -5.22 19.20 0.36
N SER E 117 -4.60 20.05 1.18
CA SER E 117 -4.42 19.74 2.59
C SER E 117 -5.77 19.64 3.29
N GLY E 118 -6.71 20.54 2.96
CA GLY E 118 -8.04 20.47 3.52
C GLY E 118 -8.17 20.98 4.93
N THR E 119 -7.19 21.73 5.43
CA THR E 119 -7.25 22.25 6.78
C THR E 119 -6.49 23.57 6.86
N LEU E 120 -6.87 24.40 7.82
CA LEU E 120 -6.18 25.64 8.15
C LEU E 120 -5.76 25.64 9.62
N ASP E 121 -5.52 24.46 10.18
CA ASP E 121 -5.19 24.32 11.59
C ASP E 121 -3.80 24.88 11.84
N PHE E 122 -3.70 25.88 12.72
CA PHE E 122 -2.48 26.63 12.94
C PHE E 122 -2.04 26.50 14.39
N ILE E 123 -0.75 26.26 14.60
CA ILE E 123 -0.15 26.12 15.91
C ILE E 123 0.86 27.24 16.11
N THR E 124 0.70 28.00 17.19
CA THR E 124 1.62 29.09 17.49
C THR E 124 2.88 28.55 18.16
N GLU E 125 4.03 29.06 17.72
CA GLU E 125 5.32 28.69 18.29
C GLU E 125 6.00 29.91 18.89
N SER E 126 6.81 29.68 19.91
CA SER E 126 7.43 30.78 20.67
C SER E 126 8.77 31.14 20.04
N PHE E 127 8.70 31.96 18.99
CA PHE E 127 9.90 32.54 18.40
C PHE E 127 10.44 33.66 19.28
N THR E 128 11.76 33.77 19.33
CA THR E 128 12.44 34.81 20.10
C THR E 128 13.20 35.72 19.15
N TRP E 129 12.69 36.93 18.94
CA TRP E 129 13.32 37.93 18.09
C TRP E 129 13.94 39.00 18.98
N ALA E 130 15.23 38.85 19.27
CA ALA E 130 15.92 39.78 20.15
C ALA E 130 16.38 41.01 19.38
N GLY E 131 16.19 42.19 19.99
CA GLY E 131 16.70 43.42 19.45
C GLY E 131 15.80 44.12 18.44
N VAL E 132 14.60 43.60 18.17
CA VAL E 132 13.69 44.19 17.21
C VAL E 132 12.33 44.36 17.85
N SER E 133 11.56 45.29 17.31
CA SER E 133 10.16 45.48 17.70
C SER E 133 9.26 44.66 16.80
N GLN E 134 8.23 44.08 17.38
CA GLN E 134 7.37 43.13 16.70
C GLN E 134 5.97 43.71 16.52
N ASN E 135 5.11 42.93 15.86
CA ASN E 135 3.67 43.18 15.80
C ASN E 135 3.35 44.52 15.14
N GLY E 136 4.14 44.90 14.13
CA GLY E 136 3.85 46.10 13.38
C GLY E 136 2.60 45.97 12.54
N GLY E 137 2.02 47.12 12.20
CA GLY E 137 0.78 47.16 11.45
C GLY E 137 0.80 48.28 10.42
N SER E 138 -0.32 48.39 9.69
CA SER E 138 -0.48 49.39 8.65
C SER E 138 -1.91 49.90 8.66
N SER E 139 -2.08 51.12 8.15
CA SER E 139 -3.42 51.68 7.97
C SER E 139 -4.17 51.01 6.81
N ALA E 140 -3.45 50.32 5.93
CA ALA E 140 -4.07 49.58 4.84
C ALA E 140 -4.73 48.29 5.31
N CYS E 141 -4.48 47.87 6.55
CA CYS E 141 -5.03 46.63 7.11
C CYS E 141 -5.59 46.98 8.48
N LYS E 142 -6.86 47.38 8.52
CA LYS E 142 -7.49 47.83 9.75
C LYS E 142 -8.23 46.68 10.43
N ARG E 143 -8.01 46.54 11.73
CA ARG E 143 -8.77 45.62 12.58
C ARG E 143 -9.62 46.50 13.51
N GLY E 144 -10.83 46.81 13.06
CA GLY E 144 -11.68 47.75 13.75
C GLY E 144 -11.22 49.17 13.53
N PRO E 145 -11.01 49.91 14.61
CA PRO E 145 -10.58 51.32 14.46
C PRO E 145 -9.06 51.48 14.40
N ALA E 146 -8.33 50.48 14.86
CA ALA E 146 -6.88 50.57 14.97
C ALA E 146 -6.19 49.93 13.78
N ASN E 147 -4.95 50.33 13.56
CA ASN E 147 -4.12 49.71 12.55
C ASN E 147 -3.84 48.26 12.91
N GLY E 148 -3.71 47.42 11.89
CA GLY E 148 -3.45 46.02 12.10
C GLY E 148 -2.61 45.40 11.00
N PHE E 149 -2.50 44.08 11.02
CA PHE E 149 -1.67 43.36 10.06
C PHE E 149 -2.27 41.98 9.84
N PHE E 150 -1.72 41.27 8.86
CA PHE E 150 -2.02 39.85 8.72
C PHE E 150 -1.72 39.13 10.02
N SER E 151 -2.70 38.37 10.51
CA SER E 151 -2.42 37.45 11.60
C SER E 151 -1.49 36.36 11.09
N ARG E 152 -1.05 35.47 11.98
CA ARG E 152 -0.08 34.42 11.63
C ARG E 152 1.20 35.00 11.01
N LEU E 153 1.42 36.30 11.15
CA LEU E 153 2.51 36.98 10.48
C LEU E 153 2.99 38.12 11.36
N ASN E 154 4.30 38.20 11.55
CA ASN E 154 4.91 39.16 12.47
C ASN E 154 5.77 40.14 11.68
N TRP E 155 5.36 41.39 11.63
CA TRP E 155 6.13 42.43 10.96
C TRP E 155 7.20 42.95 11.93
N LEU E 156 8.46 42.73 11.60
CA LEU E 156 9.57 43.12 12.45
C LEU E 156 10.25 44.36 11.87
N THR E 157 10.45 45.36 12.72
CA THR E 157 11.14 46.59 12.36
C THR E 157 12.24 46.87 13.38
N LYS E 158 12.98 47.95 13.16
CA LYS E 158 14.08 48.29 14.05
C LYS E 158 13.55 48.72 15.42
N SER E 159 14.35 48.45 16.45
CA SER E 159 14.04 48.85 17.82
C SER E 159 15.05 49.91 18.23
N GLY E 160 14.55 51.11 18.54
CA GLY E 160 15.44 52.22 18.84
C GLY E 160 16.14 52.74 17.60
N SER E 161 17.44 52.51 17.50
CA SER E 161 18.22 52.96 16.37
C SER E 161 19.04 51.85 15.73
N SER E 162 18.83 50.59 16.12
CA SER E 162 19.61 49.47 15.62
C SER E 162 18.71 48.32 15.22
N TYR E 163 19.18 47.53 14.26
CA TYR E 163 18.50 46.33 13.79
C TYR E 163 19.51 45.19 13.80
N PRO E 164 19.52 44.35 14.82
CA PRO E 164 20.54 43.30 14.93
C PRO E 164 20.29 42.17 13.95
N LEU E 165 21.32 41.33 13.79
CA LEU E 165 21.20 40.13 12.98
C LEU E 165 20.29 39.12 13.69
N LEU E 166 19.37 38.54 12.93
CA LEU E 166 18.44 37.54 13.45
C LEU E 166 18.92 36.15 13.04
N ASN E 167 19.12 35.28 14.03
CA ASN E 167 19.55 33.90 13.80
C ASN E 167 18.78 33.03 14.79
N VAL E 168 17.64 32.50 14.34
CA VAL E 168 16.75 31.74 15.20
C VAL E 168 16.59 30.33 14.62
N THR E 169 16.27 29.39 15.51
CA THR E 169 16.12 27.99 15.13
C THR E 169 14.86 27.42 15.78
N MET E 170 14.24 26.47 15.09
CA MET E 170 13.06 25.77 15.58
C MET E 170 13.02 24.36 15.03
N PRO E 171 13.26 23.35 15.86
CA PRO E 171 13.26 21.97 15.38
C PRO E 171 11.86 21.40 15.27
N ASN E 172 11.74 20.37 14.45
CA ASN E 172 10.50 19.61 14.31
C ASN E 172 10.69 18.31 15.09
N ASN E 173 10.22 18.30 16.34
CA ASN E 173 10.29 17.12 17.18
C ASN E 173 9.00 16.31 17.14
N TYR E 174 8.16 16.54 16.15
CA TYR E 174 6.90 15.83 16.00
C TYR E 174 7.00 14.75 14.94
N ASN E 175 5.87 14.11 14.64
CA ASN E 175 5.79 13.06 13.63
C ASN E 175 4.91 13.47 12.45
N PHE E 176 4.86 14.77 12.15
CA PHE E 176 4.10 15.26 11.01
C PHE E 176 4.81 16.47 10.44
N ASP E 177 4.53 16.75 9.17
CA ASP E 177 5.17 17.87 8.48
C ASP E 177 4.63 19.20 8.98
N LYS E 178 5.51 20.18 9.07
CA LYS E 178 5.15 21.55 9.44
C LYS E 178 5.17 22.43 8.20
N LEU E 179 4.09 23.18 7.99
CA LEU E 179 4.03 24.15 6.90
C LEU E 179 4.21 25.56 7.47
N TYR E 180 5.27 26.22 7.05
CA TYR E 180 5.60 27.57 7.51
C TYR E 180 5.32 28.57 6.40
N ILE E 181 4.82 29.75 6.78
CA ILE E 181 4.53 30.82 5.85
C ILE E 181 5.25 32.07 6.34
N TRP E 182 6.08 32.66 5.48
CA TRP E 182 6.84 33.86 5.83
C TRP E 182 6.77 34.81 4.64
N GLY E 183 7.56 35.88 4.71
CA GLY E 183 7.51 36.88 3.66
C GLY E 183 8.66 37.86 3.73
N VAL E 184 8.79 38.65 2.67
CA VAL E 184 9.81 39.69 2.54
C VAL E 184 9.13 40.99 2.17
N HIS E 185 9.49 42.07 2.85
CA HIS E 185 8.89 43.38 2.60
C HIS E 185 9.74 44.16 1.62
N HIS E 186 9.09 44.74 0.60
CA HIS E 186 9.78 45.48 -0.45
C HIS E 186 9.53 46.97 -0.30
N PRO E 187 10.49 47.73 0.21
CA PRO E 187 10.28 49.18 0.35
C PRO E 187 10.25 49.87 -1.00
N SER E 188 9.73 51.10 -1.01
CA SER E 188 9.60 51.88 -2.23
C SER E 188 10.73 52.90 -2.41
N THR E 189 11.39 53.32 -1.34
CA THR E 189 12.50 54.25 -1.42
C THR E 189 13.60 53.79 -0.49
N ASN E 190 14.81 54.29 -0.73
CA ASN E 190 15.94 53.99 0.14
C ASN E 190 15.79 54.65 1.51
N GLN E 191 15.17 55.83 1.57
CA GLN E 191 14.97 56.49 2.85
C GLN E 191 13.96 55.72 3.70
N GLU E 192 13.00 55.04 3.06
CA GLU E 192 12.08 54.17 3.80
C GLU E 192 12.75 52.88 4.22
N GLN E 193 13.59 52.30 3.35
CA GLN E 193 14.29 51.07 3.69
C GLN E 193 15.20 51.28 4.90
N THR E 194 15.92 52.39 4.93
CA THR E 194 16.78 52.70 6.08
C THR E 194 15.98 53.05 7.31
N ASN E 195 14.82 53.70 7.15
CA ASN E 195 14.00 54.07 8.29
C ASN E 195 13.48 52.83 9.01
N LEU E 196 12.94 51.86 8.25
CA LEU E 196 12.39 50.66 8.88
C LEU E 196 13.49 49.72 9.36
N TYR E 197 14.54 49.57 8.56
CA TYR E 197 15.65 48.67 8.89
C TYR E 197 16.95 49.44 8.70
N VAL E 198 17.81 49.42 9.73
CA VAL E 198 19.00 50.26 9.72
C VAL E 198 19.89 49.92 8.53
N GLN E 199 19.99 48.63 8.19
CA GLN E 199 20.83 48.21 7.09
C GLN E 199 20.26 48.68 5.76
N ALA E 200 21.15 49.06 4.84
CA ALA E 200 20.73 49.65 3.58
C ALA E 200 20.18 48.61 2.61
N SER E 201 20.67 47.38 2.68
CA SER E 201 20.24 46.31 1.78
C SER E 201 19.89 45.09 2.61
N GLY E 202 18.60 44.74 2.63
CA GLY E 202 18.14 43.62 3.43
C GLY E 202 18.47 42.28 2.82
N ARG E 203 18.19 41.23 3.61
CA ARG E 203 18.44 39.85 3.19
C ARG E 203 17.69 38.89 4.11
N VAL E 204 17.02 37.90 3.53
CA VAL E 204 16.24 36.92 4.29
C VAL E 204 16.62 35.53 3.81
N THR E 205 17.05 34.66 4.72
CA THR E 205 17.44 33.30 4.40
C THR E 205 16.67 32.34 5.28
N VAL E 206 15.83 31.50 4.66
CA VAL E 206 15.09 30.46 5.35
C VAL E 206 15.53 29.12 4.79
N SER E 207 16.03 28.23 5.65
CA SER E 207 16.67 27.01 5.20
C SER E 207 16.36 25.87 6.14
N THR E 208 16.45 24.66 5.60
CA THR E 208 16.41 23.41 6.35
C THR E 208 17.70 22.63 6.07
N ARG E 209 17.77 21.40 6.56
CA ARG E 209 18.95 20.58 6.33
C ARG E 209 19.07 20.15 4.88
N ARG E 210 18.00 20.26 4.08
CA ARG E 210 18.01 19.78 2.71
C ARG E 210 17.62 20.82 1.67
N SER E 211 17.20 22.02 2.07
CA SER E 211 16.80 23.04 1.12
C SER E 211 17.05 24.41 1.72
N GLN E 212 17.16 25.41 0.83
CA GLN E 212 17.36 26.79 1.26
C GLN E 212 16.56 27.71 0.34
N GLN E 213 16.23 28.89 0.87
CA GLN E 213 15.61 29.96 0.10
C GLN E 213 16.16 31.28 0.61
N THR E 214 16.72 32.08 -0.29
CA THR E 214 17.15 33.43 0.07
C THR E 214 16.54 34.45 -0.89
N ILE E 215 16.04 35.54 -0.32
CA ILE E 215 15.40 36.61 -1.08
C ILE E 215 16.10 37.91 -0.75
N VAL E 216 16.29 38.74 -1.77
CA VAL E 216 16.79 40.10 -1.61
C VAL E 216 15.62 41.05 -1.85
N PRO E 217 15.33 41.95 -0.92
CA PRO E 217 14.21 42.88 -1.13
C PRO E 217 14.48 43.80 -2.31
N ASN E 218 13.40 44.22 -2.97
CA ASN E 218 13.46 45.10 -4.12
C ASN E 218 12.88 46.46 -3.76
N ILE E 219 13.59 47.52 -4.16
CA ILE E 219 13.18 48.89 -3.88
C ILE E 219 12.66 49.51 -5.16
N GLY E 220 11.48 50.14 -5.08
CA GLY E 220 10.90 50.79 -6.23
C GLY E 220 9.50 51.27 -6.00
N SER E 221 9.12 52.37 -6.65
CA SER E 221 7.77 52.90 -6.51
C SER E 221 6.78 52.03 -7.28
N ARG E 222 5.63 51.79 -6.67
CA ARG E 222 4.58 50.94 -7.21
C ARG E 222 3.24 51.66 -7.08
N PRO E 223 2.26 51.27 -7.88
CA PRO E 223 0.94 51.91 -7.78
C PRO E 223 0.36 51.76 -6.38
N TRP E 224 -0.33 52.80 -5.93
CA TRP E 224 -0.89 52.81 -4.58
C TRP E 224 -2.02 51.79 -4.48
N VAL E 225 -1.90 50.89 -3.51
CA VAL E 225 -2.95 49.93 -3.18
C VAL E 225 -3.27 50.14 -1.70
N ARG E 226 -4.45 50.68 -1.42
CA ARG E 226 -4.85 51.05 -0.05
C ARG E 226 -3.81 51.97 0.60
N GLY E 227 -3.32 52.92 -0.18
CA GLY E 227 -2.41 53.93 0.33
C GLY E 227 -0.98 53.47 0.54
N GLN E 228 -0.62 52.28 0.07
CA GLN E 228 0.73 51.74 0.24
C GLN E 228 1.39 51.59 -1.12
N SER E 229 2.59 52.16 -1.26
CA SER E 229 3.40 51.97 -2.45
C SER E 229 4.35 50.78 -2.34
N SER E 230 4.46 50.18 -1.16
CA SER E 230 5.30 49.02 -0.93
C SER E 230 4.51 47.73 -1.06
N ARG E 231 5.24 46.62 -1.20
CA ARG E 231 4.63 45.32 -1.41
C ARG E 231 5.25 44.31 -0.43
N ILE E 232 4.67 43.11 -0.42
CA ILE E 232 5.17 41.99 0.38
C ILE E 232 5.05 40.73 -0.47
N SER E 233 6.10 39.92 -0.47
CA SER E 233 6.12 38.66 -1.19
C SER E 233 6.03 37.50 -0.22
N ILE E 234 5.22 36.50 -0.55
CA ILE E 234 4.90 35.39 0.35
C ILE E 234 5.62 34.14 -0.14
N TYR E 235 6.27 33.45 0.80
CA TYR E 235 6.97 32.19 0.52
C TYR E 235 6.61 31.17 1.58
N TRP E 236 6.80 29.89 1.25
CA TRP E 236 6.46 28.81 2.17
C TRP E 236 7.59 27.79 2.23
N THR E 237 7.72 27.17 3.40
CA THR E 237 8.71 26.12 3.64
C THR E 237 8.05 25.01 4.44
N ILE E 238 8.48 23.77 4.18
CA ILE E 238 7.94 22.59 4.84
C ILE E 238 9.08 21.85 5.54
N VAL E 239 8.91 21.58 6.83
CA VAL E 239 9.91 20.94 7.67
C VAL E 239 9.47 19.52 7.96
N LYS E 240 10.24 18.55 7.47
CA LYS E 240 9.96 17.15 7.74
C LYS E 240 10.24 16.84 9.21
N PRO E 241 9.62 15.80 9.75
CA PRO E 241 9.94 15.39 11.13
C PRO E 241 11.40 15.01 11.25
N GLY E 242 12.01 15.41 12.36
CA GLY E 242 13.43 15.21 12.55
C GLY E 242 14.31 16.24 11.89
N ASP E 243 13.73 17.21 11.19
CA ASP E 243 14.48 18.28 10.55
C ASP E 243 14.49 19.50 11.48
N VAL E 244 15.06 20.60 10.98
CA VAL E 244 15.19 21.82 11.76
C VAL E 244 15.06 23.02 10.83
N LEU E 245 14.47 24.10 11.34
CA LEU E 245 14.29 25.33 10.59
C LEU E 245 15.24 26.39 11.12
N VAL E 246 15.90 27.10 10.21
CA VAL E 246 16.80 28.19 10.55
C VAL E 246 16.41 29.40 9.72
N ILE E 247 16.14 30.53 10.39
CA ILE E 247 15.83 31.78 9.73
C ILE E 247 16.93 32.77 10.05
N ASN E 248 17.59 33.30 9.02
CA ASN E 248 18.67 34.26 9.16
C ASN E 248 18.33 35.47 8.32
N SER E 249 18.36 36.66 8.92
CA SER E 249 17.91 37.85 8.23
C SER E 249 18.72 39.07 8.65
N ASN E 250 19.02 39.92 7.68
CA ASN E 250 19.58 41.25 7.91
C ASN E 250 18.52 42.34 7.92
N GLY E 251 17.26 41.98 7.73
CA GLY E 251 16.17 42.94 7.66
C GLY E 251 15.14 42.57 6.62
N ASN E 252 14.03 43.32 6.57
CA ASN E 252 12.96 43.12 5.60
C ASN E 252 12.29 41.75 5.76
N LEU E 253 12.29 41.20 6.98
CA LEU E 253 11.74 39.88 7.23
C LEU E 253 10.31 40.00 7.75
N ILE E 254 9.40 39.27 7.15
CA ILE E 254 8.04 39.10 7.64
C ILE E 254 7.99 37.73 8.30
N ALA E 255 8.17 37.71 9.62
CA ALA E 255 8.36 36.45 10.33
C ALA E 255 7.04 35.67 10.44
N PRO E 256 7.12 34.35 10.55
CA PRO E 256 5.92 33.56 10.86
C PRO E 256 5.65 33.54 12.35
N ARG E 257 4.40 33.21 12.68
CA ARG E 257 3.97 33.06 14.07
C ARG E 257 3.82 31.60 14.48
N GLY E 258 4.10 30.68 13.58
CA GLY E 258 3.93 29.26 13.85
C GLY E 258 3.88 28.47 12.55
N PHE E 259 3.37 27.26 12.65
CA PHE E 259 3.31 26.36 11.52
C PHE E 259 1.86 25.91 11.27
N PHE E 260 1.54 25.69 10.00
CA PHE E 260 0.26 25.11 9.60
C PHE E 260 0.41 23.60 9.54
N LYS E 261 -0.55 22.90 10.15
CA LYS E 261 -0.58 21.45 10.03
C LYS E 261 -1.02 21.07 8.62
N ILE E 262 -0.24 20.24 7.94
CA ILE E 262 -0.49 19.86 6.57
C ILE E 262 -0.83 18.37 6.54
N ARG E 263 -1.99 18.04 5.96
CA ARG E 263 -2.49 16.69 5.91
C ARG E 263 -2.57 16.21 4.46
N THR E 264 -2.64 14.89 4.31
CA THR E 264 -2.90 14.27 3.02
C THR E 264 -4.35 13.81 2.99
N GLY E 265 -5.09 14.24 1.97
CA GLY E 265 -6.49 13.91 1.89
C GLY E 265 -7.04 14.11 0.50
N ARG E 266 -8.36 13.97 0.39
CA ARG E 266 -9.07 14.11 -0.87
C ARG E 266 -9.79 15.44 -0.99
N SER E 267 -9.19 16.50 -0.47
CA SER E 267 -9.77 17.84 -0.51
C SER E 267 -9.30 18.59 -1.74
N SER E 268 -10.04 19.66 -2.07
CA SER E 268 -9.74 20.44 -3.28
C SER E 268 -10.40 21.81 -3.14
N ILE E 269 -10.36 22.58 -4.23
CA ILE E 269 -10.93 23.91 -4.29
C ILE E 269 -11.63 24.06 -5.65
N MET E 270 -12.71 24.83 -5.65
CA MET E 270 -13.49 25.04 -6.87
C MET E 270 -14.01 26.48 -6.90
N ARG E 271 -13.97 27.08 -8.08
CA ARG E 271 -14.49 28.43 -8.30
C ARG E 271 -15.91 28.32 -8.86
N SER E 272 -16.86 28.91 -8.14
CA SER E 272 -18.26 28.87 -8.57
C SER E 272 -19.01 30.00 -7.90
N ASP E 273 -20.20 30.28 -8.45
CA ASP E 273 -21.10 31.27 -7.89
C ASP E 273 -22.47 30.69 -7.54
N ALA E 274 -22.62 29.37 -7.63
CA ALA E 274 -23.89 28.74 -7.31
C ALA E 274 -24.15 28.79 -5.81
N PRO E 275 -25.41 28.92 -5.40
CA PRO E 275 -25.74 28.83 -3.97
C PRO E 275 -25.68 27.39 -3.47
N ILE E 276 -25.58 27.28 -2.15
CA ILE E 276 -25.49 25.98 -1.48
C ILE E 276 -26.81 25.73 -0.76
N GLU E 277 -27.42 24.58 -1.03
CA GLU E 277 -28.71 24.21 -0.48
C GLU E 277 -28.61 22.91 0.30
N THR E 278 -29.67 22.59 1.04
CA THR E 278 -29.73 21.35 1.82
C THR E 278 -30.27 20.25 0.91
N CYS E 279 -29.37 19.39 0.46
CA CYS E 279 -29.71 18.26 -0.41
C CYS E 279 -28.53 17.30 -0.41
N ILE E 280 -28.65 16.22 -1.16
CA ILE E 280 -27.65 15.16 -1.20
C ILE E 280 -27.23 14.92 -2.64
N SER E 281 -25.93 15.00 -2.91
CA SER E 281 -25.40 14.72 -4.24
C SER E 281 -23.90 14.49 -4.13
N GLU E 282 -23.41 13.43 -4.76
CA GLU E 282 -21.98 13.14 -4.74
C GLU E 282 -21.19 14.08 -5.64
N CYS E 283 -21.74 14.40 -6.81
CA CYS E 283 -21.00 15.11 -7.85
C CYS E 283 -21.28 16.61 -7.75
N ILE E 284 -20.21 17.40 -7.69
CA ILE E 284 -20.31 18.85 -7.63
C ILE E 284 -19.58 19.43 -8.84
N THR E 285 -20.27 20.29 -9.58
CA THR E 285 -19.72 21.06 -10.67
C THR E 285 -19.93 22.54 -10.38
N PRO E 286 -19.16 23.43 -11.02
CA PRO E 286 -19.40 24.87 -10.81
C PRO E 286 -20.82 25.29 -11.19
N ASN E 287 -21.45 24.60 -12.13
CA ASN E 287 -22.84 24.89 -12.46
C ASN E 287 -23.81 24.39 -11.40
N GLY E 288 -23.34 23.60 -10.44
CA GLY E 288 -24.15 23.02 -9.38
C GLY E 288 -23.90 21.54 -9.28
N SER E 289 -24.71 20.86 -8.47
CA SER E 289 -24.62 19.43 -8.34
C SER E 289 -25.40 18.74 -9.45
N ILE E 290 -24.93 17.56 -9.84
CA ILE E 290 -25.61 16.77 -10.87
C ILE E 290 -25.75 15.33 -10.38
N PRO E 291 -26.78 14.60 -10.81
CA PRO E 291 -26.87 13.18 -10.46
C PRO E 291 -25.82 12.37 -11.21
N ASN E 292 -25.60 11.14 -10.73
CA ASN E 292 -24.58 10.27 -11.29
C ASN E 292 -25.15 8.91 -11.68
N ASP E 293 -26.43 8.86 -12.07
CA ASP E 293 -27.02 7.62 -12.54
C ASP E 293 -26.66 7.31 -13.99
N LYS E 294 -25.96 8.23 -14.66
CA LYS E 294 -25.58 8.09 -16.06
C LYS E 294 -24.06 8.06 -16.18
N PRO E 295 -23.53 7.38 -17.21
CA PRO E 295 -22.06 7.26 -17.32
C PRO E 295 -21.37 8.50 -17.88
N PHE E 296 -22.09 9.42 -18.52
CA PHE E 296 -21.49 10.59 -19.13
C PHE E 296 -22.27 11.84 -18.75
N GLN E 297 -21.61 12.99 -18.88
CA GLN E 297 -22.25 14.27 -18.60
C GLN E 297 -21.63 15.35 -19.47
N ASN E 298 -22.45 16.36 -19.78
CA ASN E 298 -22.07 17.46 -20.66
C ASN E 298 -22.14 18.81 -19.95
N VAL E 299 -22.25 18.82 -18.62
CA VAL E 299 -22.44 20.08 -17.90
C VAL E 299 -21.14 20.86 -17.82
N ASN E 300 -20.13 20.28 -17.17
CA ASN E 300 -18.85 20.94 -16.99
C ASN E 300 -17.73 19.91 -16.99
N LYS E 301 -16.57 20.31 -17.52
CA LYS E 301 -15.39 19.48 -17.44
C LYS E 301 -14.69 19.58 -16.09
N ILE E 302 -15.04 20.56 -15.27
CA ILE E 302 -14.56 20.65 -13.90
C ILE E 302 -15.58 19.96 -12.99
N THR E 303 -15.13 18.94 -12.28
CA THR E 303 -16.02 18.15 -11.42
C THR E 303 -15.31 17.83 -10.11
N TYR E 304 -16.11 17.45 -9.11
CA TYR E 304 -15.60 16.98 -7.83
C TYR E 304 -16.50 15.88 -7.31
N GLY E 305 -15.90 14.74 -6.95
CA GLY E 305 -16.63 13.63 -6.42
C GLY E 305 -16.83 12.51 -7.42
N ALA E 306 -17.83 11.67 -7.14
CA ALA E 306 -18.19 10.56 -8.03
C ALA E 306 -19.05 11.12 -9.16
N CYS E 307 -18.42 11.38 -10.30
CA CYS E 307 -19.07 12.10 -11.38
C CYS E 307 -19.05 11.30 -12.67
N PRO E 308 -20.03 11.51 -13.54
CA PRO E 308 -19.92 10.99 -14.91
C PRO E 308 -18.80 11.68 -15.66
N LYS E 309 -18.22 10.96 -16.62
CA LYS E 309 -17.13 11.51 -17.40
C LYS E 309 -17.65 12.57 -18.36
N TYR E 310 -16.86 13.63 -18.55
CA TYR E 310 -17.26 14.71 -19.44
C TYR E 310 -17.07 14.30 -20.90
N VAL E 311 -18.07 14.60 -21.73
CA VAL E 311 -18.02 14.35 -23.16
C VAL E 311 -18.49 15.60 -23.88
N LYS E 312 -18.17 15.68 -25.17
CA LYS E 312 -18.60 16.82 -25.98
C LYS E 312 -20.05 16.70 -26.42
N GLN E 313 -20.55 15.48 -26.58
CA GLN E 313 -21.90 15.29 -27.10
C GLN E 313 -22.96 15.71 -26.08
N ASN E 314 -24.06 16.24 -26.58
CA ASN E 314 -25.19 16.63 -25.75
C ASN E 314 -26.18 15.51 -25.51
N THR E 315 -26.23 14.52 -26.38
CA THR E 315 -27.17 13.42 -26.24
C THR E 315 -26.57 12.14 -26.81
N LEU E 316 -26.86 11.01 -26.15
CA LEU E 316 -26.42 9.70 -26.63
C LEU E 316 -27.51 8.70 -26.25
N LYS E 317 -28.37 8.36 -27.21
CA LYS E 317 -29.46 7.42 -26.97
C LYS E 317 -28.95 5.99 -27.10
N LEU E 318 -29.29 5.14 -26.12
CA LEU E 318 -28.89 3.74 -26.12
C LEU E 318 -30.13 2.87 -26.27
N ALA E 319 -30.12 1.98 -27.25
CA ALA E 319 -31.29 1.17 -27.58
C ALA E 319 -31.58 0.17 -26.47
N THR E 320 -32.87 0.00 -26.15
CA THR E 320 -33.33 -0.98 -25.18
C THR E 320 -34.53 -1.76 -25.72
N GLY E 321 -34.62 -1.90 -27.03
CA GLY E 321 -35.71 -2.65 -27.64
C GLY E 321 -35.40 -2.89 -29.10
N MET E 322 -36.29 -3.63 -29.76
CA MET E 322 -36.08 -3.93 -31.18
C MET E 322 -36.36 -2.70 -32.03
N ARG E 323 -36.16 -2.85 -33.33
CA ARG E 323 -36.51 -1.79 -34.27
C ARG E 323 -38.03 -1.65 -34.36
N ASN E 324 -38.49 -0.42 -34.55
CA ASN E 324 -39.92 -0.10 -34.59
C ASN E 324 -40.34 -0.06 -36.06
N VAL E 325 -41.21 -1.00 -36.45
CA VAL E 325 -41.63 -1.14 -37.84
C VAL E 325 -43.15 -1.12 -37.90
N PRO E 326 -43.80 0.03 -37.70
CA PRO E 326 -45.26 0.08 -37.74
C PRO E 326 -45.84 0.45 -39.11
N GLU E 327 -46.74 -0.39 -39.64
CA GLU E 327 -47.62 -0.03 -40.74
C GLU E 327 -48.92 -0.83 -40.65
N GLY F 1 -31.34 -6.63 -38.13
CA GLY F 1 -31.38 -6.65 -39.59
C GLY F 1 -30.47 -7.70 -40.18
N LEU F 2 -29.58 -8.26 -39.36
CA LEU F 2 -28.62 -9.24 -39.85
C LEU F 2 -29.18 -10.64 -39.97
N PHE F 3 -30.37 -10.90 -39.43
CA PHE F 3 -30.99 -12.22 -39.53
C PHE F 3 -32.26 -12.21 -40.36
N GLY F 4 -32.68 -11.03 -40.83
CA GLY F 4 -33.80 -10.94 -41.75
C GLY F 4 -35.13 -11.38 -41.19
N ALA F 5 -35.42 -11.03 -39.94
CA ALA F 5 -36.73 -11.30 -39.36
C ALA F 5 -37.51 -10.01 -39.11
N ILE F 6 -36.99 -9.11 -38.28
CA ILE F 6 -37.60 -7.80 -38.12
C ILE F 6 -37.14 -6.91 -39.26
N ALA F 7 -38.08 -6.21 -39.89
CA ALA F 7 -37.85 -5.54 -41.17
C ALA F 7 -37.34 -6.56 -42.20
N GLY F 8 -38.11 -7.65 -42.31
CA GLY F 8 -37.72 -8.81 -43.09
C GLY F 8 -38.93 -9.64 -43.48
N PHE F 9 -38.82 -10.96 -43.40
CA PHE F 9 -39.95 -11.83 -43.72
C PHE F 9 -41.12 -11.69 -42.74
N ILE F 10 -41.00 -10.86 -41.72
CA ILE F 10 -42.14 -10.59 -40.84
C ILE F 10 -43.00 -9.45 -41.35
N GLU F 11 -42.41 -8.52 -42.10
CA GLU F 11 -43.07 -7.39 -42.74
C GLU F 11 -43.34 -6.26 -41.73
N ASN F 12 -44.20 -6.52 -40.75
CA ASN F 12 -44.66 -5.47 -39.86
C ASN F 12 -44.68 -5.96 -38.42
N GLY F 13 -44.69 -5.00 -37.50
CA GLY F 13 -44.81 -5.29 -36.08
C GLY F 13 -46.23 -5.03 -35.59
N TRP F 14 -46.65 -5.82 -34.61
CA TRP F 14 -48.01 -5.75 -34.09
C TRP F 14 -48.08 -4.65 -33.03
N GLU F 15 -48.53 -3.47 -33.43
CA GLU F 15 -48.81 -2.41 -32.46
C GLU F 15 -50.11 -2.78 -31.75
N GLY F 16 -49.98 -3.24 -30.50
CA GLY F 16 -51.14 -3.73 -29.77
C GLY F 16 -50.82 -4.90 -28.87
N MET F 17 -49.62 -5.47 -29.00
CA MET F 17 -49.16 -6.51 -28.08
C MET F 17 -48.60 -5.83 -26.84
N ILE F 18 -49.48 -5.61 -25.86
CA ILE F 18 -49.08 -4.97 -24.61
C ILE F 18 -48.65 -5.99 -23.55
N ASP F 19 -48.66 -7.27 -23.88
CA ASP F 19 -48.34 -8.32 -22.92
C ASP F 19 -46.89 -8.78 -22.99
N GLY F 20 -46.24 -8.66 -24.13
CA GLY F 20 -44.87 -9.12 -24.24
C GLY F 20 -44.20 -8.60 -25.49
N TRP F 21 -42.96 -9.04 -25.69
CA TRP F 21 -42.17 -8.62 -26.84
C TRP F 21 -42.38 -9.51 -28.06
N TYR F 22 -42.61 -10.80 -27.87
CA TYR F 22 -42.92 -11.72 -28.95
C TYR F 22 -44.13 -12.56 -28.56
N GLY F 23 -44.94 -12.89 -29.55
CA GLY F 23 -46.15 -13.65 -29.30
C GLY F 23 -46.67 -14.32 -30.55
N PHE F 24 -47.77 -15.04 -30.38
CA PHE F 24 -48.41 -15.76 -31.46
C PHE F 24 -49.79 -15.16 -31.76
N ARG F 25 -50.20 -15.26 -33.02
CA ARG F 25 -51.53 -14.87 -33.46
C ARG F 25 -52.07 -15.98 -34.36
N HIS F 26 -53.29 -16.43 -34.10
CA HIS F 26 -53.85 -17.56 -34.81
C HIS F 26 -55.25 -17.23 -35.31
N GLN F 27 -55.59 -17.81 -36.46
CA GLN F 27 -56.94 -17.79 -37.00
C GLN F 27 -57.48 -19.22 -36.95
N ASN F 28 -58.63 -19.38 -36.27
CA ASN F 28 -59.17 -20.70 -35.99
C ASN F 28 -60.65 -20.73 -36.30
N SER F 29 -61.20 -21.94 -36.32
CA SER F 29 -62.64 -22.11 -36.50
C SER F 29 -63.41 -21.46 -35.36
N GLU F 30 -62.92 -21.62 -34.13
CA GLU F 30 -63.56 -20.99 -32.99
C GLU F 30 -63.42 -19.47 -33.04
N GLY F 31 -62.31 -18.98 -33.54
CA GLY F 31 -62.07 -17.55 -33.65
C GLY F 31 -60.60 -17.23 -33.52
N THR F 32 -60.27 -15.97 -33.84
CA THR F 32 -58.89 -15.52 -33.75
C THR F 32 -58.51 -15.25 -32.30
N GLY F 33 -57.20 -15.31 -32.05
CA GLY F 33 -56.69 -15.08 -30.70
C GLY F 33 -55.26 -14.59 -30.75
N GLN F 34 -54.78 -14.17 -29.58
CA GLN F 34 -53.43 -13.63 -29.45
C GLN F 34 -52.87 -13.99 -28.09
N ALA F 35 -51.59 -14.36 -28.06
CA ALA F 35 -50.88 -14.66 -26.83
C ALA F 35 -49.47 -14.09 -26.91
N ALA F 36 -48.75 -14.17 -25.78
CA ALA F 36 -47.40 -13.65 -25.69
C ALA F 36 -46.47 -14.74 -25.18
N ASP F 37 -45.22 -14.69 -25.65
CA ASP F 37 -44.19 -15.65 -25.26
C ASP F 37 -43.27 -14.99 -24.24
N LEU F 38 -43.28 -15.53 -23.01
CA LEU F 38 -42.46 -14.96 -21.95
C LEU F 38 -40.99 -15.33 -22.08
N LYS F 39 -40.69 -16.52 -22.62
CA LYS F 39 -39.31 -16.99 -22.69
C LYS F 39 -38.47 -16.09 -23.58
N SER F 40 -38.94 -15.83 -24.81
CA SER F 40 -38.19 -14.97 -25.72
C SER F 40 -38.16 -13.53 -25.23
N THR F 41 -39.25 -13.06 -24.60
CA THR F 41 -39.26 -11.71 -24.06
C THR F 41 -38.28 -11.57 -22.91
N GLN F 42 -38.29 -12.53 -21.98
CA GLN F 42 -37.40 -12.45 -20.83
C GLN F 42 -35.94 -12.65 -21.24
N ALA F 43 -35.70 -13.46 -22.27
CA ALA F 43 -34.34 -13.63 -22.76
C ALA F 43 -33.80 -12.34 -23.37
N ALA F 44 -34.64 -11.64 -24.14
CA ALA F 44 -34.20 -10.38 -24.74
C ALA F 44 -34.05 -9.28 -23.68
N ILE F 45 -34.97 -9.24 -22.71
CA ILE F 45 -34.88 -8.24 -21.66
C ILE F 45 -33.65 -8.47 -20.79
N ASP F 46 -33.37 -9.72 -20.43
CA ASP F 46 -32.18 -10.02 -19.65
C ASP F 46 -30.90 -9.68 -20.40
N GLN F 47 -30.94 -9.67 -21.73
CA GLN F 47 -29.77 -9.27 -22.52
C GLN F 47 -29.69 -7.76 -22.70
N ILE F 48 -30.83 -7.08 -22.81
CA ILE F 48 -30.82 -5.62 -22.81
C ILE F 48 -30.35 -5.09 -21.46
N ASN F 49 -30.86 -5.69 -20.38
CA ASN F 49 -30.27 -5.46 -19.07
C ASN F 49 -28.91 -6.18 -19.00
N GLY F 50 -28.13 -5.84 -17.99
CA GLY F 50 -26.77 -6.35 -17.93
C GLY F 50 -25.91 -5.59 -18.92
N LYS F 51 -26.33 -5.57 -20.18
CA LYS F 51 -25.83 -4.60 -21.13
C LYS F 51 -25.94 -3.18 -20.58
N LEU F 52 -27.11 -2.85 -20.04
CA LEU F 52 -27.32 -1.54 -19.42
C LEU F 52 -26.44 -1.37 -18.19
N ASN F 53 -26.39 -2.40 -17.33
CA ASN F 53 -25.65 -2.29 -16.08
C ASN F 53 -24.15 -2.19 -16.33
N ARG F 54 -23.63 -2.91 -17.33
CA ARG F 54 -22.22 -2.81 -17.68
C ARG F 54 -21.86 -1.41 -18.12
N VAL F 55 -22.77 -0.71 -18.80
CA VAL F 55 -22.52 0.67 -19.21
C VAL F 55 -22.72 1.63 -18.05
N ILE F 56 -23.76 1.40 -17.25
CA ILE F 56 -24.15 2.38 -16.23
C ILE F 56 -23.24 2.35 -15.01
N GLU F 57 -22.62 1.20 -14.71
CA GLU F 57 -21.87 1.03 -13.46
C GLU F 57 -20.87 2.16 -13.26
N LYS F 58 -20.90 2.74 -12.06
CA LYS F 58 -20.13 3.94 -11.77
C LYS F 58 -18.65 3.60 -11.59
N THR F 59 -17.79 4.33 -12.31
CA THR F 59 -16.37 4.00 -12.35
C THR F 59 -15.48 5.24 -12.29
N ASN F 60 -15.90 6.29 -11.59
CA ASN F 60 -15.15 7.54 -11.63
C ASN F 60 -15.31 8.30 -10.32
N GLU F 61 -14.23 8.37 -9.54
CA GLU F 61 -14.11 9.28 -8.41
C GLU F 61 -12.80 10.04 -8.54
N LYS F 62 -12.89 11.36 -8.71
CA LYS F 62 -11.72 12.22 -8.77
C LYS F 62 -11.96 13.42 -7.86
N PHE F 63 -10.95 13.76 -7.05
CA PHE F 63 -11.11 14.80 -6.05
C PHE F 63 -10.29 16.05 -6.35
N HIS F 64 -8.97 15.93 -6.48
CA HIS F 64 -8.11 17.06 -6.79
C HIS F 64 -7.45 16.82 -8.13
N GLN F 65 -7.52 17.82 -9.01
CA GLN F 65 -7.06 17.68 -10.39
C GLN F 65 -6.35 18.98 -10.78
N ILE F 66 -6.13 19.14 -12.09
CA ILE F 66 -5.51 20.35 -12.60
C ILE F 66 -6.56 21.43 -12.79
N GLU F 67 -6.11 22.69 -12.78
CA GLU F 67 -6.98 23.79 -13.14
C GLU F 67 -7.31 23.72 -14.63
N LYS F 68 -8.59 23.96 -14.94
CA LYS F 68 -9.06 23.85 -16.31
C LYS F 68 -9.58 25.15 -16.89
N GLU F 69 -9.66 26.21 -16.10
CA GLU F 69 -10.03 27.53 -16.58
C GLU F 69 -9.03 28.55 -16.05
N PHE F 70 -8.67 29.52 -16.88
CA PHE F 70 -7.62 30.47 -16.54
C PHE F 70 -8.07 31.89 -16.86
N SER F 71 -7.52 32.84 -16.09
CA SER F 71 -7.88 34.25 -16.24
C SER F 71 -6.73 35.13 -16.72
N GLU F 72 -5.50 34.62 -16.71
CA GLU F 72 -4.33 35.35 -17.19
C GLU F 72 -3.52 34.46 -18.11
N VAL F 73 -2.94 35.04 -19.15
CA VAL F 73 -2.09 34.28 -20.06
C VAL F 73 -0.74 34.07 -19.40
N GLU F 74 -0.21 32.86 -19.53
CA GLU F 74 1.06 32.52 -18.88
C GLU F 74 2.07 31.90 -19.82
N GLY F 75 1.64 31.06 -20.76
CA GLY F 75 2.56 30.46 -21.70
C GLY F 75 2.66 28.95 -21.64
N ARG F 76 3.87 28.44 -21.35
CA ARG F 76 4.16 27.03 -21.56
C ARG F 76 3.26 26.13 -20.71
N ILE F 77 3.18 26.41 -19.41
CA ILE F 77 2.44 25.52 -18.51
C ILE F 77 0.95 25.54 -18.83
N GLN F 78 0.40 26.74 -19.09
CA GLN F 78 -1.01 26.83 -19.45
C GLN F 78 -1.28 26.13 -20.78
N ASP F 79 -0.37 26.25 -21.73
CA ASP F 79 -0.52 25.53 -22.99
C ASP F 79 -0.56 24.02 -22.75
N LEU F 80 0.32 23.51 -21.87
CA LEU F 80 0.35 22.09 -21.59
C LEU F 80 -0.93 21.62 -20.89
N GLU F 81 -1.40 22.39 -19.90
CA GLU F 81 -2.57 21.97 -19.14
C GLU F 81 -3.81 21.92 -20.03
N LYS F 82 -4.00 22.93 -20.88
CA LYS F 82 -5.13 22.92 -21.80
C LYS F 82 -5.04 21.78 -22.79
N TYR F 83 -3.84 21.50 -23.30
CA TYR F 83 -3.67 20.41 -24.26
C TYR F 83 -4.01 19.06 -23.64
N VAL F 84 -3.63 18.87 -22.37
CA VAL F 84 -3.95 17.61 -21.69
C VAL F 84 -5.46 17.44 -21.57
N GLU F 85 -6.16 18.49 -21.12
CA GLU F 85 -7.61 18.40 -20.95
C GLU F 85 -8.31 18.19 -22.27
N ASP F 86 -7.88 18.89 -23.33
CA ASP F 86 -8.48 18.71 -24.65
C ASP F 86 -8.31 17.28 -25.14
N THR F 87 -7.11 16.72 -24.97
CA THR F 87 -6.87 15.35 -25.42
C THR F 87 -7.74 14.36 -24.66
N LYS F 88 -7.89 14.55 -23.34
CA LYS F 88 -8.71 13.65 -22.54
C LYS F 88 -10.18 13.71 -22.97
N VAL F 89 -10.70 14.91 -23.21
CA VAL F 89 -12.11 15.06 -23.56
C VAL F 89 -12.39 14.43 -24.92
N ASP F 90 -11.51 14.67 -25.90
CA ASP F 90 -11.71 14.10 -27.23
C ASP F 90 -11.69 12.57 -27.19
N LEU F 91 -10.76 11.99 -26.42
CA LEU F 91 -10.65 10.54 -26.38
C LEU F 91 -11.87 9.91 -25.74
N TRP F 92 -12.41 10.52 -24.68
CA TRP F 92 -13.61 9.99 -24.05
C TRP F 92 -14.85 10.21 -24.91
N SER F 93 -14.88 11.30 -25.68
CA SER F 93 -15.98 11.52 -26.60
C SER F 93 -16.02 10.45 -27.69
N TYR F 94 -14.85 10.08 -28.22
CA TYR F 94 -14.79 9.00 -29.19
C TYR F 94 -15.24 7.68 -28.57
N ASN F 95 -14.80 7.41 -27.34
CA ASN F 95 -15.16 6.15 -26.69
C ASN F 95 -16.67 6.05 -26.47
N ALA F 96 -17.30 7.15 -26.08
CA ALA F 96 -18.75 7.16 -25.90
C ALA F 96 -19.47 6.93 -27.23
N GLU F 97 -19.01 7.60 -28.30
CA GLU F 97 -19.65 7.45 -29.60
C GLU F 97 -19.56 6.02 -30.09
N LEU F 98 -18.35 5.43 -30.05
CA LEU F 98 -18.17 4.07 -30.55
C LEU F 98 -18.93 3.05 -29.71
N LEU F 99 -18.99 3.27 -28.39
CA LEU F 99 -19.70 2.35 -27.52
C LEU F 99 -21.19 2.33 -27.86
N VAL F 100 -21.80 3.51 -27.98
CA VAL F 100 -23.23 3.59 -28.24
C VAL F 100 -23.58 2.95 -29.58
N ALA F 101 -22.78 3.24 -30.61
CA ALA F 101 -23.05 2.67 -31.93
C ALA F 101 -22.89 1.15 -31.92
N LEU F 102 -21.85 0.64 -31.26
CA LEU F 102 -21.64 -0.80 -31.22
C LEU F 102 -22.74 -1.52 -30.44
N GLU F 103 -23.14 -0.96 -29.30
CA GLU F 103 -24.17 -1.60 -28.49
C GLU F 103 -25.52 -1.60 -29.20
N ASN F 104 -25.84 -0.51 -29.90
CA ASN F 104 -27.12 -0.42 -30.60
C ASN F 104 -27.19 -1.44 -31.74
N GLN F 105 -26.10 -1.62 -32.48
CA GLN F 105 -26.10 -2.60 -33.56
C GLN F 105 -26.30 -4.01 -33.03
N HIS F 106 -25.64 -4.35 -31.92
CA HIS F 106 -25.82 -5.66 -31.32
C HIS F 106 -27.22 -5.83 -30.75
N THR F 107 -27.82 -4.74 -30.27
CA THR F 107 -29.19 -4.81 -29.76
C THR F 107 -30.17 -5.20 -30.85
N ILE F 108 -30.01 -4.62 -32.05
CA ILE F 108 -30.89 -4.98 -33.16
C ILE F 108 -30.67 -6.43 -33.57
N ASP F 109 -29.42 -6.87 -33.60
CA ASP F 109 -29.10 -8.20 -34.09
C ASP F 109 -29.63 -9.30 -33.16
N LEU F 110 -29.57 -9.07 -31.84
CA LEU F 110 -30.02 -10.10 -30.91
C LEU F 110 -31.54 -10.21 -30.88
N THR F 111 -32.25 -9.12 -31.20
CA THR F 111 -33.70 -9.20 -31.27
C THR F 111 -34.16 -9.99 -32.49
N ASP F 112 -33.44 -9.85 -33.61
CA ASP F 112 -33.67 -10.73 -34.76
C ASP F 112 -33.37 -12.18 -34.41
N SER F 113 -32.27 -12.41 -33.69
CA SER F 113 -31.88 -13.78 -33.34
C SER F 113 -32.97 -14.47 -32.53
N GLU F 114 -33.51 -13.77 -31.53
CA GLU F 114 -34.55 -14.37 -30.69
C GLU F 114 -35.81 -14.65 -31.49
N MET F 115 -36.16 -13.74 -32.40
CA MET F 115 -37.34 -13.95 -33.25
C MET F 115 -37.12 -15.11 -34.22
N ASN F 116 -35.97 -15.12 -34.91
CA ASN F 116 -35.70 -16.19 -35.86
C ASN F 116 -35.55 -17.53 -35.16
N LYS F 117 -35.05 -17.53 -33.93
CA LYS F 117 -34.93 -18.78 -33.17
C LYS F 117 -36.31 -19.31 -32.79
N LEU F 118 -37.23 -18.43 -32.41
CA LEU F 118 -38.59 -18.87 -32.11
C LEU F 118 -39.29 -19.41 -33.35
N PHE F 119 -39.11 -18.75 -34.49
CA PHE F 119 -39.70 -19.23 -35.73
C PHE F 119 -39.15 -20.59 -36.12
N GLU F 120 -37.82 -20.76 -36.02
CA GLU F 120 -37.21 -22.04 -36.38
C GLU F 120 -37.66 -23.16 -35.46
N LYS F 121 -37.78 -22.88 -34.15
CA LYS F 121 -38.22 -23.89 -33.21
C LYS F 121 -39.64 -24.36 -33.52
N THR F 122 -40.53 -23.42 -33.84
CA THR F 122 -41.89 -23.79 -34.20
C THR F 122 -41.92 -24.63 -35.47
N ARG F 123 -41.00 -24.36 -36.41
CA ARG F 123 -40.90 -25.19 -37.61
C ARG F 123 -40.52 -26.62 -37.25
N ARG F 124 -39.58 -26.79 -36.33
CA ARG F 124 -39.21 -28.13 -35.87
C ARG F 124 -40.37 -28.81 -35.17
N GLN F 125 -41.12 -28.05 -34.38
CA GLN F 125 -42.28 -28.61 -33.67
C GLN F 125 -43.35 -29.08 -34.64
N LEU F 126 -43.72 -28.21 -35.59
CA LEU F 126 -44.66 -28.57 -36.65
C LEU F 126 -43.84 -29.20 -37.78
N ARG F 127 -43.46 -30.46 -37.57
CA ARG F 127 -42.47 -31.14 -38.40
C ARG F 127 -42.90 -31.25 -39.86
N GLU F 128 -43.96 -32.03 -40.13
CA GLU F 128 -44.52 -32.15 -41.47
C GLU F 128 -46.01 -31.84 -41.48
N ASN F 129 -46.56 -31.37 -40.37
CA ASN F 129 -47.97 -31.04 -40.26
C ASN F 129 -48.29 -29.64 -40.75
N ALA F 130 -47.28 -28.88 -41.17
CA ALA F 130 -47.50 -27.53 -41.67
C ALA F 130 -46.34 -27.14 -42.59
N GLU F 131 -46.59 -26.12 -43.40
CA GLU F 131 -45.57 -25.54 -44.26
C GLU F 131 -45.63 -24.03 -44.14
N ASP F 132 -44.58 -23.37 -44.66
CA ASP F 132 -44.30 -21.98 -44.36
C ASP F 132 -44.56 -21.08 -45.56
N MET F 133 -45.31 -20.01 -45.33
CA MET F 133 -45.39 -18.91 -46.27
C MET F 133 -44.33 -17.87 -45.93
N GLY F 134 -44.01 -17.02 -46.90
CA GLY F 134 -42.94 -16.04 -46.71
C GLY F 134 -43.35 -14.81 -45.93
N ASN F 135 -44.32 -14.95 -45.03
CA ASN F 135 -44.84 -13.82 -44.26
C ASN F 135 -44.65 -13.98 -42.76
N GLY F 136 -43.89 -14.98 -42.32
CA GLY F 136 -43.75 -15.25 -40.91
C GLY F 136 -44.92 -15.98 -40.30
N CYS F 137 -45.83 -16.53 -41.11
CA CYS F 137 -46.99 -17.26 -40.64
C CYS F 137 -46.92 -18.71 -41.09
N PHE F 138 -47.52 -19.59 -40.30
CA PHE F 138 -47.59 -21.01 -40.61
C PHE F 138 -49.01 -21.39 -40.98
N LYS F 139 -49.15 -22.35 -41.89
CA LYS F 139 -50.45 -22.87 -42.29
C LYS F 139 -50.53 -24.31 -41.82
N ILE F 140 -51.21 -24.52 -40.68
CA ILE F 140 -51.42 -25.86 -40.15
C ILE F 140 -52.49 -26.55 -40.97
N TYR F 141 -52.25 -27.82 -41.33
CA TYR F 141 -53.11 -28.54 -42.26
C TYR F 141 -54.07 -29.50 -41.56
N HIS F 142 -54.34 -29.28 -40.28
CA HIS F 142 -55.28 -30.11 -39.54
C HIS F 142 -56.10 -29.23 -38.60
N LYS F 143 -57.22 -29.78 -38.14
CA LYS F 143 -58.12 -29.08 -37.24
C LYS F 143 -57.42 -28.84 -35.91
N CYS F 144 -57.08 -27.59 -35.63
CA CYS F 144 -56.30 -27.21 -34.45
C CYS F 144 -57.12 -26.24 -33.63
N ASP F 145 -57.78 -26.74 -32.59
CA ASP F 145 -58.66 -25.93 -31.75
C ASP F 145 -57.84 -25.08 -30.79
N ASN F 146 -58.52 -24.39 -29.86
CA ASN F 146 -57.82 -23.48 -28.95
C ASN F 146 -56.87 -24.24 -28.03
N ALA F 147 -57.28 -25.40 -27.54
CA ALA F 147 -56.37 -26.22 -26.74
C ALA F 147 -55.20 -26.72 -27.59
N CYS F 148 -55.43 -26.94 -28.88
CA CYS F 148 -54.35 -27.32 -29.78
C CYS F 148 -53.32 -26.21 -29.92
N ILE F 149 -53.78 -24.96 -30.05
CA ILE F 149 -52.85 -23.83 -30.17
C ILE F 149 -52.09 -23.64 -28.86
N GLU F 150 -52.79 -23.73 -27.72
CA GLU F 150 -52.12 -23.60 -26.43
C GLU F 150 -51.03 -24.66 -26.24
N SER F 151 -51.21 -25.84 -26.83
CA SER F 151 -50.18 -26.86 -26.75
C SER F 151 -48.96 -26.52 -27.60
N ILE F 152 -49.19 -25.92 -28.78
CA ILE F 152 -48.06 -25.47 -29.60
C ILE F 152 -47.29 -24.37 -28.87
N ARG F 153 -48.01 -23.42 -28.28
CA ARG F 153 -47.36 -22.32 -27.57
C ARG F 153 -46.59 -22.82 -26.36
N ASN F 154 -47.16 -23.78 -25.63
CA ASN F 154 -46.46 -24.37 -24.49
C ASN F 154 -45.22 -25.13 -24.93
N GLY F 155 -45.30 -25.81 -26.07
CA GLY F 155 -44.25 -26.70 -26.52
C GLY F 155 -44.54 -28.17 -26.34
N THR F 156 -45.75 -28.53 -25.88
CA THR F 156 -46.16 -29.90 -25.68
C THR F 156 -46.95 -30.45 -26.86
N TYR F 157 -46.68 -29.95 -28.06
CA TYR F 157 -47.41 -30.39 -29.25
C TYR F 157 -46.91 -31.75 -29.72
N ASP F 158 -47.85 -32.63 -30.05
CA ASP F 158 -47.55 -33.98 -30.53
C ASP F 158 -47.98 -34.08 -31.99
N HIS F 159 -47.01 -34.26 -32.89
CA HIS F 159 -47.31 -34.30 -34.31
C HIS F 159 -47.91 -35.64 -34.74
N ASP F 160 -47.60 -36.72 -34.04
CA ASP F 160 -48.10 -38.04 -34.43
C ASP F 160 -49.62 -38.10 -34.38
N ILE F 161 -50.24 -37.30 -33.51
CA ILE F 161 -51.70 -37.30 -33.41
C ILE F 161 -52.33 -36.80 -34.70
N TYR F 162 -51.70 -35.83 -35.36
CA TYR F 162 -52.27 -35.18 -36.53
C TYR F 162 -51.42 -35.37 -37.79
N ARG F 163 -50.65 -36.46 -37.87
CA ARG F 163 -49.72 -36.57 -38.98
C ARG F 163 -50.41 -36.99 -40.28
N ASP F 164 -51.15 -38.11 -40.25
CA ASP F 164 -51.81 -38.57 -41.46
C ASP F 164 -52.88 -37.59 -41.93
N GLU F 165 -53.52 -36.86 -41.00
CA GLU F 165 -54.48 -35.84 -41.38
C GLU F 165 -53.83 -34.75 -42.22
N ALA F 166 -52.66 -34.28 -41.81
CA ALA F 166 -52.00 -33.19 -42.51
C ALA F 166 -51.38 -33.66 -43.82
N LEU F 167 -50.77 -34.85 -43.83
CA LEU F 167 -50.14 -35.34 -45.05
C LEU F 167 -51.17 -35.56 -46.16
N ASN F 168 -52.36 -36.05 -45.81
CA ASN F 168 -53.42 -36.19 -46.79
C ASN F 168 -53.89 -34.82 -47.29
N ASN F 169 -54.03 -33.85 -46.39
CA ASN F 169 -54.46 -32.52 -46.80
C ASN F 169 -53.37 -31.74 -47.52
N ARG F 170 -52.11 -32.15 -47.37
CA ARG F 170 -51.00 -31.48 -48.04
C ARG F 170 -50.79 -32.05 -49.44
N PHE F 171 -50.50 -33.34 -49.53
CA PHE F 171 -50.29 -34.02 -50.80
C PHE F 171 -51.53 -34.84 -51.15
N GLN F 172 -51.93 -34.76 -52.41
CA GLN F 172 -53.11 -35.48 -52.89
C GLN F 172 -52.94 -36.98 -52.76
N SER G 11 66.52 18.07 38.53
CA SER G 11 66.69 17.55 37.18
C SER G 11 65.55 16.63 36.79
N THR G 12 65.52 16.23 35.52
CA THR G 12 64.50 15.36 34.95
C THR G 12 63.10 15.98 35.06
N ALA G 13 62.10 15.28 34.55
CA ALA G 13 60.72 15.76 34.55
C ALA G 13 59.77 14.61 34.77
N THR G 14 58.54 14.94 35.14
CA THR G 14 57.50 13.96 35.42
C THR G 14 56.23 14.35 34.66
N LEU G 15 55.64 13.39 33.96
CA LEU G 15 54.41 13.61 33.21
C LEU G 15 53.38 12.58 33.63
N CYS G 16 52.20 13.04 34.04
CA CYS G 16 51.15 12.17 34.56
C CYS G 16 49.90 12.29 33.70
N LEU G 17 49.29 11.15 33.41
CA LEU G 17 48.03 11.09 32.69
C LEU G 17 46.90 10.70 33.65
N GLY G 18 45.76 11.34 33.49
CA GLY G 18 44.66 11.11 34.40
C GLY G 18 43.32 11.45 33.78
N HIS G 19 42.29 11.39 34.60
CA HIS G 19 40.92 11.64 34.18
C HIS G 19 40.21 12.46 35.24
N HIS G 20 39.13 13.12 34.84
CA HIS G 20 38.43 14.01 35.74
C HIS G 20 37.62 13.23 36.76
N SER G 21 37.47 13.80 37.95
CA SER G 21 36.54 13.33 38.96
C SER G 21 35.54 14.44 39.26
N VAL G 22 34.42 14.06 39.85
CA VAL G 22 33.40 15.04 40.22
C VAL G 22 33.12 14.93 41.72
N PRO G 23 32.87 16.05 42.40
CA PRO G 23 32.60 15.96 43.86
C PRO G 23 31.35 15.18 44.19
N ASN G 24 30.41 15.04 43.26
CA ASN G 24 29.17 14.33 43.50
C ASN G 24 28.80 13.55 42.25
N GLY G 25 28.73 12.23 42.37
CA GLY G 25 28.44 11.36 41.25
C GLY G 25 27.03 10.81 41.28
N THR G 26 26.80 9.83 40.41
CA THR G 26 25.50 9.16 40.31
C THR G 26 25.73 7.66 40.23
N ILE G 27 24.79 6.91 40.79
CA ILE G 27 24.88 5.45 40.86
C ILE G 27 24.09 4.85 39.71
N VAL G 28 24.73 3.95 38.96
CA VAL G 28 24.08 3.26 37.85
C VAL G 28 24.21 1.76 38.05
N LYS G 29 23.67 0.98 37.10
CA LYS G 29 23.66 -0.48 37.18
C LYS G 29 24.29 -1.06 35.93
N THR G 30 25.26 -1.96 36.12
CA THR G 30 25.96 -2.61 35.02
C THR G 30 25.65 -4.10 35.02
N ILE G 31 26.29 -4.81 34.09
CA ILE G 31 26.15 -6.27 34.03
C ILE G 31 26.86 -6.91 35.21
N THR G 32 28.08 -6.44 35.52
CA THR G 32 28.90 -7.05 36.56
C THR G 32 28.60 -6.51 37.96
N ASP G 33 28.14 -5.27 38.08
CA ASP G 33 27.88 -4.66 39.37
C ASP G 33 26.51 -4.01 39.36
N ASP G 34 25.89 -3.95 40.55
CA ASP G 34 24.56 -3.37 40.71
C ASP G 34 24.60 -1.94 41.24
N GLN G 35 25.68 -1.55 41.93
CA GLN G 35 25.86 -0.19 42.44
C GLN G 35 27.28 0.26 42.10
N ILE G 36 27.41 1.05 41.03
CA ILE G 36 28.70 1.61 40.62
C ILE G 36 28.47 3.08 40.30
N GLU G 37 29.38 3.94 40.80
CA GLU G 37 29.23 5.38 40.65
C GLU G 37 29.88 5.85 39.36
N VAL G 38 29.18 6.70 38.62
CA VAL G 38 29.69 7.31 37.40
C VAL G 38 29.57 8.82 37.53
N THR G 39 30.32 9.53 36.68
CA THR G 39 30.38 10.99 36.77
C THR G 39 29.05 11.62 36.39
N ASN G 40 28.48 11.23 35.25
CA ASN G 40 27.27 11.85 34.74
C ASN G 40 26.35 10.74 34.24
N ALA G 41 25.04 10.93 34.41
CA ALA G 41 24.07 9.94 33.97
C ALA G 41 22.73 10.63 33.74
N THR G 42 21.89 9.98 32.95
CA THR G 42 20.58 10.50 32.59
C THR G 42 19.48 9.51 32.91
N GLU G 43 18.31 10.05 33.24
CA GLU G 43 17.13 9.24 33.47
C GLU G 43 16.52 8.80 32.14
N LEU G 44 16.06 7.55 32.09
CA LEU G 44 15.41 7.01 30.91
C LEU G 44 13.92 6.78 31.08
N VAL G 45 13.39 6.87 32.30
CA VAL G 45 11.99 6.58 32.59
C VAL G 45 11.29 7.86 33.01
N GLN G 46 10.19 8.18 32.34
CA GLN G 46 9.37 9.33 32.67
C GLN G 46 8.30 8.89 33.66
N ASN G 47 8.31 9.46 34.87
CA ASN G 47 7.43 9.03 35.94
C ASN G 47 6.54 10.16 36.46
N SER G 48 6.26 11.18 35.64
CA SER G 48 5.48 12.31 36.09
C SER G 48 4.52 12.74 34.99
N SER G 49 3.44 13.39 35.41
CA SER G 49 2.47 13.98 34.51
C SER G 49 2.05 15.34 35.05
N THR G 50 1.70 16.25 34.14
CA THR G 50 1.22 17.56 34.56
C THR G 50 -0.18 17.50 35.15
N GLY G 51 -0.90 16.39 34.96
CA GLY G 51 -2.27 16.29 35.39
C GLY G 51 -3.27 16.92 34.45
N LYS G 52 -2.83 17.46 33.31
CA LYS G 52 -3.70 18.13 32.37
C LYS G 52 -3.44 17.59 30.97
N ILE G 53 -4.50 17.54 30.16
CA ILE G 53 -4.42 17.04 28.79
C ILE G 53 -4.27 18.24 27.86
N CYS G 54 -3.16 18.29 27.13
CA CYS G 54 -2.95 19.36 26.16
C CYS G 54 -3.92 19.20 25.00
N ASN G 55 -4.48 20.33 24.56
CA ASN G 55 -5.46 20.32 23.48
C ASN G 55 -4.83 20.30 22.09
N ASN G 56 -3.50 20.27 22.02
CA ASN G 56 -2.78 20.19 20.75
C ASN G 56 -1.70 19.13 20.85
N PRO G 57 -1.32 18.50 19.73
CA PRO G 57 -1.83 18.74 18.37
C PRO G 57 -3.08 17.93 18.03
N HIS G 58 -3.43 16.97 18.88
CA HIS G 58 -4.60 16.14 18.64
C HIS G 58 -5.87 16.92 18.94
N LYS G 59 -6.97 16.52 18.27
CA LYS G 59 -8.28 17.10 18.52
C LYS G 59 -8.94 16.31 19.65
N VAL G 60 -8.93 16.88 20.85
CA VAL G 60 -9.53 16.24 22.01
C VAL G 60 -10.94 16.77 22.18
N LEU G 61 -11.91 15.87 22.20
CA LEU G 61 -13.31 16.21 22.44
C LEU G 61 -13.67 15.79 23.86
N ASP G 62 -14.13 16.75 24.66
CA ASP G 62 -14.47 16.51 26.06
C ASP G 62 -15.97 16.26 26.17
N GLY G 63 -16.35 15.01 26.39
CA GLY G 63 -17.73 14.68 26.65
C GLY G 63 -18.03 14.81 28.13
N ARG G 64 -18.59 15.96 28.53
CA ARG G 64 -18.70 16.33 29.94
C ARG G 64 -19.55 15.34 30.72
N ASP G 65 -20.84 15.29 30.40
CA ASP G 65 -21.79 14.42 31.09
C ASP G 65 -22.36 13.36 30.17
N CYS G 66 -21.71 13.13 29.03
CA CYS G 66 -22.20 12.22 28.01
C CYS G 66 -21.16 11.17 27.69
N THR G 67 -21.61 9.93 27.52
CA THR G 67 -20.77 8.91 26.93
C THR G 67 -20.87 8.97 25.41
N LEU G 68 -19.99 8.22 24.74
CA LEU G 68 -19.98 8.23 23.28
C LEU G 68 -21.28 7.66 22.71
N ILE G 69 -21.78 6.57 23.30
CA ILE G 69 -23.01 5.96 22.82
C ILE G 69 -24.19 6.89 23.02
N ASP G 70 -24.25 7.57 24.19
CA ASP G 70 -25.34 8.50 24.45
C ASP G 70 -25.30 9.68 23.47
N ALA G 71 -24.11 10.19 23.18
CA ALA G 71 -23.99 11.27 22.19
C ALA G 71 -24.42 10.80 20.81
N MET G 72 -24.06 9.56 20.45
CA MET G 72 -24.48 9.01 19.17
C MET G 72 -26.00 8.88 19.08
N LEU G 73 -26.61 8.28 20.12
CA LEU G 73 -28.03 7.99 20.08
C LEU G 73 -28.88 9.26 20.01
N GLY G 74 -28.42 10.32 20.67
CA GLY G 74 -29.17 11.56 20.68
C GLY G 74 -29.90 11.82 21.99
N ASP G 75 -29.23 11.59 23.11
CA ASP G 75 -29.77 11.96 24.40
C ASP G 75 -30.03 13.46 24.41
N PRO G 76 -31.19 13.92 24.89
CA PRO G 76 -31.52 15.35 24.79
C PRO G 76 -30.50 16.26 25.46
N HIS G 77 -29.85 15.82 26.53
CA HIS G 77 -28.79 16.61 27.14
C HIS G 77 -27.44 16.41 26.47
N CYS G 78 -27.37 15.55 25.46
CA CYS G 78 -26.17 15.37 24.65
C CYS G 78 -26.31 16.01 23.26
N ASP G 79 -27.32 16.84 23.05
CA ASP G 79 -27.61 17.37 21.72
C ASP G 79 -26.48 18.26 21.19
N VAL G 80 -25.62 18.78 22.08
CA VAL G 80 -24.52 19.63 21.64
C VAL G 80 -23.42 18.84 20.94
N PHE G 81 -23.48 17.51 20.99
CA PHE G 81 -22.47 16.65 20.39
C PHE G 81 -22.84 16.18 18.99
N GLN G 82 -23.89 16.75 18.39
CA GLN G 82 -24.32 16.32 17.07
C GLN G 82 -23.29 16.71 16.02
N ASP G 83 -23.03 15.79 15.08
CA ASP G 83 -22.14 16.02 13.95
C ASP G 83 -20.73 16.41 14.42
N GLU G 84 -20.28 15.79 15.51
CA GLU G 84 -18.96 16.11 16.07
C GLU G 84 -17.89 15.18 15.53
N LYS G 85 -16.67 15.70 15.47
CA LYS G 85 -15.49 14.96 15.05
C LYS G 85 -14.43 15.08 16.13
N TRP G 86 -13.57 14.06 16.22
CA TRP G 86 -12.56 14.07 17.26
C TRP G 86 -11.39 13.21 16.84
N ASP G 87 -10.24 13.46 17.49
CA ASP G 87 -9.10 12.56 17.47
C ASP G 87 -9.10 11.63 18.68
N LEU G 88 -9.43 12.17 19.86
CA LEU G 88 -9.54 11.39 21.09
C LEU G 88 -10.77 11.85 21.85
N PHE G 89 -11.68 10.92 22.12
CA PHE G 89 -12.88 11.22 22.90
C PHE G 89 -12.61 10.90 24.36
N VAL G 90 -12.79 11.89 25.23
CA VAL G 90 -12.56 11.73 26.66
C VAL G 90 -13.89 11.50 27.35
N GLU G 91 -14.00 10.39 28.06
CA GLU G 91 -15.20 10.02 28.79
C GLU G 91 -14.97 10.28 30.27
N ARG G 92 -15.79 11.13 30.87
CA ARG G 92 -15.67 11.48 32.28
C ARG G 92 -16.46 10.50 33.14
N SER G 93 -15.97 10.29 34.36
CA SER G 93 -16.63 9.38 35.30
C SER G 93 -17.98 9.89 35.78
N SER G 94 -18.28 11.17 35.57
CA SER G 94 -19.53 11.77 36.02
C SER G 94 -20.63 11.70 34.96
N ALA G 95 -20.40 10.97 33.86
CA ALA G 95 -21.39 10.87 32.80
C ALA G 95 -22.63 10.10 33.29
N PHE G 96 -23.78 10.45 32.72
CA PHE G 96 -25.03 9.81 33.08
C PHE G 96 -25.96 9.80 31.87
N SER G 97 -27.02 9.01 31.97
CA SER G 97 -28.05 8.91 30.94
C SER G 97 -29.36 9.48 31.47
N ASN G 98 -30.06 10.22 30.61
CA ASN G 98 -31.32 10.86 30.99
C ASN G 98 -32.35 10.68 29.88
N CYS G 99 -32.46 9.47 29.35
CA CYS G 99 -33.45 9.17 28.32
C CYS G 99 -34.02 7.78 28.62
N TYR G 100 -34.70 7.20 27.64
CA TYR G 100 -35.37 5.93 27.84
C TYR G 100 -34.35 4.84 28.20
N PRO G 101 -34.66 4.00 29.18
CA PRO G 101 -33.71 2.93 29.56
C PRO G 101 -33.43 2.01 28.39
N TYR G 102 -32.19 1.58 28.26
CA TYR G 102 -31.77 0.80 27.11
C TYR G 102 -30.58 -0.07 27.48
N ASP G 103 -30.29 -1.04 26.62
CA ASP G 103 -29.10 -1.86 26.71
C ASP G 103 -28.59 -2.14 25.31
N VAL G 104 -27.28 -2.35 25.20
CA VAL G 104 -26.66 -2.63 23.91
C VAL G 104 -26.00 -4.00 23.95
N PRO G 105 -26.55 -5.01 23.28
CA PRO G 105 -25.84 -6.29 23.17
C PRO G 105 -24.49 -6.08 22.51
N ASP G 106 -23.45 -6.62 23.15
CA ASP G 106 -22.06 -6.38 22.74
C ASP G 106 -21.77 -4.88 22.72
N TYR G 107 -21.93 -4.26 23.89
CA TYR G 107 -21.81 -2.81 24.01
C TYR G 107 -20.41 -2.33 23.67
N ALA G 108 -19.39 -3.10 24.07
CA ALA G 108 -18.01 -2.66 23.89
C ALA G 108 -17.67 -2.51 22.41
N SER G 109 -18.10 -3.45 21.57
CA SER G 109 -17.74 -3.40 20.16
C SER G 109 -18.34 -2.18 19.47
N LEU G 110 -19.61 -1.86 19.75
CA LEU G 110 -20.21 -0.67 19.17
C LEU G 110 -19.50 0.59 19.62
N ARG G 111 -19.15 0.65 20.91
CA ARG G 111 -18.38 1.79 21.42
C ARG G 111 -17.03 1.89 20.75
N SER G 112 -16.39 0.75 20.48
CA SER G 112 -15.03 0.76 19.93
C SER G 112 -15.03 1.19 18.46
N LEU G 113 -16.02 0.76 17.68
CA LEU G 113 -16.01 1.10 16.26
C LEU G 113 -16.46 2.54 16.02
N ILE G 114 -17.38 3.06 16.85
CA ILE G 114 -17.73 4.48 16.75
C ILE G 114 -16.53 5.34 17.13
N ALA G 115 -15.80 4.93 18.16
CA ALA G 115 -14.63 5.70 18.60
C ALA G 115 -13.56 5.74 17.52
N SER G 116 -13.27 4.60 16.90
CA SER G 116 -12.24 4.56 15.87
C SER G 116 -12.68 5.23 14.58
N SER G 117 -13.99 5.35 14.36
CA SER G 117 -14.48 6.10 13.21
C SER G 117 -14.12 7.57 13.31
N GLY G 118 -14.20 8.14 14.52
CA GLY G 118 -13.80 9.51 14.75
C GLY G 118 -14.79 10.56 14.32
N THR G 119 -16.03 10.17 13.99
CA THR G 119 -17.01 11.13 13.52
C THR G 119 -18.41 10.66 13.90
N LEU G 120 -19.30 11.62 14.10
CA LEU G 120 -20.71 11.36 14.36
C LEU G 120 -21.60 11.99 13.29
N ASP G 121 -21.03 12.31 12.12
CA ASP G 121 -21.79 12.97 11.07
C ASP G 121 -22.93 12.07 10.60
N PHE G 122 -24.14 12.63 10.58
CA PHE G 122 -25.35 11.86 10.36
C PHE G 122 -26.10 12.43 9.16
N ILE G 123 -26.61 11.54 8.32
CA ILE G 123 -27.37 11.90 7.13
C ILE G 123 -28.79 11.38 7.30
N THR G 124 -29.76 12.28 7.14
CA THR G 124 -31.17 11.92 7.29
C THR G 124 -31.73 11.43 5.97
N GLU G 125 -32.35 10.26 5.99
CA GLU G 125 -32.96 9.65 4.81
C GLU G 125 -34.47 9.66 4.96
N SER G 126 -35.16 9.58 3.81
CA SER G 126 -36.61 9.72 3.76
C SER G 126 -37.26 8.33 3.77
N PHE G 127 -37.34 7.75 4.96
CA PHE G 127 -38.09 6.52 5.15
C PHE G 127 -39.58 6.79 5.09
N THR G 128 -40.33 5.86 4.49
CA THR G 128 -41.78 5.94 4.43
C THR G 128 -42.34 4.81 5.30
N TRP G 129 -43.02 5.20 6.38
CA TRP G 129 -43.69 4.26 7.27
C TRP G 129 -45.18 4.49 7.14
N ALA G 130 -45.83 3.68 6.30
CA ALA G 130 -47.25 3.83 6.01
C ALA G 130 -48.08 2.97 6.95
N GLY G 131 -49.14 3.55 7.51
CA GLY G 131 -50.04 2.84 8.39
C GLY G 131 -49.72 2.93 9.87
N VAL G 132 -48.64 3.62 10.25
CA VAL G 132 -48.25 3.74 11.65
C VAL G 132 -48.01 5.20 11.98
N SER G 133 -48.13 5.52 13.27
CA SER G 133 -47.84 6.85 13.77
C SER G 133 -46.39 6.92 14.24
N GLN G 134 -45.73 8.03 13.93
CA GLN G 134 -44.30 8.20 14.16
C GLN G 134 -44.07 9.19 15.30
N ASN G 135 -42.78 9.36 15.63
CA ASN G 135 -42.32 10.37 16.59
C ASN G 135 -42.89 10.13 17.98
N GLY G 136 -42.73 8.91 18.48
CA GLY G 136 -43.14 8.61 19.83
C GLY G 136 -42.25 9.27 20.85
N GLY G 137 -42.83 9.57 22.02
CA GLY G 137 -42.09 10.20 23.10
C GLY G 137 -42.44 9.56 24.42
N SER G 138 -41.67 9.93 25.45
CA SER G 138 -41.87 9.39 26.78
C SER G 138 -41.54 10.45 27.81
N SER G 139 -42.21 10.34 28.97
CA SER G 139 -41.92 11.23 30.09
C SER G 139 -40.53 10.98 30.67
N ALA G 140 -39.96 9.80 30.43
CA ALA G 140 -38.61 9.49 30.92
C ALA G 140 -37.51 10.19 30.13
N CYS G 141 -37.84 10.76 28.98
CA CYS G 141 -36.88 11.43 28.11
C CYS G 141 -37.48 12.77 27.72
N LYS G 142 -37.22 13.79 28.53
CA LYS G 142 -37.85 15.10 28.37
C LYS G 142 -36.96 16.03 27.55
N ARG G 143 -37.56 16.67 26.55
CA ARG G 143 -36.93 17.72 25.77
C ARG G 143 -37.61 19.03 26.15
N GLY G 144 -36.99 19.76 27.07
CA GLY G 144 -37.62 20.93 27.65
C GLY G 144 -38.81 20.54 28.50
N PRO G 145 -39.97 21.12 28.22
CA PRO G 145 -41.18 20.78 28.99
C PRO G 145 -42.01 19.64 28.41
N ALA G 146 -41.69 19.15 27.22
CA ALA G 146 -42.50 18.14 26.56
C ALA G 146 -41.78 16.80 26.56
N ASN G 147 -42.57 15.73 26.41
CA ASN G 147 -42.02 14.39 26.27
C ASN G 147 -41.24 14.29 24.97
N GLY G 148 -40.13 13.55 25.01
CA GLY G 148 -39.29 13.38 23.85
C GLY G 148 -38.70 11.99 23.73
N PHE G 149 -37.68 11.83 22.89
CA PHE G 149 -37.09 10.53 22.63
C PHE G 149 -35.68 10.76 22.07
N PHE G 150 -34.98 9.65 21.84
CA PHE G 150 -33.66 9.72 21.21
C PHE G 150 -33.78 10.39 19.84
N SER G 151 -32.88 11.33 19.57
CA SER G 151 -33.03 12.22 18.42
C SER G 151 -32.76 11.55 17.09
N ARG G 152 -32.01 10.46 17.07
CA ARG G 152 -31.60 9.81 15.83
C ARG G 152 -32.39 8.53 15.61
N LEU G 153 -33.62 8.51 16.11
CA LEU G 153 -34.38 7.27 16.28
C LEU G 153 -35.87 7.63 16.24
N ASN G 154 -36.67 6.74 15.66
CA ASN G 154 -38.10 6.99 15.49
C ASN G 154 -38.89 5.89 16.19
N TRP G 155 -39.74 6.28 17.13
CA TRP G 155 -40.63 5.34 17.82
C TRP G 155 -41.93 5.25 17.04
N LEU G 156 -42.21 4.07 16.48
CA LEU G 156 -43.41 3.84 15.69
C LEU G 156 -44.40 3.02 16.50
N THR G 157 -45.65 3.47 16.55
CA THR G 157 -46.73 2.81 17.26
C THR G 157 -47.94 2.70 16.34
N LYS G 158 -49.01 2.10 16.86
CA LYS G 158 -50.20 1.86 16.06
C LYS G 158 -50.89 3.17 15.70
N SER G 159 -51.55 3.17 14.54
CA SER G 159 -52.37 4.28 14.08
C SER G 159 -53.81 3.83 14.08
N GLY G 160 -54.66 4.52 14.82
CA GLY G 160 -56.04 4.08 14.98
C GLY G 160 -56.13 2.82 15.80
N SER G 161 -56.47 1.70 15.14
CA SER G 161 -56.56 0.41 15.80
C SER G 161 -55.81 -0.67 15.03
N SER G 162 -54.80 -0.27 14.24
CA SER G 162 -54.12 -1.21 13.36
C SER G 162 -52.63 -0.93 13.35
N TYR G 163 -51.87 -1.97 13.01
CA TYR G 163 -50.42 -1.86 12.83
C TYR G 163 -50.05 -2.77 11.66
N PRO G 164 -49.90 -2.22 10.46
CA PRO G 164 -49.63 -3.05 9.28
C PRO G 164 -48.19 -3.55 9.26
N LEU G 165 -47.99 -4.62 8.50
CA LEU G 165 -46.64 -5.12 8.26
C LEU G 165 -45.84 -4.10 7.48
N LEU G 166 -44.61 -3.84 7.92
CA LEU G 166 -43.74 -2.86 7.30
C LEU G 166 -42.69 -3.55 6.44
N ASN G 167 -42.61 -3.15 5.17
CA ASN G 167 -41.62 -3.67 4.23
C ASN G 167 -41.03 -2.48 3.48
N VAL G 168 -39.97 -1.90 4.04
CA VAL G 168 -39.33 -0.72 3.46
C VAL G 168 -37.91 -1.08 3.07
N THR G 169 -37.36 -0.32 2.12
CA THR G 169 -36.04 -0.58 1.59
C THR G 169 -35.30 0.74 1.39
N MET G 170 -33.97 0.64 1.38
CA MET G 170 -33.10 1.79 1.15
C MET G 170 -31.78 1.33 0.54
N PRO G 171 -31.55 1.59 -0.74
CA PRO G 171 -30.31 1.14 -1.37
C PRO G 171 -29.16 2.08 -1.11
N ASN G 172 -27.96 1.51 -1.04
CA ASN G 172 -26.73 2.29 -0.87
C ASN G 172 -26.18 2.59 -2.26
N ASN G 173 -26.53 3.75 -2.78
CA ASN G 173 -26.05 4.20 -4.08
C ASN G 173 -24.76 5.01 -3.98
N TYR G 174 -24.15 5.06 -2.80
CA TYR G 174 -22.97 5.87 -2.57
C TYR G 174 -21.70 5.02 -2.67
N ASN G 175 -20.56 5.67 -2.51
CA ASN G 175 -19.26 5.03 -2.58
C ASN G 175 -18.63 4.82 -1.20
N PHE G 176 -19.43 4.92 -0.14
CA PHE G 176 -18.93 4.76 1.22
C PHE G 176 -19.91 3.90 2.02
N ASP G 177 -19.39 3.28 3.06
CA ASP G 177 -20.21 2.41 3.90
C ASP G 177 -21.22 3.24 4.69
N LYS G 178 -22.41 2.68 4.88
CA LYS G 178 -23.44 3.27 5.72
C LYS G 178 -23.56 2.50 7.03
N LEU G 179 -23.67 3.21 8.14
CA LEU G 179 -23.89 2.61 9.45
C LEU G 179 -25.29 2.97 9.92
N TYR G 180 -26.08 1.94 10.22
CA TYR G 180 -27.46 2.11 10.65
C TYR G 180 -27.61 1.67 12.10
N ILE G 181 -28.33 2.46 12.89
CA ILE G 181 -28.57 2.16 14.29
C ILE G 181 -30.08 2.08 14.49
N TRP G 182 -30.55 0.95 15.03
CA TRP G 182 -31.97 0.71 15.23
C TRP G 182 -32.15 0.03 16.58
N GLY G 183 -33.40 -0.32 16.91
CA GLY G 183 -33.68 -0.90 18.20
C GLY G 183 -34.99 -1.68 18.23
N VAL G 184 -35.12 -2.50 19.27
CA VAL G 184 -36.31 -3.31 19.51
C VAL G 184 -36.82 -2.97 20.91
N HIS G 185 -38.12 -2.70 21.02
CA HIS G 185 -38.74 -2.31 22.29
C HIS G 185 -39.27 -3.53 23.01
N HIS G 186 -38.96 -3.64 24.30
CA HIS G 186 -39.42 -4.74 25.14
C HIS G 186 -40.47 -4.24 26.13
N PRO G 187 -41.75 -4.51 25.92
CA PRO G 187 -42.76 -4.08 26.89
C PRO G 187 -42.67 -4.87 28.19
N SER G 188 -43.41 -4.39 29.19
CA SER G 188 -43.41 -5.01 30.51
C SER G 188 -44.63 -5.89 30.77
N THR G 189 -45.74 -5.66 30.07
CA THR G 189 -46.95 -6.45 30.24
C THR G 189 -47.53 -6.82 28.89
N ASN G 190 -48.25 -7.94 28.85
CA ASN G 190 -48.96 -8.32 27.64
C ASN G 190 -50.03 -7.29 27.29
N GLN G 191 -50.58 -6.61 28.30
CA GLN G 191 -51.57 -5.58 28.04
C GLN G 191 -50.93 -4.33 27.43
N GLU G 192 -49.67 -4.04 27.78
CA GLU G 192 -48.98 -2.91 27.15
C GLU G 192 -48.54 -3.25 25.74
N GLN G 193 -48.10 -4.49 25.50
CA GLN G 193 -47.66 -4.89 24.17
C GLN G 193 -48.80 -4.78 23.15
N THR G 194 -49.96 -5.36 23.48
CA THR G 194 -51.10 -5.26 22.58
C THR G 194 -51.68 -3.85 22.51
N ASN G 195 -51.38 -3.01 23.49
CA ASN G 195 -51.86 -1.63 23.47
C ASN G 195 -51.08 -0.78 22.47
N LEU G 196 -49.77 -0.98 22.38
CA LEU G 196 -48.94 -0.16 21.52
C LEU G 196 -48.93 -0.64 20.07
N TYR G 197 -49.14 -1.94 19.83
CA TYR G 197 -48.91 -2.50 18.51
C TYR G 197 -50.02 -3.42 17.99
N VAL G 198 -51.04 -3.73 18.80
CA VAL G 198 -52.14 -4.64 18.45
C VAL G 198 -51.63 -6.08 18.41
N GLN G 199 -50.58 -6.34 17.62
CA GLN G 199 -50.02 -7.68 17.57
C GLN G 199 -49.50 -8.11 18.93
N ALA G 200 -49.82 -9.35 19.32
CA ALA G 200 -49.43 -9.87 20.61
C ALA G 200 -47.95 -10.23 20.70
N SER G 201 -47.29 -10.47 19.57
CA SER G 201 -45.87 -10.80 19.55
C SER G 201 -45.23 -10.08 18.36
N GLY G 202 -44.30 -9.17 18.65
CA GLY G 202 -43.63 -8.42 17.62
C GLY G 202 -42.47 -9.19 17.02
N ARG G 203 -41.86 -8.57 15.99
CA ARG G 203 -40.75 -9.17 15.29
C ARG G 203 -40.06 -8.13 14.40
N VAL G 204 -38.74 -8.04 14.48
CA VAL G 204 -37.97 -7.06 13.73
C VAL G 204 -36.88 -7.80 12.95
N THR G 205 -36.90 -7.64 11.63
CA THR G 205 -35.92 -8.27 10.75
C THR G 205 -35.25 -7.19 9.92
N VAL G 206 -33.96 -6.94 10.17
CA VAL G 206 -33.16 -6.01 9.40
C VAL G 206 -32.10 -6.82 8.67
N SER G 207 -32.07 -6.70 7.34
CA SER G 207 -31.26 -7.58 6.52
C SER G 207 -30.64 -6.82 5.35
N THR G 208 -29.51 -7.33 4.88
CA THR G 208 -28.86 -6.90 3.65
C THR G 208 -28.70 -8.12 2.75
N ARG G 209 -28.00 -7.94 1.62
CA ARG G 209 -27.76 -9.05 0.71
C ARG G 209 -26.81 -10.09 1.28
N ARG G 210 -26.04 -9.74 2.31
CA ARG G 210 -25.06 -10.64 2.88
C ARG G 210 -25.19 -10.87 4.38
N SER G 211 -26.07 -10.15 5.07
CA SER G 211 -26.23 -10.32 6.50
C SER G 211 -27.69 -10.12 6.88
N GLN G 212 -28.07 -10.70 8.02
CA GLN G 212 -29.43 -10.61 8.51
C GLN G 212 -29.43 -10.60 10.03
N GLN G 213 -30.46 -9.96 10.60
CA GLN G 213 -30.67 -9.96 12.04
C GLN G 213 -32.17 -9.94 12.32
N THR G 214 -32.64 -10.87 13.15
CA THR G 214 -34.03 -10.91 13.57
C THR G 214 -34.08 -10.98 15.09
N ILE G 215 -34.92 -10.13 15.69
CA ILE G 215 -35.08 -10.07 17.14
C ILE G 215 -36.55 -10.23 17.47
N VAL G 216 -36.86 -11.15 18.39
CA VAL G 216 -38.21 -11.32 18.92
C VAL G 216 -38.25 -10.63 20.28
N PRO G 217 -39.06 -9.59 20.45
CA PRO G 217 -39.08 -8.87 21.73
C PRO G 217 -39.56 -9.74 22.87
N ASN G 218 -39.10 -9.41 24.08
CA ASN G 218 -39.41 -10.16 25.28
C ASN G 218 -40.27 -9.29 26.21
N ILE G 219 -41.34 -9.87 26.72
CA ILE G 219 -42.27 -9.16 27.60
C ILE G 219 -41.96 -9.53 29.04
N GLY G 220 -41.83 -8.51 29.90
CA GLY G 220 -41.58 -8.75 31.31
C GLY G 220 -41.20 -7.50 32.07
N SER G 221 -41.43 -7.50 33.38
CA SER G 221 -41.11 -6.35 34.21
C SER G 221 -39.59 -6.23 34.40
N ARG G 222 -39.14 -4.99 34.49
CA ARG G 222 -37.75 -4.65 34.70
C ARG G 222 -37.66 -3.47 35.66
N PRO G 223 -36.50 -3.24 36.28
CA PRO G 223 -36.42 -2.24 37.35
C PRO G 223 -36.85 -0.84 36.90
N TRP G 224 -37.38 -0.08 37.87
CA TRP G 224 -37.75 1.31 37.68
C TRP G 224 -36.55 2.15 37.26
N VAL G 225 -36.57 2.66 36.03
CA VAL G 225 -35.56 3.59 35.54
C VAL G 225 -36.31 4.77 34.93
N ARG G 226 -36.37 5.88 35.66
CA ARG G 226 -37.06 7.09 35.22
C ARG G 226 -38.52 6.80 34.86
N GLY G 227 -39.16 5.95 35.65
CA GLY G 227 -40.58 5.66 35.48
C GLY G 227 -40.92 4.63 34.43
N GLN G 228 -39.93 3.91 33.90
CA GLN G 228 -40.16 2.93 32.85
C GLN G 228 -39.69 1.56 33.32
N SER G 229 -40.60 0.59 33.28
CA SER G 229 -40.25 -0.81 33.49
C SER G 229 -39.89 -1.53 32.20
N SER G 230 -40.01 -0.86 31.06
CA SER G 230 -39.67 -1.42 29.77
C SER G 230 -38.21 -1.13 29.43
N ARG G 231 -37.71 -1.83 28.41
CA ARG G 231 -36.34 -1.63 27.93
C ARG G 231 -36.32 -1.58 26.42
N ILE G 232 -35.25 -1.01 25.88
CA ILE G 232 -35.01 -0.94 24.45
C ILE G 232 -33.62 -1.49 24.17
N SER G 233 -33.53 -2.46 23.28
CA SER G 233 -32.23 -2.96 22.85
C SER G 233 -31.74 -2.18 21.64
N ILE G 234 -30.43 -2.21 21.42
CA ILE G 234 -29.80 -1.44 20.35
C ILE G 234 -28.96 -2.38 19.50
N TYR G 235 -29.15 -2.30 18.18
CA TYR G 235 -28.40 -3.10 17.24
C TYR G 235 -27.94 -2.21 16.09
N TRP G 236 -26.91 -2.67 15.37
CA TRP G 236 -26.35 -1.92 14.26
C TRP G 236 -26.15 -2.83 13.05
N THR G 237 -26.17 -2.22 11.87
CA THR G 237 -25.95 -2.91 10.61
C THR G 237 -25.19 -1.98 9.67
N ILE G 238 -24.34 -2.57 8.84
CA ILE G 238 -23.52 -1.83 7.88
C ILE G 238 -23.88 -2.28 6.47
N VAL G 239 -24.18 -1.32 5.61
CA VAL G 239 -24.55 -1.57 4.23
C VAL G 239 -23.39 -1.08 3.35
N LYS G 240 -22.73 -2.03 2.68
CA LYS G 240 -21.62 -1.71 1.81
C LYS G 240 -22.13 -0.99 0.56
N PRO G 241 -21.26 -0.26 -0.15
CA PRO G 241 -21.70 0.41 -1.39
C PRO G 241 -22.24 -0.60 -2.39
N GLY G 242 -23.33 -0.21 -3.05
CA GLY G 242 -24.01 -1.08 -3.98
C GLY G 242 -24.92 -2.10 -3.34
N ASP G 243 -24.92 -2.21 -2.01
CA ASP G 243 -25.79 -3.15 -1.31
C ASP G 243 -27.13 -2.46 -1.01
N VAL G 244 -28.00 -3.17 -0.30
CA VAL G 244 -29.34 -2.69 -0.02
C VAL G 244 -29.75 -3.10 1.39
N LEU G 245 -30.54 -2.25 2.03
CA LEU G 245 -31.05 -2.49 3.38
C LEU G 245 -32.56 -2.71 3.32
N VAL G 246 -33.03 -3.74 4.02
CA VAL G 246 -34.44 -4.07 4.10
C VAL G 246 -34.83 -4.20 5.56
N ILE G 247 -35.89 -3.51 5.96
CA ILE G 247 -36.42 -3.55 7.31
C ILE G 247 -37.84 -4.08 7.25
N ASN G 248 -38.07 -5.26 7.81
CA ASN G 248 -39.38 -5.90 7.84
C ASN G 248 -39.78 -6.12 9.28
N SER G 249 -40.88 -5.50 9.69
CA SER G 249 -41.28 -5.50 11.10
C SER G 249 -42.76 -5.74 11.26
N ASN G 250 -43.12 -6.60 12.22
CA ASN G 250 -44.49 -6.76 12.66
C ASN G 250 -44.85 -5.83 13.81
N GLY G 251 -43.87 -5.22 14.46
CA GLY G 251 -44.10 -4.37 15.60
C GLY G 251 -42.87 -4.29 16.47
N ASN G 252 -42.95 -3.41 17.46
CA ASN G 252 -41.88 -3.18 18.44
C ASN G 252 -40.60 -2.63 17.81
N LEU G 253 -40.71 -2.03 16.62
CA LEU G 253 -39.54 -1.52 15.92
C LEU G 253 -39.24 -0.09 16.35
N ILE G 254 -37.99 0.19 16.66
CA ILE G 254 -37.49 1.54 16.86
C ILE G 254 -36.74 1.90 15.59
N ALA G 255 -37.40 2.66 14.71
CA ALA G 255 -36.89 2.89 13.37
C ALA G 255 -35.71 3.87 13.37
N PRO G 256 -34.73 3.65 12.49
CA PRO G 256 -33.68 4.65 12.29
C PRO G 256 -34.19 5.82 11.47
N ARG G 257 -33.52 6.95 11.62
CA ARG G 257 -33.83 8.16 10.87
C ARG G 257 -32.84 8.41 9.74
N GLY G 258 -31.83 7.56 9.58
CA GLY G 258 -30.81 7.77 8.58
C GLY G 258 -29.63 6.88 8.86
N PHE G 259 -28.47 7.27 8.32
CA PHE G 259 -27.25 6.50 8.48
C PHE G 259 -26.12 7.37 8.98
N PHE G 260 -25.19 6.74 9.69
CA PHE G 260 -23.97 7.40 10.14
C PHE G 260 -22.86 7.19 9.12
N LYS G 261 -22.08 8.23 8.85
CA LYS G 261 -20.95 8.14 7.95
C LYS G 261 -19.76 7.58 8.72
N ILE G 262 -19.33 6.37 8.37
CA ILE G 262 -18.24 5.69 9.06
C ILE G 262 -16.96 5.88 8.26
N ARG G 263 -15.91 6.34 8.94
CA ARG G 263 -14.62 6.59 8.33
C ARG G 263 -13.55 5.71 8.97
N THR G 264 -12.38 5.69 8.33
CA THR G 264 -11.22 4.96 8.80
C THR G 264 -10.14 5.97 9.18
N GLY G 265 -9.67 5.92 10.42
CA GLY G 265 -8.71 6.89 10.88
C GLY G 265 -7.95 6.41 12.10
N ARG G 266 -7.28 7.36 12.74
CA ARG G 266 -6.46 7.11 13.93
C ARG G 266 -7.13 7.65 15.19
N SER G 267 -8.45 7.54 15.26
CA SER G 267 -9.22 8.03 16.40
C SER G 267 -9.40 6.92 17.43
N SER G 268 -9.70 7.33 18.66
CA SER G 268 -9.88 6.39 19.77
C SER G 268 -10.69 7.07 20.86
N ILE G 269 -10.84 6.38 21.99
CA ILE G 269 -11.59 6.88 23.14
C ILE G 269 -10.80 6.54 24.40
N MET G 270 -10.89 7.41 25.40
CA MET G 270 -10.13 7.25 26.63
C MET G 270 -10.97 7.71 27.82
N ARG G 271 -10.84 7.01 28.94
CA ARG G 271 -11.50 7.38 30.18
C ARG G 271 -10.51 8.14 31.06
N SER G 272 -10.79 9.41 31.31
CA SER G 272 -9.91 10.23 32.12
C SER G 272 -10.72 11.34 32.77
N ASP G 273 -10.29 11.76 33.96
CA ASP G 273 -10.91 12.85 34.68
C ASP G 273 -10.00 14.07 34.79
N ALA G 274 -8.90 14.10 34.04
CA ALA G 274 -8.00 15.23 34.04
C ALA G 274 -8.57 16.37 33.20
N PRO G 275 -8.34 17.62 33.61
CA PRO G 275 -8.82 18.76 32.82
C PRO G 275 -7.99 18.96 31.56
N ILE G 276 -8.52 19.79 30.67
CA ILE G 276 -7.90 20.08 29.38
C ILE G 276 -7.49 21.55 29.37
N GLU G 277 -6.19 21.80 29.17
CA GLU G 277 -5.62 23.13 29.15
C GLU G 277 -5.12 23.43 27.74
N THR G 278 -4.67 24.67 27.53
CA THR G 278 -4.07 25.09 26.26
C THR G 278 -2.55 24.88 26.35
N CYS G 279 -2.06 23.84 25.68
CA CYS G 279 -0.64 23.50 25.67
C CYS G 279 -0.43 22.48 24.55
N ILE G 280 0.82 22.07 24.35
CA ILE G 280 1.21 21.17 23.27
C ILE G 280 1.85 19.93 23.88
N SER G 281 1.32 18.76 23.53
CA SER G 281 1.90 17.49 23.95
C SER G 281 1.37 16.38 23.07
N GLU G 282 2.27 15.60 22.48
CA GLU G 282 1.86 14.50 21.62
C GLU G 282 1.18 13.39 22.40
N CYS G 283 1.70 13.05 23.56
CA CYS G 283 1.29 11.85 24.29
C CYS G 283 0.23 12.21 25.33
N ILE G 284 -0.84 11.42 25.36
CA ILE G 284 -1.94 11.61 26.30
C ILE G 284 -2.13 10.30 27.06
N THR G 285 -2.23 10.41 28.39
CA THR G 285 -2.54 9.32 29.29
C THR G 285 -3.71 9.75 30.16
N PRO G 286 -4.41 8.80 30.79
CA PRO G 286 -5.48 9.20 31.72
C PRO G 286 -5.02 10.10 32.84
N ASN G 287 -3.75 10.01 33.25
CA ASN G 287 -3.22 10.92 34.25
C ASN G 287 -2.99 12.32 33.68
N GLY G 288 -2.90 12.45 32.36
CA GLY G 288 -2.64 13.72 31.72
C GLY G 288 -1.67 13.53 30.58
N SER G 289 -1.11 14.63 30.11
CA SER G 289 -0.13 14.60 29.04
C SER G 289 1.27 14.45 29.61
N ILE G 290 2.12 13.72 28.89
CA ILE G 290 3.49 13.48 29.32
C ILE G 290 4.45 13.77 28.16
N PRO G 291 5.66 14.22 28.43
CA PRO G 291 6.64 14.41 27.34
C PRO G 291 7.14 13.08 26.81
N ASN G 292 7.65 13.13 25.58
CA ASN G 292 8.15 11.93 24.90
C ASN G 292 9.64 12.03 24.57
N ASP G 293 10.39 12.83 25.32
CA ASP G 293 11.84 12.92 25.13
C ASP G 293 12.60 11.78 25.78
N LYS G 294 11.89 10.81 26.36
CA LYS G 294 12.49 9.63 26.96
C LYS G 294 11.90 8.38 26.32
N PRO G 295 12.68 7.29 26.24
CA PRO G 295 12.18 6.09 25.54
C PRO G 295 11.20 5.26 26.35
N PHE G 296 11.12 5.44 27.66
CA PHE G 296 10.24 4.64 28.51
C PHE G 296 9.46 5.55 29.45
N GLN G 297 8.35 5.03 29.96
CA GLN G 297 7.50 5.78 30.87
C GLN G 297 6.80 4.83 31.84
N ASN G 298 6.53 5.34 33.04
CA ASN G 298 5.94 4.55 34.12
C ASN G 298 4.61 5.15 34.59
N VAL G 299 4.00 6.02 33.78
CA VAL G 299 2.80 6.72 34.21
C VAL G 299 1.57 5.83 34.06
N ASN G 300 1.27 5.42 32.83
CA ASN G 300 0.08 4.62 32.56
C ASN G 300 0.34 3.73 31.36
N LYS G 301 -0.24 2.53 31.39
CA LYS G 301 -0.18 1.62 30.26
C LYS G 301 -1.23 1.94 29.20
N ILE G 302 -2.12 2.89 29.46
CA ILE G 302 -3.06 3.40 28.46
C ILE G 302 -2.49 4.70 27.92
N THR G 303 -2.19 4.72 26.62
CA THR G 303 -1.57 5.88 25.98
C THR G 303 -2.25 6.15 24.65
N TYR G 304 -2.01 7.35 24.14
CA TYR G 304 -2.51 7.75 22.82
C TYR G 304 -1.52 8.72 22.21
N GLY G 305 -1.01 8.40 21.02
CA GLY G 305 -0.09 9.24 20.30
C GLY G 305 1.33 8.70 20.33
N ALA G 306 2.27 9.60 20.09
CA ALA G 306 3.70 9.27 20.12
C ALA G 306 4.14 9.28 21.58
N CYS G 307 4.26 8.09 22.17
CA CYS G 307 4.49 7.95 23.59
C CYS G 307 5.70 7.06 23.85
N PRO G 308 6.35 7.24 25.01
CA PRO G 308 7.32 6.23 25.45
C PRO G 308 6.62 4.94 25.82
N LYS G 309 7.36 3.84 25.73
CA LYS G 309 6.79 2.55 26.06
C LYS G 309 6.61 2.43 27.58
N TYR G 310 5.66 1.58 27.97
CA TYR G 310 5.37 1.38 29.39
C TYR G 310 6.27 0.30 29.96
N VAL G 311 6.89 0.59 31.10
CA VAL G 311 7.72 -0.37 31.83
C VAL G 311 7.34 -0.31 33.30
N LYS G 312 7.69 -1.38 34.02
CA LYS G 312 7.37 -1.44 35.44
C LYS G 312 8.28 -0.56 36.28
N GLN G 313 9.55 -0.42 35.88
CA GLN G 313 10.51 0.30 36.69
C GLN G 313 10.18 1.79 36.77
N ASN G 314 10.43 2.37 37.93
CA ASN G 314 10.24 3.80 38.12
C ASN G 314 11.49 4.63 37.84
N THR G 315 12.63 3.98 37.62
CA THR G 315 13.87 4.70 37.32
C THR G 315 14.83 3.78 36.58
N LEU G 316 15.53 4.36 35.60
CA LEU G 316 16.56 3.64 34.86
C LEU G 316 17.62 4.64 34.44
N LYS G 317 18.77 4.62 35.10
CA LYS G 317 19.85 5.55 34.84
C LYS G 317 20.80 4.98 33.79
N LEU G 318 21.11 5.78 32.78
CA LEU G 318 22.05 5.40 31.74
C LEU G 318 23.35 6.17 31.95
N ALA G 319 24.46 5.44 32.11
CA ALA G 319 25.74 6.07 32.36
C ALA G 319 26.17 6.88 31.14
N THR G 320 26.65 8.10 31.39
CA THR G 320 27.12 8.99 30.33
C THR G 320 28.50 9.55 30.63
N GLY G 321 29.23 8.92 31.54
CA GLY G 321 30.58 9.34 31.87
C GLY G 321 31.34 8.14 32.42
N MET G 322 32.60 8.38 32.76
CA MET G 322 33.45 7.32 33.29
C MET G 322 33.01 6.97 34.71
N ARG G 323 33.68 5.98 35.29
CA ARG G 323 33.48 5.68 36.69
C ARG G 323 34.05 6.80 37.55
N ASN G 324 33.34 7.13 38.63
CA ASN G 324 33.73 8.21 39.52
C ASN G 324 34.64 7.65 40.61
N VAL G 325 35.91 8.06 40.58
CA VAL G 325 36.91 7.62 41.55
C VAL G 325 37.42 8.85 42.29
N PRO G 326 36.98 9.05 43.54
CA PRO G 326 37.36 10.26 44.28
C PRO G 326 38.72 10.15 44.98
N GLU G 327 39.02 11.14 45.82
CA GLU G 327 40.32 11.29 46.50
C GLU G 327 40.87 10.02 47.12
N LYS G 328 40.00 9.09 47.51
CA LYS G 328 40.36 7.91 48.31
C LYS G 328 40.69 8.30 49.74
N LEU H 2 37.82 -3.00 32.18
CA LEU H 2 38.31 -4.21 31.50
C LEU H 2 39.70 -3.99 30.93
N PHE H 3 40.25 -2.79 31.12
CA PHE H 3 41.52 -2.41 30.52
C PHE H 3 42.50 -1.87 31.55
N GLY H 4 42.19 -1.95 32.83
CA GLY H 4 42.98 -1.26 33.83
C GLY H 4 42.55 0.18 33.93
N ALA H 5 43.50 1.10 33.80
CA ALA H 5 43.22 2.53 33.71
C ALA H 5 42.41 3.02 34.90
N ILE H 6 41.16 3.43 34.64
CA ILE H 6 40.29 3.91 35.71
C ILE H 6 39.97 2.76 36.65
N ALA H 7 40.07 3.02 37.95
CA ALA H 7 39.98 1.99 38.98
C ALA H 7 41.00 0.88 38.70
N GLY H 8 42.27 1.29 38.69
CA GLY H 8 43.35 0.43 38.21
C GLY H 8 44.70 1.09 38.36
N PHE H 9 45.53 1.01 37.32
CA PHE H 9 46.89 1.55 37.38
C PHE H 9 46.94 3.09 37.39
N ILE H 10 45.80 3.78 37.45
CA ILE H 10 45.80 5.23 37.54
C ILE H 10 45.54 5.65 38.99
N GLU H 11 44.81 4.81 39.73
CA GLU H 11 44.61 4.82 41.16
C GLU H 11 43.63 5.90 41.64
N ASN H 12 43.23 6.86 40.80
CA ASN H 12 42.49 8.00 41.31
C ASN H 12 42.14 8.91 40.13
N GLY H 13 41.24 9.84 40.36
CA GLY H 13 40.85 10.82 39.35
C GLY H 13 40.99 12.24 39.85
N TRP H 14 41.41 13.13 38.95
CA TRP H 14 41.67 14.52 39.30
C TRP H 14 40.36 15.31 39.28
N GLU H 15 39.77 15.54 40.44
CA GLU H 15 38.65 16.46 40.53
C GLU H 15 39.20 17.89 40.51
N GLY H 16 38.90 18.61 39.44
CA GLY H 16 39.51 19.90 39.20
C GLY H 16 39.91 20.07 37.76
N MET H 17 39.70 19.01 36.96
CA MET H 17 39.86 19.10 35.51
C MET H 17 38.51 19.53 34.91
N ILE H 18 38.22 20.82 35.04
CA ILE H 18 36.99 21.38 34.50
C ILE H 18 37.09 21.68 33.01
N ASP H 19 38.26 21.47 32.40
CA ASP H 19 38.45 21.76 30.98
C ASP H 19 38.17 20.56 30.09
N GLY H 20 38.16 19.35 30.63
CA GLY H 20 37.93 18.19 29.80
C GLY H 20 37.79 16.92 30.62
N TRP H 21 37.88 15.79 29.92
CA TRP H 21 37.75 14.47 30.54
C TRP H 21 39.10 13.78 30.76
N TYR H 22 40.03 13.94 29.83
CA TYR H 22 41.39 13.44 29.98
C TYR H 22 42.36 14.60 29.83
N GLY H 23 43.53 14.46 30.44
CA GLY H 23 44.51 15.53 30.37
C GLY H 23 45.85 15.10 30.93
N PHE H 24 46.76 16.07 30.99
CA PHE H 24 48.12 15.85 31.46
C PHE H 24 48.39 16.70 32.69
N ARG H 25 49.25 16.17 33.56
CA ARG H 25 49.79 16.91 34.70
C ARG H 25 51.30 16.68 34.73
N HIS H 26 52.07 17.75 34.83
CA HIS H 26 53.52 17.65 34.77
C HIS H 26 54.16 18.37 35.95
N GLN H 27 55.26 17.80 36.44
CA GLN H 27 56.12 18.43 37.43
C GLN H 27 57.42 18.81 36.74
N ASN H 28 57.74 20.10 36.74
CA ASN H 28 58.86 20.63 35.97
C ASN H 28 59.72 21.51 36.86
N SER H 29 60.92 21.81 36.35
CA SER H 29 61.79 22.77 37.03
C SER H 29 61.14 24.14 37.10
N GLU H 30 60.49 24.56 36.02
CA GLU H 30 59.77 25.83 36.03
C GLU H 30 58.58 25.77 36.99
N GLY H 31 57.89 24.65 37.03
CA GLY H 31 56.77 24.49 37.94
C GLY H 31 55.81 23.45 37.43
N THR H 32 54.75 23.23 38.22
CA THR H 32 53.71 22.29 37.86
C THR H 32 52.66 22.96 36.99
N GLY H 33 51.99 22.15 36.17
CA GLY H 33 50.97 22.66 35.27
C GLY H 33 49.94 21.59 34.97
N GLN H 34 48.83 22.03 34.39
CA GLN H 34 47.73 21.14 34.05
C GLN H 34 47.13 21.55 32.71
N ALA H 35 46.84 20.56 31.87
CA ALA H 35 46.20 20.79 30.59
C ALA H 35 45.15 19.71 30.37
N ALA H 36 44.42 19.83 29.26
CA ALA H 36 43.38 18.87 28.90
C ALA H 36 43.56 18.42 27.46
N ASP H 37 43.21 17.17 27.21
CA ASP H 37 43.27 16.58 25.87
C ASP H 37 41.87 16.57 25.27
N LEU H 38 41.74 17.16 24.08
CA LEU H 38 40.44 17.29 23.44
C LEU H 38 40.10 16.10 22.56
N LYS H 39 41.09 15.49 21.90
CA LYS H 39 40.81 14.38 21.00
C LYS H 39 40.19 13.21 21.76
N SER H 40 40.77 12.85 22.91
CA SER H 40 40.23 11.74 23.69
C SER H 40 38.88 12.10 24.29
N THR H 41 38.75 13.33 24.79
CA THR H 41 37.46 13.77 25.34
C THR H 41 36.38 13.79 24.26
N GLN H 42 36.72 14.29 23.07
CA GLN H 42 35.75 14.32 21.99
C GLN H 42 35.43 12.92 21.47
N ALA H 43 36.40 12.01 21.48
CA ALA H 43 36.14 10.63 21.08
C ALA H 43 35.15 9.97 22.02
N ALA H 44 35.28 10.22 23.32
CA ALA H 44 34.35 9.65 24.28
C ALA H 44 32.96 10.26 24.14
N ILE H 45 32.89 11.59 24.10
CA ILE H 45 31.60 12.27 24.05
C ILE H 45 30.83 11.87 22.79
N ASP H 46 31.53 11.75 21.66
CA ASP H 46 30.89 11.29 20.43
C ASP H 46 30.41 9.85 20.53
N GLN H 47 30.93 9.08 21.49
CA GLN H 47 30.50 7.70 21.68
C GLN H 47 29.39 7.57 22.70
N ILE H 48 29.45 8.33 23.80
CA ILE H 48 28.32 8.38 24.73
C ILE H 48 27.10 8.96 24.04
N ASN H 49 27.29 10.05 23.30
CA ASN H 49 26.26 10.47 22.35
C ASN H 49 26.22 9.49 21.18
N GLY H 50 25.08 9.43 20.53
CA GLY H 50 24.88 8.34 19.56
C GLY H 50 24.41 7.08 20.25
N LYS H 51 25.07 6.71 21.35
CA LYS H 51 24.46 5.77 22.29
C LYS H 51 23.17 6.37 22.85
N LEU H 52 23.22 7.65 23.23
CA LEU H 52 22.01 8.34 23.67
C LEU H 52 20.99 8.43 22.55
N ASN H 53 21.44 8.78 21.35
CA ASN H 53 20.50 9.04 20.25
C ASN H 53 19.86 7.75 19.74
N ARG H 54 20.62 6.66 19.69
CA ARG H 54 20.04 5.39 19.27
C ARG H 54 19.00 4.89 20.27
N VAL H 55 19.14 5.26 21.53
CA VAL H 55 18.18 4.88 22.56
C VAL H 55 17.01 5.85 22.64
N ILE H 56 17.29 7.16 22.53
CA ILE H 56 16.25 8.18 22.68
C ILE H 56 15.32 8.23 21.47
N GLU H 57 15.73 7.66 20.34
CA GLU H 57 14.99 7.75 19.08
C GLU H 57 13.51 7.44 19.27
N LYS H 58 12.66 8.32 18.75
CA LYS H 58 11.21 8.15 18.86
C LYS H 58 10.77 6.97 18.01
N THR H 59 9.96 6.07 18.58
CA THR H 59 9.68 4.87 17.81
C THR H 59 8.21 4.50 17.70
N ASN H 60 7.40 4.67 18.75
CA ASN H 60 6.06 4.11 18.76
C ASN H 60 5.01 5.23 18.75
N GLU H 61 4.08 5.13 17.80
CA GLU H 61 2.90 5.98 17.73
C GLU H 61 1.69 5.06 17.61
N LYS H 62 1.01 4.82 18.74
CA LYS H 62 -0.14 3.93 18.78
C LYS H 62 -1.39 4.73 19.12
N PHE H 63 -2.44 4.57 18.31
CA PHE H 63 -3.64 5.38 18.42
C PHE H 63 -4.81 4.63 19.03
N HIS H 64 -5.24 3.53 18.43
CA HIS H 64 -6.33 2.73 18.97
C HIS H 64 -5.81 1.35 19.35
N GLN H 65 -6.15 0.91 20.55
CA GLN H 65 -5.63 -0.32 21.11
C GLN H 65 -6.76 -1.05 21.80
N ILE H 66 -6.42 -2.05 22.60
CA ILE H 66 -7.40 -2.78 23.39
C ILE H 66 -7.64 -2.03 24.70
N GLU H 67 -8.80 -2.28 25.30
CA GLU H 67 -9.08 -1.75 26.63
C GLU H 67 -8.17 -2.43 27.65
N LYS H 68 -7.76 -1.66 28.66
CA LYS H 68 -6.83 -2.15 29.66
C LYS H 68 -7.33 -2.02 31.08
N GLU H 69 -8.47 -1.37 31.31
CA GLU H 69 -9.12 -1.31 32.62
C GLU H 69 -10.59 -1.66 32.45
N PHE H 70 -11.12 -2.43 33.41
CA PHE H 70 -12.48 -2.94 33.31
C PHE H 70 -13.22 -2.72 34.61
N SER H 71 -14.51 -2.39 34.50
CA SER H 71 -15.37 -2.15 35.66
C SER H 71 -16.33 -3.29 35.94
N GLU H 72 -16.42 -4.28 35.05
CA GLU H 72 -17.24 -5.46 35.24
C GLU H 72 -16.42 -6.69 34.88
N VAL H 73 -16.65 -7.79 35.59
CA VAL H 73 -15.99 -9.04 35.26
C VAL H 73 -16.82 -9.77 34.21
N GLU H 74 -16.14 -10.33 33.23
CA GLU H 74 -16.79 -10.92 32.08
C GLU H 74 -16.37 -12.36 31.81
N GLY H 75 -15.11 -12.70 32.05
CA GLY H 75 -14.66 -14.07 31.89
C GLY H 75 -13.53 -14.26 30.90
N ARG H 76 -13.81 -15.03 29.84
CA ARG H 76 -12.74 -15.51 28.96
C ARG H 76 -12.05 -14.36 28.23
N ILE H 77 -12.83 -13.47 27.61
CA ILE H 77 -12.23 -12.43 26.77
C ILE H 77 -11.43 -11.45 27.61
N GLN H 78 -11.95 -11.06 28.78
CA GLN H 78 -11.23 -10.14 29.64
C GLN H 78 -9.92 -10.75 30.13
N ASP H 79 -9.92 -12.05 30.43
CA ASP H 79 -8.69 -12.72 30.82
C ASP H 79 -7.66 -12.66 29.68
N LEU H 80 -8.11 -12.84 28.44
CA LEU H 80 -7.20 -12.78 27.30
C LEU H 80 -6.58 -11.39 27.17
N GLU H 81 -7.38 -10.33 27.32
CA GLU H 81 -6.86 -8.99 27.16
C GLU H 81 -5.84 -8.65 28.25
N LYS H 82 -6.11 -9.05 29.50
CA LYS H 82 -5.18 -8.75 30.58
C LYS H 82 -3.89 -9.55 30.43
N TYR H 83 -3.98 -10.80 30.01
CA TYR H 83 -2.78 -11.61 29.80
C TYR H 83 -1.90 -11.03 28.70
N VAL H 84 -2.52 -10.54 27.62
CA VAL H 84 -1.75 -9.94 26.53
C VAL H 84 -1.03 -8.69 27.02
N GLU H 85 -1.72 -7.84 27.78
CA GLU H 85 -1.11 -6.61 28.26
C GLU H 85 0.03 -6.90 29.24
N ASP H 86 -0.17 -7.85 30.15
CA ASP H 86 0.88 -8.19 31.12
C ASP H 86 2.10 -8.76 30.42
N THR H 87 1.91 -9.62 29.42
CA THR H 87 3.02 -10.21 28.70
C THR H 87 3.83 -9.14 27.97
N LYS H 88 3.15 -8.17 27.37
CA LYS H 88 3.84 -7.07 26.69
C LYS H 88 4.68 -6.25 27.67
N VAL H 89 4.11 -5.91 28.83
CA VAL H 89 4.81 -5.06 29.79
C VAL H 89 6.04 -5.78 30.34
N ASP H 90 5.90 -7.06 30.66
CA ASP H 90 7.04 -7.81 31.20
C ASP H 90 8.17 -7.93 30.19
N LEU H 91 7.82 -8.19 28.92
CA LEU H 91 8.84 -8.33 27.89
C LEU H 91 9.58 -7.02 27.65
N TRP H 92 8.84 -5.90 27.61
CA TRP H 92 9.49 -4.61 27.39
C TRP H 92 10.31 -4.19 28.60
N SER H 93 9.84 -4.48 29.82
CA SER H 93 10.59 -4.13 31.01
C SER H 93 11.92 -4.88 31.07
N TYR H 94 11.91 -6.16 30.67
CA TYR H 94 13.16 -6.89 30.56
C TYR H 94 14.07 -6.27 29.51
N ASN H 95 13.50 -5.85 28.38
CA ASN H 95 14.30 -5.21 27.34
C ASN H 95 14.93 -3.91 27.84
N ALA H 96 14.18 -3.13 28.62
CA ALA H 96 14.73 -1.90 29.18
C ALA H 96 15.85 -2.20 30.19
N GLU H 97 15.66 -3.22 31.02
CA GLU H 97 16.66 -3.55 32.04
C GLU H 97 17.95 -4.05 31.41
N LEU H 98 17.84 -5.00 30.47
CA LEU H 98 19.03 -5.56 29.85
C LEU H 98 19.78 -4.51 29.02
N LEU H 99 19.03 -3.62 28.35
CA LEU H 99 19.67 -2.59 27.55
C LEU H 99 20.55 -1.68 28.40
N VAL H 100 19.99 -1.17 29.51
CA VAL H 100 20.75 -0.25 30.36
C VAL H 100 21.99 -0.92 30.92
N ALA H 101 21.86 -2.17 31.38
CA ALA H 101 23.02 -2.89 31.91
C ALA H 101 24.06 -3.11 30.84
N LEU H 102 23.64 -3.46 29.62
CA LEU H 102 24.60 -3.70 28.55
C LEU H 102 25.28 -2.40 28.11
N GLU H 103 24.51 -1.32 27.98
CA GLU H 103 25.09 -0.05 27.55
C GLU H 103 26.05 0.52 28.61
N ASN H 104 25.66 0.46 29.88
CA ASN H 104 26.49 1.02 30.94
C ASN H 104 27.81 0.27 31.07
N GLN H 105 27.79 -1.04 30.89
CA GLN H 105 29.02 -1.82 30.91
C GLN H 105 29.95 -1.40 29.78
N HIS H 106 29.39 -1.16 28.59
CA HIS H 106 30.20 -0.74 27.45
C HIS H 106 30.75 0.66 27.65
N THR H 107 29.97 1.54 28.29
CA THR H 107 30.45 2.90 28.55
C THR H 107 31.67 2.88 29.48
N ILE H 108 31.63 2.02 30.51
CA ILE H 108 32.78 1.85 31.38
C ILE H 108 33.97 1.31 30.58
N ASP H 109 33.72 0.33 29.71
CA ASP H 109 34.81 -0.33 28.99
C ASP H 109 35.47 0.61 27.98
N LEU H 110 34.69 1.44 27.30
CA LEU H 110 35.27 2.32 26.28
C LEU H 110 36.04 3.48 26.91
N THR H 111 35.62 3.93 28.09
CA THR H 111 36.35 5.01 28.76
C THR H 111 37.73 4.53 29.23
N ASP H 112 37.82 3.28 29.69
CA ASP H 112 39.12 2.71 29.99
C ASP H 112 39.97 2.60 28.73
N SER H 113 39.36 2.20 27.62
CA SER H 113 40.09 2.04 26.37
C SER H 113 40.70 3.36 25.91
N GLU H 114 39.92 4.44 25.98
CA GLU H 114 40.42 5.73 25.51
C GLU H 114 41.54 6.25 26.40
N MET H 115 41.44 6.03 27.70
CA MET H 115 42.50 6.45 28.60
C MET H 115 43.77 5.61 28.40
N ASN H 116 43.62 4.29 28.30
CA ASN H 116 44.77 3.45 28.02
C ASN H 116 45.36 3.75 26.65
N LYS H 117 44.51 4.09 25.68
CA LYS H 117 45.01 4.53 24.38
C LYS H 117 45.83 5.81 24.51
N LEU H 118 45.38 6.74 25.35
CA LEU H 118 46.15 7.96 25.60
C LEU H 118 47.48 7.64 26.26
N PHE H 119 47.48 6.69 27.20
CA PHE H 119 48.75 6.30 27.84
C PHE H 119 49.70 5.68 26.82
N GLU H 120 49.20 4.77 25.98
CA GLU H 120 50.06 4.14 24.99
C GLU H 120 50.47 5.12 23.91
N LYS H 121 49.66 6.15 23.65
CA LYS H 121 50.04 7.17 22.69
C LYS H 121 51.27 7.94 23.16
N THR H 122 51.28 8.37 24.41
CA THR H 122 52.42 9.10 24.94
C THR H 122 53.64 8.21 25.06
N ARG H 123 53.44 6.93 25.41
CA ARG H 123 54.57 6.01 25.56
C ARG H 123 55.30 5.84 24.23
N ARG H 124 54.55 5.73 23.12
CA ARG H 124 55.19 5.65 21.81
C ARG H 124 55.85 6.97 21.43
N GLN H 125 55.29 8.09 21.89
CA GLN H 125 55.90 9.40 21.61
C GLN H 125 57.29 9.50 22.24
N LEU H 126 57.37 9.21 23.54
CA LEU H 126 58.64 9.19 24.28
C LEU H 126 59.20 7.78 24.18
N ARG H 127 59.92 7.50 23.08
CA ARG H 127 60.26 6.12 22.73
C ARG H 127 61.12 5.45 23.80
N GLU H 128 62.35 5.92 23.96
CA GLU H 128 63.24 5.46 25.02
C GLU H 128 63.69 6.62 25.89
N ASN H 129 63.23 7.83 25.60
CA ASN H 129 63.60 9.02 26.36
C ASN H 129 62.96 9.06 27.74
N ALA H 130 62.02 8.16 28.03
CA ALA H 130 61.35 8.11 29.31
C ALA H 130 60.91 6.68 29.56
N GLU H 131 60.46 6.42 30.79
CA GLU H 131 59.99 5.09 31.14
C GLU H 131 58.85 5.21 32.15
N ASP H 132 58.14 4.09 32.34
CA ASP H 132 56.91 4.06 33.11
C ASP H 132 57.20 4.05 34.60
N MET H 133 56.64 5.01 35.34
CA MET H 133 56.73 4.98 36.79
C MET H 133 55.84 3.90 37.38
N GLY H 134 54.62 3.78 36.90
CA GLY H 134 53.73 2.73 37.35
C GLY H 134 52.33 3.19 37.69
N ASN H 135 52.18 4.45 38.11
CA ASN H 135 50.89 4.99 38.53
C ASN H 135 50.25 5.85 37.45
N GLY H 136 50.46 5.50 36.18
CA GLY H 136 49.98 6.34 35.09
C GLY H 136 50.84 7.55 34.82
N CYS H 137 52.02 7.64 35.44
CA CYS H 137 52.93 8.76 35.26
C CYS H 137 54.19 8.31 34.55
N PHE H 138 54.76 9.21 33.76
CA PHE H 138 56.01 8.98 33.05
C PHE H 138 57.11 9.81 33.69
N LYS H 139 58.30 9.20 33.81
CA LYS H 139 59.47 9.90 34.31
C LYS H 139 60.39 10.18 33.13
N ILE H 140 60.35 11.41 32.64
CA ILE H 140 61.19 11.82 31.52
C ILE H 140 62.59 12.13 32.04
N TYR H 141 63.60 11.55 31.40
CA TYR H 141 64.96 11.53 31.93
C TYR H 141 65.84 12.64 31.34
N HIS H 142 65.24 13.67 30.74
CA HIS H 142 65.99 14.81 30.25
C HIS H 142 65.30 16.09 30.71
N LYS H 143 65.98 17.22 30.51
CA LYS H 143 65.43 18.52 30.87
C LYS H 143 64.31 18.88 29.89
N CYS H 144 63.08 18.94 30.39
CA CYS H 144 61.89 19.15 29.57
C CYS H 144 61.16 20.38 30.07
N ASP H 145 61.34 21.51 29.38
CA ASP H 145 60.74 22.77 29.79
C ASP H 145 59.27 22.80 29.39
N ASN H 146 58.63 23.96 29.53
CA ASN H 146 57.20 24.05 29.25
C ASN H 146 56.90 23.84 27.77
N ALA H 147 57.70 24.43 26.88
CA ALA H 147 57.53 24.17 25.45
C ALA H 147 57.77 22.71 25.12
N CYS H 148 58.67 22.06 25.86
CA CYS H 148 58.89 20.62 25.72
C CYS H 148 57.62 19.83 26.08
N ILE H 149 56.96 20.22 27.17
CA ILE H 149 55.74 19.53 27.58
C ILE H 149 54.62 19.77 26.56
N GLU H 150 54.53 21.00 26.05
CA GLU H 150 53.52 21.31 25.03
C GLU H 150 53.71 20.47 23.78
N SER H 151 54.97 20.27 23.37
CA SER H 151 55.25 19.47 22.18
C SER H 151 54.81 18.02 22.37
N ILE H 152 54.97 17.48 23.59
CA ILE H 152 54.48 16.14 23.89
C ILE H 152 52.97 16.08 23.76
N ARG H 153 52.28 17.09 24.31
CA ARG H 153 50.82 17.11 24.27
C ARG H 153 50.31 17.28 22.84
N ASN H 154 50.97 18.12 22.05
CA ASN H 154 50.54 18.32 20.66
C ASN H 154 50.77 17.06 19.82
N GLY H 155 51.86 16.35 20.08
CA GLY H 155 52.26 15.23 19.25
C GLY H 155 53.45 15.49 18.35
N THR H 156 54.14 16.61 18.54
CA THR H 156 55.30 16.96 17.74
C THR H 156 56.61 16.79 18.50
N TYR H 157 56.62 15.91 19.50
CA TYR H 157 57.83 15.63 20.26
C TYR H 157 58.83 14.86 19.40
N ASP H 158 60.08 15.31 19.41
CA ASP H 158 61.15 14.67 18.65
C ASP H 158 62.12 14.03 19.66
N HIS H 159 62.17 12.70 19.66
CA HIS H 159 63.02 12.00 20.61
C HIS H 159 64.51 12.14 20.26
N ASP H 160 64.82 12.36 18.98
CA ASP H 160 66.21 12.44 18.56
C ASP H 160 66.92 13.62 19.18
N ILE H 161 66.19 14.68 19.54
CA ILE H 161 66.80 15.84 20.17
C ILE H 161 67.38 15.47 21.54
N TYR H 162 66.62 14.71 22.33
CA TYR H 162 67.00 14.39 23.70
C TYR H 162 67.40 12.93 23.87
N ARG H 163 67.74 12.23 22.79
CA ARG H 163 68.00 10.79 22.90
C ARG H 163 69.25 10.51 23.72
N ASP H 164 70.36 11.17 23.40
CA ASP H 164 71.60 10.94 24.13
C ASP H 164 71.50 11.41 25.57
N GLU H 165 70.80 12.53 25.80
CA GLU H 165 70.63 13.05 27.16
C GLU H 165 69.89 12.05 28.05
N ALA H 166 68.81 11.47 27.55
CA ALA H 166 68.02 10.55 28.35
C ALA H 166 68.72 9.20 28.49
N LEU H 167 69.36 8.72 27.42
CA LEU H 167 70.01 7.42 27.47
C LEU H 167 71.16 7.43 28.47
N ASN H 168 71.87 8.56 28.59
CA ASN H 168 72.92 8.66 29.60
C ASN H 168 72.34 8.67 31.00
N ASN H 169 71.29 9.47 31.22
CA ASN H 169 70.69 9.55 32.55
C ASN H 169 69.88 8.30 32.89
N ARG H 170 69.57 7.46 31.90
CA ARG H 170 68.82 6.23 32.14
C ARG H 170 69.75 5.06 32.40
N PHE H 171 70.59 4.72 31.43
CA PHE H 171 71.40 3.51 31.46
C PHE H 171 72.85 3.77 31.85
N GLN H 172 73.21 5.02 32.11
CA GLN H 172 74.51 5.39 32.68
C GLN H 172 75.68 4.82 31.86
N ILE H 173 75.78 5.29 30.63
CA ILE H 173 76.90 4.91 29.77
C ILE H 173 77.96 5.99 29.78
N SER I 11 72.05 -1.04 7.03
CA SER I 11 72.36 -1.15 8.46
C SER I 11 71.12 -1.57 9.25
N THR I 12 70.00 -0.92 8.97
CA THR I 12 68.74 -1.16 9.66
C THR I 12 67.68 -1.62 8.66
N ALA I 13 66.44 -1.73 9.15
CA ALA I 13 65.31 -2.12 8.32
C ALA I 13 64.04 -1.60 8.97
N THR I 14 62.90 -1.92 8.37
CA THR I 14 61.60 -1.49 8.90
C THR I 14 60.57 -2.56 8.58
N LEU I 15 59.90 -3.08 9.60
CA LEU I 15 58.85 -4.07 9.45
C LEU I 15 57.54 -3.47 9.94
N CYS I 16 56.51 -3.52 9.09
CA CYS I 16 55.23 -2.89 9.37
C CYS I 16 54.13 -3.94 9.40
N LEU I 17 53.16 -3.74 10.29
CA LEU I 17 51.99 -4.59 10.40
C LEU I 17 50.75 -3.79 10.00
N GLY I 18 49.80 -4.46 9.36
CA GLY I 18 48.60 -3.77 8.92
C GLY I 18 47.49 -4.72 8.56
N HIS I 19 46.44 -4.14 7.97
CA HIS I 19 45.23 -4.87 7.62
C HIS I 19 44.77 -4.40 6.25
N HIS I 20 43.96 -5.23 5.60
CA HIS I 20 43.58 -4.92 4.23
C HIS I 20 42.50 -3.84 4.20
N SER I 21 42.22 -3.35 3.00
CA SER I 21 41.11 -2.45 2.74
C SER I 21 40.46 -2.87 1.43
N VAL I 22 39.25 -2.37 1.20
CA VAL I 22 38.56 -2.65 -0.05
C VAL I 22 38.23 -1.33 -0.74
N PRO I 23 38.34 -1.24 -2.06
CA PRO I 23 38.04 0.02 -2.75
C PRO I 23 36.59 0.45 -2.65
N ASN I 24 35.71 -0.43 -2.15
CA ASN I 24 34.29 -0.14 -2.05
C ASN I 24 33.78 -0.81 -0.78
N GLY I 25 33.40 0.00 0.21
CA GLY I 25 32.95 -0.51 1.49
C GLY I 25 31.44 -0.64 1.59
N THR I 26 30.98 -0.87 2.81
CA THR I 26 29.55 -0.95 3.11
C THR I 26 29.32 -0.32 4.48
N ILE I 27 28.19 0.35 4.63
CA ILE I 27 27.84 1.05 5.86
C ILE I 27 26.95 0.16 6.71
N VAL I 28 27.35 -0.07 7.95
CA VAL I 28 26.56 -0.83 8.91
C VAL I 28 26.28 0.06 10.12
N LYS I 29 25.53 -0.46 11.09
CA LYS I 29 25.15 0.28 12.28
C LYS I 29 25.65 -0.45 13.52
N THR I 30 26.47 0.24 14.32
CA THR I 30 26.97 -0.29 15.57
C THR I 30 26.21 0.35 16.73
N ILE I 31 26.68 0.09 17.95
CA ILE I 31 26.07 0.70 19.14
C ILE I 31 26.48 2.16 19.27
N THR I 32 27.78 2.44 19.14
CA THR I 32 28.28 3.79 19.34
C THR I 32 28.01 4.70 18.15
N ASP I 33 28.06 4.18 16.93
CA ASP I 33 27.86 4.98 15.73
C ASP I 33 26.72 4.40 14.88
N ASP I 34 26.22 5.23 13.98
CA ASP I 34 25.13 4.87 13.10
C ASP I 34 25.59 4.69 11.66
N GLN I 35 26.64 5.40 11.25
CA GLN I 35 27.21 5.30 9.90
C GLN I 35 28.69 4.97 10.03
N ILE I 36 29.04 3.69 9.94
CA ILE I 36 30.43 3.26 9.99
C ILE I 36 30.66 2.25 8.86
N GLU I 37 31.80 2.37 8.19
CA GLU I 37 32.10 1.58 7.00
C GLU I 37 32.92 0.34 7.37
N VAL I 38 32.55 -0.80 6.77
CA VAL I 38 33.24 -2.05 6.99
C VAL I 38 33.58 -2.67 5.63
N THR I 39 34.56 -3.58 5.65
CA THR I 39 35.05 -4.17 4.41
C THR I 39 34.03 -5.09 3.77
N ASN I 40 33.21 -5.77 4.56
CA ASN I 40 32.19 -6.66 4.02
C ASN I 40 31.01 -6.70 4.98
N ALA I 41 29.84 -7.06 4.43
CA ALA I 41 28.62 -7.17 5.21
C ALA I 41 27.65 -8.07 4.48
N THR I 42 26.64 -8.55 5.20
CA THR I 42 25.59 -9.40 4.64
C THR I 42 24.23 -8.89 5.08
N GLU I 43 23.24 -9.07 4.20
CA GLU I 43 21.88 -8.61 4.44
C GLU I 43 21.11 -9.65 5.25
N LEU I 44 20.56 -9.22 6.39
CA LEU I 44 19.82 -10.12 7.27
C LEU I 44 18.30 -10.07 7.05
N VAL I 45 17.81 -9.19 6.19
CA VAL I 45 16.37 -9.01 5.99
C VAL I 45 16.02 -9.31 4.54
N GLN I 46 15.04 -10.18 4.35
CA GLN I 46 14.53 -10.53 3.02
C GLN I 46 13.37 -9.61 2.68
N ASN I 47 13.51 -8.85 1.60
CA ASN I 47 12.50 -7.86 1.23
C ASN I 47 11.94 -8.08 -0.17
N SER I 48 12.05 -9.29 -0.70
CA SER I 48 11.55 -9.59 -2.04
C SER I 48 10.92 -10.97 -2.06
N SER I 49 9.84 -11.09 -2.84
CA SER I 49 9.16 -12.36 -3.07
C SER I 49 9.24 -12.73 -4.53
N THR I 50 9.28 -14.02 -4.82
CA THR I 50 9.34 -14.49 -6.19
C THR I 50 8.01 -14.32 -6.93
N GLY I 51 6.92 -14.03 -6.21
CA GLY I 51 5.63 -13.83 -6.84
C GLY I 51 4.93 -15.09 -7.26
N LYS I 52 5.58 -16.24 -7.15
CA LYS I 52 5.01 -17.54 -7.53
C LYS I 52 4.97 -18.41 -6.29
N ILE I 53 3.80 -18.98 -6.00
CA ILE I 53 3.67 -19.92 -4.88
C ILE I 53 4.16 -21.28 -5.35
N CYS I 54 5.17 -21.82 -4.67
CA CYS I 54 5.71 -23.12 -5.04
C CYS I 54 4.80 -24.23 -4.53
N ASN I 55 4.63 -25.26 -5.36
CA ASN I 55 3.79 -26.40 -5.03
C ASN I 55 4.53 -27.49 -4.26
N ASN I 56 5.78 -27.24 -3.89
CA ASN I 56 6.58 -28.16 -3.10
C ASN I 56 7.26 -27.40 -1.97
N PRO I 57 7.47 -28.04 -0.81
CA PRO I 57 7.05 -29.41 -0.50
C PRO I 57 5.62 -29.51 0.02
N HIS I 58 5.01 -28.37 0.30
CA HIS I 58 3.65 -28.34 0.82
C HIS I 58 2.63 -28.60 -0.29
N LYS I 59 1.56 -29.30 0.06
CA LYS I 59 0.47 -29.56 -0.88
C LYS I 59 -0.44 -28.35 -0.91
N VAL I 60 -0.44 -27.63 -2.04
CA VAL I 60 -1.21 -26.40 -2.19
C VAL I 60 -2.41 -26.70 -3.09
N LEU I 61 -3.59 -26.39 -2.59
CA LEU I 61 -4.83 -26.57 -3.32
C LEU I 61 -5.42 -25.21 -3.65
N ASP I 62 -5.67 -24.97 -4.94
CA ASP I 62 -6.16 -23.68 -5.41
C ASP I 62 -7.68 -23.75 -5.55
N GLY I 63 -8.38 -22.99 -4.72
CA GLY I 63 -9.80 -22.81 -4.89
C GLY I 63 -10.08 -21.63 -5.81
N ARG I 64 -10.28 -21.91 -7.10
CA ARG I 64 -10.31 -20.86 -8.11
C ARG I 64 -11.42 -19.86 -7.87
N ASP I 65 -12.67 -20.32 -7.99
CA ASP I 65 -13.84 -19.48 -7.76
C ASP I 65 -14.60 -19.90 -6.51
N CYS I 66 -14.00 -20.75 -5.69
CA CYS I 66 -14.69 -21.35 -4.55
C CYS I 66 -13.99 -20.95 -3.25
N THR I 67 -14.78 -20.58 -2.26
CA THR I 67 -14.28 -20.47 -0.90
C THR I 67 -14.27 -21.85 -0.26
N LEU I 68 -13.57 -21.98 0.86
CA LEU I 68 -13.51 -23.26 1.55
C LEU I 68 -14.88 -23.68 2.06
N ILE I 69 -15.67 -22.73 2.58
CA ILE I 69 -17.00 -23.04 3.07
C ILE I 69 -17.90 -23.50 1.94
N ASP I 70 -17.86 -22.80 0.81
CA ASP I 70 -18.69 -23.18 -0.33
C ASP I 70 -18.31 -24.55 -0.86
N ALA I 71 -17.02 -24.84 -0.94
CA ALA I 71 -16.59 -26.17 -1.37
C ALA I 71 -17.04 -27.24 -0.38
N MET I 72 -16.93 -26.94 0.93
CA MET I 72 -17.43 -27.87 1.94
C MET I 72 -18.93 -28.06 1.81
N LEU I 73 -19.67 -26.96 1.65
CA LEU I 73 -21.13 -27.04 1.63
C LEU I 73 -21.63 -27.86 0.44
N GLY I 74 -21.03 -27.66 -0.73
CA GLY I 74 -21.45 -28.42 -1.90
C GLY I 74 -22.03 -27.59 -3.01
N ASP I 75 -21.52 -26.37 -3.18
CA ASP I 75 -21.97 -25.51 -4.26
C ASP I 75 -21.77 -26.23 -5.60
N PRO I 76 -22.75 -26.20 -6.51
CA PRO I 76 -22.62 -26.97 -7.75
C PRO I 76 -21.39 -26.64 -8.57
N HIS I 77 -20.97 -25.38 -8.58
CA HIS I 77 -19.74 -25.00 -9.26
C HIS I 77 -18.51 -25.27 -8.41
N CYS I 78 -18.70 -25.88 -7.24
CA CYS I 78 -17.59 -26.30 -6.38
C CYS I 78 -17.56 -27.82 -6.21
N ASP I 79 -18.21 -28.55 -7.12
CA ASP I 79 -18.28 -30.01 -7.00
C ASP I 79 -16.93 -30.68 -7.19
N VAL I 80 -15.99 -30.02 -7.85
CA VAL I 80 -14.68 -30.60 -8.10
C VAL I 80 -13.84 -30.73 -6.84
N PHE I 81 -14.26 -30.09 -5.75
CA PHE I 81 -13.50 -30.08 -4.50
C PHE I 81 -13.96 -31.17 -3.54
N GLN I 82 -14.79 -32.11 -3.99
CA GLN I 82 -15.31 -33.14 -3.11
C GLN I 82 -14.19 -34.09 -2.70
N ASP I 83 -14.12 -34.40 -1.40
CA ASP I 83 -13.12 -35.31 -0.84
C ASP I 83 -11.70 -34.87 -1.19
N GLU I 84 -11.40 -33.61 -0.94
CA GLU I 84 -10.07 -33.06 -1.17
C GLU I 84 -9.28 -32.98 0.13
N LYS I 85 -7.98 -32.79 -0.02
CA LYS I 85 -7.07 -32.60 1.11
C LYS I 85 -6.03 -31.56 0.72
N TRP I 86 -5.45 -30.91 1.72
CA TRP I 86 -4.51 -29.83 1.45
C TRP I 86 -3.61 -29.62 2.65
N ASP I 87 -2.45 -29.02 2.39
CA ASP I 87 -1.62 -28.43 3.44
C ASP I 87 -1.91 -26.94 3.59
N LEU I 88 -2.14 -26.25 2.48
CA LEU I 88 -2.56 -24.86 2.48
C LEU I 88 -3.65 -24.67 1.44
N PHE I 89 -4.78 -24.11 1.85
CA PHE I 89 -5.87 -23.79 0.94
C PHE I 89 -5.78 -22.31 0.57
N VAL I 90 -5.64 -22.04 -0.72
CA VAL I 90 -5.52 -20.68 -1.23
C VAL I 90 -6.90 -20.22 -1.67
N GLU I 91 -7.37 -19.12 -1.08
CA GLU I 91 -8.67 -18.54 -1.40
C GLU I 91 -8.45 -17.32 -2.28
N ARG I 92 -9.06 -17.31 -3.45
CA ARG I 92 -8.92 -16.21 -4.39
C ARG I 92 -9.95 -15.13 -4.11
N SER I 93 -9.57 -13.87 -4.41
CA SER I 93 -10.47 -12.75 -4.22
C SER I 93 -11.61 -12.73 -5.23
N SER I 94 -11.55 -13.58 -6.26
CA SER I 94 -12.58 -13.65 -7.28
C SER I 94 -13.60 -14.76 -7.02
N ALA I 95 -13.54 -15.39 -5.86
CA ALA I 95 -14.49 -16.45 -5.54
C ALA I 95 -15.88 -15.86 -5.29
N PHE I 96 -16.91 -16.59 -5.73
CA PHE I 96 -18.28 -16.15 -5.59
C PHE I 96 -19.14 -17.31 -5.11
N SER I 97 -20.41 -17.03 -4.85
CA SER I 97 -21.39 -18.02 -4.43
C SER I 97 -22.52 -18.07 -5.44
N ASN I 98 -22.94 -19.29 -5.80
CA ASN I 98 -23.94 -19.49 -6.84
C ASN I 98 -24.97 -20.53 -6.41
N CYS I 99 -25.43 -20.45 -5.17
CA CYS I 99 -26.43 -21.37 -4.65
C CYS I 99 -27.40 -20.58 -3.79
N TYR I 100 -28.18 -21.29 -2.98
CA TYR I 100 -29.18 -20.65 -2.13
C TYR I 100 -28.50 -19.67 -1.18
N PRO I 101 -28.97 -18.43 -1.08
CA PRO I 101 -28.34 -17.45 -0.18
C PRO I 101 -28.36 -17.95 1.25
N TYR I 102 -27.25 -17.73 1.96
CA TYR I 102 -27.08 -18.28 3.29
C TYR I 102 -26.15 -17.39 4.10
N ASP I 103 -26.12 -17.64 5.40
CA ASP I 103 -25.17 -17.02 6.30
C ASP I 103 -24.78 -18.03 7.37
N VAL I 104 -23.56 -17.89 7.89
CA VAL I 104 -23.07 -18.79 8.92
C VAL I 104 -22.79 -17.98 10.18
N PRO I 105 -23.61 -18.09 11.22
CA PRO I 105 -23.26 -17.48 12.51
C PRO I 105 -21.91 -18.00 12.97
N ASP I 106 -21.03 -17.07 13.35
CA ASP I 106 -19.63 -17.37 13.65
C ASP I 106 -18.96 -18.04 12.45
N TYR I 107 -18.94 -17.29 11.33
CA TYR I 107 -18.40 -17.82 10.08
C TYR I 107 -16.91 -18.11 10.19
N ALA I 108 -16.17 -17.25 10.88
CA ALA I 108 -14.71 -17.42 10.95
C ALA I 108 -14.33 -18.69 11.69
N SER I 109 -15.06 -19.02 12.76
CA SER I 109 -14.73 -20.21 13.54
C SER I 109 -14.87 -21.48 12.70
N LEU I 110 -15.96 -21.59 11.94
CA LEU I 110 -16.12 -22.76 11.07
C LEU I 110 -15.04 -22.81 10.01
N ARG I 111 -14.70 -21.67 9.42
CA ARG I 111 -13.64 -21.62 8.42
C ARG I 111 -12.30 -22.05 9.01
N SER I 112 -12.01 -21.60 10.23
CA SER I 112 -10.72 -21.93 10.86
C SER I 112 -10.60 -23.42 11.16
N LEU I 113 -11.65 -24.02 11.70
CA LEU I 113 -11.56 -25.43 12.09
C LEU I 113 -11.57 -26.36 10.87
N ILE I 114 -12.30 -25.99 9.82
CA ILE I 114 -12.24 -26.75 8.58
C ILE I 114 -10.84 -26.65 7.97
N ALA I 115 -10.28 -25.45 7.93
CA ALA I 115 -8.96 -25.26 7.34
C ALA I 115 -7.89 -26.02 8.11
N SER I 116 -7.96 -25.97 9.45
CA SER I 116 -6.96 -26.66 10.26
C SER I 116 -7.09 -28.18 10.13
N SER I 117 -8.31 -28.68 9.90
CA SER I 117 -8.49 -30.11 9.71
C SER I 117 -7.80 -30.60 8.44
N GLY I 118 -7.86 -29.80 7.38
CA GLY I 118 -7.12 -30.11 6.17
C GLY I 118 -7.68 -31.23 5.33
N THR I 119 -8.98 -31.53 5.45
CA THR I 119 -9.59 -32.56 4.62
C THR I 119 -11.07 -32.27 4.46
N LEU I 120 -11.61 -32.67 3.31
CA LEU I 120 -13.03 -32.62 3.03
C LEU I 120 -13.63 -34.01 2.91
N ASP I 121 -13.00 -35.00 3.53
CA ASP I 121 -13.43 -36.40 3.45
C ASP I 121 -14.82 -36.55 4.06
N PHE I 122 -15.81 -36.87 3.24
CA PHE I 122 -17.20 -36.93 3.65
C PHE I 122 -17.70 -38.36 3.55
N ILE I 123 -18.38 -38.83 4.60
CA ILE I 123 -18.97 -40.16 4.64
C ILE I 123 -20.48 -39.99 4.75
N THR I 124 -21.21 -40.57 3.81
CA THR I 124 -22.67 -40.51 3.84
C THR I 124 -23.21 -41.46 4.90
N GLU I 125 -24.29 -41.05 5.56
CA GLU I 125 -24.94 -41.86 6.58
C GLU I 125 -26.41 -42.01 6.24
N SER I 126 -26.96 -43.18 6.54
CA SER I 126 -28.32 -43.55 6.15
C SER I 126 -29.31 -42.99 7.15
N PHE I 127 -29.71 -41.75 6.94
CA PHE I 127 -30.75 -41.13 7.75
C PHE I 127 -32.13 -41.56 7.28
N THR I 128 -33.07 -41.68 8.22
CA THR I 128 -34.45 -42.06 7.93
C THR I 128 -35.35 -40.92 8.34
N TRP I 129 -35.93 -40.23 7.36
CA TRP I 129 -36.83 -39.11 7.58
C TRP I 129 -38.23 -39.56 7.16
N ALA I 130 -39.03 -39.97 8.14
CA ALA I 130 -40.36 -40.51 7.87
C ALA I 130 -41.39 -39.40 7.81
N GLY I 131 -42.28 -39.50 6.82
CA GLY I 131 -43.39 -38.57 6.69
C GLY I 131 -43.08 -37.26 6.00
N VAL I 132 -41.86 -37.08 5.50
CA VAL I 132 -41.47 -35.84 4.85
C VAL I 132 -40.81 -36.16 3.52
N SER I 133 -40.90 -35.21 2.59
CA SER I 133 -40.27 -35.33 1.28
C SER I 133 -38.87 -34.75 1.31
N GLN I 134 -37.94 -35.45 0.67
CA GLN I 134 -36.52 -35.13 0.72
C GLN I 134 -36.05 -34.54 -0.60
N ASN I 135 -34.75 -34.20 -0.64
CA ASN I 135 -34.07 -33.76 -1.85
C ASN I 135 -34.76 -32.55 -2.49
N GLY I 136 -35.08 -31.56 -1.66
CA GLY I 136 -35.62 -30.33 -2.16
C GLY I 136 -34.58 -29.53 -2.93
N GLY I 137 -35.08 -28.56 -3.72
CA GLY I 137 -34.21 -27.74 -4.53
C GLY I 137 -34.81 -26.38 -4.78
N SER I 138 -34.01 -25.52 -5.41
CA SER I 138 -34.44 -24.16 -5.71
C SER I 138 -33.84 -23.74 -7.05
N SER I 139 -34.50 -22.78 -7.69
CA SER I 139 -34.00 -22.24 -8.96
C SER I 139 -32.74 -21.40 -8.77
N ALA I 140 -32.44 -20.99 -7.54
CA ALA I 140 -31.24 -20.22 -7.26
C ALA I 140 -29.98 -21.08 -7.20
N CYS I 141 -30.11 -22.40 -7.27
CA CYS I 141 -28.99 -23.33 -7.22
C CYS I 141 -29.20 -24.36 -8.32
N LYS I 142 -28.70 -24.06 -9.52
CA LYS I 142 -28.93 -24.90 -10.69
C LYS I 142 -27.79 -25.90 -10.86
N ARG I 143 -28.16 -27.16 -11.08
CA ARG I 143 -27.22 -28.23 -11.41
C ARG I 143 -27.55 -28.67 -12.83
N GLY I 144 -26.94 -27.99 -13.80
CA GLY I 144 -27.29 -28.19 -15.18
C GLY I 144 -28.56 -27.43 -15.53
N PRO I 145 -29.49 -28.10 -16.21
CA PRO I 145 -30.76 -27.44 -16.56
C PRO I 145 -31.84 -27.54 -15.49
N ALA I 146 -31.61 -28.29 -14.41
CA ALA I 146 -32.62 -28.55 -13.41
C ALA I 146 -32.31 -27.82 -12.11
N ASN I 147 -33.35 -27.64 -11.30
CA ASN I 147 -33.18 -27.04 -9.99
C ASN I 147 -32.45 -28.00 -9.06
N GLY I 148 -31.44 -27.49 -8.35
CA GLY I 148 -30.69 -28.31 -7.42
C GLY I 148 -30.54 -27.65 -6.07
N PHE I 149 -29.59 -28.12 -5.28
CA PHE I 149 -29.36 -27.61 -3.93
C PHE I 149 -27.92 -27.94 -3.55
N PHE I 150 -27.51 -27.45 -2.39
CA PHE I 150 -26.24 -27.84 -1.80
C PHE I 150 -26.18 -29.36 -1.67
N SER I 151 -25.09 -29.95 -2.15
CA SER I 151 -24.84 -31.34 -1.81
C SER I 151 -24.52 -31.44 -0.32
N ARG I 152 -24.35 -32.67 0.18
CA ARG I 152 -24.06 -32.91 1.59
C ARG I 152 -25.10 -32.25 2.50
N LEU I 153 -26.24 -31.86 1.94
CA LEU I 153 -27.31 -31.20 2.68
C LEU I 153 -28.63 -31.62 2.07
N ASN I 154 -29.61 -31.92 2.93
CA ASN I 154 -30.91 -32.41 2.49
C ASN I 154 -32.00 -31.44 2.93
N TRP I 155 -32.81 -31.00 1.97
CA TRP I 155 -33.92 -30.11 2.24
C TRP I 155 -35.19 -30.93 2.41
N LEU I 156 -35.78 -30.86 3.60
CA LEU I 156 -36.97 -31.63 3.93
C LEU I 156 -38.18 -30.72 3.96
N THR I 157 -39.26 -31.12 3.28
CA THR I 157 -40.50 -30.38 3.25
C THR I 157 -41.65 -31.32 3.56
N LYS I 158 -42.86 -30.77 3.55
CA LYS I 158 -44.05 -31.56 3.85
C LYS I 158 -44.29 -32.62 2.77
N SER I 159 -44.84 -33.76 3.19
CA SER I 159 -45.24 -34.83 2.30
C SER I 159 -46.76 -34.83 2.25
N GLY I 160 -47.31 -34.34 1.14
CA GLY I 160 -48.76 -34.18 1.03
C GLY I 160 -49.22 -32.94 1.77
N SER I 161 -49.88 -33.13 2.92
CA SER I 161 -50.37 -32.02 3.74
C SER I 161 -49.95 -32.17 5.20
N SER I 162 -48.97 -33.02 5.48
CA SER I 162 -48.56 -33.30 6.86
C SER I 162 -47.05 -33.22 6.98
N TYR I 163 -46.58 -32.66 8.10
CA TYR I 163 -45.16 -32.60 8.44
C TYR I 163 -44.99 -33.14 9.85
N PRO I 164 -44.75 -34.44 9.99
CA PRO I 164 -44.63 -35.03 11.33
C PRO I 164 -43.35 -34.57 12.04
N LEU I 165 -43.38 -34.69 13.35
CA LEU I 165 -42.19 -34.42 14.16
C LEU I 165 -41.09 -35.41 13.83
N LEU I 166 -39.85 -34.93 13.81
CA LEU I 166 -38.70 -35.74 13.46
C LEU I 166 -37.85 -36.01 14.70
N ASN I 167 -37.49 -37.27 14.91
CA ASN I 167 -36.68 -37.67 16.05
C ASN I 167 -35.81 -38.83 15.59
N VAL I 168 -34.58 -38.53 15.18
CA VAL I 168 -33.65 -39.53 14.68
C VAL I 168 -32.38 -39.50 15.52
N THR I 169 -31.69 -40.64 15.55
CA THR I 169 -30.48 -40.79 16.33
C THR I 169 -29.40 -41.47 15.49
N MET I 170 -28.15 -41.11 15.76
CA MET I 170 -27.01 -41.70 15.06
C MET I 170 -25.81 -41.79 16.00
N PRO I 171 -25.42 -42.98 16.42
CA PRO I 171 -24.29 -43.12 17.34
C PRO I 171 -22.96 -42.96 16.61
N ASN I 172 -21.92 -42.76 17.42
CA ASN I 172 -20.55 -42.64 16.92
C ASN I 172 -19.77 -43.85 17.46
N ASN I 173 -19.82 -44.95 16.72
CA ASN I 173 -19.13 -46.18 17.10
C ASN I 173 -17.69 -46.23 16.62
N TYR I 174 -17.21 -45.19 15.94
CA TYR I 174 -15.84 -45.14 15.46
C TYR I 174 -14.90 -44.73 16.59
N ASN I 175 -13.64 -44.48 16.26
CA ASN I 175 -12.66 -44.02 17.23
C ASN I 175 -12.09 -42.64 16.87
N PHE I 176 -12.75 -41.92 15.97
CA PHE I 176 -12.40 -40.55 15.64
C PHE I 176 -13.63 -39.66 15.80
N ASP I 177 -13.42 -38.35 15.72
CA ASP I 177 -14.51 -37.41 15.90
C ASP I 177 -15.27 -37.21 14.59
N LYS I 178 -16.56 -36.93 14.73
CA LYS I 178 -17.44 -36.64 13.59
C LYS I 178 -17.78 -35.16 13.57
N LEU I 179 -17.96 -34.62 12.36
CA LEU I 179 -18.35 -33.24 12.16
C LEU I 179 -19.61 -33.21 11.32
N TYR I 180 -20.70 -32.69 11.89
CA TYR I 180 -21.99 -32.64 11.23
C TYR I 180 -22.32 -31.19 10.87
N ILE I 181 -22.74 -30.97 9.64
CA ILE I 181 -23.15 -29.66 9.16
C ILE I 181 -24.63 -29.72 8.82
N TRP I 182 -25.42 -28.84 9.43
CA TRP I 182 -26.86 -28.79 9.21
C TRP I 182 -27.25 -27.33 9.03
N GLY I 183 -28.56 -27.06 9.02
CA GLY I 183 -29.01 -25.70 8.80
C GLY I 183 -30.47 -25.53 9.14
N VAL I 184 -30.88 -24.26 9.19
CA VAL I 184 -32.26 -23.87 9.44
C VAL I 184 -32.70 -22.92 8.34
N HIS I 185 -33.86 -23.19 7.74
CA HIS I 185 -34.40 -22.34 6.68
C HIS I 185 -35.25 -21.24 7.28
N HIS I 186 -35.06 -20.01 6.79
CA HIS I 186 -35.83 -18.87 7.24
C HIS I 186 -36.81 -18.44 6.15
N PRO I 187 -38.11 -18.68 6.31
CA PRO I 187 -39.06 -18.22 5.30
C PRO I 187 -39.18 -16.70 5.27
N SER I 188 -39.73 -16.20 4.18
CA SER I 188 -39.95 -14.77 4.01
C SER I 188 -41.34 -14.31 4.41
N THR I 189 -42.33 -15.19 4.37
CA THR I 189 -43.70 -14.86 4.75
C THR I 189 -44.29 -15.99 5.58
N ASN I 190 -45.35 -15.67 6.32
CA ASN I 190 -46.06 -16.69 7.06
C ASN I 190 -46.77 -17.68 6.13
N GLN I 191 -47.27 -17.21 5.00
CA GLN I 191 -47.93 -18.10 4.05
C GLN I 191 -46.93 -19.09 3.45
N GLU I 192 -45.71 -18.64 3.18
CA GLU I 192 -44.67 -19.57 2.74
C GLU I 192 -44.32 -20.56 3.85
N GLN I 193 -44.29 -20.11 5.10
CA GLN I 193 -43.95 -20.99 6.21
C GLN I 193 -44.96 -22.13 6.33
N THR I 194 -46.26 -21.80 6.31
CA THR I 194 -47.29 -22.83 6.41
C THR I 194 -47.35 -23.69 5.15
N ASN I 195 -47.05 -23.11 3.98
CA ASN I 195 -47.08 -23.88 2.74
C ASN I 195 -45.97 -24.93 2.73
N LEU I 196 -44.75 -24.53 3.12
CA LEU I 196 -43.63 -25.47 3.10
C LEU I 196 -43.71 -26.46 4.25
N TYR I 197 -44.08 -25.99 5.44
CA TYR I 197 -44.19 -26.83 6.63
C TYR I 197 -45.54 -26.56 7.28
N VAL I 198 -46.25 -27.62 7.65
CA VAL I 198 -47.62 -27.47 8.13
C VAL I 198 -47.67 -26.59 9.37
N GLN I 199 -46.74 -26.79 10.30
CA GLN I 199 -46.72 -25.99 11.52
C GLN I 199 -46.40 -24.54 11.21
N ALA I 200 -47.03 -23.63 11.96
CA ALA I 200 -46.85 -22.20 11.75
C ALA I 200 -45.55 -21.67 12.34
N SER I 201 -44.94 -22.40 13.28
CA SER I 201 -43.70 -21.98 13.92
C SER I 201 -42.79 -23.18 14.04
N GLY I 202 -41.70 -23.18 13.26
CA GLY I 202 -40.78 -24.29 13.27
C GLY I 202 -39.85 -24.29 14.47
N ARG I 203 -39.07 -25.36 14.58
CA ARG I 203 -38.14 -25.54 15.69
C ARG I 203 -37.16 -26.65 15.37
N VAL I 204 -35.86 -26.40 15.55
CA VAL I 204 -34.81 -27.36 15.21
C VAL I 204 -33.89 -27.53 16.41
N THR I 205 -33.81 -28.75 16.93
CA THR I 205 -32.94 -29.07 18.05
C THR I 205 -31.95 -30.16 17.64
N VAL I 206 -30.65 -29.88 17.83
CA VAL I 206 -29.58 -30.83 17.57
C VAL I 206 -28.69 -30.87 18.80
N SER I 207 -28.50 -32.05 19.37
CA SER I 207 -27.82 -32.16 20.66
C SER I 207 -27.04 -33.46 20.74
N THR I 208 -26.10 -33.50 21.69
CA THR I 208 -25.39 -34.70 22.07
C THR I 208 -25.53 -34.92 23.56
N ARG I 209 -24.79 -35.86 24.12
CA ARG I 209 -24.87 -36.13 25.55
C ARG I 209 -24.28 -35.00 26.40
N ARG I 210 -23.53 -34.07 25.80
CA ARG I 210 -22.83 -33.03 26.56
C ARG I 210 -23.01 -31.64 25.97
N SER I 211 -23.88 -31.47 24.98
CA SER I 211 -24.10 -30.17 24.39
C SER I 211 -25.48 -30.14 23.72
N GLN I 212 -25.96 -28.95 23.43
CA GLN I 212 -27.25 -28.79 22.76
C GLN I 212 -27.25 -27.50 21.97
N GLN I 213 -28.12 -27.46 20.95
CA GLN I 213 -28.36 -26.28 20.14
C GLN I 213 -29.80 -26.31 19.66
N THR I 214 -30.48 -25.17 19.74
CA THR I 214 -31.83 -25.05 19.21
C THR I 214 -31.99 -23.68 18.57
N ILE I 215 -32.61 -23.66 17.39
CA ILE I 215 -32.79 -22.44 16.60
C ILE I 215 -34.27 -22.30 16.27
N VAL I 216 -34.79 -21.09 16.43
CA VAL I 216 -36.15 -20.75 16.04
C VAL I 216 -36.09 -20.06 14.68
N PRO I 217 -36.71 -20.60 13.65
CA PRO I 217 -36.69 -19.94 12.33
C PRO I 217 -37.33 -18.57 12.40
N ASN I 218 -36.78 -17.65 11.60
CA ASN I 218 -37.20 -16.26 11.59
C ASN I 218 -37.87 -15.94 10.25
N ILE I 219 -39.08 -15.38 10.31
CA ILE I 219 -39.86 -15.08 9.13
C ILE I 219 -39.76 -13.59 8.84
N GLY I 220 -39.52 -13.24 7.57
CA GLY I 220 -39.45 -11.85 7.19
C GLY I 220 -38.81 -11.64 5.83
N SER I 221 -39.19 -10.55 5.16
CA SER I 221 -38.64 -10.27 3.83
C SER I 221 -37.18 -9.86 3.93
N ARG I 222 -36.39 -10.38 2.99
CA ARG I 222 -34.96 -10.13 2.90
C ARG I 222 -34.65 -9.70 1.47
N PRO I 223 -33.50 -9.06 1.24
CA PRO I 223 -33.16 -8.63 -0.12
C PRO I 223 -33.10 -9.81 -1.09
N TRP I 224 -33.56 -9.55 -2.31
CA TRP I 224 -33.53 -10.56 -3.37
C TRP I 224 -32.09 -10.95 -3.68
N VAL I 225 -31.77 -12.22 -3.49
CA VAL I 225 -30.47 -12.78 -3.86
C VAL I 225 -30.73 -14.01 -4.71
N ARG I 226 -30.45 -13.91 -6.00
CA ARG I 226 -30.74 -14.99 -6.97
C ARG I 226 -32.21 -15.40 -6.90
N GLY I 227 -33.09 -14.41 -6.83
CA GLY I 227 -34.52 -14.65 -6.86
C GLY I 227 -35.14 -15.13 -5.56
N GLN I 228 -34.37 -15.17 -4.47
CA GLN I 228 -34.85 -15.70 -3.20
C GLN I 228 -34.85 -14.60 -2.14
N SER I 229 -35.97 -14.45 -1.45
CA SER I 229 -36.08 -13.59 -0.29
C SER I 229 -35.87 -14.36 1.02
N SER I 230 -35.63 -15.66 0.93
CA SER I 230 -35.42 -16.50 2.10
C SER I 230 -33.92 -16.76 2.30
N ARG I 231 -33.56 -17.13 3.52
CA ARG I 231 -32.18 -17.35 3.90
C ARG I 231 -32.05 -18.69 4.62
N ILE I 232 -30.81 -19.15 4.74
CA ILE I 232 -30.49 -20.39 5.44
C ILE I 232 -29.30 -20.13 6.35
N SER I 233 -29.44 -20.46 7.63
CA SER I 233 -28.36 -20.35 8.60
C SER I 233 -27.67 -21.71 8.73
N ILE I 234 -26.35 -21.69 8.86
CA ILE I 234 -25.52 -22.90 8.86
C ILE I 234 -24.91 -23.07 10.24
N TYR I 235 -25.05 -24.27 10.80
CA TYR I 235 -24.50 -24.61 12.10
C TYR I 235 -23.75 -25.94 12.00
N TRP I 236 -22.93 -26.22 13.00
CA TRP I 236 -22.13 -27.44 13.01
C TRP I 236 -22.11 -28.04 14.41
N THR I 237 -21.89 -29.36 14.46
CA THR I 237 -21.82 -30.10 15.70
C THR I 237 -20.72 -31.16 15.57
N ILE I 238 -20.13 -31.52 16.71
CA ILE I 238 -19.06 -32.51 16.75
C ILE I 238 -19.44 -33.60 17.75
N VAL I 239 -19.34 -34.85 17.34
CA VAL I 239 -19.69 -36.00 18.16
C VAL I 239 -18.40 -36.75 18.50
N LYS I 240 -18.06 -36.79 19.79
CA LYS I 240 -16.92 -37.56 20.25
C LYS I 240 -17.21 -39.05 20.14
N PRO I 241 -16.17 -39.89 20.07
CA PRO I 241 -16.40 -41.34 20.08
C PRO I 241 -17.10 -41.76 21.37
N GLY I 242 -18.02 -42.72 21.24
CA GLY I 242 -18.83 -43.13 22.36
C GLY I 242 -20.02 -42.23 22.64
N ASP I 243 -20.18 -41.14 21.90
CA ASP I 243 -21.31 -40.24 22.04
C ASP I 243 -22.32 -40.52 20.93
N VAL I 244 -23.45 -39.83 21.00
CA VAL I 244 -24.56 -40.05 20.08
C VAL I 244 -25.15 -38.71 19.67
N LEU I 245 -25.65 -38.64 18.44
CA LEU I 245 -26.26 -37.44 17.90
C LEU I 245 -27.77 -37.64 17.79
N VAL I 246 -28.54 -36.65 18.24
CA VAL I 246 -29.99 -36.68 18.17
C VAL I 246 -30.46 -35.39 17.52
N ILE I 247 -31.34 -35.52 16.51
CA ILE I 247 -31.90 -34.37 15.81
C ILE I 247 -33.41 -34.39 16.00
N ASN I 248 -33.95 -33.33 16.57
CA ASN I 248 -35.39 -33.18 16.80
C ASN I 248 -35.85 -31.89 16.15
N SER I 249 -36.81 -32.00 15.23
CA SER I 249 -37.25 -30.85 14.45
C SER I 249 -38.75 -30.85 14.29
N ASN I 250 -39.36 -29.67 14.48
CA ASN I 250 -40.75 -29.42 14.15
C ASN I 250 -40.93 -28.87 12.74
N GLY I 251 -39.84 -28.58 12.04
CA GLY I 251 -39.90 -27.96 10.73
C GLY I 251 -38.70 -27.05 10.52
N ASN I 252 -38.55 -26.60 9.27
CA ASN I 252 -37.48 -25.71 8.85
C ASN I 252 -36.10 -26.33 9.00
N LEU I 253 -36.00 -27.66 9.00
CA LEU I 253 -34.72 -28.34 9.19
C LEU I 253 -34.04 -28.57 7.85
N ILE I 254 -32.78 -28.16 7.76
CA ILE I 254 -31.92 -28.50 6.63
C ILE I 254 -30.99 -29.61 7.13
N ALA I 255 -31.36 -30.85 6.83
CA ALA I 255 -30.75 -32.02 7.43
C ALA I 255 -29.38 -32.32 6.85
N PRO I 256 -28.48 -32.89 7.64
CA PRO I 256 -27.21 -33.37 7.10
C PRO I 256 -27.38 -34.68 6.33
N ARG I 257 -26.41 -34.93 5.46
CA ARG I 257 -26.34 -36.18 4.70
C ARG I 257 -25.28 -37.12 5.23
N GLY I 258 -24.54 -36.72 6.25
CA GLY I 258 -23.43 -37.49 6.76
C GLY I 258 -22.54 -36.61 7.61
N PHE I 259 -21.30 -37.06 7.81
CA PHE I 259 -20.36 -36.37 8.65
C PHE I 259 -19.06 -36.12 7.90
N PHE I 260 -18.27 -35.18 8.42
CA PHE I 260 -16.93 -34.89 7.93
C PHE I 260 -15.91 -35.47 8.90
N LYS I 261 -14.99 -36.28 8.37
CA LYS I 261 -13.91 -36.82 9.19
C LYS I 261 -12.93 -35.69 9.52
N ILE I 262 -12.78 -35.39 10.81
CA ILE I 262 -11.96 -34.27 11.26
C ILE I 262 -10.60 -34.81 11.71
N ARG I 263 -9.54 -34.15 11.27
CA ARG I 263 -8.17 -34.57 11.53
C ARG I 263 -7.40 -33.45 12.22
N THR I 264 -6.34 -33.84 12.93
CA THR I 264 -5.44 -32.91 13.58
C THR I 264 -4.14 -32.84 12.78
N GLY I 265 -3.78 -31.66 12.33
CA GLY I 265 -2.61 -31.52 11.49
C GLY I 265 -2.18 -30.08 11.36
N ARG I 266 -1.21 -29.87 10.47
CA ARG I 266 -0.60 -28.57 10.24
C ARG I 266 -1.17 -27.86 9.02
N SER I 267 -2.44 -28.06 8.72
CA SER I 267 -3.08 -27.42 7.58
C SER I 267 -3.60 -26.04 7.95
N SER I 268 -3.77 -25.20 6.94
CA SER I 268 -4.23 -23.83 7.15
C SER I 268 -4.83 -23.32 5.85
N ILE I 269 -5.26 -22.06 5.87
CA ILE I 269 -5.85 -21.37 4.73
C ILE I 269 -5.15 -20.04 4.56
N MET I 270 -5.15 -19.52 3.32
CA MET I 270 -4.46 -18.28 3.03
C MET I 270 -5.14 -17.59 1.85
N ARG I 271 -5.34 -16.29 1.98
CA ARG I 271 -5.93 -15.48 0.91
C ARG I 271 -4.81 -14.89 0.06
N SER I 272 -4.78 -15.26 -1.22
CA SER I 272 -3.77 -14.75 -2.12
C SER I 272 -4.29 -14.79 -3.55
N ASP I 273 -3.74 -13.90 -4.38
CA ASP I 273 -4.03 -13.88 -5.81
C ASP I 273 -2.80 -14.24 -6.64
N ALA I 274 -1.72 -14.70 -6.01
CA ALA I 274 -0.47 -15.01 -6.68
C ALA I 274 -0.58 -16.34 -7.44
N PRO I 275 0.03 -16.43 -8.61
CA PRO I 275 0.00 -17.69 -9.36
C PRO I 275 0.81 -18.78 -8.68
N ILE I 276 0.45 -20.02 -8.99
CA ILE I 276 1.13 -21.20 -8.46
C ILE I 276 1.93 -21.82 -9.60
N GLU I 277 3.24 -21.91 -9.41
CA GLU I 277 4.16 -22.44 -10.41
C GLU I 277 4.80 -23.73 -9.89
N THR I 278 5.60 -24.35 -10.75
CA THR I 278 6.36 -25.56 -10.39
C THR I 278 7.72 -25.11 -9.88
N CYS I 279 7.94 -25.26 -8.57
CA CYS I 279 9.16 -24.85 -7.90
C CYS I 279 9.12 -25.41 -6.48
N ILE I 280 10.20 -25.21 -5.74
CA ILE I 280 10.33 -25.73 -4.38
C ILE I 280 10.65 -24.58 -3.45
N SER I 281 9.80 -24.36 -2.45
CA SER I 281 10.05 -23.36 -1.42
C SER I 281 9.27 -23.75 -0.17
N GLU I 282 9.94 -23.67 0.98
CA GLU I 282 9.34 -24.08 2.24
C GLU I 282 8.46 -23.00 2.87
N CYS I 283 8.55 -21.76 2.40
CA CYS I 283 7.83 -20.64 2.99
C CYS I 283 6.86 -20.06 1.97
N ILE I 284 5.63 -19.83 2.41
CA ILE I 284 4.57 -19.29 1.54
C ILE I 284 4.01 -18.04 2.18
N THR I 285 3.89 -16.98 1.38
CA THR I 285 3.25 -15.73 1.75
C THR I 285 2.25 -15.37 0.67
N PRO I 286 1.25 -14.53 0.99
CA PRO I 286 0.30 -14.11 -0.06
C PRO I 286 0.97 -13.47 -1.26
N ASN I 287 2.05 -12.72 -1.06
CA ASN I 287 2.80 -12.19 -2.19
C ASN I 287 3.48 -13.30 -2.98
N GLY I 288 3.81 -14.40 -2.34
CA GLY I 288 4.43 -15.53 -3.00
C GLY I 288 5.39 -16.23 -2.07
N SER I 289 6.18 -17.13 -2.65
CA SER I 289 7.19 -17.85 -1.90
C SER I 289 8.43 -16.99 -1.71
N ILE I 290 9.05 -17.09 -0.54
CA ILE I 290 10.27 -16.34 -0.25
C ILE I 290 11.34 -17.31 0.27
N PRO I 291 12.61 -17.11 -0.08
CA PRO I 291 13.67 -17.92 0.52
C PRO I 291 13.82 -17.62 2.00
N ASN I 292 14.25 -18.63 2.75
CA ASN I 292 14.40 -18.52 4.19
C ASN I 292 15.86 -18.59 4.64
N ASP I 293 16.79 -18.23 3.74
CA ASP I 293 18.20 -18.22 4.10
C ASP I 293 18.56 -17.11 5.08
N LYS I 294 17.63 -16.18 5.35
CA LYS I 294 17.86 -15.03 6.20
C LYS I 294 16.97 -15.11 7.44
N PRO I 295 17.40 -14.54 8.56
CA PRO I 295 16.61 -14.67 9.79
C PRO I 295 15.33 -13.85 9.79
N PHE I 296 15.28 -12.75 9.04
CA PHE I 296 14.15 -11.84 9.08
C PHE I 296 13.66 -11.56 7.66
N GLN I 297 12.41 -11.12 7.57
CA GLN I 297 11.80 -10.83 6.28
C GLN I 297 10.84 -9.66 6.42
N ASN I 298 10.66 -8.93 5.31
CA ASN I 298 9.86 -7.72 5.29
C ASN I 298 8.73 -7.79 4.26
N VAL I 299 8.42 -8.99 3.76
CA VAL I 299 7.46 -9.12 2.67
C VAL I 299 6.03 -9.09 3.19
N ASN I 300 5.69 -10.02 4.07
CA ASN I 300 4.33 -10.12 4.59
C ASN I 300 4.38 -10.70 6.01
N LYS I 301 3.48 -10.22 6.86
CA LYS I 301 3.34 -10.77 8.20
C LYS I 301 2.44 -11.99 8.24
N ILE I 302 1.88 -12.40 7.10
CA ILE I 302 1.12 -13.64 6.99
C ILE I 302 2.03 -14.66 6.31
N THR I 303 2.41 -15.69 7.04
CA THR I 303 3.38 -16.67 6.54
C THR I 303 2.89 -18.09 6.87
N TYR I 304 3.35 -19.04 6.06
CA TYR I 304 3.06 -20.46 6.28
C TYR I 304 4.33 -21.25 6.02
N GLY I 305 4.76 -22.02 7.01
CA GLY I 305 5.92 -22.89 6.89
C GLY I 305 7.13 -22.35 7.63
N ALA I 306 8.29 -22.88 7.26
CA ALA I 306 9.57 -22.45 7.83
C ALA I 306 9.91 -21.10 7.22
N CYS I 307 9.63 -20.03 7.96
CA CYS I 307 9.72 -18.69 7.43
C CYS I 307 10.55 -17.79 8.33
N PRO I 308 11.22 -16.78 7.77
CA PRO I 308 11.87 -15.78 8.61
C PRO I 308 10.85 -14.94 9.35
N LYS I 309 11.26 -14.40 10.50
CA LYS I 309 10.39 -13.58 11.31
C LYS I 309 10.16 -12.22 10.67
N TYR I 310 8.95 -11.69 10.85
CA TYR I 310 8.59 -10.41 10.25
C TYR I 310 9.08 -9.25 11.11
N VAL I 311 9.65 -8.23 10.45
CA VAL I 311 10.13 -7.03 11.11
C VAL I 311 9.68 -5.82 10.30
N LYS I 312 9.70 -4.65 10.94
CA LYS I 312 9.36 -3.42 10.24
C LYS I 312 10.48 -2.92 9.35
N GLN I 313 11.73 -3.19 9.71
CA GLN I 313 12.86 -2.70 8.94
C GLN I 313 12.92 -3.36 7.56
N ASN I 314 13.35 -2.59 6.57
CA ASN I 314 13.55 -3.12 5.22
C ASN I 314 14.98 -3.60 4.97
N THR I 315 15.93 -3.19 5.80
CA THR I 315 17.32 -3.63 5.65
C THR I 315 17.98 -3.65 7.02
N LEU I 316 18.84 -4.67 7.22
CA LEU I 316 19.65 -4.78 8.44
C LEU I 316 20.96 -5.44 8.05
N LYS I 317 22.02 -4.64 7.94
CA LYS I 317 23.32 -5.13 7.50
C LYS I 317 24.13 -5.61 8.70
N LEU I 318 24.69 -6.81 8.59
CA LEU I 318 25.51 -7.39 9.64
C LEU I 318 26.96 -7.42 9.16
N ALA I 319 27.85 -6.82 9.95
CA ALA I 319 29.24 -6.68 9.55
C ALA I 319 29.94 -8.03 9.51
N THR I 320 30.76 -8.23 8.48
CA THR I 320 31.55 -9.45 8.32
C THR I 320 33.00 -9.13 7.98
N GLY I 321 33.48 -7.97 8.42
CA GLY I 321 34.86 -7.57 8.20
C GLY I 321 35.24 -6.43 9.12
N MET I 322 36.49 -6.02 9.04
CA MET I 322 36.98 -4.94 9.87
C MET I 322 36.41 -3.61 9.39
N ARG I 323 36.72 -2.54 10.11
CA ARG I 323 36.41 -1.21 9.64
C ARG I 323 37.28 -0.88 8.43
N ASN I 324 36.66 -0.24 7.43
CA ASN I 324 37.35 0.06 6.18
C ASN I 324 38.00 1.44 6.29
N VAL I 325 39.30 1.45 6.60
CA VAL I 325 40.10 2.66 6.60
C VAL I 325 40.91 2.68 5.31
N PRO I 326 40.62 3.57 4.36
CA PRO I 326 41.24 3.48 3.04
C PRO I 326 42.63 4.11 2.96
N GLU I 327 43.16 4.19 1.74
CA GLU I 327 44.48 4.77 1.44
C GLU I 327 45.59 3.88 1.97
N LEU J 2 38.23 -0.51 20.00
CA LEU J 2 38.37 -0.35 21.44
C LEU J 2 39.79 -0.67 21.90
N PHE J 3 40.66 -0.96 20.94
CA PHE J 3 42.03 -1.40 21.25
C PHE J 3 43.07 -0.57 20.53
N GLY J 4 42.71 0.58 19.99
CA GLY J 4 43.61 1.30 19.10
C GLY J 4 43.63 0.62 17.75
N ALA J 5 44.84 0.32 17.27
CA ALA J 5 45.04 -0.46 16.04
C ALA J 5 44.33 0.18 14.85
N ILE J 6 43.29 -0.49 14.34
CA ILE J 6 42.55 0.03 13.20
C ILE J 6 41.88 1.35 13.60
N ALA J 7 42.02 2.36 12.75
CA ALA J 7 41.57 3.72 13.04
C ALA J 7 42.20 4.21 14.34
N GLY J 8 43.53 4.19 14.36
CA GLY J 8 44.29 4.35 15.58
C GLY J 8 45.78 4.45 15.30
N PHE J 9 46.60 3.77 16.10
CA PHE J 9 48.05 3.79 15.91
C PHE J 9 48.50 3.12 14.60
N ILE J 10 47.57 2.64 13.77
CA ILE J 10 47.93 2.09 12.47
C ILE J 10 47.61 3.05 11.32
N GLU J 11 46.72 4.02 11.53
CA GLU J 11 46.43 5.11 10.61
C GLU J 11 45.53 4.66 9.45
N ASN J 12 46.06 3.85 8.54
CA ASN J 12 45.35 3.49 7.33
C ASN J 12 45.35 1.98 7.15
N GLY J 13 44.60 1.53 6.15
CA GLY J 13 44.63 0.14 5.72
C GLY J 13 45.37 0.02 4.41
N TRP J 14 45.77 -1.21 4.05
CA TRP J 14 46.54 -1.45 2.84
C TRP J 14 45.60 -1.84 1.71
N GLU J 15 45.55 -1.02 0.67
CA GLU J 15 44.73 -1.30 -0.52
C GLU J 15 45.57 -2.15 -1.47
N GLY J 16 45.35 -3.46 -1.43
CA GLY J 16 46.11 -4.36 -2.28
C GLY J 16 46.49 -5.68 -1.65
N MET J 17 46.13 -5.88 -0.37
CA MET J 17 46.36 -7.17 0.29
C MET J 17 45.24 -8.12 -0.12
N ILE J 18 45.42 -8.79 -1.26
CA ILE J 18 44.42 -9.72 -1.77
C ILE J 18 44.62 -11.13 -1.26
N ASP J 19 45.63 -11.36 -0.41
CA ASP J 19 45.92 -12.69 0.10
C ASP J 19 45.19 -12.98 1.41
N GLY J 20 45.23 -12.05 2.35
CA GLY J 20 44.61 -12.26 3.65
C GLY J 20 44.11 -11.00 4.31
N TRP J 21 43.78 -11.08 5.60
CA TRP J 21 43.25 -9.93 6.33
C TRP J 21 44.32 -9.15 7.06
N TYR J 22 45.37 -9.79 7.55
CA TYR J 22 46.49 -9.14 8.19
C TYR J 22 47.78 -9.60 7.54
N GLY J 23 48.80 -8.75 7.59
CA GLY J 23 50.07 -9.11 6.96
C GLY J 23 51.18 -8.18 7.37
N PHE J 24 52.37 -8.45 6.82
CA PHE J 24 53.57 -7.69 7.10
C PHE J 24 54.06 -7.01 5.84
N ARG J 25 54.56 -5.78 5.98
CA ARG J 25 55.31 -5.11 4.93
C ARG J 25 56.67 -4.70 5.46
N HIS J 26 57.72 -4.99 4.70
CA HIS J 26 59.09 -4.79 5.13
C HIS J 26 59.85 -3.97 4.10
N GLN J 27 60.78 -3.15 4.59
CA GLN J 27 61.74 -2.44 3.75
C GLN J 27 63.13 -3.00 4.04
N ASN J 28 63.80 -3.48 3.00
CA ASN J 28 65.04 -4.21 3.14
C ASN J 28 66.07 -3.71 2.13
N SER J 29 67.33 -4.09 2.37
CA SER J 29 68.39 -3.79 1.42
C SER J 29 68.11 -4.46 0.07
N GLU J 30 67.63 -5.70 0.09
CA GLU J 30 67.27 -6.39 -1.14
C GLU J 30 66.06 -5.78 -1.80
N GLY J 31 65.23 -5.05 -1.06
CA GLY J 31 64.02 -4.45 -1.58
C GLY J 31 62.86 -4.66 -0.64
N THR J 32 61.72 -4.08 -1.00
CA THR J 32 60.51 -4.19 -0.20
C THR J 32 59.66 -5.38 -0.64
N GLY J 33 58.74 -5.77 0.23
CA GLY J 33 57.87 -6.90 -0.06
C GLY J 33 56.62 -6.84 0.79
N GLN J 34 55.75 -7.84 0.58
CA GLN J 34 54.49 -7.91 1.28
C GLN J 34 54.07 -9.36 1.43
N ALA J 35 53.55 -9.71 2.61
CA ALA J 35 53.04 -11.04 2.88
C ALA J 35 51.79 -10.91 3.74
N ALA J 36 51.16 -12.05 4.00
CA ALA J 36 49.94 -12.10 4.80
C ALA J 36 50.10 -13.09 5.94
N ASP J 37 49.31 -12.90 6.98
CA ASP J 37 49.28 -13.80 8.13
C ASP J 37 48.02 -14.65 8.05
N LEU J 38 48.19 -15.97 7.99
CA LEU J 38 47.04 -16.86 7.85
C LEU J 38 46.36 -17.12 9.20
N LYS J 39 47.14 -17.20 10.28
CA LYS J 39 46.57 -17.53 11.58
C LYS J 39 45.58 -16.47 12.05
N SER J 40 45.98 -15.20 11.99
CA SER J 40 45.10 -14.13 12.45
C SER J 40 43.92 -13.95 11.51
N THR J 41 44.14 -14.10 10.20
CA THR J 41 43.04 -14.03 9.25
C THR J 41 42.03 -15.16 9.47
N GLN J 42 42.53 -16.39 9.68
CA GLN J 42 41.64 -17.51 9.90
C GLN J 42 40.98 -17.45 11.27
N ALA J 43 41.64 -16.82 12.26
CA ALA J 43 41.03 -16.66 13.57
C ALA J 43 39.89 -15.64 13.52
N ALA J 44 40.06 -14.56 12.75
CA ALA J 44 39.00 -13.58 12.63
C ALA J 44 37.86 -14.11 11.77
N ILE J 45 38.17 -14.85 10.70
CA ILE J 45 37.13 -15.42 9.85
C ILE J 45 36.30 -16.43 10.63
N ASP J 46 36.96 -17.29 11.41
CA ASP J 46 36.25 -18.29 12.20
C ASP J 46 35.39 -17.66 13.29
N GLN J 47 35.66 -16.41 13.68
CA GLN J 47 34.82 -15.72 14.63
C GLN J 47 33.64 -15.01 13.95
N ILE J 48 33.87 -14.45 12.77
CA ILE J 48 32.76 -13.88 11.99
C ILE J 48 31.77 -14.98 11.63
N ASN J 49 32.28 -16.11 11.15
CA ASN J 49 31.46 -17.31 11.07
C ASN J 49 31.17 -17.82 12.48
N GLY J 50 30.09 -18.57 12.61
CA GLY J 50 29.61 -18.89 13.96
C GLY J 50 28.77 -17.77 14.52
N LYS J 51 29.27 -16.54 14.47
CA LYS J 51 28.40 -15.38 14.63
C LYS J 51 27.31 -15.38 13.57
N LEU J 52 27.71 -15.60 12.31
CA LEU J 52 26.73 -15.72 11.23
C LEU J 52 25.84 -16.94 11.42
N ASN J 53 26.43 -18.08 11.80
CA ASN J 53 25.68 -19.32 11.87
C ASN J 53 24.71 -19.33 13.06
N ARG J 54 25.04 -18.61 14.14
CA ARG J 54 24.11 -18.52 15.26
C ARG J 54 22.97 -17.56 14.96
N VAL J 55 23.19 -16.58 14.09
CA VAL J 55 22.13 -15.65 13.71
C VAL J 55 21.27 -16.23 12.59
N ILE J 56 21.87 -17.00 11.69
CA ILE J 56 21.16 -17.50 10.51
C ILE J 56 20.40 -18.81 10.78
N GLU J 57 20.79 -19.56 11.81
CA GLU J 57 20.20 -20.88 12.04
C GLU J 57 18.68 -20.78 12.18
N LYS J 58 17.99 -21.77 11.61
CA LYS J 58 16.58 -21.65 11.26
C LYS J 58 15.68 -22.07 12.42
N THR J 59 14.57 -21.37 12.57
CA THR J 59 13.58 -21.64 13.63
C THR J 59 12.19 -21.30 13.10
N ASN J 60 11.24 -21.16 14.02
CA ASN J 60 9.87 -20.68 13.81
C ASN J 60 9.20 -21.29 12.56
N GLU J 61 8.97 -22.60 12.62
CA GLU J 61 8.11 -23.27 11.66
C GLU J 61 6.67 -23.18 12.18
N LYS J 62 5.88 -22.28 11.59
CA LYS J 62 4.51 -22.04 12.01
C LYS J 62 3.55 -22.32 10.87
N PHE J 63 2.43 -22.98 11.18
CA PHE J 63 1.49 -23.41 10.15
C PHE J 63 0.13 -22.74 10.26
N HIS J 64 -0.57 -22.87 11.38
CA HIS J 64 -1.88 -22.27 11.54
C HIS J 64 -1.81 -21.22 12.64
N GLN J 65 -2.36 -20.03 12.37
CA GLN J 65 -2.19 -18.87 13.22
C GLN J 65 -3.52 -18.11 13.23
N ILE J 66 -3.48 -16.87 13.70
CA ILE J 66 -4.64 -16.01 13.70
C ILE J 66 -4.72 -15.28 12.35
N GLU J 67 -5.91 -14.77 12.05
CA GLU J 67 -6.06 -13.91 10.89
C GLU J 67 -5.41 -12.56 11.15
N LYS J 68 -4.85 -11.97 10.09
CA LYS J 68 -4.12 -10.72 10.21
C LYS J 68 -4.59 -9.64 9.26
N GLU J 69 -5.57 -9.92 8.40
CA GLU J 69 -6.24 -8.92 7.59
C GLU J 69 -7.75 -9.15 7.67
N PHE J 70 -8.50 -8.07 7.64
CA PHE J 70 -9.95 -8.14 7.80
C PHE J 70 -10.64 -7.21 6.80
N SER J 71 -11.82 -7.62 6.37
CA SER J 71 -12.61 -6.88 5.40
C SER J 71 -13.87 -6.27 5.99
N GLU J 72 -14.14 -6.50 7.27
CA GLU J 72 -15.34 -6.00 7.92
C GLU J 72 -15.00 -5.62 9.36
N VAL J 73 -15.53 -4.48 9.82
CA VAL J 73 -15.31 -4.07 11.20
C VAL J 73 -16.17 -4.93 12.13
N GLU J 74 -15.57 -5.38 13.22
CA GLU J 74 -16.27 -6.26 14.15
C GLU J 74 -16.26 -5.74 15.58
N GLY J 75 -15.18 -5.11 16.02
CA GLY J 75 -15.13 -4.55 17.34
C GLY J 75 -14.09 -5.17 18.26
N ARG J 76 -14.54 -5.81 19.34
CA ARG J 76 -13.64 -6.24 20.40
C ARG J 76 -12.63 -7.26 19.91
N ILE J 77 -13.10 -8.33 19.27
CA ILE J 77 -12.21 -9.43 18.92
C ILE J 77 -11.23 -9.01 17.84
N GLN J 78 -11.68 -8.21 16.87
CA GLN J 78 -10.77 -7.72 15.85
C GLN J 78 -9.70 -6.82 16.44
N ASP J 79 -10.08 -5.96 17.40
CA ASP J 79 -9.10 -5.10 18.05
C ASP J 79 -8.04 -5.92 18.79
N LEU J 80 -8.46 -6.98 19.48
CA LEU J 80 -7.53 -7.81 20.23
C LEU J 80 -6.53 -8.49 19.30
N GLU J 81 -7.01 -9.02 18.17
CA GLU J 81 -6.11 -9.70 17.23
C GLU J 81 -5.10 -8.73 16.65
N LYS J 82 -5.52 -7.49 16.36
CA LYS J 82 -4.60 -6.51 15.80
C LYS J 82 -3.57 -6.05 16.83
N TYR J 83 -3.99 -5.88 18.09
CA TYR J 83 -3.05 -5.49 19.14
C TYR J 83 -2.02 -6.58 19.39
N VAL J 84 -2.44 -7.84 19.36
CA VAL J 84 -1.51 -8.94 19.59
C VAL J 84 -0.46 -8.99 18.47
N GLU J 85 -0.90 -8.81 17.23
CA GLU J 85 0.04 -8.86 16.11
C GLU J 85 0.98 -7.66 16.12
N ASP J 86 0.46 -6.47 16.42
CA ASP J 86 1.30 -5.28 16.45
C ASP J 86 2.36 -5.37 17.55
N THR J 87 1.99 -5.89 18.71
CA THR J 87 2.94 -6.07 19.80
C THR J 87 4.04 -7.06 19.41
N LYS J 88 3.67 -8.14 18.74
CA LYS J 88 4.64 -9.14 18.32
C LYS J 88 5.63 -8.55 17.32
N VAL J 89 5.14 -7.75 16.38
CA VAL J 89 6.02 -7.16 15.36
C VAL J 89 6.99 -6.17 16.00
N ASP J 90 6.50 -5.32 16.90
CA ASP J 90 7.35 -4.32 17.52
C ASP J 90 8.46 -4.95 18.35
N LEU J 91 8.12 -5.99 19.13
CA LEU J 91 9.12 -6.61 19.99
C LEU J 91 10.20 -7.31 19.17
N TRP J 92 9.81 -7.97 18.08
CA TRP J 92 10.80 -8.64 17.23
C TRP J 92 11.66 -7.64 16.47
N SER J 93 11.08 -6.50 16.07
CA SER J 93 11.86 -5.47 15.39
C SER J 93 12.92 -4.91 16.30
N TYR J 94 12.58 -4.68 17.58
CA TYR J 94 13.59 -4.24 18.54
C TYR J 94 14.65 -5.33 18.76
N ASN J 95 14.22 -6.60 18.77
CA ASN J 95 15.16 -7.69 18.94
C ASN J 95 16.17 -7.74 17.80
N ALA J 96 15.71 -7.50 16.57
CA ALA J 96 16.60 -7.52 15.43
C ALA J 96 17.50 -6.28 15.40
N GLU J 97 16.95 -5.11 15.75
CA GLU J 97 17.74 -3.89 15.76
C GLU J 97 18.89 -3.97 16.76
N LEU J 98 18.59 -4.46 17.98
CA LEU J 98 19.63 -4.56 19.00
C LEU J 98 20.63 -5.67 18.67
N LEU J 99 20.17 -6.76 18.05
CA LEU J 99 21.08 -7.84 17.69
C LEU J 99 22.14 -7.37 16.70
N VAL J 100 21.72 -6.61 15.68
CA VAL J 100 22.67 -6.16 14.66
C VAL J 100 23.69 -5.21 15.25
N ALA J 101 23.25 -4.27 16.09
CA ALA J 101 24.16 -3.30 16.69
C ALA J 101 25.16 -3.97 17.62
N LEU J 102 24.71 -4.99 18.36
CA LEU J 102 25.60 -5.64 19.32
C LEU J 102 26.66 -6.49 18.62
N GLU J 103 26.27 -7.24 17.59
CA GLU J 103 27.24 -8.03 16.84
C GLU J 103 28.23 -7.14 16.10
N ASN J 104 27.75 -6.04 15.51
CA ASN J 104 28.62 -5.16 14.74
C ASN J 104 29.66 -4.50 15.65
N GLN J 105 29.26 -4.08 16.85
CA GLN J 105 30.23 -3.51 17.78
C GLN J 105 31.25 -4.55 18.23
N HIS J 106 30.81 -5.80 18.43
CA HIS J 106 31.74 -6.85 18.80
C HIS J 106 32.66 -7.24 17.63
N THR J 107 32.15 -7.19 16.40
CA THR J 107 32.97 -7.49 15.24
C THR J 107 34.12 -6.50 15.10
N ILE J 108 33.84 -5.20 15.31
CA ILE J 108 34.89 -4.19 15.27
C ILE J 108 35.91 -4.44 16.36
N ASP J 109 35.45 -4.79 17.56
CA ASP J 109 36.34 -4.97 18.69
C ASP J 109 37.30 -6.15 18.48
N LEU J 110 36.79 -7.28 17.96
CA LEU J 110 37.63 -8.45 17.81
C LEU J 110 38.63 -8.29 16.67
N THR J 111 38.31 -7.47 15.67
CA THR J 111 39.28 -7.20 14.61
C THR J 111 40.39 -6.28 15.10
N ASP J 112 40.07 -5.32 15.97
CA ASP J 112 41.12 -4.56 16.65
C ASP J 112 41.96 -5.48 17.53
N SER J 113 41.32 -6.41 18.23
CA SER J 113 42.05 -7.32 19.10
C SER J 113 43.02 -8.18 18.31
N GLU J 114 42.53 -8.85 17.26
CA GLU J 114 43.39 -9.73 16.48
C GLU J 114 44.55 -8.98 15.85
N MET J 115 44.34 -7.70 15.51
CA MET J 115 45.44 -6.88 15.01
C MET J 115 46.44 -6.57 16.12
N ASN J 116 45.94 -6.15 17.29
CA ASN J 116 46.84 -5.86 18.41
C ASN J 116 47.54 -7.11 18.92
N LYS J 117 46.88 -8.27 18.82
CA LYS J 117 47.53 -9.52 19.21
C LYS J 117 48.73 -9.82 18.32
N LEU J 118 48.60 -9.57 17.01
CA LEU J 118 49.73 -9.75 16.11
C LEU J 118 50.84 -8.73 16.39
N PHE J 119 50.46 -7.48 16.66
CA PHE J 119 51.47 -6.45 16.93
C PHE J 119 52.25 -6.77 18.19
N GLU J 120 51.56 -7.21 19.25
CA GLU J 120 52.25 -7.57 20.48
C GLU J 120 53.07 -8.85 20.33
N LYS J 121 52.58 -9.78 19.51
CA LYS J 121 53.36 -11.00 19.24
C LYS J 121 54.66 -10.65 18.53
N THR J 122 54.63 -9.71 17.60
CA THR J 122 55.85 -9.28 16.91
C THR J 122 56.75 -8.48 17.83
N ARG J 123 56.17 -7.66 18.71
CA ARG J 123 56.98 -6.91 19.67
C ARG J 123 57.73 -7.85 20.60
N ARG J 124 57.08 -8.92 21.05
CA ARG J 124 57.74 -9.89 21.92
C ARG J 124 58.84 -10.63 21.18
N GLN J 125 58.61 -10.96 19.91
CA GLN J 125 59.62 -11.69 19.13
C GLN J 125 60.88 -10.87 18.95
N LEU J 126 60.72 -9.57 18.66
CA LEU J 126 61.86 -8.64 18.56
C LEU J 126 62.02 -7.98 19.93
N ARG J 127 62.68 -8.70 20.84
CA ARG J 127 62.72 -8.32 22.25
C ARG J 127 63.36 -6.96 22.47
N GLU J 128 64.68 -6.89 22.22
CA GLU J 128 65.42 -5.63 22.26
C GLU J 128 66.16 -5.39 20.96
N ASN J 129 66.05 -6.30 20.00
CA ASN J 129 66.72 -6.21 18.72
C ASN J 129 66.05 -5.22 17.78
N ALA J 130 64.86 -4.73 18.13
CA ALA J 130 64.09 -3.85 17.24
C ALA J 130 63.08 -3.09 18.09
N GLU J 131 63.13 -1.76 18.02
CA GLU J 131 62.24 -0.91 18.80
C GLU J 131 61.19 -0.29 17.88
N ASP J 132 60.17 0.29 18.52
CA ASP J 132 58.90 0.61 17.87
C ASP J 132 58.75 2.10 17.63
N MET J 133 58.46 2.45 16.38
CA MET J 133 57.96 3.77 16.03
C MET J 133 56.45 3.78 16.13
N GLY J 134 55.90 4.95 16.46
CA GLY J 134 54.47 5.02 16.71
C GLY J 134 53.60 5.04 15.47
N ASN J 135 53.74 4.02 14.61
CA ASN J 135 52.93 3.95 13.40
C ASN J 135 52.49 2.53 13.04
N GLY J 136 52.62 1.57 13.95
CA GLY J 136 52.39 0.18 13.58
C GLY J 136 53.56 -0.48 12.90
N CYS J 137 54.73 0.17 12.89
CA CYS J 137 55.91 -0.33 12.23
C CYS J 137 57.03 -0.51 13.24
N PHE J 138 57.91 -1.48 12.96
CA PHE J 138 59.05 -1.79 13.81
C PHE J 138 60.32 -1.42 13.05
N LYS J 139 61.30 -0.88 13.78
CA LYS J 139 62.60 -0.56 13.20
C LYS J 139 63.63 -1.56 13.72
N ILE J 140 63.99 -2.52 12.88
CA ILE J 140 65.02 -3.50 13.24
C ILE J 140 66.38 -2.86 13.02
N TYR J 141 67.21 -2.87 14.08
CA TYR J 141 68.49 -2.17 14.08
C TYR J 141 69.64 -3.01 13.58
N HIS J 142 69.36 -4.09 12.84
CA HIS J 142 70.40 -4.91 12.25
C HIS J 142 70.01 -5.27 10.82
N LYS J 143 71.03 -5.57 10.01
CA LYS J 143 70.79 -5.95 8.62
C LYS J 143 69.96 -7.22 8.57
N CYS J 144 68.71 -7.10 8.14
CA CYS J 144 67.74 -8.19 8.15
C CYS J 144 67.41 -8.55 6.70
N ASP J 145 68.18 -9.48 6.14
CA ASP J 145 67.93 -9.94 4.79
C ASP J 145 66.55 -10.59 4.67
N ASN J 146 66.15 -10.88 3.43
CA ASN J 146 64.79 -11.35 3.18
C ASN J 146 64.48 -12.63 3.93
N ALA J 147 65.48 -13.51 4.11
CA ALA J 147 65.26 -14.69 4.93
C ALA J 147 65.07 -14.33 6.39
N CYS J 148 65.71 -13.24 6.85
CA CYS J 148 65.53 -12.80 8.23
C CYS J 148 64.12 -12.25 8.44
N ILE J 149 63.57 -11.56 7.44
CA ILE J 149 62.19 -11.07 7.54
C ILE J 149 61.21 -12.24 7.59
N GLU J 150 61.42 -13.24 6.74
CA GLU J 150 60.56 -14.42 6.76
C GLU J 150 60.62 -15.12 8.12
N SER J 151 61.77 -15.08 8.78
CA SER J 151 61.90 -15.68 10.10
C SER J 151 60.97 -15.02 11.11
N ILE J 152 60.86 -13.68 11.06
CA ILE J 152 59.93 -12.99 11.94
C ILE J 152 58.49 -13.34 11.58
N ARG J 153 58.20 -13.50 10.29
CA ARG J 153 56.85 -13.86 9.86
C ARG J 153 56.56 -15.33 10.13
N ASN J 154 57.55 -16.20 9.95
CA ASN J 154 57.35 -17.63 10.20
C ASN J 154 57.22 -17.92 11.70
N GLY J 155 57.94 -17.19 12.53
CA GLY J 155 58.08 -17.53 13.93
C GLY J 155 59.36 -18.24 14.28
N THR J 156 60.39 -18.16 13.44
CA THR J 156 61.67 -18.79 13.65
C THR J 156 62.79 -17.75 13.73
N TYR J 157 62.55 -16.68 14.47
CA TYR J 157 63.48 -15.58 14.62
C TYR J 157 64.12 -15.65 16.01
N ASP J 158 65.45 -15.74 16.04
CA ASP J 158 66.21 -15.78 17.28
C ASP J 158 66.86 -14.42 17.50
N HIS J 159 66.52 -13.77 18.62
CA HIS J 159 67.05 -12.45 18.91
C HIS J 159 68.51 -12.50 19.37
N ASP J 160 68.99 -13.66 19.82
CA ASP J 160 70.36 -13.77 20.30
C ASP J 160 71.38 -13.76 19.18
N ILE J 161 70.98 -14.16 17.97
CA ILE J 161 71.90 -14.10 16.83
C ILE J 161 72.18 -12.66 16.42
N TYR J 162 71.34 -11.72 16.81
CA TYR J 162 71.46 -10.33 16.39
C TYR J 162 71.58 -9.34 17.54
N ARG J 163 71.55 -9.79 18.79
CA ARG J 163 71.42 -8.85 19.91
C ARG J 163 72.61 -7.91 20.00
N ASP J 164 73.83 -8.42 19.74
CA ASP J 164 75.01 -7.58 19.81
C ASP J 164 74.96 -6.45 18.80
N GLU J 165 74.55 -6.75 17.56
CA GLU J 165 74.49 -5.72 16.52
C GLU J 165 73.46 -4.66 16.86
N ALA J 166 72.25 -5.07 17.23
CA ALA J 166 71.17 -4.13 17.44
C ALA J 166 71.44 -3.21 18.62
N LEU J 167 71.94 -3.77 19.73
CA LEU J 167 72.15 -2.97 20.94
C LEU J 167 73.21 -1.89 20.71
N ASN J 168 74.26 -2.21 19.96
CA ASN J 168 75.25 -1.19 19.61
C ASN J 168 74.63 -0.07 18.77
N ASN J 169 73.79 -0.45 17.80
CA ASN J 169 73.13 0.56 16.97
C ASN J 169 72.07 1.33 17.75
N ARG J 170 71.38 0.68 18.69
CA ARG J 170 70.34 1.36 19.44
C ARG J 170 70.93 2.39 20.39
N PHE J 171 71.86 1.97 21.26
CA PHE J 171 72.48 2.87 22.23
C PHE J 171 73.78 3.40 21.63
N GLN J 172 73.71 4.58 21.02
CA GLN J 172 74.87 5.20 20.39
C GLN J 172 74.78 6.72 20.48
N SER K 10 71.96 -20.01 37.38
CA SER K 10 72.85 -19.61 38.46
C SER K 10 72.91 -18.10 38.61
N SER K 11 72.88 -17.39 37.49
CA SER K 11 72.95 -15.93 37.47
C SER K 11 71.59 -15.26 37.41
N THR K 12 70.61 -15.87 36.76
CA THR K 12 69.31 -15.26 36.52
C THR K 12 68.20 -16.06 37.18
N ALA K 13 67.01 -15.47 37.20
CA ALA K 13 65.81 -16.08 37.76
C ALA K 13 64.72 -16.08 36.70
N THR K 14 63.56 -16.64 37.05
CA THR K 14 62.44 -16.73 36.12
C THR K 14 61.14 -16.73 36.91
N LEU K 15 60.24 -15.80 36.56
CA LEU K 15 58.94 -15.68 37.19
C LEU K 15 57.86 -15.84 36.12
N CYS K 16 56.88 -16.70 36.40
CA CYS K 16 55.84 -17.03 35.44
C CYS K 16 54.47 -16.68 35.99
N LEU K 17 53.58 -16.24 35.10
CA LEU K 17 52.21 -15.90 35.44
C LEU K 17 51.27 -16.78 34.63
N GLY K 18 50.21 -17.25 35.28
CA GLY K 18 49.29 -18.16 34.64
C GLY K 18 47.99 -18.28 35.40
N HIS K 19 47.17 -19.23 34.95
CA HIS K 19 45.83 -19.43 35.49
C HIS K 19 45.60 -20.92 35.71
N HIS K 20 44.65 -21.23 36.59
CA HIS K 20 44.40 -22.62 36.93
C HIS K 20 43.67 -23.33 35.79
N SER K 21 43.94 -24.62 35.66
CA SER K 21 43.15 -25.52 34.85
C SER K 21 42.46 -26.52 35.75
N VAL K 22 41.49 -27.23 35.19
CA VAL K 22 40.80 -28.28 35.92
C VAL K 22 40.87 -29.56 35.10
N PRO K 23 40.99 -30.73 35.73
CA PRO K 23 41.06 -31.98 34.95
C PRO K 23 39.80 -32.27 34.17
N ASN K 24 38.67 -31.68 34.54
CA ASN K 24 37.41 -31.87 33.83
C ASN K 24 36.71 -30.52 33.70
N GLY K 25 36.39 -30.13 32.46
CA GLY K 25 35.74 -28.88 32.19
C GLY K 25 34.28 -29.05 31.82
N THR K 26 33.67 -27.92 31.45
CA THR K 26 32.27 -27.86 31.05
C THR K 26 32.14 -27.06 29.78
N ILE K 27 31.26 -27.50 28.88
CA ILE K 27 31.06 -26.87 27.58
C ILE K 27 29.90 -25.88 27.68
N VAL K 28 30.14 -24.65 27.24
CA VAL K 28 29.12 -23.61 27.20
C VAL K 28 29.02 -23.09 25.78
N LYS K 29 28.14 -22.11 25.57
CA LYS K 29 27.89 -21.53 24.25
C LYS K 29 28.12 -20.03 24.31
N THR K 30 29.01 -19.54 23.45
CA THR K 30 29.30 -18.11 23.34
C THR K 30 28.75 -17.57 22.02
N ILE K 31 29.01 -16.28 21.80
CA ILE K 31 28.61 -15.66 20.54
C ILE K 31 29.47 -16.16 19.38
N THR K 32 30.78 -16.23 19.60
CA THR K 32 31.70 -16.58 18.53
C THR K 32 31.85 -18.09 18.35
N ASP K 33 31.68 -18.87 19.41
CA ASP K 33 31.81 -20.32 19.33
C ASP K 33 30.60 -21.00 19.96
N ASP K 34 30.34 -22.21 19.49
CA ASP K 34 29.24 -23.03 19.99
C ASP K 34 29.72 -24.03 21.04
N GLN K 35 30.94 -24.55 20.90
CA GLN K 35 31.50 -25.53 21.82
C GLN K 35 32.83 -24.99 22.34
N ILE K 36 32.81 -24.32 23.49
CA ILE K 36 34.01 -23.82 24.14
C ILE K 36 33.97 -24.23 25.61
N GLU K 37 35.09 -24.73 26.11
CA GLU K 37 35.17 -25.30 27.45
C GLU K 37 35.53 -24.22 28.47
N VAL K 38 34.88 -24.28 29.64
CA VAL K 38 35.18 -23.41 30.76
C VAL K 38 35.40 -24.27 32.00
N THR K 39 36.11 -23.69 32.97
CA THR K 39 36.46 -24.45 34.17
C THR K 39 35.21 -24.81 34.98
N ASN K 40 34.36 -23.81 35.24
CA ASN K 40 33.14 -24.01 36.00
C ASN K 40 31.97 -23.37 35.27
N ALA K 41 30.79 -23.97 35.43
CA ALA K 41 29.58 -23.47 34.80
C ALA K 41 28.38 -23.96 35.60
N THR K 42 27.26 -23.25 35.44
CA THR K 42 26.04 -23.53 36.18
C THR K 42 24.86 -23.63 35.23
N GLU K 43 23.91 -24.49 35.58
CA GLU K 43 22.70 -24.67 34.78
C GLU K 43 21.67 -23.59 35.10
N LEU K 44 20.98 -23.12 34.06
CA LEU K 44 19.98 -22.07 34.20
C LEU K 44 18.56 -22.53 33.91
N VAL K 45 18.36 -23.74 33.41
CA VAL K 45 17.05 -24.23 33.00
C VAL K 45 16.67 -25.39 33.91
N GLN K 46 15.49 -25.29 34.52
CA GLN K 46 14.96 -26.34 35.39
C GLN K 46 14.07 -27.26 34.54
N ASN K 47 14.48 -28.52 34.39
CA ASN K 47 13.77 -29.46 33.53
C ASN K 47 13.29 -30.70 34.29
N SER K 48 13.14 -30.60 35.61
CA SER K 48 12.71 -31.72 36.42
C SER K 48 11.60 -31.29 37.38
N SER K 49 10.71 -32.22 37.69
CA SER K 49 9.63 -31.98 38.64
C SER K 49 9.62 -33.11 39.67
N THR K 50 9.38 -32.75 40.93
CA THR K 50 9.27 -33.75 41.99
C THR K 50 8.10 -34.69 41.76
N GLY K 51 7.11 -34.27 40.98
CA GLY K 51 5.93 -35.07 40.72
C GLY K 51 4.78 -34.86 41.70
N LYS K 52 4.97 -34.02 42.71
CA LYS K 52 3.97 -33.83 43.76
C LYS K 52 3.81 -32.34 44.03
N ILE K 53 2.63 -31.98 44.54
CA ILE K 53 2.28 -30.58 44.78
C ILE K 53 2.39 -30.30 46.27
N CYS K 54 3.24 -29.33 46.63
CA CYS K 54 3.35 -28.91 48.01
C CYS K 54 2.10 -28.14 48.44
N ASN K 55 1.65 -28.41 49.66
CA ASN K 55 0.47 -27.75 50.22
C ASN K 55 0.79 -26.44 50.92
N ASN K 56 2.06 -26.02 50.90
CA ASN K 56 2.50 -24.75 51.46
C ASN K 56 3.38 -24.03 50.46
N PRO K 57 3.36 -22.68 50.44
CA PRO K 57 2.52 -21.83 51.30
C PRO K 57 1.13 -21.58 50.71
N HIS K 58 0.93 -21.93 49.44
CA HIS K 58 -0.38 -21.75 48.82
C HIS K 58 -1.36 -22.76 49.38
N LYS K 59 -2.61 -22.31 49.58
CA LYS K 59 -3.67 -23.18 50.04
C LYS K 59 -4.22 -23.95 48.84
N VAL K 60 -3.99 -25.26 48.82
CA VAL K 60 -4.36 -26.11 47.70
C VAL K 60 -5.56 -26.95 48.10
N LEU K 61 -6.63 -26.88 47.30
CA LEU K 61 -7.84 -27.63 47.53
C LEU K 61 -7.98 -28.71 46.46
N ASP K 62 -8.07 -29.96 46.90
CA ASP K 62 -8.15 -31.10 45.99
C ASP K 62 -9.61 -31.47 45.78
N GLY K 63 -10.13 -31.18 44.58
CA GLY K 63 -11.45 -31.65 44.22
C GLY K 63 -11.35 -33.03 43.61
N ARG K 64 -11.60 -34.05 44.42
CA ARG K 64 -11.32 -35.43 44.06
C ARG K 64 -12.09 -35.86 42.82
N ASP K 65 -13.42 -35.91 42.93
CA ASP K 65 -14.28 -36.32 41.84
C ASP K 65 -15.25 -35.23 41.43
N CYS K 66 -14.90 -33.97 41.70
CA CYS K 66 -15.79 -32.84 41.45
C CYS K 66 -15.08 -31.79 40.62
N THR K 67 -15.81 -31.25 39.64
CA THR K 67 -15.37 -30.04 38.98
C THR K 67 -15.77 -28.82 39.82
N LEU K 68 -15.17 -27.67 39.49
CA LEU K 68 -15.50 -26.46 40.22
C LEU K 68 -16.97 -26.07 40.01
N ILE K 69 -17.45 -26.22 38.77
CA ILE K 69 -18.85 -25.90 38.48
C ILE K 69 -19.79 -26.83 39.24
N ASP K 70 -19.49 -28.13 39.26
CA ASP K 70 -20.34 -29.07 39.97
C ASP K 70 -20.37 -28.78 41.47
N ALA K 71 -19.21 -28.50 42.07
CA ALA K 71 -19.17 -28.16 43.48
C ALA K 71 -19.91 -26.85 43.75
N MET K 72 -19.74 -25.87 42.86
CA MET K 72 -20.50 -24.62 42.98
C MET K 72 -21.99 -24.88 42.89
N LEU K 73 -22.41 -25.66 41.89
CA LEU K 73 -23.84 -25.89 41.66
C LEU K 73 -24.48 -26.60 42.84
N GLY K 74 -23.79 -27.59 43.41
CA GLY K 74 -24.37 -28.34 44.50
C GLY K 74 -24.73 -29.76 44.15
N ASP K 75 -23.88 -30.41 43.35
CA ASP K 75 -24.05 -31.83 43.08
C ASP K 75 -23.98 -32.60 44.39
N PRO K 76 -24.89 -33.55 44.63
CA PRO K 76 -24.95 -34.19 45.96
C PRO K 76 -23.66 -34.84 46.40
N HIS K 77 -22.88 -35.40 45.47
CA HIS K 77 -21.58 -35.97 45.83
C HIS K 77 -20.50 -34.92 45.95
N CYS K 78 -20.82 -33.64 45.71
CA CYS K 78 -19.90 -32.53 45.91
C CYS K 78 -20.31 -31.65 47.08
N ASP K 79 -21.07 -32.19 48.02
CA ASP K 79 -21.59 -31.39 49.13
C ASP K 79 -20.51 -31.07 50.17
N VAL K 80 -19.41 -31.82 50.18
CA VAL K 80 -18.32 -31.53 51.11
C VAL K 80 -17.59 -30.23 50.77
N PHE K 81 -17.85 -29.68 49.58
CA PHE K 81 -17.16 -28.48 49.11
C PHE K 81 -17.95 -27.20 49.40
N GLN K 82 -18.98 -27.27 50.24
CA GLN K 82 -19.79 -26.10 50.53
C GLN K 82 -18.99 -25.09 51.34
N ASP K 83 -19.09 -23.82 50.95
CA ASP K 83 -18.46 -22.71 51.67
C ASP K 83 -16.95 -22.89 51.79
N GLU K 84 -16.32 -23.38 50.73
CA GLU K 84 -14.89 -23.59 50.72
C GLU K 84 -14.16 -22.39 50.10
N LYS K 85 -12.87 -22.30 50.40
CA LYS K 85 -11.98 -21.30 49.82
C LYS K 85 -10.66 -21.96 49.47
N TRP K 86 -9.92 -21.33 48.56
CA TRP K 86 -8.70 -21.93 48.05
C TRP K 86 -7.81 -20.85 47.46
N ASP K 87 -6.52 -21.18 47.38
CA ASP K 87 -5.59 -20.42 46.55
C ASP K 87 -5.46 -21.05 45.16
N LEU K 88 -5.35 -22.37 45.11
CA LEU K 88 -5.32 -23.12 43.85
C LEU K 88 -6.29 -24.28 43.95
N PHE K 89 -7.31 -24.27 43.11
CA PHE K 89 -8.22 -25.41 42.98
C PHE K 89 -7.66 -26.38 41.95
N VAL K 90 -7.51 -27.64 42.35
CA VAL K 90 -6.98 -28.68 41.48
C VAL K 90 -8.14 -29.53 40.98
N GLU K 91 -8.25 -29.65 39.67
CA GLU K 91 -9.30 -30.45 39.04
C GLU K 91 -8.70 -31.75 38.53
N ARG K 92 -9.21 -32.87 39.02
CA ARG K 92 -8.71 -34.18 38.60
C ARG K 92 -9.40 -34.62 37.31
N SER K 93 -8.68 -35.43 36.53
CA SER K 93 -9.22 -35.95 35.28
C SER K 93 -10.29 -37.02 35.51
N SER K 94 -10.47 -37.49 36.74
CA SER K 94 -11.46 -38.51 37.06
C SER K 94 -12.79 -37.92 37.48
N ALA K 95 -12.93 -36.59 37.52
CA ALA K 95 -14.16 -35.98 38.00
C ALA K 95 -15.33 -36.30 37.07
N PHE K 96 -16.52 -36.38 37.66
CA PHE K 96 -17.73 -36.73 36.92
C PHE K 96 -18.91 -35.96 37.49
N SER K 97 -20.02 -36.02 36.77
CA SER K 97 -21.28 -35.42 37.20
C SER K 97 -22.28 -36.52 37.52
N ASN K 98 -23.06 -36.32 38.58
CA ASN K 98 -24.03 -37.32 39.02
C ASN K 98 -25.35 -36.65 39.38
N CYS K 99 -25.73 -35.62 38.63
CA CYS K 99 -26.97 -34.91 38.88
C CYS K 99 -27.67 -34.67 37.55
N TYR K 100 -28.68 -33.80 37.57
CA TYR K 100 -29.49 -33.55 36.37
C TYR K 100 -28.60 -33.07 35.23
N PRO K 101 -28.77 -33.60 34.03
CA PRO K 101 -27.94 -33.15 32.90
C PRO K 101 -28.13 -31.67 32.64
N TYR K 102 -27.02 -30.98 32.36
CA TYR K 102 -27.04 -29.55 32.22
C TYR K 102 -25.95 -29.10 31.27
N ASP K 103 -26.14 -27.91 30.69
CA ASP K 103 -25.13 -27.26 29.89
C ASP K 103 -25.02 -25.81 30.31
N VAL K 104 -23.81 -25.28 30.24
CA VAL K 104 -23.53 -23.89 30.61
C VAL K 104 -23.05 -23.17 29.35
N PRO K 105 -23.91 -22.36 28.74
CA PRO K 105 -23.44 -21.51 27.64
C PRO K 105 -22.33 -20.58 28.15
N ASP K 106 -21.25 -20.50 27.37
CA ASP K 106 -20.02 -19.83 27.77
C ASP K 106 -19.53 -20.41 29.11
N TYR K 107 -19.31 -21.72 29.09
CA TYR K 107 -18.91 -22.43 30.29
C TYR K 107 -17.55 -21.96 30.81
N ALA K 108 -16.61 -21.70 29.90
CA ALA K 108 -15.25 -21.37 30.31
C ALA K 108 -15.20 -20.08 31.11
N SER K 109 -16.00 -19.08 30.71
CA SER K 109 -15.99 -17.81 31.43
C SER K 109 -16.50 -17.97 32.86
N LEU K 110 -17.59 -18.72 33.04
CA LEU K 110 -18.13 -18.93 34.39
C LEU K 110 -17.14 -19.71 35.26
N ARG K 111 -16.48 -20.71 34.68
CA ARG K 111 -15.44 -21.45 35.40
C ARG K 111 -14.29 -20.53 35.78
N SER K 112 -13.95 -19.58 34.90
CA SER K 112 -12.78 -18.74 35.13
C SER K 112 -13.03 -17.73 36.25
N LEU K 113 -14.22 -17.10 36.28
CA LEU K 113 -14.48 -16.07 37.28
C LEU K 113 -14.75 -16.66 38.66
N ILE K 114 -15.28 -17.88 38.73
CA ILE K 114 -15.42 -18.55 40.02
C ILE K 114 -14.05 -18.88 40.59
N ALA K 115 -13.14 -19.39 39.75
CA ALA K 115 -11.79 -19.70 40.21
C ALA K 115 -11.05 -18.45 40.66
N SER K 116 -11.20 -17.35 39.92
CA SER K 116 -10.56 -16.09 40.31
C SER K 116 -11.13 -15.55 41.61
N SER K 117 -12.44 -15.75 41.85
CA SER K 117 -13.03 -15.30 43.11
C SER K 117 -12.42 -16.04 44.29
N GLY K 118 -12.11 -17.32 44.12
CA GLY K 118 -11.40 -18.08 45.12
C GLY K 118 -12.23 -18.53 46.30
N THR K 119 -13.56 -18.39 46.24
CA THR K 119 -14.40 -18.77 47.36
C THR K 119 -15.72 -19.33 46.83
N LEU K 120 -16.36 -20.16 47.65
CA LEU K 120 -17.71 -20.64 47.41
C LEU K 120 -18.65 -20.15 48.50
N ASP K 121 -18.34 -19.01 49.09
CA ASP K 121 -19.12 -18.45 50.19
C ASP K 121 -20.51 -18.10 49.69
N PHE K 122 -21.52 -18.82 50.14
CA PHE K 122 -22.89 -18.70 49.66
C PHE K 122 -23.77 -18.17 50.78
N ILE K 123 -24.61 -17.19 50.45
CA ILE K 123 -25.54 -16.59 51.40
C ILE K 123 -26.96 -16.87 50.90
N THR K 124 -27.75 -17.55 51.71
CA THR K 124 -29.14 -17.80 51.37
C THR K 124 -29.97 -16.53 51.51
N GLU K 125 -30.87 -16.32 50.56
CA GLU K 125 -31.84 -15.24 50.62
C GLU K 125 -33.24 -15.83 50.49
N SER K 126 -34.19 -15.23 51.22
CA SER K 126 -35.57 -15.72 51.25
C SER K 126 -36.32 -15.12 50.08
N PHE K 127 -36.56 -15.93 49.05
CA PHE K 127 -37.34 -15.54 47.89
C PHE K 127 -38.78 -16.05 48.06
N THR K 128 -39.74 -15.18 47.76
CA THR K 128 -41.16 -15.52 47.88
C THR K 128 -41.67 -15.90 46.49
N TRP K 129 -42.03 -17.17 46.31
CA TRP K 129 -42.58 -17.69 45.06
C TRP K 129 -44.03 -18.10 45.34
N ALA K 130 -44.94 -17.14 45.17
CA ALA K 130 -46.35 -17.39 45.45
C ALA K 130 -47.03 -18.04 44.26
N GLY K 131 -47.89 -19.02 44.55
CA GLY K 131 -48.66 -19.70 43.53
C GLY K 131 -47.98 -20.88 42.87
N VAL K 132 -46.75 -21.21 43.26
CA VAL K 132 -46.03 -22.34 42.68
C VAL K 132 -45.46 -23.20 43.79
N SER K 133 -45.15 -24.44 43.45
CA SER K 133 -44.52 -25.39 44.35
C SER K 133 -43.02 -25.40 44.12
N GLN K 134 -42.27 -25.59 45.20
CA GLN K 134 -40.82 -25.46 45.19
C GLN K 134 -40.15 -26.81 45.46
N ASN K 135 -38.82 -26.80 45.39
CA ASN K 135 -37.98 -27.93 45.80
C ASN K 135 -38.22 -29.17 44.95
N GLY K 136 -38.32 -28.98 43.64
CA GLY K 136 -38.46 -30.11 42.75
C GLY K 136 -37.21 -30.97 42.72
N GLY K 137 -37.42 -32.27 42.46
CA GLY K 137 -36.33 -33.22 42.43
C GLY K 137 -36.41 -34.12 41.21
N SER K 138 -35.40 -34.99 41.08
CA SER K 138 -35.34 -35.94 39.99
C SER K 138 -34.53 -37.16 40.41
N SER K 139 -34.93 -38.32 39.90
CA SER K 139 -34.22 -39.55 40.22
C SER K 139 -32.81 -39.58 39.65
N ALA K 140 -32.51 -38.72 38.67
CA ALA K 140 -31.16 -38.61 38.14
C ALA K 140 -30.20 -37.94 39.13
N CYS K 141 -30.72 -37.38 40.22
CA CYS K 141 -29.92 -36.64 41.20
C CYS K 141 -30.40 -37.08 42.58
N LYS K 142 -29.80 -38.14 43.12
CA LYS K 142 -30.27 -38.76 44.35
C LYS K 142 -29.48 -38.25 45.55
N ARG K 143 -30.20 -37.81 46.57
CA ARG K 143 -29.63 -37.39 47.85
C ARG K 143 -30.02 -38.43 48.88
N GLY K 144 -29.17 -39.45 49.05
CA GLY K 144 -29.50 -40.57 49.89
C GLY K 144 -30.46 -41.50 49.17
N PRO K 145 -31.49 -41.97 49.87
CA PRO K 145 -32.48 -42.87 49.28
C PRO K 145 -33.61 -42.18 48.54
N ALA K 146 -33.70 -40.85 48.57
CA ALA K 146 -34.80 -40.11 47.97
C ALA K 146 -34.30 -39.24 46.84
N ASN K 147 -35.23 -38.83 45.98
CA ASN K 147 -34.90 -37.95 44.86
C ASN K 147 -34.45 -36.58 45.37
N GLY K 148 -33.59 -35.94 44.59
CA GLY K 148 -33.08 -34.63 44.97
C GLY K 148 -32.77 -33.74 43.79
N PHE K 149 -32.02 -32.68 44.05
CA PHE K 149 -31.68 -31.69 43.03
C PHE K 149 -30.38 -31.01 43.43
N PHE K 150 -29.89 -30.15 42.54
CA PHE K 150 -28.77 -29.28 42.88
C PHE K 150 -29.13 -28.43 44.09
N SER K 151 -28.22 -28.36 45.06
CA SER K 151 -28.38 -27.35 46.09
C SER K 151 -28.21 -25.97 45.46
N ARG K 152 -28.43 -24.93 46.27
CA ARG K 152 -28.35 -23.54 45.79
C ARG K 152 -29.24 -23.30 44.57
N LEU K 153 -30.20 -24.19 44.31
CA LEU K 153 -31.03 -24.09 43.12
C LEU K 153 -32.40 -24.66 43.45
N ASN K 154 -33.44 -24.03 42.93
CA ASN K 154 -34.83 -24.34 43.27
C ASN K 154 -35.62 -24.59 42.00
N TRP K 155 -36.18 -25.78 41.86
CA TRP K 155 -36.99 -26.15 40.72
C TRP K 155 -38.45 -25.83 41.03
N LEU K 156 -39.03 -24.88 40.30
CA LEU K 156 -40.40 -24.43 40.53
C LEU K 156 -41.31 -25.02 39.47
N THR K 157 -42.36 -25.70 39.90
CA THR K 157 -43.38 -26.26 39.03
C THR K 157 -44.74 -25.67 39.40
N LYS K 158 -45.77 -26.08 38.66
CA LYS K 158 -47.11 -25.59 38.90
C LYS K 158 -47.63 -26.05 40.26
N SER K 159 -48.50 -25.24 40.85
CA SER K 159 -49.16 -25.56 42.11
C SER K 159 -50.63 -25.82 41.82
N GLY K 160 -51.03 -27.08 41.87
CA GLY K 160 -52.40 -27.45 41.58
C GLY K 160 -52.67 -27.46 40.09
N SER K 161 -53.42 -26.47 39.61
CA SER K 161 -53.78 -26.37 38.20
C SER K 161 -53.31 -25.09 37.55
N SER K 162 -52.53 -24.27 38.25
CA SER K 162 -52.13 -22.97 37.75
C SER K 162 -50.64 -22.73 37.98
N TYR K 163 -50.03 -21.98 37.06
CA TYR K 163 -48.66 -21.50 37.19
C TYR K 163 -48.69 -19.99 37.00
N PRO K 164 -48.83 -19.22 38.07
CA PRO K 164 -48.97 -17.78 37.94
C PRO K 164 -47.67 -17.11 37.55
N LEU K 165 -47.80 -15.89 37.05
CA LEU K 165 -46.62 -15.08 36.70
C LEU K 165 -45.83 -14.74 37.95
N LEU K 166 -44.50 -14.87 37.85
CA LEU K 166 -43.60 -14.58 38.95
C LEU K 166 -42.89 -13.26 38.67
N ASN K 167 -43.00 -12.34 39.63
CA ASN K 167 -42.37 -11.01 39.52
C ASN K 167 -41.80 -10.67 40.89
N VAL K 168 -40.51 -10.96 41.09
CA VAL K 168 -39.86 -10.76 42.37
C VAL K 168 -38.65 -9.84 42.19
N THR K 169 -38.21 -9.26 43.29
CA THR K 169 -37.11 -8.30 43.29
C THR K 169 -36.21 -8.54 44.48
N MET K 170 -34.95 -8.13 44.36
CA MET K 170 -34.00 -8.20 45.46
C MET K 170 -32.92 -7.14 45.32
N PRO K 171 -32.90 -6.14 46.18
CA PRO K 171 -31.85 -5.12 46.11
C PRO K 171 -30.54 -5.63 46.68
N ASN K 172 -29.46 -4.94 46.30
CA ASN K 172 -28.13 -5.22 46.82
C ASN K 172 -27.72 -4.01 47.67
N ASN K 173 -28.01 -4.09 48.97
CA ASN K 173 -27.65 -3.03 49.91
C ASN K 173 -26.28 -3.24 50.51
N TYR K 174 -25.58 -4.31 50.14
CA TYR K 174 -24.22 -4.54 50.61
C TYR K 174 -23.25 -3.61 49.88
N ASN K 175 -21.98 -3.67 50.27
CA ASN K 175 -20.92 -2.90 49.61
C ASN K 175 -20.02 -3.78 48.74
N PHE K 176 -20.41 -5.03 48.50
CA PHE K 176 -19.68 -5.93 47.62
C PHE K 176 -20.63 -6.45 46.54
N ASP K 177 -20.05 -7.11 45.54
CA ASP K 177 -20.84 -7.59 44.42
C ASP K 177 -21.48 -8.94 44.73
N LYS K 178 -22.68 -9.15 44.22
CA LYS K 178 -23.38 -10.42 44.33
C LYS K 178 -23.29 -11.16 43.01
N LEU K 179 -23.14 -12.47 43.08
CA LEU K 179 -23.15 -13.34 41.90
C LEU K 179 -24.30 -14.33 42.03
N TYR K 180 -25.24 -14.26 41.09
CA TYR K 180 -26.43 -15.09 41.10
C TYR K 180 -26.32 -16.16 40.02
N ILE K 181 -26.66 -17.40 40.38
CA ILE K 181 -26.64 -18.53 39.46
C ILE K 181 -28.06 -19.05 39.34
N TRP K 182 -28.59 -19.05 38.11
CA TRP K 182 -29.94 -19.50 37.84
C TRP K 182 -29.94 -20.39 36.60
N GLY K 183 -31.12 -20.84 36.19
CA GLY K 183 -31.20 -21.78 35.10
C GLY K 183 -32.54 -21.77 34.40
N VAL K 184 -32.55 -22.36 33.21
CA VAL K 184 -33.75 -22.51 32.39
C VAL K 184 -33.91 -23.99 32.04
N HIS K 185 -35.10 -24.53 32.24
CA HIS K 185 -35.37 -25.94 32.01
C HIS K 185 -35.91 -26.15 30.60
N HIS K 186 -35.35 -27.12 29.88
CA HIS K 186 -35.79 -27.44 28.53
C HIS K 186 -36.52 -28.78 28.52
N PRO K 187 -37.85 -28.79 28.41
CA PRO K 187 -38.57 -30.06 28.35
C PRO K 187 -38.33 -30.78 27.03
N SER K 188 -38.71 -32.06 27.02
CA SER K 188 -38.50 -32.91 25.85
C SER K 188 -39.72 -33.00 24.94
N THR K 189 -40.92 -32.82 25.47
CA THR K 189 -42.13 -32.89 24.68
C THR K 189 -43.07 -31.75 25.07
N ASN K 190 -43.96 -31.41 24.13
CA ASN K 190 -45.01 -30.44 24.45
C ASN K 190 -45.91 -30.94 25.56
N GLN K 191 -46.21 -32.25 25.56
CA GLN K 191 -47.05 -32.82 26.59
C GLN K 191 -46.40 -32.69 27.96
N GLU K 192 -45.08 -32.95 28.06
CA GLU K 192 -44.38 -32.75 29.31
C GLU K 192 -44.35 -31.27 29.71
N GLN K 193 -44.16 -30.39 28.74
CA GLN K 193 -44.07 -28.97 29.04
C GLN K 193 -45.33 -28.45 29.71
N THR K 194 -46.50 -28.87 29.23
CA THR K 194 -47.75 -28.43 29.83
C THR K 194 -47.98 -29.10 31.19
N ASN K 195 -47.46 -30.31 31.40
CA ASN K 195 -47.64 -30.99 32.67
C ASN K 195 -46.92 -30.26 33.80
N LEU K 196 -45.69 -29.79 33.54
CA LEU K 196 -44.92 -29.12 34.58
C LEU K 196 -45.28 -27.65 34.69
N TYR K 197 -45.66 -27.02 33.58
CA TYR K 197 -46.03 -25.61 33.57
C TYR K 197 -47.28 -25.46 32.71
N VAL K 198 -48.32 -24.84 33.27
CA VAL K 198 -49.60 -24.77 32.58
C VAL K 198 -49.46 -24.04 31.25
N GLN K 199 -48.53 -23.09 31.17
CA GLN K 199 -48.34 -22.32 29.94
C GLN K 199 -47.60 -23.15 28.89
N ALA K 200 -47.99 -22.99 27.63
CA ALA K 200 -47.41 -23.78 26.56
C ALA K 200 -45.98 -23.36 26.25
N SER K 201 -45.72 -22.05 26.26
CA SER K 201 -44.39 -21.51 25.95
C SER K 201 -43.86 -20.78 27.17
N GLY K 202 -42.71 -21.22 27.68
CA GLY K 202 -42.11 -20.57 28.83
C GLY K 202 -41.27 -19.37 28.45
N ARG K 203 -40.78 -18.68 29.49
CA ARG K 203 -39.96 -17.49 29.31
C ARG K 203 -39.34 -17.13 30.65
N VAL K 204 -38.05 -16.82 30.64
CA VAL K 204 -37.31 -16.43 31.84
C VAL K 204 -36.57 -15.14 31.56
N THR K 205 -36.80 -14.12 32.38
CA THR K 205 -36.14 -12.83 32.24
C THR K 205 -35.50 -12.45 33.57
N VAL K 206 -34.19 -12.21 33.55
CA VAL K 206 -33.45 -11.75 34.71
C VAL K 206 -32.74 -10.46 34.31
N SER K 207 -33.11 -9.36 34.95
CA SER K 207 -32.65 -8.03 34.55
C SER K 207 -32.22 -7.22 35.76
N THR K 208 -31.24 -6.35 35.54
CA THR K 208 -30.83 -5.33 36.48
C THR K 208 -31.14 -3.96 35.89
N ARG K 209 -30.72 -2.91 36.61
CA ARG K 209 -30.96 -1.55 36.11
C ARG K 209 -30.15 -1.25 34.86
N ARG K 210 -29.11 -2.04 34.56
CA ARG K 210 -28.21 -1.76 33.45
C ARG K 210 -28.08 -2.92 32.46
N SER K 211 -28.64 -4.08 32.75
CA SER K 211 -28.47 -5.25 31.88
C SER K 211 -29.72 -6.11 31.95
N GLN K 212 -29.85 -7.00 30.97
CA GLN K 212 -30.99 -7.92 30.92
C GLN K 212 -30.57 -9.21 30.22
N GLN K 213 -31.29 -10.28 30.53
CA GLN K 213 -31.13 -11.57 29.87
C GLN K 213 -32.49 -12.24 29.80
N THR K 214 -32.90 -12.65 28.61
CA THR K 214 -34.15 -13.38 28.42
C THR K 214 -33.88 -14.68 27.67
N ILE K 215 -34.43 -15.77 28.17
CA ILE K 215 -34.27 -17.08 27.57
C ILE K 215 -35.65 -17.68 27.32
N VAL K 216 -35.87 -18.19 26.12
CA VAL K 216 -37.08 -18.94 25.78
C VAL K 216 -36.71 -20.42 25.74
N PRO K 217 -37.36 -21.28 26.53
CA PRO K 217 -36.98 -22.69 26.54
C PRO K 217 -37.24 -23.36 25.20
N ASN K 218 -36.49 -24.42 24.95
CA ASN K 218 -36.57 -25.18 23.71
C ASN K 218 -37.05 -26.59 24.01
N ILE K 219 -38.09 -27.02 23.31
CA ILE K 219 -38.70 -28.33 23.50
C ILE K 219 -38.13 -29.28 22.47
N GLY K 220 -37.70 -30.46 22.92
CA GLY K 220 -37.14 -31.45 22.02
C GLY K 220 -36.38 -32.54 22.74
N SER K 221 -36.48 -33.77 22.24
CA SER K 221 -35.81 -34.89 22.89
C SER K 221 -34.29 -34.74 22.79
N ARG K 222 -33.60 -35.27 23.80
CA ARG K 222 -32.15 -35.20 23.89
C ARG K 222 -31.63 -36.56 24.37
N PRO K 223 -30.32 -36.81 24.28
CA PRO K 223 -29.79 -38.13 24.68
C PRO K 223 -30.03 -38.46 26.14
N TRP K 224 -30.11 -39.77 26.41
CA TRP K 224 -30.40 -40.32 27.72
C TRP K 224 -29.21 -40.11 28.66
N VAL K 225 -29.36 -39.19 29.61
CA VAL K 225 -28.35 -38.95 30.64
C VAL K 225 -28.99 -39.21 31.99
N ARG K 226 -28.66 -40.35 32.60
CA ARG K 226 -29.23 -40.76 33.88
C ARG K 226 -30.75 -40.75 33.85
N GLY K 227 -31.32 -41.25 32.75
CA GLY K 227 -32.77 -41.39 32.64
C GLY K 227 -33.51 -40.16 32.18
N GLN K 228 -32.83 -39.06 31.88
CA GLN K 228 -33.47 -37.80 31.55
C GLN K 228 -33.22 -37.45 30.09
N SER K 229 -34.31 -37.16 29.37
CA SER K 229 -34.24 -36.65 28.01
C SER K 229 -34.23 -35.13 27.95
N SER K 230 -34.34 -34.46 29.10
CA SER K 230 -34.38 -33.01 29.18
C SER K 230 -33.04 -32.46 29.65
N ARG K 231 -32.90 -31.14 29.55
CA ARG K 231 -31.67 -30.46 29.92
C ARG K 231 -32.02 -29.19 30.69
N ILE K 232 -31.01 -28.63 31.36
CA ILE K 232 -31.12 -27.37 32.09
C ILE K 232 -29.93 -26.51 31.70
N SER K 233 -30.20 -25.30 31.22
CA SER K 233 -29.15 -24.34 30.92
C SER K 233 -28.81 -23.55 32.17
N ILE K 234 -27.58 -23.06 32.24
CA ILE K 234 -27.09 -22.32 33.40
C ILE K 234 -26.64 -20.94 32.96
N TYR K 235 -27.13 -19.91 33.63
CA TYR K 235 -26.76 -18.53 33.37
C TYR K 235 -26.42 -17.84 34.68
N TRP K 236 -25.78 -16.68 34.58
CA TRP K 236 -25.38 -15.94 35.76
C TRP K 236 -25.59 -14.44 35.56
N THR K 237 -25.81 -13.75 36.67
CA THR K 237 -25.98 -12.30 36.69
C THR K 237 -25.19 -11.75 37.87
N ILE K 238 -24.75 -10.50 37.75
CA ILE K 238 -23.99 -9.84 38.81
C ILE K 238 -24.68 -8.53 39.15
N VAL K 239 -24.91 -8.29 40.44
CA VAL K 239 -25.58 -7.09 40.92
C VAL K 239 -24.55 -6.26 41.67
N LYS K 240 -24.31 -5.04 41.17
CA LYS K 240 -23.40 -4.12 41.83
C LYS K 240 -24.05 -3.52 43.07
N PRO K 241 -23.25 -2.98 43.99
CA PRO K 241 -23.85 -2.26 45.13
C PRO K 241 -24.69 -1.08 44.65
N GLY K 242 -25.83 -0.88 45.30
CA GLY K 242 -26.76 0.13 44.88
C GLY K 242 -27.67 -0.28 43.73
N ASP K 243 -27.50 -1.48 43.20
CA ASP K 243 -28.33 -2.00 42.12
C ASP K 243 -29.40 -2.93 42.68
N VAL K 244 -30.32 -3.32 41.81
CA VAL K 244 -31.44 -4.18 42.18
C VAL K 244 -31.54 -5.30 41.15
N LEU K 245 -32.07 -6.44 41.59
CA LEU K 245 -32.27 -7.60 40.73
C LEU K 245 -33.76 -7.89 40.61
N VAL K 246 -34.23 -8.13 39.40
CA VAL K 246 -35.63 -8.45 39.12
C VAL K 246 -35.70 -9.70 38.27
N ILE K 247 -36.52 -10.66 38.68
CA ILE K 247 -36.73 -11.90 37.94
C ILE K 247 -38.19 -11.96 37.51
N ASN K 248 -38.42 -12.09 36.21
CA ASN K 248 -39.76 -12.19 35.65
C ASN K 248 -39.82 -13.46 34.81
N SER K 249 -40.76 -14.34 35.12
CA SER K 249 -40.79 -15.64 34.47
C SER K 249 -42.23 -16.11 34.28
N ASN K 250 -42.52 -16.65 33.10
CA ASN K 250 -43.79 -17.33 32.83
C ASN K 250 -43.71 -18.82 33.09
N GLY K 251 -42.52 -19.40 33.06
CA GLY K 251 -42.35 -20.82 33.31
C GLY K 251 -40.93 -21.25 33.01
N ASN K 252 -40.65 -22.52 33.31
CA ASN K 252 -39.37 -23.16 33.06
C ASN K 252 -38.22 -22.51 33.82
N LEU K 253 -38.52 -21.84 34.94
CA LEU K 253 -37.50 -21.13 35.69
C LEU K 253 -36.85 -22.04 36.73
N ILE K 254 -35.53 -22.07 36.75
CA ILE K 254 -34.77 -22.72 37.82
C ILE K 254 -34.25 -21.59 38.70
N ALA K 255 -35.00 -21.30 39.76
CA ALA K 255 -34.72 -20.13 40.57
C ALA K 255 -33.46 -20.34 41.42
N PRO K 256 -32.76 -19.26 41.75
CA PRO K 256 -31.64 -19.37 42.70
C PRO K 256 -32.12 -19.35 44.14
N ARG K 257 -31.24 -19.83 45.02
CA ARG K 257 -31.50 -19.81 46.46
C ARG K 257 -30.77 -18.69 47.18
N GLY K 258 -29.86 -18.00 46.49
CA GLY K 258 -29.08 -16.95 47.13
C GLY K 258 -28.04 -16.41 46.18
N PHE K 259 -26.97 -15.85 46.75
CA PHE K 259 -25.91 -15.25 45.98
C PHE K 259 -24.55 -15.70 46.50
N PHE K 260 -23.56 -15.61 45.63
CA PHE K 260 -22.18 -15.94 45.96
C PHE K 260 -21.40 -14.65 46.20
N LYS K 261 -20.79 -14.53 47.37
CA LYS K 261 -19.95 -13.39 47.67
C LYS K 261 -18.67 -13.48 46.84
N ILE K 262 -18.50 -12.55 45.90
CA ILE K 262 -17.40 -12.58 44.96
C ILE K 262 -16.32 -11.60 45.41
N ARG K 263 -15.08 -12.06 45.44
CA ARG K 263 -13.95 -11.28 45.94
C ARG K 263 -12.90 -11.13 44.85
N THR K 264 -12.04 -10.14 45.03
CA THR K 264 -10.89 -9.93 44.15
C THR K 264 -9.65 -10.50 44.83
N GLY K 265 -9.05 -11.51 44.21
CA GLY K 265 -7.91 -12.17 44.81
C GLY K 265 -6.96 -12.78 43.79
N ARG K 266 -5.99 -13.55 44.28
CA ARG K 266 -4.97 -14.18 43.46
C ARG K 266 -5.18 -15.69 43.36
N SER K 267 -6.42 -16.12 43.24
CA SER K 267 -6.78 -17.53 43.16
C SER K 267 -7.00 -17.94 41.70
N SER K 268 -6.71 -19.21 41.42
CA SER K 268 -6.85 -19.76 40.08
C SER K 268 -7.22 -21.24 40.18
N ILE K 269 -7.30 -21.88 39.02
CA ILE K 269 -7.65 -23.30 38.92
C ILE K 269 -6.66 -23.98 37.99
N MET K 270 -6.32 -25.23 38.31
CA MET K 270 -5.34 -25.97 37.54
C MET K 270 -5.81 -27.42 37.37
N ARG K 271 -5.57 -27.98 36.18
CA ARG K 271 -5.91 -29.36 35.89
C ARG K 271 -4.65 -30.21 36.05
N SER K 272 -4.63 -31.05 37.07
CA SER K 272 -3.47 -31.90 37.34
C SER K 272 -3.94 -33.20 37.99
N ASP K 273 -3.11 -34.23 37.83
CA ASP K 273 -3.34 -35.53 38.45
C ASP K 273 -2.27 -35.87 39.48
N ALA K 274 -1.39 -34.93 39.81
CA ALA K 274 -0.33 -35.19 40.76
C ALA K 274 -0.88 -35.23 42.18
N PRO K 275 -0.37 -36.10 43.04
CA PRO K 275 -0.83 -36.14 44.43
C PRO K 275 -0.32 -34.94 45.21
N ILE K 276 -0.99 -34.66 46.33
CA ILE K 276 -0.64 -33.56 47.22
C ILE K 276 0.05 -34.12 48.45
N GLU K 277 1.20 -33.56 48.78
CA GLU K 277 2.01 -33.99 49.92
C GLU K 277 2.25 -32.82 50.86
N THR K 278 3.02 -33.09 51.92
CA THR K 278 3.39 -32.07 52.91
C THR K 278 4.81 -31.62 52.61
N CYS K 279 4.93 -30.42 52.03
CA CYS K 279 6.21 -29.83 51.66
C CYS K 279 5.97 -28.36 51.36
N ILE K 280 7.04 -27.63 51.05
CA ILE K 280 6.98 -26.20 50.79
C ILE K 280 7.58 -25.94 49.42
N SER K 281 6.82 -25.28 48.55
CA SER K 281 7.30 -24.87 47.23
C SER K 281 6.41 -23.76 46.71
N GLU K 282 7.03 -22.66 46.30
CA GLU K 282 6.27 -21.49 45.85
C GLU K 282 5.68 -21.65 44.47
N CYS K 283 6.16 -22.62 43.68
CA CYS K 283 5.75 -22.79 42.29
C CYS K 283 5.02 -24.12 42.13
N ILE K 284 3.89 -24.09 41.45
CA ILE K 284 3.08 -25.28 41.20
C ILE K 284 2.84 -25.40 39.69
N THR K 285 3.10 -26.58 39.14
CA THR K 285 2.83 -26.93 37.77
C THR K 285 1.99 -28.21 37.76
N PRO K 286 1.27 -28.48 36.66
CA PRO K 286 0.51 -29.74 36.61
C PRO K 286 1.36 -30.97 36.79
N ASN K 287 2.61 -30.95 36.33
CA ASN K 287 3.53 -32.05 36.60
C ASN K 287 3.89 -32.16 38.07
N GLY K 288 3.73 -31.09 38.83
CA GLY K 288 4.08 -31.04 40.23
C GLY K 288 4.75 -29.72 40.55
N SER K 289 5.32 -29.63 41.74
CA SER K 289 6.01 -28.43 42.17
C SER K 289 7.49 -28.50 41.77
N ILE K 290 8.06 -27.34 41.47
CA ILE K 290 9.46 -27.25 41.07
C ILE K 290 10.14 -26.13 41.86
N PRO K 291 11.44 -26.23 42.13
CA PRO K 291 12.16 -25.11 42.74
C PRO K 291 12.29 -23.95 41.78
N ASN K 292 12.43 -22.75 42.35
CA ASN K 292 12.58 -21.52 41.58
C ASN K 292 13.93 -20.86 41.84
N ASP K 293 14.98 -21.68 41.97
CA ASP K 293 16.33 -21.15 42.11
C ASP K 293 16.97 -20.84 40.77
N LYS K 294 16.25 -21.04 39.67
CA LYS K 294 16.75 -20.80 38.33
C LYS K 294 15.80 -19.87 37.59
N PRO K 295 16.33 -19.05 36.67
CA PRO K 295 15.46 -18.07 35.99
C PRO K 295 14.50 -18.68 34.98
N PHE K 296 14.82 -19.86 34.44
CA PHE K 296 14.00 -20.48 33.40
C PHE K 296 13.68 -21.91 33.77
N GLN K 297 12.54 -22.40 33.27
CA GLN K 297 12.13 -23.78 33.50
C GLN K 297 11.55 -24.36 32.21
N ASN K 298 11.72 -25.67 32.05
CA ASN K 298 11.31 -26.38 30.84
C ASN K 298 10.22 -27.42 31.14
N VAL K 299 9.58 -27.33 32.30
CA VAL K 299 8.67 -28.39 32.73
C VAL K 299 7.29 -28.21 32.11
N ASN K 300 6.62 -27.11 32.40
CA ASN K 300 5.28 -26.86 31.90
C ASN K 300 5.07 -25.37 31.73
N LYS K 301 4.39 -24.99 30.65
CA LYS K 301 4.03 -23.59 30.43
C LYS K 301 2.83 -23.15 31.25
N ILE K 302 2.19 -24.07 31.96
CA ILE K 302 1.16 -23.75 32.95
C ILE K 302 1.83 -23.72 34.32
N THR K 303 1.81 -22.57 34.98
CA THR K 303 2.45 -22.39 36.28
C THR K 303 1.55 -21.57 37.18
N TYR K 304 1.80 -21.69 38.48
CA TYR K 304 1.11 -20.88 39.49
C TYR K 304 2.09 -20.53 40.60
N GLY K 305 2.27 -19.25 40.83
CA GLY K 305 3.14 -18.76 41.88
C GLY K 305 4.37 -18.05 41.33
N ALA K 306 5.40 -18.00 42.17
CA ALA K 306 6.70 -17.45 41.77
C ALA K 306 7.45 -18.53 41.01
N CYS K 307 7.42 -18.46 39.68
CA CYS K 307 7.92 -19.54 38.85
C CYS K 307 8.92 -19.02 37.84
N PRO K 308 9.88 -19.86 37.45
CA PRO K 308 10.78 -19.48 36.36
C PRO K 308 10.02 -19.37 35.05
N LYS K 309 10.51 -18.52 34.16
CA LYS K 309 9.88 -18.33 32.87
C LYS K 309 10.09 -19.56 31.99
N TYR K 310 9.07 -19.88 31.19
CA TYR K 310 9.11 -21.09 30.36
C TYR K 310 9.90 -20.81 29.08
N VAL K 311 10.84 -21.70 28.78
CA VAL K 311 11.63 -21.63 27.55
C VAL K 311 11.55 -22.98 26.85
N LYS K 312 11.81 -22.96 25.54
CA LYS K 312 11.79 -24.20 24.78
C LYS K 312 13.02 -25.07 25.08
N GLN K 313 14.15 -24.45 25.37
CA GLN K 313 15.39 -25.19 25.56
C GLN K 313 15.35 -25.99 26.85
N ASN K 314 16.06 -27.11 26.86
CA ASN K 314 16.18 -27.95 28.04
C ASN K 314 17.45 -27.70 28.84
N THR K 315 18.50 -27.18 28.23
CA THR K 315 19.74 -26.87 28.92
C THR K 315 20.27 -25.53 28.47
N LEU K 316 20.74 -24.74 29.43
CA LEU K 316 21.44 -23.48 29.15
C LEU K 316 22.51 -23.31 30.21
N LYS K 317 23.78 -23.47 29.81
CA LYS K 317 24.89 -23.40 30.73
C LYS K 317 25.47 -21.99 30.75
N LEU K 318 25.63 -21.43 31.94
CA LEU K 318 26.20 -20.10 32.12
C LEU K 318 27.59 -20.24 32.71
N ALA K 319 28.59 -19.68 32.03
CA ALA K 319 29.97 -19.84 32.46
C ALA K 319 30.23 -19.10 33.75
N THR K 320 31.02 -19.72 34.64
CA THR K 320 31.44 -19.09 35.89
C THR K 320 32.95 -19.21 36.10
N GLY K 321 33.70 -19.41 35.03
CA GLY K 321 35.16 -19.49 35.11
C GLY K 321 35.76 -19.19 33.76
N MET K 322 37.09 -19.14 33.74
CA MET K 322 37.80 -18.85 32.50
C MET K 322 37.68 -20.04 31.55
N ARG K 323 38.27 -19.88 30.36
CA ARG K 323 38.34 -20.99 29.43
C ARG K 323 39.31 -22.04 29.94
N ASN K 324 38.89 -23.31 29.86
CA ASN K 324 39.70 -24.41 30.37
C ASN K 324 40.73 -24.80 29.31
N VAL K 325 41.98 -24.42 29.53
CA VAL K 325 43.07 -24.80 28.64
C VAL K 325 43.87 -25.90 29.33
N PRO K 326 43.69 -27.16 28.96
CA PRO K 326 44.29 -28.26 29.70
C PRO K 326 45.77 -28.42 29.39
N GLU K 327 46.40 -29.32 30.15
CA GLU K 327 47.82 -29.65 30.01
C GLU K 327 48.69 -28.40 30.14
N LEU L 2 40.21 -12.29 23.55
CA LEU L 2 40.14 -10.92 23.06
C LEU L 2 41.36 -10.12 23.49
N PHE L 3 42.06 -10.59 24.52
CA PHE L 3 43.21 -9.90 25.07
C PHE L 3 44.49 -10.72 24.98
N GLY L 4 44.50 -11.78 24.19
CA GLY L 4 45.61 -12.72 24.25
C GLY L 4 45.48 -13.57 25.50
N ALA L 5 46.56 -13.61 26.29
CA ALA L 5 46.58 -14.28 27.58
C ALA L 5 46.09 -15.72 27.50
N ILE L 6 44.91 -16.00 28.07
CA ILE L 6 44.37 -17.36 28.06
C ILE L 6 44.12 -17.79 26.62
N ALA L 7 44.60 -18.98 26.27
CA ALA L 7 44.61 -19.49 24.89
C ALA L 7 45.29 -18.47 23.98
N GLY L 8 46.55 -18.20 24.28
CA GLY L 8 47.27 -17.07 23.72
C GLY L 8 48.73 -17.12 24.08
N PHE L 9 49.32 -15.97 24.45
CA PHE L 9 50.72 -15.94 24.85
C PHE L 9 50.99 -16.66 26.18
N ILE L 10 49.96 -17.22 26.82
CA ILE L 10 50.18 -18.01 28.03
C ILE L 10 50.32 -19.50 27.72
N GLU L 11 49.76 -19.97 26.60
CA GLU L 11 49.88 -21.33 26.09
C GLU L 11 48.96 -22.30 26.84
N ASN L 12 49.25 -22.57 28.11
CA ASN L 12 48.57 -23.61 28.85
C ASN L 12 48.02 -23.04 30.16
N GLY L 13 47.41 -23.93 30.95
CA GLY L 13 46.96 -23.59 32.28
C GLY L 13 47.50 -24.58 33.28
N TRP L 14 47.59 -24.13 34.53
CA TRP L 14 48.19 -24.92 35.60
C TRP L 14 47.11 -25.76 36.28
N GLU L 15 46.97 -27.01 35.83
CA GLU L 15 46.06 -27.95 36.48
C GLU L 15 46.70 -28.40 37.78
N GLY L 16 46.30 -27.79 38.90
CA GLY L 16 46.97 -28.04 40.15
C GLY L 16 47.07 -26.83 41.05
N MET L 17 46.70 -25.65 40.54
CA MET L 17 46.57 -24.46 41.37
C MET L 17 45.24 -24.56 42.10
N ILE L 18 45.24 -25.23 43.25
CA ILE L 18 44.03 -25.39 44.05
C ILE L 18 43.82 -24.23 45.02
N ASP L 19 44.73 -23.27 45.05
CA ASP L 19 44.64 -22.15 45.99
C ASP L 19 43.86 -20.97 45.43
N GLY L 20 43.94 -20.71 44.13
CA GLY L 20 43.28 -19.56 43.57
C GLY L 20 43.11 -19.70 42.07
N TRP L 21 42.73 -18.59 41.43
CA TRP L 21 42.51 -18.55 40.00
C TRP L 21 43.71 -18.06 39.21
N TYR L 22 44.52 -17.17 39.79
CA TYR L 22 45.76 -16.71 39.17
C TYR L 22 46.87 -16.78 40.20
N GLY L 23 48.10 -16.98 39.72
CA GLY L 23 49.22 -17.12 40.63
C GLY L 23 50.54 -17.01 39.91
N PHE L 24 51.61 -17.16 40.69
CA PHE L 24 52.97 -17.06 40.20
C PHE L 24 53.71 -18.38 40.41
N ARG L 25 54.62 -18.69 39.48
CA ARG L 25 55.53 -19.81 39.61
C ARG L 25 56.93 -19.34 39.28
N HIS L 26 57.87 -19.59 40.18
CA HIS L 26 59.22 -19.06 40.08
C HIS L 26 60.25 -20.19 40.11
N GLN L 27 61.31 -20.02 39.33
CA GLN L 27 62.48 -20.91 39.37
C GLN L 27 63.63 -20.14 39.99
N ASN L 28 64.17 -20.68 41.08
CA ASN L 28 65.15 -19.97 41.89
C ASN L 28 66.33 -20.90 42.21
N SER L 29 67.42 -20.30 42.67
CA SER L 29 68.56 -21.08 43.14
C SER L 29 68.17 -21.94 44.34
N GLU L 30 67.34 -21.39 45.23
CA GLU L 30 66.86 -22.17 46.37
C GLU L 30 65.95 -23.30 45.91
N GLY L 31 65.11 -23.04 44.93
CA GLY L 31 64.20 -24.05 44.41
C GLY L 31 62.97 -23.41 43.80
N THR L 32 62.17 -24.25 43.16
CA THR L 32 60.93 -23.79 42.53
C THR L 32 59.82 -23.65 43.57
N GLY L 33 58.87 -22.76 43.28
CA GLY L 33 57.76 -22.53 44.18
C GLY L 33 56.53 -22.11 43.40
N GLN L 34 55.42 -21.99 44.14
CA GLN L 34 54.14 -21.62 43.55
C GLN L 34 53.33 -20.84 44.59
N ALA L 35 52.60 -19.84 44.12
CA ALA L 35 51.72 -19.05 44.97
C ALA L 35 50.48 -18.67 44.18
N ALA L 36 49.56 -17.97 44.83
CA ALA L 36 48.32 -17.53 44.20
C ALA L 36 48.08 -16.06 44.51
N ASP L 37 47.40 -15.38 43.59
CA ASP L 37 47.05 -13.98 43.75
C ASP L 37 45.60 -13.89 44.19
N LEU L 38 45.37 -13.32 45.38
CA LEU L 38 44.01 -13.18 45.89
C LEU L 38 43.29 -12.01 45.27
N LYS L 39 44.00 -10.92 44.92
CA LYS L 39 43.35 -9.73 44.39
C LYS L 39 42.67 -10.03 43.06
N SER L 40 43.40 -10.65 42.13
CA SER L 40 42.82 -10.94 40.82
C SER L 40 41.78 -12.05 40.91
N THR L 41 42.00 -13.04 41.79
CA THR L 41 41.02 -14.10 41.97
C THR L 41 39.72 -13.56 42.56
N GLN L 42 39.82 -12.70 43.57
CA GLN L 42 38.62 -12.12 44.16
C GLN L 42 37.95 -11.12 43.23
N ALA L 43 38.74 -10.39 42.44
CA ALA L 43 38.16 -9.43 41.51
C ALA L 43 37.33 -10.12 40.45
N ALA L 44 37.82 -11.25 39.92
CA ALA L 44 37.05 -12.00 38.94
C ALA L 44 35.81 -12.63 39.57
N ILE L 45 35.97 -13.25 40.74
CA ILE L 45 34.85 -13.91 41.40
C ILE L 45 33.74 -12.91 41.71
N ASP L 46 34.12 -11.70 42.14
CA ASP L 46 33.13 -10.65 42.37
C ASP L 46 32.43 -10.23 41.08
N GLN L 47 33.03 -10.49 39.92
CA GLN L 47 32.40 -10.14 38.65
C GLN L 47 31.53 -11.28 38.10
N ILE L 48 31.96 -12.54 38.24
CA ILE L 48 31.09 -13.65 37.89
C ILE L 48 29.86 -13.66 38.81
N ASN L 49 30.08 -13.48 40.11
CA ASN L 49 28.97 -13.21 41.01
C ASN L 49 28.45 -11.78 40.76
N GLY L 50 27.24 -11.53 41.23
CA GLY L 50 26.58 -10.27 40.85
C GLY L 50 26.07 -10.33 39.44
N LYS L 51 26.94 -10.69 38.48
CA LYS L 51 26.48 -11.15 37.19
C LYS L 51 25.49 -12.30 37.35
N LEU L 52 25.85 -13.30 38.16
CA LEU L 52 24.96 -14.42 38.41
C LEU L 52 23.72 -13.99 39.18
N ASN L 53 23.89 -13.14 40.20
CA ASN L 53 22.76 -12.69 40.99
C ASN L 53 21.77 -11.88 40.16
N ARG L 54 22.28 -11.05 39.25
CA ARG L 54 21.41 -10.29 38.37
C ARG L 54 20.58 -11.22 37.48
N VAL L 55 21.21 -12.28 36.97
CA VAL L 55 20.47 -13.26 36.18
C VAL L 55 19.54 -14.08 37.06
N ILE L 56 20.02 -14.51 38.23
CA ILE L 56 19.29 -15.48 39.05
C ILE L 56 18.20 -14.84 39.91
N GLU L 57 18.11 -13.51 39.94
CA GLU L 57 17.15 -12.85 40.81
C GLU L 57 15.73 -13.12 40.33
N LYS L 58 14.78 -13.01 41.26
CA LYS L 58 13.43 -13.54 41.08
C LYS L 58 12.46 -12.50 40.57
N THR L 59 11.74 -12.85 39.50
CA THR L 59 10.60 -12.11 38.98
C THR L 59 9.50 -13.13 38.69
N ASN L 60 8.47 -12.74 37.94
CA ASN L 60 7.46 -13.67 37.41
C ASN L 60 6.69 -14.36 38.54
N GLU L 61 5.91 -13.56 39.26
CA GLU L 61 4.90 -14.07 40.19
C GLU L 61 3.53 -13.89 39.53
N LYS L 62 3.06 -14.94 38.86
CA LYS L 62 1.79 -14.93 38.15
C LYS L 62 0.83 -15.94 38.77
N PHE L 63 -0.43 -15.54 38.93
CA PHE L 63 -1.41 -16.37 39.60
C PHE L 63 -2.53 -16.85 38.69
N HIS L 64 -3.29 -15.95 38.07
CA HIS L 64 -4.39 -16.33 37.20
C HIS L 64 -4.08 -15.86 35.79
N GLN L 65 -4.20 -16.77 34.83
CA GLN L 65 -3.84 -16.49 33.44
C GLN L 65 -4.88 -17.16 32.54
N ILE L 66 -4.58 -17.21 31.25
CA ILE L 66 -5.46 -17.83 30.27
C ILE L 66 -5.26 -19.35 30.30
N GLU L 67 -6.19 -20.08 29.69
CA GLU L 67 -6.00 -21.51 29.50
C GLU L 67 -5.03 -21.75 28.36
N LYS L 68 -4.23 -22.82 28.49
CA LYS L 68 -3.22 -23.15 27.50
C LYS L 68 -3.35 -24.56 26.94
N GLU L 69 -4.19 -25.42 27.53
CA GLU L 69 -4.49 -26.74 27.00
C GLU L 69 -5.99 -26.86 26.81
N PHE L 70 -6.40 -27.43 25.68
CA PHE L 70 -7.80 -27.48 25.30
C PHE L 70 -8.19 -28.89 24.88
N SER L 71 -9.45 -29.24 25.15
CA SER L 71 -9.96 -30.57 24.87
C SER L 71 -10.97 -30.61 23.74
N GLU L 72 -11.51 -29.47 23.33
CA GLU L 72 -12.47 -29.39 22.23
C GLU L 72 -12.09 -28.24 21.32
N VAL L 73 -12.28 -28.44 20.01
CA VAL L 73 -11.98 -27.39 19.04
C VAL L 73 -13.10 -26.36 19.03
N GLU L 74 -12.74 -25.09 18.98
CA GLU L 74 -13.73 -24.03 19.03
C GLU L 74 -13.61 -23.03 17.89
N GLY L 75 -12.38 -22.68 17.49
CA GLY L 75 -12.21 -21.76 16.39
C GLY L 75 -11.42 -20.51 16.74
N ARG L 76 -12.07 -19.35 16.63
CA ARG L 76 -11.35 -18.07 16.65
C ARG L 76 -10.62 -17.85 17.97
N ILE L 77 -11.34 -17.98 19.09
CA ILE L 77 -10.76 -17.62 20.38
C ILE L 77 -9.66 -18.60 20.78
N GLN L 78 -9.88 -19.89 20.53
CA GLN L 78 -8.84 -20.87 20.84
C GLN L 78 -7.60 -20.64 19.99
N ASP L 79 -7.78 -20.27 18.71
CA ASP L 79 -6.64 -19.91 17.88
C ASP L 79 -5.91 -18.70 18.44
N LEU L 80 -6.66 -17.70 18.90
CA LEU L 80 -6.04 -16.49 19.45
C LEU L 80 -5.24 -16.80 20.71
N GLU L 81 -5.80 -17.62 21.60
CA GLU L 81 -5.10 -17.94 22.85
C GLU L 81 -3.82 -18.72 22.58
N LYS L 82 -3.86 -19.66 21.63
CA LYS L 82 -2.65 -20.42 21.29
C LYS L 82 -1.58 -19.52 20.69
N TYR L 83 -1.97 -18.62 19.79
CA TYR L 83 -1.01 -17.73 19.16
C TYR L 83 -0.36 -16.79 20.17
N VAL L 84 -1.14 -16.31 21.14
CA VAL L 84 -0.59 -15.44 22.18
C VAL L 84 0.45 -16.19 23.01
N GLU L 85 0.15 -17.42 23.40
CA GLU L 85 1.10 -18.20 24.19
C GLU L 85 2.34 -18.56 23.40
N ASP L 86 2.17 -18.97 22.14
CA ASP L 86 3.32 -19.33 21.31
C ASP L 86 4.24 -18.13 21.09
N THR L 87 3.65 -16.95 20.87
CA THR L 87 4.45 -15.74 20.70
C THR L 87 5.26 -15.43 21.96
N LYS L 88 4.66 -15.63 23.13
CA LYS L 88 5.35 -15.38 24.39
C LYS L 88 6.53 -16.33 24.58
N VAL L 89 6.32 -17.63 24.32
CA VAL L 89 7.36 -18.62 24.56
C VAL L 89 8.56 -18.38 23.63
N ASP L 90 8.29 -18.11 22.35
CA ASP L 90 9.37 -17.90 21.39
C ASP L 90 10.21 -16.68 21.76
N LEU L 91 9.56 -15.59 22.17
CA LEU L 91 10.30 -14.39 22.53
C LEU L 91 11.17 -14.61 23.76
N TRP L 92 10.64 -15.31 24.77
CA TRP L 92 11.44 -15.60 25.96
C TRP L 92 12.54 -16.61 25.67
N SER L 93 12.30 -17.52 24.72
CA SER L 93 13.36 -18.44 24.31
C SER L 93 14.51 -17.69 23.65
N TYR L 94 14.20 -16.71 22.79
CA TYR L 94 15.24 -15.89 22.20
C TYR L 94 15.95 -15.06 23.25
N ASN L 95 15.21 -14.54 24.22
CA ASN L 95 15.80 -13.73 25.28
C ASN L 95 16.76 -14.56 26.13
N ALA L 96 16.40 -15.83 26.40
CA ALA L 96 17.26 -16.69 27.18
C ALA L 96 18.50 -17.11 26.40
N GLU L 97 18.32 -17.48 25.13
CA GLU L 97 19.47 -17.87 24.30
C GLU L 97 20.44 -16.72 24.11
N LEU L 98 19.91 -15.52 23.85
CA LEU L 98 20.78 -14.37 23.65
C LEU L 98 21.51 -13.99 24.93
N LEU L 99 20.82 -14.07 26.08
CA LEU L 99 21.44 -13.69 27.35
C LEU L 99 22.63 -14.59 27.67
N VAL L 100 22.45 -15.90 27.51
CA VAL L 100 23.52 -16.85 27.85
C VAL L 100 24.75 -16.59 26.99
N ALA L 101 24.55 -16.41 25.68
CA ALA L 101 25.68 -16.20 24.77
C ALA L 101 26.40 -14.89 25.07
N LEU L 102 25.66 -13.84 25.41
CA LEU L 102 26.28 -12.55 25.68
C LEU L 102 27.06 -12.58 26.99
N GLU L 103 26.51 -13.23 28.02
CA GLU L 103 27.20 -13.30 29.30
C GLU L 103 28.44 -14.17 29.22
N ASN L 104 28.36 -15.28 28.48
CA ASN L 104 29.49 -16.19 28.36
C ASN L 104 30.66 -15.53 27.65
N GLN L 105 30.40 -14.76 26.60
CA GLN L 105 31.47 -14.07 25.90
C GLN L 105 32.12 -13.02 26.79
N HIS L 106 31.32 -12.32 27.59
CA HIS L 106 31.88 -11.30 28.48
C HIS L 106 32.69 -11.93 29.60
N THR L 107 32.27 -13.11 30.10
CA THR L 107 33.03 -13.77 31.15
C THR L 107 34.41 -14.18 30.66
N ILE L 108 34.50 -14.68 29.43
CA ILE L 108 35.81 -15.02 28.85
C ILE L 108 36.70 -13.80 28.76
N ASP L 109 36.14 -12.68 28.30
CA ASP L 109 36.94 -11.47 28.12
C ASP L 109 37.35 -10.86 29.46
N LEU L 110 36.49 -10.94 30.47
CA LEU L 110 36.85 -10.36 31.77
C LEU L 110 37.92 -11.19 32.46
N THR L 111 37.86 -12.52 32.34
CA THR L 111 38.94 -13.35 32.86
C THR L 111 40.23 -13.13 32.06
N ASP L 112 40.11 -12.88 30.75
CA ASP L 112 41.27 -12.54 29.95
C ASP L 112 41.90 -11.24 30.41
N SER L 113 41.06 -10.24 30.74
CA SER L 113 41.58 -8.95 31.18
C SER L 113 42.29 -9.08 32.52
N GLU L 114 41.66 -9.72 33.51
CA GLU L 114 42.24 -9.85 34.84
C GLU L 114 43.64 -10.47 34.77
N MET L 115 43.83 -11.43 33.87
CA MET L 115 45.15 -12.02 33.68
C MET L 115 46.12 -11.02 33.07
N ASN L 116 45.70 -10.33 32.00
CA ASN L 116 46.56 -9.34 31.37
C ASN L 116 46.83 -8.17 32.31
N LYS L 117 45.89 -7.87 33.21
CA LYS L 117 46.12 -6.85 34.22
C LYS L 117 47.25 -7.26 35.14
N LEU L 118 47.31 -8.54 35.52
CA LEU L 118 48.38 -9.02 36.38
C LEU L 118 49.72 -9.05 35.64
N PHE L 119 49.71 -9.47 34.38
CA PHE L 119 50.95 -9.47 33.59
C PHE L 119 51.50 -8.06 33.45
N GLU L 120 50.64 -7.08 33.15
CA GLU L 120 51.13 -5.72 32.99
C GLU L 120 51.50 -5.09 34.32
N LYS L 121 50.84 -5.48 35.41
CA LYS L 121 51.23 -4.98 36.73
C LYS L 121 52.63 -5.43 37.08
N THR L 122 52.96 -6.71 36.81
CA THR L 122 54.30 -7.20 37.09
C THR L 122 55.33 -6.56 36.18
N ARG L 123 55.00 -6.37 34.90
CA ARG L 123 55.93 -5.76 33.96
C ARG L 123 56.15 -4.28 34.26
N ARG L 124 55.20 -3.62 34.92
CA ARG L 124 55.42 -2.26 35.39
C ARG L 124 56.29 -2.23 36.64
N GLN L 125 56.20 -3.27 37.48
CA GLN L 125 57.03 -3.34 38.68
C GLN L 125 58.50 -3.51 38.31
N LEU L 126 58.82 -4.61 37.62
CA LEU L 126 60.17 -4.87 37.15
C LEU L 126 60.40 -4.00 35.92
N ARG L 127 61.05 -2.85 36.10
CA ARG L 127 61.13 -1.85 35.04
C ARG L 127 62.16 -2.25 33.98
N GLU L 128 63.44 -2.26 34.37
CA GLU L 128 64.53 -2.66 33.50
C GLU L 128 65.32 -3.80 34.10
N ASN L 129 64.93 -4.27 35.27
CA ASN L 129 65.60 -5.35 35.98
C ASN L 129 65.24 -6.72 35.43
N ALA L 130 64.25 -6.79 34.54
CA ALA L 130 63.80 -8.06 33.96
C ALA L 130 62.99 -7.74 32.71
N GLU L 131 63.33 -8.41 31.61
CA GLU L 131 62.62 -8.22 30.35
C GLU L 131 61.74 -9.44 30.05
N ASP L 132 60.81 -9.24 29.12
CA ASP L 132 59.75 -10.21 28.85
C ASP L 132 60.14 -11.12 27.70
N MET L 133 59.81 -12.41 27.84
CA MET L 133 60.15 -13.41 26.84
C MET L 133 59.05 -13.63 25.81
N GLY L 134 57.79 -13.63 26.24
CA GLY L 134 56.66 -13.83 25.35
C GLY L 134 55.83 -15.07 25.61
N ASN L 135 56.20 -15.92 26.57
CA ASN L 135 55.41 -17.10 26.92
C ASN L 135 54.63 -16.90 28.22
N GLY L 136 54.49 -15.66 28.66
CA GLY L 136 53.87 -15.36 29.94
C GLY L 136 54.82 -15.38 31.11
N CYS L 137 56.10 -15.65 30.88
CA CYS L 137 57.10 -15.71 31.93
C CYS L 137 58.08 -14.55 31.80
N PHE L 138 58.68 -14.17 32.92
CA PHE L 138 59.67 -13.11 32.97
C PHE L 138 61.03 -13.72 33.28
N LYS L 139 62.09 -13.05 32.83
CA LYS L 139 63.46 -13.47 33.12
C LYS L 139 64.13 -12.37 33.94
N ILE L 140 64.17 -12.57 35.25
CA ILE L 140 64.84 -11.63 36.14
C ILE L 140 66.35 -11.87 36.07
N TYR L 141 67.11 -10.79 35.88
CA TYR L 141 68.53 -10.90 35.59
C TYR L 141 69.41 -10.81 36.82
N HIS L 142 68.85 -10.72 38.01
CA HIS L 142 69.63 -10.64 39.24
C HIS L 142 69.26 -11.79 40.18
N LYS L 143 70.02 -11.90 41.26
CA LYS L 143 69.79 -12.93 42.27
C LYS L 143 68.56 -12.56 43.09
N CYS L 144 67.47 -13.30 42.88
CA CYS L 144 66.18 -13.02 43.52
C CYS L 144 65.80 -14.22 44.38
N ASP L 145 66.01 -14.11 45.69
CA ASP L 145 65.76 -15.22 46.61
C ASP L 145 64.26 -15.31 46.89
N ASN L 146 63.88 -16.18 47.83
CA ASN L 146 62.47 -16.39 48.12
C ASN L 146 61.82 -15.13 48.68
N ALA L 147 62.50 -14.43 49.59
CA ALA L 147 61.98 -13.17 50.08
C ALA L 147 61.88 -12.14 48.97
N CYS L 148 62.78 -12.22 47.99
CA CYS L 148 62.71 -11.34 46.83
C CYS L 148 61.46 -11.61 46.00
N ILE L 149 61.11 -12.88 45.80
CA ILE L 149 59.91 -13.22 45.05
C ILE L 149 58.65 -12.79 45.82
N GLU L 150 58.65 -13.01 47.13
CA GLU L 150 57.50 -12.61 47.94
C GLU L 150 57.27 -11.11 47.88
N SER L 151 58.35 -10.33 47.84
CA SER L 151 58.22 -8.88 47.69
C SER L 151 57.57 -8.52 46.36
N ILE L 152 57.94 -9.22 45.29
CA ILE L 152 57.32 -8.99 43.99
C ILE L 152 55.83 -9.31 44.04
N ARG L 153 55.49 -10.46 44.63
CA ARG L 153 54.10 -10.87 44.72
C ARG L 153 53.29 -9.93 45.60
N ASN L 154 53.86 -9.48 46.71
CA ASN L 154 53.18 -8.52 47.56
C ASN L 154 52.96 -7.20 46.84
N GLY L 155 53.96 -6.73 46.09
CA GLY L 155 53.94 -5.41 45.50
C GLY L 155 54.90 -4.42 46.12
N THR L 156 55.78 -4.87 47.02
CA THR L 156 56.75 -4.01 47.67
C THR L 156 58.15 -4.14 47.07
N TYR L 157 58.24 -4.61 45.83
CA TYR L 157 59.53 -4.78 45.18
C TYR L 157 60.16 -3.43 44.84
N ASP L 158 61.46 -3.31 45.11
CA ASP L 158 62.22 -2.10 44.84
C ASP L 158 63.23 -2.41 43.74
N HIS L 159 63.17 -1.65 42.65
CA HIS L 159 64.05 -1.90 41.52
C HIS L 159 65.42 -1.23 41.65
N ASP L 160 65.52 -0.17 42.46
CA ASP L 160 66.80 0.51 42.63
C ASP L 160 67.83 -0.40 43.29
N ILE L 161 67.37 -1.38 44.07
CA ILE L 161 68.29 -2.29 44.75
C ILE L 161 69.06 -3.13 43.74
N TYR L 162 68.48 -3.40 42.57
CA TYR L 162 69.09 -4.28 41.59
C TYR L 162 69.26 -3.66 40.21
N ARG L 163 69.09 -2.35 40.07
CA ARG L 163 69.10 -1.74 38.74
C ARG L 163 70.43 -1.96 38.05
N ASP L 164 71.53 -1.59 38.71
CA ASP L 164 72.85 -1.74 38.10
C ASP L 164 73.22 -3.20 37.90
N GLU L 165 72.72 -4.09 38.77
CA GLU L 165 73.02 -5.51 38.64
C GLU L 165 72.47 -6.08 37.34
N ALA L 166 71.18 -5.85 37.08
CA ALA L 166 70.56 -6.43 35.90
C ALA L 166 71.00 -5.72 34.62
N LEU L 167 71.35 -4.43 34.71
CA LEU L 167 71.77 -3.70 33.52
C LEU L 167 73.04 -4.30 32.93
N ASN L 168 73.99 -4.69 33.78
CA ASN L 168 75.22 -5.30 33.27
C ASN L 168 74.94 -6.62 32.59
N ASN L 169 74.10 -7.47 33.20
CA ASN L 169 73.78 -8.75 32.58
C ASN L 169 72.86 -8.61 31.38
N ARG L 170 72.23 -7.45 31.19
CA ARG L 170 71.29 -7.28 30.08
C ARG L 170 71.96 -6.66 28.85
N PHE L 171 72.45 -5.43 28.98
CA PHE L 171 72.98 -4.70 27.83
C PHE L 171 74.50 -4.82 27.72
N GLN L 172 75.02 -6.04 27.82
CA GLN L 172 76.45 -6.29 27.57
C GLN L 172 76.63 -7.70 27.03
C1 NAG M . 37.44 38.50 -21.03
C2 NAG M . 37.93 39.79 -21.68
C3 NAG M . 37.29 39.96 -23.05
C4 NAG M . 37.50 38.72 -23.92
C5 NAG M . 37.07 37.46 -23.16
C6 NAG M . 37.45 36.18 -23.87
C7 NAG M . 38.59 41.56 -20.11
C8 NAG M . 38.12 42.73 -19.30
N2 NAG M . 37.66 40.94 -20.84
O3 NAG M . 37.86 41.10 -23.70
O4 NAG M . 36.69 38.82 -25.09
O5 NAG M . 37.73 37.40 -21.88
O6 NAG M . 38.08 35.26 -22.98
O7 NAG M . 39.76 41.19 -20.11
C1 NAG M . 37.45 38.84 -26.33
C2 NAG M . 36.63 38.11 -27.40
C3 NAG M . 37.35 38.16 -28.74
C4 NAG M . 37.70 39.59 -29.13
C5 NAG M . 38.47 40.26 -27.99
C6 NAG M . 38.74 41.72 -28.24
C7 NAG M . 35.22 36.32 -26.48
C8 NAG M . 35.12 34.85 -26.17
N2 NAG M . 36.38 36.72 -27.02
O3 NAG M . 36.52 37.57 -29.75
O4 NAG M . 38.50 39.59 -30.30
O5 NAG M . 37.72 40.18 -26.76
O6 NAG M . 39.37 42.34 -27.13
O7 NAG M . 34.30 37.09 -26.25
C1 BMA M . 37.80 40.10 -31.46
C2 BMA M . 38.55 41.38 -31.95
C3 BMA M . 38.06 41.82 -33.32
C4 BMA M . 38.03 40.65 -34.31
C5 BMA M . 37.14 39.54 -33.74
C6 BMA M . 37.06 38.33 -34.68
O2 BMA M . 39.94 41.13 -32.07
O3 BMA M . 38.86 42.87 -33.85
O4 BMA M . 37.52 41.07 -35.56
O5 BMA M . 37.71 39.10 -32.48
O6 BMA M . 36.23 37.36 -34.08
C1 NAG N . -6.57 -23.53 -23.90
C2 NAG N . -6.02 -24.84 -24.47
C3 NAG N . -4.50 -24.77 -24.59
C4 NAG N . -4.08 -23.57 -25.42
C5 NAG N . -4.73 -22.28 -24.88
C6 NAG N . -4.56 -21.10 -25.79
C7 NAG N . -7.59 -26.60 -23.80
C8 NAG N . -7.85 -27.75 -22.87
N2 NAG N . -6.43 -25.97 -23.65
O3 NAG N . -4.01 -25.97 -25.18
O4 NAG N . -2.65 -23.49 -25.37
O5 NAG N . -6.14 -22.45 -24.73
O6 NAG N . -4.94 -19.88 -25.17
O7 NAG N . -8.42 -26.25 -24.64
C1 NAG N . -1.99 -22.92 -26.54
C2 NAG N . -0.87 -22.02 -26.03
C3 NAG N . -0.16 -21.35 -27.20
C4 NAG N . 0.34 -22.41 -28.17
C5 NAG N . -0.81 -23.33 -28.60
C6 NAG N . -0.35 -24.48 -29.48
C7 NAG N . -1.54 -21.25 -23.79
C8 NAG N . -2.08 -20.10 -22.98
N2 NAG N . -1.37 -21.02 -25.10
O3 NAG N . 0.94 -20.58 -26.72
O4 NAG N . 0.88 -21.79 -29.33
O5 NAG N . -1.44 -23.91 -27.44
O6 NAG N . -1.45 -25.15 -30.06
O7 NAG N . -1.27 -22.33 -23.29
C1 NAG O . -10.41 -28.26 -16.05
C2 NAG O . -9.39 -27.14 -16.28
C3 NAG O . -8.31 -27.61 -17.25
C4 NAG O . -7.73 -28.97 -16.85
C5 NAG O . -8.88 -29.95 -16.58
C6 NAG O . -8.44 -31.30 -16.05
C7 NAG O . -10.71 -25.09 -16.01
C8 NAG O . -11.36 -23.95 -16.70
N2 NAG O . -10.07 -25.97 -16.79
O3 NAG O . -7.27 -26.63 -17.30
O4 NAG O . -6.94 -29.40 -17.96
O5 NAG O . -9.75 -29.40 -15.58
O6 NAG O . -9.51 -32.24 -16.08
O7 NAG O . -10.75 -25.22 -14.78
C1 NAG O . -5.71 -30.17 -17.71
C2 NAG O . -4.46 -29.34 -18.02
C3 NAG O . -3.23 -30.20 -17.82
C4 NAG O . -3.21 -30.82 -16.43
C5 NAG O . -4.54 -31.52 -16.13
C6 NAG O . -4.64 -32.00 -14.70
C7 NAG O . -4.93 -27.54 -19.61
C8 NAG O . -4.89 -27.12 -21.05
N2 NAG O . -4.50 -28.77 -19.35
O3 NAG O . -2.05 -29.41 -18.02
O4 NAG O . -2.16 -31.76 -16.33
O5 NAG O . -5.65 -30.64 -16.34
O6 NAG O . -5.86 -32.70 -14.47
O7 NAG O . -5.36 -26.80 -18.73
C1 NAG P . 5.83 58.09 -8.52
C2 NAG P . 5.55 59.06 -7.37
C3 NAG P . 4.32 58.59 -6.58
C4 NAG P . 3.14 58.36 -7.51
C5 NAG P . 3.53 57.44 -8.66
C6 NAG P . 2.45 57.31 -9.70
C7 NAG P . 7.64 60.13 -6.66
C8 NAG P . 8.77 60.12 -5.67
N2 NAG P . 6.71 59.19 -6.49
O3 NAG P . 4.00 59.59 -5.61
O4 NAG P . 2.07 57.74 -6.78
O5 NAG P . 4.68 57.97 -9.34
O6 NAG P . 2.77 58.04 -10.87
O7 NAG P . 7.60 60.93 -7.59
C1 NAG P . 1.02 58.69 -6.46
C2 NAG P . -0.30 57.94 -6.34
C3 NAG P . -1.43 58.91 -5.97
C4 NAG P . -1.07 59.76 -4.76
C5 NAG P . 0.34 60.36 -4.89
C6 NAG P . 0.85 61.00 -3.63
C7 NAG P . -0.20 55.99 -7.82
C8 NAG P . -0.62 55.40 -9.13
N2 NAG P . -0.62 57.23 -7.56
O3 NAG P . -2.62 58.17 -5.71
O4 NAG P . -2.00 60.84 -4.68
O5 NAG P . 1.30 59.35 -5.25
O6 NAG P . 1.77 62.05 -3.89
O7 NAG P . 0.50 55.36 -7.02
C1 BMA P . -2.76 60.96 -3.45
C2 BMA P . -2.19 62.17 -2.67
C3 BMA P . -3.08 62.56 -1.52
C4 BMA P . -4.49 62.80 -2.02
C5 BMA P . -5.03 61.50 -2.61
C6 BMA P . -6.45 61.67 -3.13
O2 BMA P . -2.11 63.30 -3.52
O3 BMA P . -2.59 63.71 -0.86
O4 BMA P . -5.32 63.23 -0.93
O5 BMA P . -4.17 61.10 -3.73
O6 BMA P . -6.96 60.38 -3.48
C1 NAG Q . 7.76 14.84 -42.37
C2 NAG Q . 8.25 13.46 -42.80
C3 NAG Q . 8.85 12.72 -41.61
C4 NAG Q . 9.91 13.58 -40.93
C5 NAG Q . 9.37 14.96 -40.61
C6 NAG Q . 10.40 15.91 -40.07
C7 NAG Q . 6.83 12.75 -44.68
C8 NAG Q . 5.69 11.87 -45.10
N2 NAG Q . 7.16 12.69 -43.38
O3 NAG Q . 9.42 11.50 -42.05
O4 NAG Q . 10.31 12.95 -39.71
O5 NAG Q . 8.84 15.57 -41.80
O6 NAG Q . 9.98 16.49 -38.84
O7 NAG Q . 7.42 13.47 -45.47
C1 NAG Q . 11.73 12.69 -39.69
C2 NAG Q . 12.07 12.07 -38.34
C3 NAG Q . 13.55 11.74 -38.27
C4 NAG Q . 13.96 10.87 -39.45
C5 NAG Q . 13.55 11.53 -40.76
C6 NAG Q . 13.82 10.67 -41.98
C7 NAG Q . 10.59 12.80 -36.52
C8 NAG Q . 10.35 13.81 -35.44
N2 NAG Q . 11.69 12.97 -37.26
O3 NAG Q . 13.83 11.05 -37.05
O4 NAG Q . 15.37 10.68 -39.45
O5 NAG Q . 12.14 11.80 -40.74
O6 NAG Q . 13.19 9.41 -41.86
O7 NAG Q . 9.81 11.86 -36.71
C1 NAG R . 22.85 30.43 14.30
C2 NAG R . 24.28 30.28 14.78
C3 NAG R . 24.77 28.86 14.49
C4 NAG R . 23.81 27.81 15.07
C5 NAG R . 22.37 28.12 14.67
C6 NAG R . 21.36 27.29 15.43
C7 NAG R . 25.62 32.32 14.81
C8 NAG R . 26.52 33.23 14.02
N2 NAG R . 25.16 31.24 14.15
O3 NAG R . 26.07 28.67 15.05
O4 NAG R . 24.16 26.53 14.57
O5 NAG R . 22.02 29.49 14.95
O6 NAG R . 20.42 28.12 16.11
O7 NAG R . 25.34 32.55 15.98
C1 NAG R . 24.52 25.60 15.61
C2 NAG R . 23.95 24.23 15.25
C3 NAG R . 24.32 23.21 16.31
C4 NAG R . 25.83 23.18 16.51
C5 NAG R . 26.37 24.58 16.80
C6 NAG R . 27.87 24.64 16.83
C7 NAG R . 21.92 24.27 13.86
C8 NAG R . 20.43 24.31 13.86
N2 NAG R . 22.50 24.28 15.06
O3 NAG R . 23.85 21.92 15.90
O4 NAG R . 26.11 22.34 17.63
O5 NAG R . 25.94 25.50 15.78
O6 NAG R . 28.34 25.92 17.21
O7 NAG R . 22.58 24.23 12.83
C1 BMA R . 26.93 21.21 17.25
C2 BMA R . 27.94 21.11 18.35
C3 BMA R . 28.88 19.94 18.01
C4 BMA R . 28.07 18.65 17.96
C5 BMA R . 26.95 18.80 16.90
C6 BMA R . 25.98 17.62 16.89
O2 BMA R . 27.25 20.76 19.55
O3 BMA R . 30.07 19.81 18.86
O4 BMA R . 28.90 17.55 17.63
O5 BMA R . 26.17 20.01 17.15
O6 BMA R . 24.74 18.02 16.27
C1 MAN R . 30.16 20.79 19.92
C2 MAN R . 31.10 21.96 19.49
C3 MAN R . 32.50 21.45 19.33
C4 MAN R . 32.99 20.82 20.64
C5 MAN R . 32.02 19.71 21.11
C6 MAN R . 32.30 19.26 22.52
O2 MAN R . 31.16 22.94 20.52
O3 MAN R . 33.39 22.50 18.94
O4 MAN R . 34.29 20.27 20.44
O5 MAN R . 30.65 20.19 21.12
O6 MAN R . 31.64 18.01 22.73
C1 MAN R . 23.52 17.32 16.69
C2 MAN R . 23.38 17.29 18.29
C3 MAN R . 23.93 16.03 18.98
C4 MAN R . 23.63 14.74 18.20
C5 MAN R . 24.07 14.86 16.74
C6 MAN R . 23.74 13.63 15.92
O2 MAN R . 22.00 17.36 18.69
O3 MAN R . 23.47 15.91 20.32
O4 MAN R . 24.34 13.67 18.79
O5 MAN R . 23.40 15.98 16.10
O6 MAN R . 24.17 13.84 14.58
C1 NAG S . -40.58 -6.13 0.15
C2 NAG S . -41.37 -6.90 -0.90
C3 NAG S . -40.40 -7.62 -1.85
C4 NAG S . -39.39 -6.65 -2.43
C5 NAG S . -38.72 -5.82 -1.34
C6 NAG S . -37.89 -4.68 -1.89
C7 NAG S . -43.55 -7.53 0.01
C8 NAG S . -44.37 -8.62 0.64
N2 NAG S . -42.28 -7.84 -0.29
O3 NAG S . -41.15 -8.24 -2.89
O4 NAG S . -38.38 -7.39 -3.13
O5 NAG S . -39.71 -5.21 -0.49
O6 NAG S . -38.12 -3.48 -1.16
O7 NAG S . -44.02 -6.42 -0.23
C1 NAG S . -38.24 -7.07 -4.54
C2 NAG S . -36.75 -7.16 -4.90
C3 NAG S . -36.55 -6.80 -6.37
C4 NAG S . -37.45 -7.64 -7.29
C5 NAG S . -38.90 -7.63 -6.78
C6 NAG S . -39.78 -8.62 -7.51
C7 NAG S . -35.38 -6.74 -2.91
C8 NAG S . -34.55 -5.74 -2.17
N2 NAG S . -35.94 -6.32 -4.05
O3 NAG S . -35.19 -7.01 -6.71
O4 NAG S . -37.46 -7.04 -8.57
O5 NAG S . -38.99 -7.95 -5.39
O6 NAG S . -41.14 -8.21 -7.52
O7 NAG S . -35.53 -7.89 -2.50
C1 BMA S . -36.88 -7.65 -9.79
C2 BMA S . -35.33 -7.93 -9.63
C3 BMA S . -34.80 -8.28 -11.02
C4 BMA S . -35.57 -9.47 -11.64
C5 BMA S . -37.11 -9.23 -11.59
C6 BMA S . -37.91 -10.42 -12.10
O2 BMA S . -35.09 -9.06 -8.82
O3 BMA S . -33.40 -8.56 -11.01
O4 BMA S . -35.16 -9.67 -12.99
O5 BMA S . -37.51 -8.90 -10.22
O6 BMA S . -39.28 -10.05 -12.18
C1 MAN S . -39.69 -9.90 -13.56
C2 MAN S . -40.97 -9.07 -13.53
C3 MAN S . -42.06 -9.86 -12.80
C4 MAN S . -42.25 -11.25 -13.44
C5 MAN S . -40.90 -12.00 -13.54
C6 MAN S . -41.01 -13.28 -14.36
O2 MAN S . -41.48 -8.85 -14.85
O3 MAN S . -43.29 -9.16 -12.76
O4 MAN S . -43.14 -12.02 -12.66
O5 MAN S . -39.91 -11.16 -14.17
O6 MAN S . -39.73 -13.92 -14.38
C1 NAG T . -1.75 7.32 37.01
C2 NAG T . -1.00 7.15 38.33
C3 NAG T . -1.13 5.71 38.82
C4 NAG T . -2.58 5.26 38.84
C5 NAG T . -3.26 5.54 37.50
C6 NAG T . -4.74 5.26 37.51
C7 NAG T . 0.84 8.77 38.40
C8 NAG T . 2.31 8.97 38.21
N2 NAG T . 0.39 7.53 38.20
O3 NAG T . -0.55 5.59 40.12
O4 NAG T . -2.64 3.86 39.09
O5 NAG T . -3.10 6.93 37.17
O6 NAG T . -5.12 4.47 36.39
O7 NAG T . 0.09 9.69 38.70
C1 NAG T . -3.40 3.57 40.29
C2 NAG T . -3.55 2.05 40.39
C3 NAG T . -4.29 1.67 41.68
C4 NAG T . -3.63 2.32 42.88
C5 NAG T . -3.50 3.82 42.68
C6 NAG T . -2.78 4.52 43.79
C7 NAG T . -3.66 0.73 38.32
C8 NAG T . -4.54 0.28 37.19
N2 NAG T . -4.24 1.53 39.22
O3 NAG T . -4.29 0.26 41.82
O4 NAG T . -4.40 2.07 44.06
O5 NAG T . -2.76 4.08 41.47
O6 NAG T . -1.40 4.17 43.82
O7 NAG T . -2.49 0.39 38.43
C1 NAG U . -36.30 -39.89 20.33
C2 NAG U . -37.23 -40.67 21.26
C3 NAG U . -36.50 -41.07 22.54
C4 NAG U . -35.21 -41.80 22.21
C5 NAG U . -34.36 -40.99 21.23
C6 NAG U . -33.14 -41.74 20.75
C7 NAG U . -39.63 -40.19 21.05
C8 NAG U . -40.75 -39.31 21.47
N2 NAG U . -38.43 -39.91 21.56
O3 NAG U . -37.34 -41.88 23.34
O4 NAG U . -34.45 -42.00 23.41
O5 NAG U . -35.13 -40.67 20.06
O6 NAG U . -33.44 -42.57 19.63
O7 NAG U . -39.79 -41.14 20.28
C1 NAG U . -34.49 -43.37 23.86
C2 NAG U . -33.17 -43.70 24.54
C3 NAG U . -33.19 -45.12 25.11
C4 NAG U . -34.40 -45.31 26.01
C5 NAG U . -35.68 -44.93 25.28
C6 NAG U . -36.90 -44.98 26.16
C7 NAG U . -31.28 -42.45 23.59
C8 NAG U . -30.17 -42.46 22.59
N2 NAG U . -32.05 -43.53 23.62
O3 NAG U . -32.00 -45.35 25.84
O4 NAG U . -34.48 -46.68 26.41
O5 NAG U . -35.58 -43.58 24.79
O6 NAG U . -38.09 -44.98 25.38
O7 NAG U . -31.45 -41.50 24.35
C1 BMA U . -34.09 -46.85 27.79
C2 BMA U . -34.95 -48.01 28.37
C3 BMA U . -34.42 -48.46 29.75
C4 BMA U . -32.90 -48.64 29.74
C5 BMA U . -32.25 -47.35 29.26
C6 BMA U . -30.72 -47.40 29.26
O2 BMA U . -34.90 -49.15 27.52
O3 BMA U . -35.05 -49.66 30.19
O4 BMA U . -32.44 -48.96 31.03
O5 BMA U . -32.69 -47.09 27.90
O6 BMA U . -30.29 -48.28 28.23
C1 MAN U . -36.42 -49.37 30.55
C2 MAN U . -36.64 -49.88 31.99
C3 MAN U . -36.60 -51.41 32.02
C4 MAN U . -37.54 -52.01 30.95
C5 MAN U . -37.21 -51.43 29.58
C6 MAN U . -38.17 -51.89 28.49
O2 MAN U . -37.94 -49.51 32.49
O3 MAN U . -36.94 -51.92 33.31
O4 MAN U . -37.39 -53.42 30.92
O5 MAN U . -37.31 -49.99 29.64
O6 MAN U . -37.82 -51.23 27.28
C1 NAG V . -42.82 -6.23 39.23
C2 NAG V . -43.93 -5.19 39.15
C3 NAG V . -43.32 -3.79 39.05
C4 NAG V . -42.35 -3.54 40.20
C5 NAG V . -41.32 -4.68 40.28
C6 NAG V . -40.46 -4.60 41.52
C7 NAG V . -46.06 -5.86 38.16
C8 NAG V . -46.83 -6.07 36.88
N2 NAG V . -44.80 -5.44 38.02
O3 NAG V . -44.36 -2.82 39.09
O4 NAG V . -41.64 -2.32 39.97
O5 NAG V . -41.99 -5.95 40.33
O6 NAG V . -40.98 -5.42 42.57
O7 NAG V . -46.56 -6.07 39.26
C1 NAG V . -41.94 -1.31 40.95
C2 NAG V . -40.66 -0.53 41.23
C3 NAG V . -40.93 0.60 42.22
C4 NAG V . -42.07 1.49 41.71
C5 NAG V . -43.30 0.64 41.42
C6 NAG V . -44.42 1.43 40.79
C7 NAG V . -38.56 -1.77 40.99
C8 NAG V . -37.56 -2.65 41.67
N2 NAG V . -39.60 -1.39 41.74
O3 NAG V . -39.75 1.38 42.39
O4 NAG V . -42.38 2.48 42.67
O5 NAG V . -42.96 -0.41 40.50
O6 NAG V . -45.62 0.67 40.72
O7 NAG V . -38.43 -1.42 39.82
C1 BMA V . -41.91 3.78 42.25
C2 BMA V . -42.93 4.84 42.73
C3 BMA V . -42.39 6.26 42.53
C4 BMA V . -40.95 6.40 43.07
C5 BMA V . -40.07 5.34 42.40
C6 BMA V . -38.62 5.41 42.83
O2 BMA V . -43.20 4.70 44.12
O3 BMA V . -43.23 7.24 43.14
O4 BMA V . -40.44 7.69 42.80
O5 BMA V . -40.59 4.04 42.75
O6 BMA V . -38.49 4.80 44.11
C1 NAG W . 4.92 -32.18 32.01
C2 NAG W . 5.94 -32.97 31.18
C3 NAG W . 5.70 -32.74 29.69
C4 NAG W . 4.26 -33.04 29.33
C5 NAG W . 3.30 -32.27 30.24
C6 NAG W . 1.85 -32.62 30.03
C7 NAG W . 7.95 -33.10 32.59
C8 NAG W . 9.34 -32.59 32.81
N2 NAG W . 7.30 -32.59 31.55
O3 NAG W . 6.58 -33.58 28.95
O4 NAG W . 4.01 -32.64 27.98
O5 NAG W . 3.60 -32.56 31.61
O6 NAG W . 1.05 -31.45 29.87
O7 NAG W . 7.45 -33.95 33.32
C1 NAG W . 3.55 -33.75 27.18
C2 NAG W . 3.21 -33.21 25.79
C3 NAG W . 2.73 -34.35 24.89
C4 NAG W . 3.76 -35.48 24.87
C5 NAG W . 4.07 -35.92 26.30
C6 NAG W . 5.15 -36.97 26.37
C7 NAG W . 2.40 -30.93 25.40
C8 NAG W . 1.25 -29.98 25.57
N2 NAG W . 2.20 -32.16 25.88
O3 NAG W . 2.54 -33.85 23.57
O4 NAG W . 3.24 -36.58 24.14
O5 NAG W . 4.53 -34.80 27.07
O6 NAG W . 6.38 -36.48 25.87
O7 NAG W . 3.45 -30.59 24.87
C1 NAG X . 4.68 -3.14 -6.15
C2 NAG X . 3.53 -3.82 -5.40
C3 NAG X . 2.54 -2.77 -4.91
C4 NAG X . 3.26 -1.70 -4.09
C5 NAG X . 4.41 -1.11 -4.89
C6 NAG X . 5.24 -0.12 -4.11
C7 NAG X . 3.22 -6.07 -6.34
C8 NAG X . 2.43 -6.92 -7.27
N2 NAG X . 2.87 -4.78 -6.26
O3 NAG X . 1.55 -3.40 -4.11
O4 NAG X . 2.35 -0.65 -3.74
O5 NAG X . 5.30 -2.17 -5.29
O6 NAG X . 5.83 0.84 -4.97
O7 NAG X . 4.17 -6.52 -5.69
C1 NAG Y . -14.36 1.05 -54.19
C2 NAG Y . -14.56 1.33 -55.68
C3 NAG Y . -14.38 2.81 -55.96
C4 NAG Y . -15.30 3.65 -55.07
C5 NAG Y . -15.07 3.28 -53.61
C6 NAG Y . -16.03 3.98 -52.66
C7 NAG Y . -13.97 -0.63 -57.02
C8 NAG Y . -12.90 -1.31 -57.82
N2 NAG Y . -13.64 0.54 -56.48
O3 NAG Y . -14.67 3.07 -57.33
O4 NAG Y . -15.05 5.03 -55.26
O5 NAG Y . -15.26 1.88 -53.41
O6 NAG Y . -15.84 3.56 -51.33
O7 NAG Y . -15.07 -1.14 -56.87
C1 NAG Z . -21.84 25.46 -17.11
C2 NAG Z . -22.62 25.64 -18.41
C3 NAG Z . -21.66 25.98 -19.56
C4 NAG Z . -20.79 27.17 -19.19
C5 NAG Z . -20.10 26.94 -17.85
C6 NAG Z . -19.32 28.14 -17.37
C7 NAG Z . -24.59 24.19 -18.21
C8 NAG Z . -25.24 22.92 -18.64
N2 NAG Z . -23.39 24.45 -18.73
O3 NAG Z . -22.41 26.25 -20.73
O4 NAG Z . -19.80 27.38 -20.19
O5 NAG Z . -21.08 26.65 -16.84
O6 NAG Z . -18.11 27.76 -16.74
O7 NAG Z . -25.13 24.96 -17.43
C1 NAG AA . -38.91 2.18 -21.76
C2 NAG AA . -39.72 1.29 -20.82
C3 NAG AA . -40.37 2.16 -19.75
C4 NAG AA . -39.31 2.99 -19.04
C5 NAG AA . -38.44 3.76 -20.04
C6 NAG AA . -37.27 4.45 -19.40
C7 NAG AA . -40.48 -0.69 -22.05
C8 NAG AA . -41.63 -1.34 -22.77
N2 NAG AA . -40.72 0.53 -21.55
O3 NAG AA . -41.05 1.32 -18.81
O4 NAG AA . -39.94 3.93 -18.18
O5 NAG AA . -37.90 2.86 -21.03
O6 NAG AA . -36.71 5.44 -20.26
O7 NAG AA . -39.39 -1.24 -21.93
C1 NAG BA . 25.93 15.94 32.04
C2 NAG BA . 24.47 15.73 31.59
C3 NAG BA . 23.75 17.07 31.36
C4 NAG BA . 23.99 18.05 32.50
C5 NAG BA . 25.48 18.16 32.78
C6 NAG BA . 25.81 19.09 33.92
C7 NAG BA . 24.46 13.60 30.34
C8 NAG BA . 24.42 12.99 28.98
N2 NAG BA . 24.44 14.94 30.37
O3 NAG BA . 22.36 16.83 31.20
O4 NAG BA . 23.48 19.32 32.14
O5 NAG BA . 25.97 16.87 33.13
O6 NAG BA . 27.20 19.38 33.95
O7 NAG BA . 24.53 12.92 31.36
C1 NAG CA . 2.83 -7.76 -0.48
C2 NAG CA . 3.46 -6.40 -0.81
C3 NAG CA . 2.74 -5.28 -0.05
C4 NAG CA . 1.24 -5.34 -0.31
C5 NAG CA . 0.71 -6.71 0.02
C6 NAG CA . -0.76 -6.88 -0.31
C7 NAG CA . 5.82 -6.72 -1.39
C8 NAG CA . 7.24 -6.66 -0.90
N2 NAG CA . 4.88 -6.40 -0.50
O3 NAG CA . 3.27 -4.02 -0.46
O4 NAG CA . 0.58 -4.36 0.50
O5 NAG CA . 1.42 -7.71 -0.74
O6 NAG CA . -1.13 -8.25 -0.32
O7 NAG CA . 5.55 -7.05 -2.54
C1 NAG DA . 33.33 -4.34 -3.99
C2 NAG DA . 32.41 -5.35 -3.32
C3 NAG DA . 32.79 -6.77 -3.73
C4 NAG DA . 32.83 -6.90 -5.24
C5 NAG DA . 33.74 -5.83 -5.84
C6 NAG DA . 33.72 -5.82 -7.36
C7 NAG DA . 31.68 -4.35 -1.20
C8 NAG DA . 31.84 -4.35 0.28
N2 NAG DA . 32.45 -5.21 -1.88
O3 NAG DA . 31.86 -7.69 -3.18
O4 NAG DA . 33.33 -8.18 -5.61
O5 NAG DA . 33.30 -4.53 -5.42
O6 NAG DA . 34.74 -4.98 -7.88
O7 NAG DA . 30.90 -3.59 -1.76
#